data_3S51
#
_entry.id   3S51
#
_cell.length_a   114.700
_cell.length_b   136.500
_cell.length_c   149.700
_cell.angle_alpha   115.90
_cell.angle_beta   106.00
_cell.angle_gamma   95.00
#
_symmetry.space_group_name_H-M   'P 1'
#
_entity_poly.entity_id   1
_entity_poly.type   'polypeptide(L)'
_entity_poly.pdbx_seq_one_letter_code
;MDLKILSLATDKTTDKLQEFLQTLKDDDLASLLQNQAVKGRAVGTLLRAVLKGSPCSEEDGALRRYKIYSCCIQLVESGD
LQQDVASEIIGLLMLEVHHFPGPLLVDLASDFVGAVREDRLVNGKSLELLPIILTALATKKEVLACGKGDLNGEEYKRQL
IDTLCSVRWPQRYMIQLTSVFKDVCLTPEEMNLVVAKVLTMFSKLNLQEIPPLVYQLLVLSSKGSRRSVLDGIIAFFREL
DKQHREEQSSDELSELITAPADELYHVEGTVILHIVFAIKLDCELGRELLKHLKAGQQGDPSKCLCPFSIALLLSLTRIQ
RFEEQVFDLLKTSVVKSFKDLQLLQGSKFLQTLVPQRTCVSTMILEVVRNSVHSWDHVTQGLIEFGFILMDSYGPKKILD
GKAVEIGTSLSKMTNQHACKLGANILLETFKIHEMIRQEILEQVLNRVVTRTSSPINHFLDLFSDIIMYAPLILQNCSKV
TETFDYLTFLPLQTVQGLLKAVQPLLKISMSMRDSLILVLRKAMFASQLDARKSAVAGFLLLLKNFKVLGSLPSSQCTQS
IGVTQVRVDVHSRYSAVANETFCLEIIDSLKRSLGQQADIRLMLYDGFYDVLRRNSQLASSIMQTLFSQLKQFYEPEPDL
LPPLKLGACVLTQGSQIFLQEPLDHLLSCIQHCLAWYKSRVVPLQQGDEGEEEEEELYSELDDMLESITVRMIKSELEDF
ELDKSADFSQNTNVGIKNNICACLIMGVCEVLMEYNFSISNFSKSKFEEILSLFTCYKKFSDILSEKAGKGKAKMTSKVS
DSLLSLKFVSDLLTALFRDSIQSHEESLSVLRSSGEFMHYAVNVTLQKIQQLIRTGHVSGPDGQNPDKIFQNLCDITRVL
LWRYTSIPTSVEESGKKEKGKSISLLCLEGLQKTFSVVLQFYQPKVQQFLQALDVMGTEEEEAGVTVTQRASFQIRQFQR
SLLNLLSSEEDDFNSKEALLLIAVLSTLSRLLEPTSPQFVQMLSWTSKICKEYSQEDASFCKSLMNLFFSLHVLYKSPVT
LLRDLSQDIHGQLGDIDQDVEIEKTDHFAVVNLRTAAPTVCLLVLSQAEKVLEEVDWLIAKIKGSANQETLSDKVTPEDA
SSQAVPPTLLIEKAIVMQLGTLVTFFHELVQTALPSGSCVDTLLKGLSKIYSTLTAFVKYYLQVCQSSRGIPNTVEKLVK
LSGSHLTPVCYSFISYVQNKSSDAPKCSEKEKAAVSTTMAKVLRETKPIPNLVFAIEQYEKFLIQLSKKSKVNLMQHMKL
STSRDFKIKGSVLDMVLREDEEHHHHHH
;
_entity_poly.pdbx_strand_id   A,B,C,D
#
# COMPACT_ATOMS: atom_id res chain seq x y z
N MET A 1 62.19 62.21 -12.06
CA MET A 1 61.30 61.76 -13.12
C MET A 1 59.85 61.75 -12.63
N ASP A 2 59.51 60.72 -11.87
CA ASP A 2 58.16 60.55 -11.34
C ASP A 2 57.63 61.86 -10.73
N LEU A 3 58.27 62.30 -9.65
CA LEU A 3 57.83 63.50 -8.94
C LEU A 3 57.64 64.71 -9.84
N LYS A 4 58.53 64.88 -10.81
CA LYS A 4 58.48 66.06 -11.68
C LYS A 4 57.29 66.03 -12.64
N ILE A 5 56.65 64.86 -12.74
CA ILE A 5 55.44 64.73 -13.54
C ILE A 5 54.19 65.00 -12.70
N LEU A 6 54.35 65.02 -11.38
CA LEU A 6 53.24 65.19 -10.47
C LEU A 6 52.76 66.63 -10.42
N SER A 7 53.70 67.56 -10.62
CA SER A 7 53.37 68.98 -10.60
C SER A 7 52.59 69.38 -11.86
N LEU A 8 53.00 68.84 -13.00
CA LEU A 8 52.35 69.14 -14.27
C LEU A 8 50.86 68.83 -14.22
N ALA A 9 50.52 67.77 -13.48
CA ALA A 9 49.13 67.35 -13.36
C ALA A 9 48.35 68.28 -12.43
N THR A 10 49.03 68.85 -11.45
CA THR A 10 48.41 69.80 -10.53
C THR A 10 48.66 71.26 -10.92
N ASP A 11 49.31 71.49 -12.06
CA ASP A 11 49.61 72.86 -12.48
C ASP A 11 48.59 73.31 -13.53
N LYS A 12 48.77 72.83 -14.76
CA LYS A 12 47.91 73.20 -15.89
C LYS A 12 48.33 72.51 -17.19
N THR A 13 47.41 72.50 -18.14
CA THR A 13 47.56 71.82 -19.42
C THR A 13 48.61 72.45 -20.35
N THR A 14 48.99 71.72 -21.38
CA THR A 14 49.95 72.26 -22.35
C THR A 14 51.29 72.58 -21.70
N ASP A 15 51.59 73.85 -21.52
CA ASP A 15 52.95 74.28 -21.22
C ASP A 15 53.65 73.31 -20.28
N LYS A 16 53.16 73.18 -19.06
CA LYS A 16 53.76 72.26 -18.10
C LYS A 16 53.95 70.86 -18.70
N LEU A 17 52.83 70.17 -18.92
CA LEU A 17 52.82 68.77 -19.34
C LEU A 17 53.59 68.48 -20.61
N GLN A 18 53.05 68.95 -21.73
CA GLN A 18 53.51 68.57 -23.06
C GLN A 18 55.00 68.84 -23.31
N GLU A 19 55.55 69.82 -22.61
CA GLU A 19 56.95 70.20 -22.81
C GLU A 19 57.92 69.13 -22.31
N PHE A 20 57.59 68.52 -21.18
CA PHE A 20 58.43 67.49 -20.59
C PHE A 20 58.53 66.26 -21.50
N LEU A 21 57.45 65.98 -22.22
CA LEU A 21 57.40 64.84 -23.14
C LEU A 21 58.46 64.96 -24.22
N GLN A 22 58.43 66.10 -24.92
CA GLN A 22 59.33 66.36 -26.02
C GLN A 22 60.79 66.25 -25.58
N THR A 23 61.00 66.35 -24.27
CA THR A 23 62.33 66.28 -23.70
C THR A 23 62.84 64.84 -23.64
N LEU A 24 61.91 63.90 -23.47
CA LEU A 24 62.29 62.51 -23.25
C LEU A 24 62.51 61.75 -24.57
N LYS A 25 61.42 61.39 -25.23
CA LYS A 25 61.48 60.78 -26.56
C LYS A 25 62.21 59.43 -26.58
N ASP A 26 62.91 59.09 -25.50
CA ASP A 26 63.82 57.96 -25.56
C ASP A 26 63.20 56.64 -25.12
N ASP A 27 63.07 56.45 -23.81
CA ASP A 27 62.51 55.21 -23.32
C ASP A 27 61.38 55.46 -22.35
N ASP A 28 60.17 55.17 -22.79
CA ASP A 28 59.03 55.02 -21.90
C ASP A 28 58.89 53.53 -21.69
N LEU A 29 59.77 52.79 -22.36
CA LEU A 29 59.85 51.35 -22.23
C LEU A 29 60.51 51.01 -20.91
N ALA A 30 61.82 51.25 -20.84
CA ALA A 30 62.59 50.91 -19.65
C ALA A 30 62.06 51.57 -18.40
N SER A 31 61.41 52.72 -18.56
CA SER A 31 60.85 53.46 -17.43
C SER A 31 59.62 52.74 -16.86
N LEU A 32 58.66 52.45 -17.73
CA LEU A 32 57.40 51.83 -17.31
C LEU A 32 57.57 50.38 -16.91
N LEU A 33 58.47 49.66 -17.58
CA LEU A 33 58.70 48.26 -17.28
C LEU A 33 59.04 48.07 -15.79
N GLN A 34 60.00 48.85 -15.32
CA GLN A 34 60.52 48.71 -13.96
C GLN A 34 59.83 49.58 -12.92
N ASN A 35 59.01 50.53 -13.36
CA ASN A 35 58.31 51.40 -12.43
C ASN A 35 57.10 50.73 -11.80
N GLN A 36 56.53 49.76 -12.51
CA GLN A 36 55.48 48.92 -11.97
C GLN A 36 56.08 47.83 -11.08
N ALA A 37 57.31 47.43 -11.40
CA ALA A 37 58.03 46.44 -10.61
C ALA A 37 58.34 46.99 -9.23
N VAL A 38 58.54 48.31 -9.14
CA VAL A 38 58.76 48.97 -7.87
C VAL A 38 57.43 49.11 -7.13
N LYS A 39 56.57 49.97 -7.66
CA LYS A 39 55.20 50.10 -7.16
C LYS A 39 54.22 50.25 -8.31
N GLY A 40 53.22 49.36 -8.35
CA GLY A 40 52.24 49.35 -9.42
C GLY A 40 51.25 50.50 -9.35
N ARG A 41 51.05 51.05 -8.15
CA ARG A 41 50.12 52.16 -7.98
C ARG A 41 50.75 53.51 -8.28
N ALA A 42 52.08 53.54 -8.32
CA ALA A 42 52.81 54.74 -8.73
C ALA A 42 52.76 54.82 -10.25
N VAL A 43 52.65 53.66 -10.89
CA VAL A 43 52.45 53.56 -12.33
C VAL A 43 50.99 53.81 -12.68
N GLY A 44 50.10 53.54 -11.72
CA GLY A 44 48.67 53.66 -11.92
C GLY A 44 48.17 55.05 -12.30
N THR A 45 48.75 56.08 -11.68
CA THR A 45 48.41 57.45 -12.04
C THR A 45 49.44 58.04 -13.02
N LEU A 46 50.47 57.26 -13.32
CA LEU A 46 51.53 57.72 -14.21
C LEU A 46 50.94 58.07 -15.58
N LEU A 47 49.94 57.31 -16.00
CA LEU A 47 49.28 57.53 -17.27
C LEU A 47 48.39 58.78 -17.24
N ARG A 48 47.53 58.86 -16.22
CA ARG A 48 46.53 59.92 -16.13
C ARG A 48 47.11 61.30 -16.42
N ALA A 49 48.31 61.55 -15.91
CA ALA A 49 48.98 62.82 -16.16
C ALA A 49 49.57 62.88 -17.56
N VAL A 50 50.24 61.80 -17.96
CA VAL A 50 50.89 61.73 -19.27
C VAL A 50 49.87 61.68 -20.40
N LEU A 51 48.71 61.08 -20.15
CA LEU A 51 47.66 61.02 -21.14
C LEU A 51 46.99 62.38 -21.34
N LYS A 52 46.86 63.14 -20.25
CA LYS A 52 46.33 64.48 -20.34
C LYS A 52 47.44 65.47 -20.68
N GLY A 53 48.65 64.95 -20.84
CA GLY A 53 49.78 65.75 -21.28
C GLY A 53 49.99 65.60 -22.78
N SER A 54 49.15 64.78 -23.40
CA SER A 54 49.22 64.54 -24.84
C SER A 54 47.82 64.36 -25.46
N PRO A 55 47.09 65.47 -25.65
CA PRO A 55 45.74 65.45 -26.21
C PRO A 55 45.72 65.20 -27.71
N CYS A 56 44.54 65.26 -28.31
CA CYS A 56 44.39 65.10 -29.74
C CYS A 56 44.45 66.44 -30.45
N SER A 57 44.41 67.51 -29.65
CA SER A 57 44.49 68.86 -30.18
C SER A 57 45.88 69.10 -30.79
N GLU A 58 46.89 68.46 -30.20
CA GLU A 58 48.25 68.54 -30.72
C GLU A 58 48.70 67.17 -31.19
N GLU A 59 49.43 67.14 -32.30
CA GLU A 59 49.89 65.88 -32.88
C GLU A 59 50.95 65.20 -32.02
N ASP A 60 51.95 65.96 -31.58
CA ASP A 60 53.00 65.40 -30.74
C ASP A 60 52.38 64.76 -29.51
N GLY A 61 51.22 65.27 -29.12
CA GLY A 61 50.44 64.64 -28.06
C GLY A 61 49.78 63.36 -28.54
N ALA A 62 49.06 63.45 -29.65
CA ALA A 62 48.30 62.31 -30.16
C ALA A 62 49.21 61.20 -30.65
N LEU A 63 50.22 61.57 -31.43
CA LEU A 63 51.12 60.58 -32.01
C LEU A 63 52.06 60.02 -30.94
N ARG A 64 52.08 60.67 -29.79
CA ARG A 64 52.81 60.17 -28.63
C ARG A 64 52.02 59.11 -27.89
N ARG A 65 50.73 59.39 -27.69
CA ARG A 65 49.84 58.47 -26.99
C ARG A 65 49.92 57.08 -27.60
N TYR A 66 50.06 57.04 -28.92
CA TYR A 66 50.10 55.79 -29.66
C TYR A 66 51.26 54.91 -29.23
N LYS A 67 52.35 55.52 -28.78
CA LYS A 67 53.51 54.77 -28.31
C LYS A 67 53.24 54.24 -26.91
N ILE A 68 52.64 55.08 -26.07
CA ILE A 68 52.28 54.69 -24.72
C ILE A 68 51.33 53.51 -24.76
N TYR A 69 50.23 53.67 -25.51
CA TYR A 69 49.22 52.63 -25.65
C TYR A 69 49.83 51.29 -26.06
N SER A 70 50.85 51.33 -26.91
CA SER A 70 51.49 50.11 -27.38
C SER A 70 52.41 49.50 -26.33
N CYS A 71 52.89 50.33 -25.42
CA CYS A 71 53.76 49.85 -24.35
C CYS A 71 52.94 49.23 -23.22
N CYS A 72 51.83 49.87 -22.87
CA CYS A 72 50.91 49.33 -21.87
C CYS A 72 50.46 47.95 -22.34
N ILE A 73 50.03 47.88 -23.59
CA ILE A 73 49.58 46.63 -24.20
C ILE A 73 50.66 45.55 -24.14
N GLN A 74 51.88 45.92 -24.50
CA GLN A 74 53.00 44.97 -24.51
C GLN A 74 53.28 44.38 -23.13
N LEU A 75 53.22 45.21 -22.09
CA LEU A 75 53.50 44.76 -20.73
C LEU A 75 52.40 43.87 -20.18
N VAL A 76 51.15 44.28 -20.37
CA VAL A 76 50.00 43.52 -19.90
C VAL A 76 50.09 42.06 -20.32
N GLU A 77 50.42 41.83 -21.59
CA GLU A 77 50.47 40.47 -22.13
C GLU A 77 51.72 39.69 -21.77
N SER A 78 52.89 40.30 -21.93
CA SER A 78 54.16 39.61 -21.74
C SER A 78 54.53 39.44 -20.27
N GLY A 79 54.41 40.52 -19.50
CA GLY A 79 54.81 40.51 -18.11
C GLY A 79 53.98 39.57 -17.25
N ASP A 80 54.53 39.23 -16.09
CA ASP A 80 53.85 38.35 -15.14
C ASP A 80 53.01 39.19 -14.19
N LEU A 81 52.88 40.47 -14.51
CA LEU A 81 52.27 41.48 -13.64
C LEU A 81 50.93 41.05 -13.05
N GLN A 82 50.74 41.40 -11.78
CA GLN A 82 49.51 41.09 -11.05
C GLN A 82 48.28 41.68 -11.72
N GLN A 83 47.15 40.99 -11.57
CA GLN A 83 45.92 41.34 -12.29
C GLN A 83 45.30 42.68 -11.89
N ASP A 84 45.67 43.19 -10.72
CA ASP A 84 45.19 44.51 -10.31
C ASP A 84 45.94 45.58 -11.09
N VAL A 85 47.23 45.35 -11.30
CA VAL A 85 48.03 46.21 -12.15
C VAL A 85 47.57 46.08 -13.59
N ALA A 86 47.48 44.84 -14.07
CA ALA A 86 47.08 44.56 -15.44
C ALA A 86 45.73 45.18 -15.79
N SER A 87 44.72 44.92 -14.95
CA SER A 87 43.37 45.38 -15.23
C SER A 87 43.18 46.87 -14.94
N GLU A 88 44.11 47.46 -14.21
CA GLU A 88 44.08 48.90 -13.98
C GLU A 88 44.55 49.61 -15.25
N ILE A 89 45.60 49.06 -15.85
CA ILE A 89 46.15 49.61 -17.09
C ILE A 89 45.09 49.66 -18.18
N ILE A 90 44.51 48.51 -18.48
CA ILE A 90 43.50 48.42 -19.52
C ILE A 90 42.22 49.11 -19.08
N GLY A 91 42.12 49.37 -17.77
CA GLY A 91 41.02 50.16 -17.25
C GLY A 91 41.12 51.57 -17.78
N LEU A 92 42.32 52.16 -17.66
CA LEU A 92 42.58 53.50 -18.16
C LEU A 92 42.58 53.54 -19.69
N LEU A 93 43.27 52.59 -20.30
CA LEU A 93 43.37 52.55 -21.76
C LEU A 93 42.01 52.48 -22.43
N MET A 94 41.07 51.79 -21.78
CA MET A 94 39.71 51.66 -22.30
C MET A 94 38.93 52.96 -22.15
N LEU A 95 39.16 53.66 -21.04
CA LEU A 95 38.42 54.88 -20.74
C LEU A 95 39.01 56.15 -21.37
N GLU A 96 40.27 56.09 -21.80
CA GLU A 96 40.88 57.23 -22.47
C GLU A 96 40.93 57.15 -24.01
N VAL A 97 40.48 56.03 -24.56
CA VAL A 97 40.55 55.81 -26.01
C VAL A 97 39.53 56.67 -26.76
N HIS A 98 38.62 57.28 -26.02
CA HIS A 98 37.48 58.00 -26.59
C HIS A 98 37.84 58.97 -27.71
N HIS A 99 38.82 59.83 -27.47
CA HIS A 99 39.07 60.97 -28.38
C HIS A 99 40.16 60.78 -29.43
N PHE A 100 40.77 59.60 -29.50
CA PHE A 100 41.79 59.33 -30.49
C PHE A 100 41.28 59.50 -31.89
N PRO A 101 42.14 60.08 -32.75
CA PRO A 101 41.54 60.34 -34.05
C PRO A 101 41.49 59.11 -34.95
N GLY A 102 40.63 59.19 -35.95
CA GLY A 102 40.35 58.07 -36.84
C GLY A 102 41.57 57.34 -37.35
N PRO A 103 42.57 58.07 -37.83
CA PRO A 103 43.80 57.43 -38.32
C PRO A 103 44.50 56.56 -37.27
N LEU A 104 44.58 57.03 -36.03
CA LEU A 104 45.30 56.30 -34.99
C LEU A 104 44.59 55.02 -34.54
N LEU A 105 43.28 55.10 -34.34
CA LEU A 105 42.52 53.93 -33.93
C LEU A 105 42.72 52.79 -34.92
N VAL A 106 42.68 53.11 -36.21
CA VAL A 106 42.89 52.12 -37.26
C VAL A 106 44.25 51.45 -37.11
N ASP A 107 45.27 52.24 -36.75
CA ASP A 107 46.61 51.71 -36.57
C ASP A 107 46.69 50.84 -35.32
N LEU A 108 46.02 51.27 -34.26
CA LEU A 108 45.97 50.50 -33.02
C LEU A 108 45.33 49.13 -33.26
N ALA A 109 44.15 49.14 -33.87
CA ALA A 109 43.40 47.92 -34.10
C ALA A 109 44.11 46.99 -35.09
N SER A 110 44.85 47.58 -36.03
CA SER A 110 45.61 46.79 -36.99
C SER A 110 46.83 46.17 -36.35
N ASP A 111 47.27 46.74 -35.23
CA ASP A 111 48.36 46.15 -34.46
C ASP A 111 47.87 44.91 -33.74
N PHE A 112 46.60 44.91 -33.35
CA PHE A 112 45.99 43.73 -32.76
C PHE A 112 45.89 42.61 -33.79
N VAL A 113 45.28 42.93 -34.93
CA VAL A 113 45.17 41.96 -36.02
C VAL A 113 46.55 41.45 -36.39
N GLY A 114 47.55 42.31 -36.23
CA GLY A 114 48.93 41.93 -36.47
C GLY A 114 49.40 40.91 -35.44
N ALA A 115 49.03 41.14 -34.18
CA ALA A 115 49.36 40.22 -33.11
C ALA A 115 48.70 38.87 -33.37
N VAL A 116 47.46 38.93 -33.85
CA VAL A 116 46.65 37.74 -34.07
C VAL A 116 47.30 36.72 -35.00
N ARG A 117 48.12 37.17 -35.94
CA ARG A 117 48.75 36.27 -36.89
C ARG A 117 49.55 35.18 -36.17
N GLU A 118 50.65 35.55 -35.53
CA GLU A 118 51.26 34.64 -34.56
C GLU A 118 51.77 35.35 -33.30
N ASP A 119 51.25 34.92 -32.16
CA ASP A 119 51.65 35.50 -30.89
C ASP A 119 51.46 34.49 -29.76
N ARG A 120 52.34 34.56 -28.77
CA ARG A 120 51.94 34.07 -27.46
C ARG A 120 51.76 35.31 -26.62
N LEU A 121 50.50 35.71 -26.46
CA LEU A 121 50.13 36.79 -25.56
C LEU A 121 49.98 36.20 -24.18
N VAL A 122 49.39 35.00 -24.15
CA VAL A 122 48.93 34.38 -22.93
C VAL A 122 47.79 35.22 -22.36
N ASN A 123 47.60 36.39 -22.96
CA ASN A 123 46.58 37.33 -22.53
C ASN A 123 45.71 37.84 -23.66
N GLY A 124 44.41 37.71 -23.50
CA GLY A 124 43.47 38.37 -24.39
C GLY A 124 43.10 39.70 -23.76
N LYS A 125 43.56 39.91 -22.53
CA LYS A 125 43.28 41.14 -21.79
C LYS A 125 43.68 42.34 -22.63
N SER A 126 44.64 42.14 -23.52
CA SER A 126 44.99 43.16 -24.50
C SER A 126 43.79 43.39 -25.41
N LEU A 127 43.13 42.29 -25.78
CA LEU A 127 42.05 42.32 -26.76
C LEU A 127 40.79 43.03 -26.26
N GLU A 128 40.70 43.23 -24.94
CA GLU A 128 39.55 43.92 -24.38
C GLU A 128 39.44 45.35 -24.89
N LEU A 129 40.56 45.87 -25.38
CA LEU A 129 40.61 47.20 -25.96
C LEU A 129 39.89 47.25 -27.29
N LEU A 130 40.06 46.19 -28.09
CA LEU A 130 39.55 46.13 -29.45
C LEU A 130 38.12 46.64 -29.61
N PRO A 131 37.19 46.16 -28.75
CA PRO A 131 35.79 46.60 -28.84
C PRO A 131 35.63 48.11 -28.74
N ILE A 132 36.33 48.74 -27.80
CA ILE A 132 36.23 50.17 -27.61
C ILE A 132 36.81 50.92 -28.80
N ILE A 133 37.84 50.35 -29.41
CA ILE A 133 38.49 50.94 -30.56
C ILE A 133 37.58 50.91 -31.78
N LEU A 134 36.95 49.76 -32.00
CA LEU A 134 36.11 49.55 -33.18
C LEU A 134 34.82 50.37 -33.14
N THR A 135 34.29 50.60 -31.94
CA THR A 135 33.06 51.38 -31.79
C THR A 135 33.35 52.86 -31.93
N ALA A 136 34.40 53.33 -31.27
CA ALA A 136 34.81 54.72 -31.38
C ALA A 136 35.02 55.09 -32.84
N LEU A 137 35.43 54.11 -33.63
CA LEU A 137 35.63 54.30 -35.07
C LEU A 137 34.34 54.60 -35.78
N ALA A 138 33.35 53.73 -35.61
CA ALA A 138 32.08 53.83 -36.32
C ALA A 138 31.33 55.12 -36.00
N THR A 139 31.72 55.77 -34.91
CA THR A 139 31.08 57.02 -34.49
C THR A 139 31.25 58.10 -35.53
N LYS A 140 32.41 58.08 -36.19
CA LYS A 140 32.77 59.14 -37.10
C LYS A 140 32.43 58.72 -38.51
N LYS A 141 31.40 59.33 -39.10
CA LYS A 141 31.24 59.15 -40.52
C LYS A 141 31.81 60.42 -41.09
N GLU A 142 33.07 60.32 -41.44
CA GLU A 142 33.80 61.33 -42.18
C GLU A 142 34.99 60.59 -42.72
N VAL A 143 35.48 60.98 -43.89
CA VAL A 143 36.69 60.35 -44.40
C VAL A 143 37.84 60.70 -43.44
N LEU A 144 38.77 59.76 -43.28
CA LEU A 144 39.85 59.91 -42.31
C LEU A 144 41.15 59.99 -43.09
N ALA A 145 42.20 60.52 -42.48
CA ALA A 145 43.44 60.58 -43.22
C ALA A 145 44.21 59.30 -42.92
N CYS A 146 44.15 58.40 -43.90
CA CYS A 146 44.99 57.21 -43.96
C CYS A 146 45.04 56.85 -45.42
N GLY A 147 46.20 56.42 -45.91
CA GLY A 147 46.24 55.79 -47.22
C GLY A 147 45.41 56.58 -48.22
N LYS A 148 44.54 55.86 -48.93
CA LYS A 148 43.43 56.49 -49.63
C LYS A 148 42.37 56.74 -48.56
N GLY A 149 41.96 58.00 -48.37
CA GLY A 149 41.09 58.23 -47.24
C GLY A 149 39.72 57.58 -47.42
N ASP A 150 38.91 58.09 -48.33
CA ASP A 150 37.87 57.29 -49.01
C ASP A 150 36.94 56.47 -48.09
N LEU A 151 37.23 56.47 -46.80
CA LEU A 151 36.56 55.56 -45.87
C LEU A 151 36.11 56.24 -44.58
N ASN A 152 34.87 55.96 -44.19
CA ASN A 152 34.33 56.44 -42.92
C ASN A 152 34.84 55.60 -41.77
N GLY A 153 34.44 55.93 -40.56
CA GLY A 153 34.83 55.15 -39.39
C GLY A 153 34.21 53.78 -39.41
N GLU A 154 33.02 53.69 -40.03
CA GLU A 154 32.29 52.43 -40.10
C GLU A 154 32.95 51.44 -41.04
N GLU A 155 33.54 51.95 -42.12
CA GLU A 155 34.12 51.11 -43.15
C GLU A 155 35.49 50.56 -42.77
N TYR A 156 36.27 51.36 -42.05
CA TYR A 156 37.57 50.90 -41.56
C TYR A 156 37.36 49.88 -40.45
N LYS A 157 36.28 50.05 -39.71
CA LYS A 157 35.89 49.11 -38.67
C LYS A 157 35.36 47.83 -39.29
N ARG A 158 34.78 47.93 -40.48
CA ARG A 158 34.28 46.78 -41.20
C ARG A 158 35.41 46.03 -41.89
N GLN A 159 36.37 46.76 -42.43
CA GLN A 159 37.52 46.16 -43.09
C GLN A 159 38.52 45.60 -42.09
N LEU A 160 38.59 46.21 -40.91
CA LEU A 160 39.43 45.70 -39.83
C LEU A 160 38.93 44.34 -39.39
N ILE A 161 37.65 44.28 -39.01
CA ILE A 161 37.00 43.03 -38.66
C ILE A 161 37.13 42.04 -39.81
N ASP A 162 36.86 42.53 -41.02
CA ASP A 162 36.94 41.71 -42.22
C ASP A 162 38.27 40.98 -42.30
N THR A 163 39.34 41.67 -41.92
CA THR A 163 40.67 41.08 -41.94
C THR A 163 40.87 40.15 -40.75
N LEU A 164 40.33 40.54 -39.59
CA LEU A 164 40.40 39.71 -38.39
C LEU A 164 39.84 38.33 -38.68
N CYS A 165 38.86 38.28 -39.57
CA CYS A 165 38.20 37.02 -39.91
C CYS A 165 39.00 36.19 -40.91
N SER A 166 39.76 36.85 -41.78
CA SER A 166 40.56 36.14 -42.78
C SER A 166 41.89 35.65 -42.23
N VAL A 167 42.37 36.27 -41.15
CA VAL A 167 43.58 35.80 -40.49
C VAL A 167 43.24 34.63 -39.56
N ARG A 168 44.21 33.76 -39.32
CA ARG A 168 43.99 32.60 -38.48
C ARG A 168 44.03 32.95 -36.99
N TRP A 169 42.98 32.57 -36.27
CA TRP A 169 42.94 32.75 -34.82
C TRP A 169 43.64 31.56 -34.20
N PRO A 170 44.55 31.82 -33.24
CA PRO A 170 45.25 30.73 -32.55
C PRO A 170 44.32 29.95 -31.64
N GLN A 171 44.57 28.65 -31.52
CA GLN A 171 43.70 27.77 -30.75
C GLN A 171 43.51 28.25 -29.31
N ARG A 172 44.52 28.93 -28.77
CA ARG A 172 44.50 29.34 -27.37
C ARG A 172 43.48 30.44 -27.07
N TYR A 173 43.60 31.56 -27.78
CA TYR A 173 42.88 32.78 -27.42
C TYR A 173 41.52 32.91 -28.09
N MET A 174 41.21 32.01 -29.00
CA MET A 174 40.00 32.10 -29.82
C MET A 174 38.70 32.21 -29.02
N ILE A 175 38.69 31.72 -27.79
CA ILE A 175 37.52 31.88 -26.93
C ILE A 175 37.44 33.35 -26.53
N GLN A 176 38.58 33.89 -26.09
CA GLN A 176 38.67 35.28 -25.69
C GLN A 176 38.45 36.18 -26.90
N LEU A 177 38.86 35.71 -28.07
CA LEU A 177 38.64 36.43 -29.32
C LEU A 177 37.14 36.61 -29.57
N THR A 178 36.39 35.54 -29.33
CA THR A 178 34.96 35.55 -29.61
C THR A 178 34.19 36.34 -28.55
N SER A 179 34.74 36.39 -27.34
CA SER A 179 34.15 37.17 -26.26
C SER A 179 34.49 38.64 -26.43
N VAL A 180 35.43 38.92 -27.32
CA VAL A 180 35.78 40.29 -27.67
C VAL A 180 34.69 40.91 -28.52
N PHE A 181 34.21 40.14 -29.50
CA PHE A 181 33.14 40.61 -30.37
C PHE A 181 31.83 40.81 -29.60
N LYS A 182 31.80 40.35 -28.36
CA LYS A 182 30.61 40.46 -27.52
C LYS A 182 30.19 41.91 -27.31
N ASP A 183 31.18 42.79 -27.16
CA ASP A 183 30.93 44.18 -26.80
C ASP A 183 30.89 45.10 -28.02
N VAL A 184 31.13 44.54 -29.20
CA VAL A 184 31.22 45.32 -30.43
C VAL A 184 29.94 45.26 -31.25
N CYS A 185 29.29 46.40 -31.43
CA CYS A 185 28.11 46.47 -32.29
C CYS A 185 28.50 46.09 -33.72
N LEU A 186 27.65 45.32 -34.39
CA LEU A 186 27.99 44.81 -35.72
C LEU A 186 26.87 44.97 -36.74
N THR A 187 27.24 44.86 -38.01
CA THR A 187 26.29 44.82 -39.10
C THR A 187 25.86 43.37 -39.28
N PRO A 188 24.72 43.12 -39.94
CA PRO A 188 24.39 41.75 -40.29
C PRO A 188 25.51 41.04 -41.05
N GLU A 189 26.19 41.76 -41.95
CA GLU A 189 27.31 41.18 -42.68
C GLU A 189 28.49 40.92 -41.74
N GLU A 190 28.72 41.84 -40.81
CA GLU A 190 29.79 41.69 -39.84
C GLU A 190 29.50 40.52 -38.90
N MET A 191 28.23 40.38 -38.52
CA MET A 191 27.79 39.24 -37.72
C MET A 191 28.09 37.93 -38.45
N ASN A 192 27.42 37.71 -39.57
CA ASN A 192 27.61 36.49 -40.35
C ASN A 192 29.08 36.26 -40.68
N LEU A 193 29.85 37.34 -40.71
CA LEU A 193 31.29 37.22 -40.89
C LEU A 193 31.96 36.62 -39.66
N VAL A 194 31.72 37.22 -38.50
CA VAL A 194 32.31 36.73 -37.27
C VAL A 194 31.80 35.32 -36.95
N VAL A 195 30.49 35.14 -37.07
CA VAL A 195 29.87 33.85 -36.83
C VAL A 195 30.48 32.76 -37.71
N ALA A 196 30.23 32.86 -39.01
CA ALA A 196 30.64 31.82 -39.95
C ALA A 196 32.14 31.55 -39.89
N LYS A 197 32.91 32.51 -39.38
CA LYS A 197 34.34 32.32 -39.20
C LYS A 197 34.65 31.53 -37.93
N VAL A 198 33.88 31.78 -36.87
CA VAL A 198 34.01 31.01 -35.64
C VAL A 198 33.67 29.54 -35.90
N LEU A 199 32.68 29.33 -36.77
CA LEU A 199 32.25 28.00 -37.15
C LEU A 199 33.33 27.24 -37.91
N THR A 200 34.07 27.93 -38.77
CA THR A 200 35.10 27.30 -39.58
C THR A 200 36.11 26.59 -38.67
N MET A 201 36.18 27.04 -37.42
CA MET A 201 37.12 26.48 -36.45
C MET A 201 36.68 25.17 -35.81
N PHE A 202 35.39 24.97 -35.64
CA PHE A 202 34.89 23.82 -34.90
C PHE A 202 35.61 22.54 -35.33
N SER A 203 35.66 22.33 -36.63
CA SER A 203 36.26 21.13 -37.19
C SER A 203 37.75 20.98 -36.83
N LYS A 204 38.35 22.07 -36.33
CA LYS A 204 39.76 22.05 -35.99
C LYS A 204 40.07 21.85 -34.50
N LEU A 205 39.04 21.75 -33.67
CA LEU A 205 39.24 21.64 -32.23
C LEU A 205 38.99 20.23 -31.70
N ASN A 206 39.74 19.85 -30.66
CA ASN A 206 39.45 18.64 -29.92
C ASN A 206 38.04 18.77 -29.33
N LEU A 207 37.25 17.71 -29.45
CA LEU A 207 35.82 17.78 -29.18
C LEU A 207 35.45 18.45 -27.86
N GLN A 208 36.18 18.16 -26.79
CA GLN A 208 35.83 18.66 -25.47
C GLN A 208 35.94 20.19 -25.36
N GLU A 209 36.50 20.83 -26.38
CA GLU A 209 36.68 22.27 -26.36
C GLU A 209 35.53 23.03 -27.04
N ILE A 210 34.66 22.31 -27.73
CA ILE A 210 33.55 22.95 -28.45
C ILE A 210 32.44 23.54 -27.56
N PRO A 211 31.99 22.79 -26.53
CA PRO A 211 30.92 23.30 -25.66
C PRO A 211 31.16 24.70 -25.08
N PRO A 212 32.37 25.00 -24.59
CA PRO A 212 32.60 26.37 -24.10
C PRO A 212 32.55 27.39 -25.23
N LEU A 213 33.03 26.98 -26.40
CA LEU A 213 33.04 27.86 -27.56
C LEU A 213 31.62 28.12 -28.03
N VAL A 214 30.82 27.06 -28.11
CA VAL A 214 29.42 27.18 -28.49
C VAL A 214 28.70 28.11 -27.53
N TYR A 215 29.02 28.01 -26.25
CA TYR A 215 28.46 28.92 -25.26
C TYR A 215 28.82 30.35 -25.62
N GLN A 216 30.10 30.56 -25.92
CA GLN A 216 30.61 31.89 -26.23
C GLN A 216 30.06 32.41 -27.54
N LEU A 217 29.72 31.49 -28.44
CA LEU A 217 29.12 31.85 -29.72
C LEU A 217 27.67 32.30 -29.50
N LEU A 218 26.98 31.59 -28.64
CA LEU A 218 25.56 31.83 -28.41
C LEU A 218 25.26 33.18 -27.75
N VAL A 219 26.21 33.70 -26.99
CA VAL A 219 26.03 35.00 -26.36
C VAL A 219 26.06 36.11 -27.42
N LEU A 220 26.69 35.81 -28.56
CA LEU A 220 26.71 36.76 -29.66
C LEU A 220 25.36 36.77 -30.38
N SER A 221 24.77 35.60 -30.54
CA SER A 221 23.48 35.48 -31.22
C SER A 221 22.46 36.41 -30.57
N SER A 222 22.54 36.56 -29.26
CA SER A 222 21.58 37.37 -28.51
C SER A 222 21.41 38.76 -29.10
N LYS A 223 22.52 39.37 -29.50
CA LYS A 223 22.47 40.63 -30.24
C LYS A 223 22.17 40.30 -31.70
N GLY A 224 22.64 39.11 -32.09
CA GLY A 224 22.95 38.78 -33.47
C GLY A 224 22.05 37.93 -34.35
N SER A 225 22.71 37.11 -35.16
CA SER A 225 22.06 36.45 -36.28
C SER A 225 21.67 35.03 -35.94
N ARG A 226 20.59 34.89 -35.19
CA ARG A 226 20.25 33.62 -34.55
C ARG A 226 20.33 32.45 -35.52
N ARG A 227 19.50 32.50 -36.55
CA ARG A 227 19.37 31.39 -37.48
C ARG A 227 20.70 30.81 -37.94
N SER A 228 21.65 31.68 -38.29
CA SER A 228 22.94 31.23 -38.81
C SER A 228 23.82 30.61 -37.72
N VAL A 229 23.67 31.09 -36.49
CA VAL A 229 24.37 30.52 -35.35
C VAL A 229 23.89 29.09 -35.11
N LEU A 230 22.57 28.93 -35.01
CA LEU A 230 21.98 27.63 -34.80
C LEU A 230 22.26 26.72 -35.98
N ASP A 231 21.86 27.15 -37.17
CA ASP A 231 22.03 26.32 -38.36
C ASP A 231 23.47 25.82 -38.43
N GLY A 232 24.40 26.64 -37.96
CA GLY A 232 25.80 26.27 -37.95
C GLY A 232 26.07 25.12 -37.00
N ILE A 233 25.70 25.32 -35.74
CA ILE A 233 25.94 24.29 -34.73
C ILE A 233 25.28 22.99 -35.13
N ILE A 234 24.01 23.08 -35.52
CA ILE A 234 23.24 21.92 -35.95
C ILE A 234 23.91 21.24 -37.14
N ALA A 235 24.23 22.01 -38.17
CA ALA A 235 24.82 21.45 -39.38
C ALA A 235 26.16 20.77 -39.10
N PHE A 236 26.92 21.36 -38.17
CA PHE A 236 28.22 20.80 -37.81
C PHE A 236 28.08 19.43 -37.19
N PHE A 237 27.19 19.31 -36.21
CA PHE A 237 26.98 18.05 -35.52
C PHE A 237 26.23 17.03 -36.37
N ARG A 238 25.29 17.50 -37.20
CA ARG A 238 24.61 16.60 -38.13
C ARG A 238 25.62 15.85 -38.96
N GLU A 239 26.55 16.59 -39.57
CA GLU A 239 27.60 15.99 -40.38
C GLU A 239 28.47 15.06 -39.53
N LEU A 240 28.86 15.54 -38.36
CA LEU A 240 29.66 14.75 -37.45
C LEU A 240 28.96 13.42 -37.14
N ASP A 241 27.66 13.51 -36.86
CA ASP A 241 26.84 12.31 -36.64
C ASP A 241 26.91 11.38 -37.84
N LYS A 242 26.70 11.93 -39.03
CA LYS A 242 26.69 11.14 -40.26
C LYS A 242 27.90 10.21 -40.36
N GLN A 243 29.07 10.74 -40.07
CA GLN A 243 30.30 9.97 -40.14
C GLN A 243 30.32 8.87 -39.09
N HIS A 244 30.00 9.23 -37.85
CA HIS A 244 29.98 8.27 -36.76
C HIS A 244 29.00 7.13 -37.03
N ARG A 245 27.88 7.46 -37.67
CA ARG A 245 26.88 6.46 -38.00
C ARG A 245 27.34 5.49 -39.08
N GLU A 246 28.30 5.94 -39.90
CA GLU A 246 28.88 5.09 -40.92
C GLU A 246 30.08 4.33 -40.37
N GLU A 247 30.52 4.72 -39.18
CA GLU A 247 31.50 3.95 -38.43
C GLU A 247 30.80 2.83 -37.67
N GLN A 248 29.50 3.00 -37.47
CA GLN A 248 28.68 2.05 -36.73
C GLN A 248 28.31 0.87 -37.62
N SER A 249 28.26 1.11 -38.92
CA SER A 249 27.93 0.06 -39.88
C SER A 249 29.15 -0.76 -40.25
N SER A 250 30.30 -0.39 -39.68
CA SER A 250 31.55 -1.08 -39.94
C SER A 250 32.30 -1.37 -38.65
N THR A 258 30.77 4.08 -27.01
CA THR A 258 31.66 2.95 -27.05
C THR A 258 33.07 3.38 -27.47
N ALA A 259 33.40 3.38 -28.76
CA ALA A 259 34.64 4.04 -29.14
C ALA A 259 34.63 5.59 -29.09
N PRO A 260 33.91 6.26 -30.03
CA PRO A 260 33.62 7.69 -29.93
C PRO A 260 32.41 8.02 -29.06
N ALA A 261 31.45 7.11 -29.03
CA ALA A 261 30.11 7.40 -28.55
C ALA A 261 30.11 8.15 -27.23
N ASP A 262 31.03 7.76 -26.35
CA ASP A 262 31.21 8.47 -25.10
C ASP A 262 31.33 9.97 -25.36
N GLU A 263 32.43 10.35 -26.01
CA GLU A 263 32.69 11.76 -26.33
C GLU A 263 31.59 12.42 -27.16
N LEU A 264 31.41 11.94 -28.39
CA LEU A 264 30.52 12.60 -29.34
C LEU A 264 29.17 12.95 -28.71
N TYR A 265 28.53 11.96 -28.10
CA TYR A 265 27.19 12.14 -27.57
C TYR A 265 27.16 12.88 -26.23
N HIS A 266 28.18 12.68 -25.41
CA HIS A 266 28.28 13.43 -24.16
C HIS A 266 28.44 14.91 -24.48
N VAL A 267 29.26 15.20 -25.47
CA VAL A 267 29.46 16.57 -25.93
C VAL A 267 28.17 17.12 -26.51
N GLU A 268 27.57 16.39 -27.43
CA GLU A 268 26.31 16.80 -28.04
C GLU A 268 25.27 17.14 -26.99
N GLY A 269 25.25 16.36 -25.90
CA GLY A 269 24.35 16.61 -24.80
C GLY A 269 24.65 17.94 -24.14
N THR A 270 25.93 18.16 -23.86
CA THR A 270 26.38 19.42 -23.26
C THR A 270 26.08 20.59 -24.18
N VAL A 271 26.36 20.40 -25.47
CA VAL A 271 26.06 21.43 -26.46
C VAL A 271 24.57 21.73 -26.51
N ILE A 272 23.75 20.69 -26.57
CA ILE A 272 22.29 20.84 -26.52
C ILE A 272 21.89 21.52 -25.23
N LEU A 273 22.48 21.06 -24.14
CA LEU A 273 22.23 21.61 -22.82
C LEU A 273 22.58 23.10 -22.78
N HIS A 274 23.55 23.50 -23.60
CA HIS A 274 24.00 24.90 -23.67
C HIS A 274 23.03 25.79 -24.43
N ILE A 275 22.52 25.30 -25.57
CA ILE A 275 21.64 26.12 -26.39
C ILE A 275 20.21 26.17 -25.85
N VAL A 276 19.79 25.12 -25.16
CA VAL A 276 18.52 25.17 -24.45
C VAL A 276 18.64 26.25 -23.38
N PHE A 277 19.80 26.32 -22.75
CA PHE A 277 20.06 27.29 -21.70
C PHE A 277 19.94 28.71 -22.23
N ALA A 278 20.40 28.91 -23.46
CA ALA A 278 20.31 30.21 -24.12
C ALA A 278 18.87 30.54 -24.44
N ILE A 279 18.15 29.55 -24.97
CA ILE A 279 16.74 29.71 -25.32
C ILE A 279 15.94 30.10 -24.08
N LYS A 280 16.43 29.71 -22.91
CA LYS A 280 15.80 30.09 -21.66
C LYS A 280 15.93 31.59 -21.44
N LEU A 281 17.14 32.11 -21.63
CA LEU A 281 17.39 33.53 -21.43
C LEU A 281 16.87 34.41 -22.55
N ASP A 282 16.85 33.88 -23.77
CA ASP A 282 16.36 34.63 -24.92
C ASP A 282 15.38 33.80 -25.74
N CYS A 283 14.13 34.27 -25.80
CA CYS A 283 13.05 33.53 -26.44
C CYS A 283 13.14 33.54 -27.96
N GLU A 284 13.58 34.65 -28.53
CA GLU A 284 13.77 34.75 -29.97
C GLU A 284 14.62 33.58 -30.44
N LEU A 285 15.70 33.32 -29.72
CA LEU A 285 16.59 32.22 -30.02
C LEU A 285 15.76 30.96 -30.19
N GLY A 286 14.85 30.73 -29.25
CA GLY A 286 13.94 29.61 -29.33
C GLY A 286 13.00 29.72 -30.50
N ARG A 287 12.29 30.86 -30.59
CA ARG A 287 11.34 31.08 -31.68
C ARG A 287 12.02 30.96 -33.03
N GLU A 288 13.32 31.22 -33.06
CA GLU A 288 14.10 31.12 -34.29
C GLU A 288 14.41 29.66 -34.59
N LEU A 289 14.83 28.93 -33.56
CA LEU A 289 15.12 27.50 -33.70
C LEU A 289 13.91 26.77 -34.26
N LEU A 290 12.73 27.20 -33.84
CA LEU A 290 11.50 26.63 -34.36
C LEU A 290 11.21 27.08 -35.79
N LYS A 291 11.25 28.39 -36.01
CA LYS A 291 11.03 28.94 -37.35
C LYS A 291 11.92 28.21 -38.34
N HIS A 292 13.19 28.08 -37.98
CA HIS A 292 14.17 27.40 -38.80
C HIS A 292 13.73 25.98 -39.11
N LEU A 293 13.68 25.14 -38.08
CA LEU A 293 13.42 23.72 -38.23
C LEU A 293 12.05 23.38 -38.84
N LYS A 294 11.10 24.31 -38.74
CA LYS A 294 9.73 23.99 -39.16
C LYS A 294 9.61 23.54 -40.61
N ALA A 295 8.93 22.41 -40.79
CA ALA A 295 8.87 21.71 -42.06
C ALA A 295 8.35 22.53 -43.23
N GLY A 296 7.05 22.84 -43.22
CA GLY A 296 6.43 23.49 -44.36
C GLY A 296 6.42 22.57 -45.56
N GLN A 297 7.02 23.03 -46.66
CA GLN A 297 7.20 22.21 -47.84
C GLN A 297 8.13 21.04 -47.49
N GLN A 298 7.80 19.85 -47.97
CA GLN A 298 8.38 18.62 -47.43
C GLN A 298 9.80 18.25 -47.87
N GLY A 299 10.30 18.87 -48.92
CA GLY A 299 11.68 18.63 -49.32
C GLY A 299 12.62 18.98 -48.18
N ASP A 300 12.22 19.97 -47.39
CA ASP A 300 12.98 20.45 -46.25
C ASP A 300 13.04 19.56 -44.99
N PRO A 301 11.88 19.14 -44.45
CA PRO A 301 11.87 18.37 -43.20
C PRO A 301 12.70 17.10 -43.26
N SER A 302 12.99 16.63 -44.46
CA SER A 302 13.92 15.51 -44.64
C SER A 302 15.33 15.96 -44.31
N LYS A 303 15.70 17.14 -44.80
CA LYS A 303 17.00 17.73 -44.51
C LYS A 303 16.96 18.60 -43.26
N CYS A 304 15.75 18.91 -42.79
CA CYS A 304 15.59 19.79 -41.63
C CYS A 304 15.97 19.05 -40.37
N LEU A 305 15.19 18.02 -40.06
CA LEU A 305 15.41 17.27 -38.84
C LEU A 305 16.48 16.20 -39.01
N CYS A 306 17.36 16.12 -38.02
CA CYS A 306 18.33 15.06 -37.90
C CYS A 306 18.29 14.60 -36.45
N PRO A 307 18.82 13.41 -36.16
CA PRO A 307 18.82 12.95 -34.78
C PRO A 307 19.27 14.02 -33.79
N PHE A 308 20.28 14.81 -34.16
CA PHE A 308 20.77 15.84 -33.25
C PHE A 308 19.75 16.94 -32.97
N SER A 309 19.19 17.52 -34.03
CA SER A 309 18.25 18.61 -33.88
C SER A 309 16.98 18.16 -33.15
N ILE A 310 16.57 16.92 -33.41
CA ILE A 310 15.40 16.35 -32.74
C ILE A 310 15.65 16.20 -31.25
N ALA A 311 16.84 15.70 -30.90
CA ALA A 311 17.24 15.59 -29.51
C ALA A 311 17.24 16.96 -28.85
N LEU A 312 17.73 17.96 -29.58
CA LEU A 312 17.71 19.34 -29.12
C LEU A 312 16.28 19.76 -28.81
N LEU A 313 15.39 19.61 -29.80
CA LEU A 313 13.98 19.96 -29.65
C LEU A 313 13.35 19.28 -28.44
N LEU A 314 13.65 18.00 -28.27
CA LEU A 314 13.08 17.21 -27.17
C LEU A 314 13.61 17.68 -25.82
N SER A 315 14.85 18.13 -25.78
CA SER A 315 15.43 18.66 -24.55
C SER A 315 14.90 20.07 -24.31
N LEU A 316 14.54 20.75 -25.40
CA LEU A 316 13.97 22.09 -25.33
C LEU A 316 12.61 22.01 -24.68
N THR A 317 12.03 20.82 -24.71
CA THR A 317 10.71 20.57 -24.12
C THR A 317 10.66 21.04 -22.66
N ARG A 318 11.78 20.90 -21.95
CA ARG A 318 11.85 21.25 -20.53
C ARG A 318 11.48 22.70 -20.24
N ILE A 319 11.61 23.57 -21.24
CA ILE A 319 11.14 24.93 -21.08
C ILE A 319 9.69 24.93 -21.48
N GLN A 320 8.83 25.19 -20.49
CA GLN A 320 7.38 25.00 -20.65
C GLN A 320 6.88 25.57 -21.98
N ARG A 321 7.04 26.88 -22.15
CA ARG A 321 6.42 27.62 -23.24
C ARG A 321 6.63 27.03 -24.63
N PHE A 322 7.74 26.32 -24.83
CA PHE A 322 8.06 25.79 -26.15
C PHE A 322 7.52 24.38 -26.40
N GLU A 323 6.99 23.77 -25.36
CA GLU A 323 6.58 22.36 -25.43
C GLU A 323 5.54 22.06 -26.51
N GLU A 324 4.40 22.72 -26.44
CA GLU A 324 3.32 22.46 -27.38
C GLU A 324 3.85 22.53 -28.82
N GLN A 325 4.72 23.51 -29.06
CA GLN A 325 5.26 23.75 -30.39
C GLN A 325 6.21 22.64 -30.85
N VAL A 326 7.17 22.31 -29.99
CA VAL A 326 8.12 21.25 -30.31
C VAL A 326 7.41 19.96 -30.71
N PHE A 327 6.30 19.68 -30.04
CA PHE A 327 5.56 18.45 -30.26
C PHE A 327 4.79 18.46 -31.58
N ASP A 328 4.17 19.59 -31.91
CA ASP A 328 3.53 19.72 -33.21
C ASP A 328 4.55 19.51 -34.34
N LEU A 329 5.67 20.21 -34.25
CA LEU A 329 6.72 20.08 -35.24
C LEU A 329 7.07 18.61 -35.43
N LEU A 330 7.39 17.94 -34.33
CA LEU A 330 7.74 16.52 -34.40
C LEU A 330 6.57 15.68 -34.87
N LYS A 331 5.42 15.83 -34.21
CA LYS A 331 4.23 15.07 -34.58
C LYS A 331 3.94 15.19 -36.07
N THR A 332 3.90 16.41 -36.58
CA THR A 332 3.53 16.64 -37.96
C THR A 332 4.63 16.18 -38.93
N SER A 333 5.87 16.17 -38.47
CA SER A 333 6.99 15.75 -39.30
C SER A 333 7.05 14.23 -39.42
N VAL A 334 6.56 13.53 -38.40
CA VAL A 334 6.54 12.07 -38.42
C VAL A 334 5.55 11.59 -39.47
N VAL A 335 4.45 12.31 -39.60
CA VAL A 335 3.42 11.97 -40.58
C VAL A 335 3.90 12.33 -41.99
N LYS A 336 4.40 13.54 -42.15
CA LYS A 336 4.93 13.97 -43.45
C LYS A 336 6.02 13.01 -43.92
N SER A 337 6.99 12.76 -43.05
CA SER A 337 8.08 11.85 -43.35
C SER A 337 7.57 10.53 -43.90
N PHE A 338 6.58 9.96 -43.23
CA PHE A 338 5.99 8.69 -43.67
C PHE A 338 5.18 8.87 -44.95
N LYS A 339 4.25 9.81 -44.92
CA LYS A 339 3.32 9.97 -46.04
C LYS A 339 4.05 10.22 -47.36
N ASP A 340 5.23 10.83 -47.28
CA ASP A 340 6.05 11.04 -48.46
C ASP A 340 6.67 9.73 -48.94
N LEU A 341 7.35 9.03 -48.05
CA LEU A 341 7.98 7.76 -48.40
C LEU A 341 6.93 6.77 -48.85
N GLN A 342 5.71 6.94 -48.36
CA GLN A 342 4.60 6.11 -48.76
C GLN A 342 4.24 6.42 -50.20
N LEU A 343 4.46 7.67 -50.60
CA LEU A 343 4.21 8.12 -51.96
C LEU A 343 5.32 7.66 -52.90
N LEU A 344 6.56 7.83 -52.46
CA LEU A 344 7.73 7.48 -53.26
C LEU A 344 7.74 6.02 -53.70
N GLN A 345 7.29 5.13 -52.82
CA GLN A 345 7.23 3.71 -53.14
C GLN A 345 6.15 3.42 -54.16
N GLY A 346 5.25 4.38 -54.35
CA GLY A 346 4.09 4.19 -55.21
C GLY A 346 4.32 4.50 -56.67
N SER A 347 5.30 5.35 -56.95
CA SER A 347 5.55 5.78 -58.33
C SER A 347 7.02 5.65 -58.71
N LYS A 348 7.27 5.11 -59.90
CA LYS A 348 8.63 4.95 -60.37
C LYS A 348 9.26 6.29 -60.72
N PHE A 349 8.47 7.13 -61.37
CA PHE A 349 8.95 8.45 -61.79
C PHE A 349 9.43 9.31 -60.62
N LEU A 350 8.75 9.22 -59.49
CA LEU A 350 9.18 9.95 -58.31
C LEU A 350 10.52 9.43 -57.79
N GLN A 351 10.73 8.12 -57.94
CA GLN A 351 11.97 7.50 -57.53
C GLN A 351 13.12 7.99 -58.40
N THR A 352 12.85 8.15 -59.70
CA THR A 352 13.85 8.63 -60.65
C THR A 352 14.27 10.05 -60.30
N LEU A 353 13.30 10.90 -59.97
CA LEU A 353 13.56 12.29 -59.63
C LEU A 353 14.06 12.47 -58.20
N VAL A 354 13.42 11.80 -57.27
CA VAL A 354 13.74 11.94 -55.85
C VAL A 354 14.37 10.69 -55.24
N PRO A 355 15.56 10.85 -54.65
CA PRO A 355 16.25 9.75 -53.96
C PRO A 355 15.56 9.42 -52.65
N GLN A 356 15.72 8.21 -52.15
CA GLN A 356 15.13 7.81 -50.89
C GLN A 356 15.73 8.63 -49.74
N ARG A 357 14.98 8.76 -48.66
CA ARG A 357 15.41 9.58 -47.55
C ARG A 357 15.20 8.85 -46.24
N THR A 358 16.16 8.95 -45.33
CA THR A 358 15.94 8.47 -43.97
C THR A 358 14.73 9.21 -43.43
N CYS A 359 13.76 8.48 -42.90
CA CYS A 359 12.51 9.08 -42.47
C CYS A 359 12.55 9.44 -40.99
N VAL A 360 11.87 10.52 -40.64
CA VAL A 360 11.92 11.09 -39.29
C VAL A 360 11.68 10.01 -38.24
N SER A 361 10.92 8.99 -38.60
CA SER A 361 10.64 7.87 -37.70
C SER A 361 11.93 7.26 -37.18
N THR A 362 12.70 6.65 -38.08
CA THR A 362 13.95 6.00 -37.70
C THR A 362 14.97 6.97 -37.13
N MET A 363 14.75 8.27 -37.34
CA MET A 363 15.62 9.30 -36.76
C MET A 363 15.36 9.45 -35.27
N ILE A 364 14.09 9.60 -34.91
CA ILE A 364 13.70 9.76 -33.51
C ILE A 364 14.12 8.54 -32.70
N LEU A 365 14.01 7.36 -33.32
CA LEU A 365 14.42 6.13 -32.66
C LEU A 365 15.92 6.15 -32.40
N GLU A 366 16.69 6.73 -33.31
CA GLU A 366 18.12 6.85 -33.12
C GLU A 366 18.43 7.81 -31.98
N VAL A 367 17.54 8.76 -31.74
CA VAL A 367 17.68 9.68 -30.61
C VAL A 367 17.57 8.90 -29.31
N VAL A 368 16.58 8.03 -29.22
CA VAL A 368 16.42 7.15 -28.06
C VAL A 368 17.68 6.32 -27.87
N ARG A 369 18.12 5.68 -28.96
CA ARG A 369 19.33 4.88 -28.95
C ARG A 369 20.50 5.69 -28.40
N ASN A 370 20.73 6.87 -29.00
CA ASN A 370 21.86 7.72 -28.61
C ASN A 370 21.66 8.38 -27.26
N SER A 371 20.43 8.34 -26.76
CA SER A 371 20.10 8.97 -25.49
C SER A 371 20.76 8.27 -24.32
N VAL A 372 21.29 7.07 -24.58
CA VAL A 372 21.91 6.28 -23.52
C VAL A 372 22.96 7.06 -22.77
N HIS A 373 23.76 7.84 -23.48
CA HIS A 373 24.89 8.46 -22.83
C HIS A 373 24.42 9.79 -22.28
N SER A 374 24.19 9.78 -20.96
CA SER A 374 23.89 10.99 -20.21
C SER A 374 22.94 11.98 -20.86
N TRP A 375 21.86 11.53 -21.51
CA TRP A 375 20.83 12.51 -21.84
C TRP A 375 19.60 12.22 -21.01
N ASP A 376 19.49 12.90 -19.87
CA ASP A 376 18.28 12.87 -19.07
C ASP A 376 17.32 13.95 -19.53
N HIS A 377 17.87 15.13 -19.78
CA HIS A 377 17.07 16.27 -20.20
C HIS A 377 16.20 15.89 -21.39
N VAL A 378 16.68 14.95 -22.20
CA VAL A 378 15.94 14.56 -23.39
C VAL A 378 14.84 13.52 -23.16
N THR A 379 14.93 12.74 -22.07
CA THR A 379 13.99 11.63 -21.85
C THR A 379 12.55 12.05 -21.57
N GLN A 380 12.36 13.00 -20.65
CA GLN A 380 11.01 13.43 -20.30
C GLN A 380 10.20 13.79 -21.54
N GLY A 381 10.78 14.59 -22.43
CA GLY A 381 10.12 14.97 -23.65
C GLY A 381 9.97 13.79 -24.59
N LEU A 382 10.86 12.81 -24.45
CA LEU A 382 10.84 11.62 -25.28
C LEU A 382 9.62 10.74 -24.97
N ILE A 383 9.49 10.33 -23.72
CA ILE A 383 8.38 9.47 -23.34
C ILE A 383 7.08 10.21 -23.59
N GLU A 384 7.06 11.50 -23.28
CA GLU A 384 5.87 12.31 -23.40
C GLU A 384 5.42 12.44 -24.85
N PHE A 385 6.38 12.42 -25.77
CA PHE A 385 6.06 12.50 -27.18
C PHE A 385 5.49 11.16 -27.63
N GLY A 386 6.17 10.08 -27.25
CA GLY A 386 5.75 8.75 -27.58
C GLY A 386 4.29 8.54 -27.25
N PHE A 387 3.86 9.11 -26.13
CA PHE A 387 2.46 9.01 -25.71
C PHE A 387 1.53 9.82 -26.60
N ILE A 388 1.96 11.01 -26.98
CA ILE A 388 1.14 11.88 -27.82
C ILE A 388 0.80 11.19 -29.14
N LEU A 389 1.75 10.42 -29.66
CA LEU A 389 1.50 9.62 -30.86
C LEU A 389 0.46 8.55 -30.57
N MET A 390 0.69 7.73 -29.55
CA MET A 390 -0.23 6.67 -29.19
C MET A 390 -1.60 7.25 -28.87
N ASP A 391 -1.61 8.42 -28.25
CA ASP A 391 -2.85 9.09 -27.90
C ASP A 391 -3.58 9.58 -29.15
N SER A 392 -2.87 10.34 -29.98
CA SER A 392 -3.48 10.97 -31.14
C SER A 392 -3.76 9.97 -32.27
N TYR A 393 -2.81 9.08 -32.53
CA TYR A 393 -2.90 8.18 -33.67
C TYR A 393 -3.42 6.77 -33.38
N GLY A 394 -3.78 6.51 -32.13
CA GLY A 394 -4.38 5.24 -31.78
C GLY A 394 -5.72 5.05 -32.48
N PRO A 395 -6.15 3.78 -32.65
CA PRO A 395 -7.42 3.44 -33.29
C PRO A 395 -8.60 3.99 -32.49
N LYS A 396 -9.67 4.39 -33.15
CA LYS A 396 -10.81 4.99 -32.45
C LYS A 396 -12.21 4.47 -32.82
N LYS A 397 -12.65 4.78 -34.04
CA LYS A 397 -14.04 4.52 -34.43
C LYS A 397 -14.33 3.06 -34.72
N ILE A 398 -13.28 2.23 -34.77
CA ILE A 398 -13.44 0.82 -35.05
C ILE A 398 -14.25 0.15 -33.94
N LEU A 399 -14.16 0.73 -32.75
CA LEU A 399 -14.89 0.23 -31.60
C LEU A 399 -16.35 0.73 -31.57
N ASP A 400 -16.58 1.91 -32.17
CA ASP A 400 -17.91 2.51 -32.16
C ASP A 400 -18.55 2.58 -33.54
N GLY A 401 -19.69 1.92 -33.69
CA GLY A 401 -20.41 1.91 -34.95
C GLY A 401 -21.23 3.17 -35.16
N SER A 411 -6.34 6.29 -46.10
CA SER A 411 -5.09 5.73 -45.61
C SER A 411 -4.89 6.00 -44.13
N LYS A 412 -5.24 5.01 -43.30
CA LYS A 412 -5.00 5.07 -41.87
C LYS A 412 -3.61 4.53 -41.61
N MET A 413 -2.91 4.21 -42.70
CA MET A 413 -1.53 3.74 -42.65
C MET A 413 -0.67 4.70 -41.84
N THR A 414 -0.87 5.99 -42.07
CA THR A 414 -0.15 7.02 -41.34
C THR A 414 -0.54 6.97 -39.87
N ASN A 415 -1.85 6.96 -39.62
CA ASN A 415 -2.38 6.83 -38.27
C ASN A 415 -1.75 5.66 -37.51
N GLN A 416 -1.67 4.51 -38.18
CA GLN A 416 -1.04 3.34 -37.57
C GLN A 416 0.45 3.56 -37.35
N HIS A 417 1.17 3.87 -38.43
CA HIS A 417 2.61 4.03 -38.37
C HIS A 417 3.02 5.04 -37.32
N ALA A 418 2.24 6.11 -37.21
CA ALA A 418 2.49 7.11 -36.18
C ALA A 418 2.34 6.49 -34.79
N CYS A 419 1.21 5.82 -34.57
CA CYS A 419 0.91 5.21 -33.28
C CYS A 419 1.94 4.17 -32.86
N LYS A 420 2.40 3.35 -33.79
CA LYS A 420 3.40 2.34 -33.49
C LYS A 420 4.72 2.99 -33.07
N LEU A 421 5.14 4.03 -33.80
CA LEU A 421 6.35 4.76 -33.44
C LEU A 421 6.21 5.35 -32.04
N GLY A 422 4.98 5.71 -31.68
CA GLY A 422 4.72 6.16 -30.33
C GLY A 422 5.02 5.06 -29.34
N ALA A 423 4.59 3.85 -29.67
CA ALA A 423 4.84 2.70 -28.82
C ALA A 423 6.33 2.36 -28.79
N ASN A 424 6.96 2.35 -29.96
CA ASN A 424 8.38 1.98 -30.05
C ASN A 424 9.29 2.92 -29.26
N ILE A 425 9.04 4.21 -29.37
CA ILE A 425 9.76 5.19 -28.55
C ILE A 425 9.60 4.79 -27.09
N LEU A 426 8.36 4.56 -26.68
CA LEU A 426 8.02 4.24 -25.30
C LEU A 426 8.66 2.95 -24.80
N LEU A 427 8.56 1.90 -25.61
CA LEU A 427 9.15 0.62 -25.25
C LEU A 427 10.65 0.74 -25.13
N GLU A 428 11.27 1.31 -26.16
CA GLU A 428 12.73 1.36 -26.25
C GLU A 428 13.35 2.30 -25.22
N THR A 429 12.67 3.37 -24.87
CA THR A 429 13.10 4.23 -23.78
C THR A 429 13.11 3.43 -22.49
N PHE A 430 12.03 2.69 -22.27
CA PHE A 430 11.89 1.86 -21.07
C PHE A 430 13.05 0.90 -20.94
N LYS A 431 13.41 0.25 -22.04
CA LYS A 431 14.50 -0.71 -22.02
C LYS A 431 15.80 -0.03 -21.66
N ILE A 432 16.03 1.15 -22.22
CA ILE A 432 17.31 1.85 -22.09
C ILE A 432 17.52 2.59 -20.77
N HIS A 433 16.46 3.22 -20.26
CA HIS A 433 16.59 4.05 -19.06
C HIS A 433 15.87 3.49 -17.84
N GLU A 434 16.65 3.04 -16.87
CA GLU A 434 16.11 2.46 -15.64
C GLU A 434 15.24 3.45 -14.86
N MET A 435 15.65 4.70 -14.82
CA MET A 435 15.03 5.66 -13.89
C MET A 435 13.58 6.03 -14.23
N ILE A 436 13.21 5.97 -15.51
CA ILE A 436 11.82 6.27 -15.88
C ILE A 436 10.95 5.01 -16.03
N ARG A 437 11.54 3.84 -15.83
CA ARG A 437 10.82 2.59 -16.04
C ARG A 437 9.46 2.60 -15.36
N GLN A 438 9.40 3.10 -14.14
CA GLN A 438 8.15 3.11 -13.37
C GLN A 438 7.13 4.06 -13.97
N GLU A 439 7.57 5.27 -14.30
CA GLU A 439 6.67 6.30 -14.83
C GLU A 439 6.04 5.92 -16.17
N ILE A 440 6.79 5.24 -17.03
CA ILE A 440 6.23 4.74 -18.27
C ILE A 440 5.08 3.79 -17.97
N LEU A 441 5.34 2.85 -17.06
CA LEU A 441 4.34 1.84 -16.71
C LEU A 441 3.10 2.46 -16.09
N GLU A 442 3.27 3.24 -15.03
CA GLU A 442 2.17 3.96 -14.40
C GLU A 442 1.35 4.71 -15.44
N GLN A 443 2.02 5.28 -16.42
CA GLN A 443 1.34 6.09 -17.43
C GLN A 443 0.48 5.24 -18.35
N VAL A 444 0.98 4.06 -18.70
CA VAL A 444 0.22 3.14 -19.54
C VAL A 444 -1.01 2.61 -18.81
N LEU A 445 -0.78 2.02 -17.64
CA LEU A 445 -1.86 1.48 -16.83
C LEU A 445 -2.95 2.51 -16.60
N ASN A 446 -2.56 3.68 -16.08
CA ASN A 446 -3.54 4.70 -15.74
C ASN A 446 -4.45 5.08 -16.90
N ARG A 447 -3.99 4.84 -18.13
CA ARG A 447 -4.84 5.07 -19.28
C ARG A 447 -5.77 3.89 -19.44
N VAL A 448 -5.21 2.69 -19.29
CA VAL A 448 -5.99 1.45 -19.40
C VAL A 448 -7.18 1.42 -18.44
N VAL A 449 -6.93 1.67 -17.16
CA VAL A 449 -8.00 1.67 -16.17
C VAL A 449 -8.89 2.90 -16.30
N THR A 450 -8.33 4.00 -16.75
CA THR A 450 -9.08 5.25 -16.79
C THR A 450 -9.78 5.61 -18.09
N ARG A 451 -9.48 4.92 -19.20
CA ARG A 451 -9.93 5.48 -20.47
C ARG A 451 -11.18 4.82 -21.05
N THR A 452 -12.31 5.47 -20.78
CA THR A 452 -13.55 5.44 -21.55
C THR A 452 -14.06 4.10 -22.08
N SER A 453 -14.71 4.19 -23.25
CA SER A 453 -14.91 3.09 -24.17
C SER A 453 -13.85 3.18 -25.25
N SER A 454 -13.13 4.30 -25.27
CA SER A 454 -12.14 4.57 -26.31
C SER A 454 -11.09 3.47 -26.33
N PRO A 455 -10.90 2.82 -27.48
CA PRO A 455 -10.16 1.56 -27.53
C PRO A 455 -8.74 1.69 -27.01
N ILE A 456 -8.41 0.83 -26.05
CA ILE A 456 -7.11 0.85 -25.37
C ILE A 456 -6.12 -0.20 -25.88
N ASN A 457 -6.56 -1.04 -26.81
CA ASN A 457 -5.79 -2.22 -27.18
C ASN A 457 -4.31 -1.98 -27.45
N HIS A 458 -3.99 -0.89 -28.14
CA HIS A 458 -2.60 -0.58 -28.45
C HIS A 458 -1.76 -0.35 -27.19
N PHE A 459 -2.40 0.17 -26.14
CA PHE A 459 -1.72 0.40 -24.87
C PHE A 459 -1.45 -0.89 -24.12
N LEU A 460 -2.39 -1.83 -24.19
CA LEU A 460 -2.21 -3.13 -23.56
C LEU A 460 -1.06 -3.89 -24.22
N ASP A 461 -0.93 -3.73 -25.53
CA ASP A 461 0.15 -4.38 -26.27
C ASP A 461 1.51 -3.90 -25.79
N LEU A 462 1.64 -2.59 -25.57
CA LEU A 462 2.88 -2.04 -25.04
C LEU A 462 3.11 -2.55 -23.62
N PHE A 463 2.05 -2.56 -22.83
CA PHE A 463 2.11 -3.08 -21.47
C PHE A 463 2.62 -4.52 -21.49
N SER A 464 2.07 -5.32 -22.41
CA SER A 464 2.51 -6.68 -22.60
C SER A 464 4.01 -6.75 -22.91
N ASP A 465 4.43 -5.89 -23.84
CA ASP A 465 5.81 -5.89 -24.31
C ASP A 465 6.81 -5.46 -23.23
N ILE A 466 6.49 -4.41 -22.49
CA ILE A 466 7.33 -3.97 -21.38
C ILE A 466 7.57 -5.11 -20.39
N ILE A 467 6.47 -5.72 -19.95
CA ILE A 467 6.52 -6.90 -19.08
C ILE A 467 7.35 -8.02 -19.70
N MET A 468 6.90 -8.50 -20.86
CA MET A 468 7.59 -9.57 -21.55
C MET A 468 9.07 -9.28 -21.66
N TYR A 469 9.42 -8.02 -21.82
CA TYR A 469 10.83 -7.62 -21.97
C TYR A 469 11.65 -8.08 -20.78
N ALA A 470 11.28 -7.64 -19.59
CA ALA A 470 11.93 -8.07 -18.36
C ALA A 470 10.91 -8.22 -17.22
N PRO A 471 10.26 -9.38 -17.13
CA PRO A 471 9.26 -9.57 -16.07
C PRO A 471 9.84 -9.33 -14.67
N LEU A 472 11.14 -9.53 -14.52
CA LEU A 472 11.79 -9.39 -13.21
C LEU A 472 11.63 -8.02 -12.56
N ILE A 473 11.52 -6.97 -13.37
CA ILE A 473 11.41 -5.61 -12.84
C ILE A 473 10.10 -5.46 -12.09
N LEU A 474 9.03 -5.90 -12.74
CA LEU A 474 7.66 -5.65 -12.27
C LEU A 474 7.04 -6.77 -11.44
N GLN A 475 7.81 -7.81 -11.13
CA GLN A 475 7.22 -8.95 -10.43
C GLN A 475 6.38 -8.45 -9.27
N ASN A 476 6.97 -7.63 -8.41
CA ASN A 476 6.23 -6.98 -7.34
C ASN A 476 5.09 -6.09 -7.88
N CYS A 477 5.48 -4.93 -8.40
CA CYS A 477 4.55 -4.02 -9.08
C CYS A 477 3.15 -3.92 -8.49
N SER A 478 3.05 -3.35 -7.30
CA SER A 478 1.74 -3.12 -6.69
C SER A 478 0.85 -2.39 -7.69
N LYS A 479 1.49 -1.62 -8.57
CA LYS A 479 0.75 -0.83 -9.55
C LYS A 479 0.01 -1.73 -10.54
N VAL A 480 0.53 -2.93 -10.78
CA VAL A 480 -0.20 -3.91 -11.58
C VAL A 480 -1.29 -4.52 -10.73
N THR A 481 -0.95 -4.93 -9.51
CA THR A 481 -1.90 -5.54 -8.60
C THR A 481 -3.07 -4.60 -8.31
N GLU A 482 -2.76 -3.35 -7.98
CA GLU A 482 -3.77 -2.35 -7.70
C GLU A 482 -4.73 -2.18 -8.89
N THR A 483 -4.25 -2.54 -10.07
CA THR A 483 -5.08 -2.43 -11.28
C THR A 483 -6.26 -3.39 -11.19
N PHE A 484 -6.03 -4.54 -10.57
CA PHE A 484 -7.03 -5.62 -10.53
C PHE A 484 -8.31 -5.24 -9.79
N ASP A 485 -8.23 -4.27 -8.88
CA ASP A 485 -9.40 -3.84 -8.15
C ASP A 485 -10.49 -3.30 -9.09
N TYR A 486 -10.08 -2.86 -10.28
CA TYR A 486 -11.00 -2.32 -11.26
C TYR A 486 -11.47 -3.39 -12.24
N LEU A 487 -11.04 -4.62 -12.00
CA LEU A 487 -11.31 -5.74 -12.90
C LEU A 487 -12.78 -5.88 -13.25
N THR A 488 -13.65 -5.63 -12.29
CA THR A 488 -15.08 -5.69 -12.53
C THR A 488 -15.56 -4.42 -13.25
N PHE A 489 -14.95 -3.30 -12.92
CA PHE A 489 -15.35 -2.01 -13.46
C PHE A 489 -14.86 -1.78 -14.90
N LEU A 490 -13.96 -2.63 -15.37
CA LEU A 490 -13.43 -2.54 -16.73
C LEU A 490 -14.17 -3.42 -17.74
N PRO A 491 -14.17 -3.02 -19.02
CA PRO A 491 -14.73 -3.82 -20.12
C PRO A 491 -13.99 -5.14 -20.28
N LEU A 492 -14.74 -6.21 -20.56
CA LEU A 492 -14.16 -7.55 -20.63
C LEU A 492 -12.94 -7.60 -21.55
N GLN A 493 -13.04 -6.95 -22.70
CA GLN A 493 -11.94 -6.93 -23.67
C GLN A 493 -10.65 -6.43 -23.01
N THR A 494 -10.78 -5.45 -22.13
CA THR A 494 -9.62 -4.91 -21.42
C THR A 494 -9.09 -5.93 -20.42
N VAL A 495 -9.99 -6.51 -19.64
CA VAL A 495 -9.61 -7.45 -18.58
C VAL A 495 -8.86 -8.66 -19.14
N GLN A 496 -9.29 -9.13 -20.31
CA GLN A 496 -8.60 -10.25 -20.93
C GLN A 496 -7.19 -9.83 -21.33
N GLY A 497 -7.09 -8.73 -22.07
CA GLY A 497 -5.81 -8.19 -22.47
C GLY A 497 -4.89 -7.95 -21.28
N LEU A 498 -5.45 -7.38 -20.23
CA LEU A 498 -4.69 -7.10 -19.02
C LEU A 498 -4.14 -8.40 -18.43
N LEU A 499 -5.03 -9.37 -18.22
CA LEU A 499 -4.64 -10.65 -17.65
C LEU A 499 -3.64 -11.40 -18.53
N LYS A 500 -3.97 -11.57 -19.81
CA LYS A 500 -3.09 -12.30 -20.72
C LYS A 500 -1.67 -11.75 -20.60
N ALA A 501 -1.54 -10.44 -20.80
CA ALA A 501 -0.24 -9.78 -20.80
C ALA A 501 0.47 -9.89 -19.46
N VAL A 502 -0.30 -9.87 -18.38
CA VAL A 502 0.26 -9.85 -17.03
C VAL A 502 0.81 -11.21 -16.60
N GLN A 503 0.56 -12.24 -17.40
CA GLN A 503 0.89 -13.62 -17.04
C GLN A 503 2.30 -13.84 -16.48
N PRO A 504 3.34 -13.47 -17.24
CA PRO A 504 4.71 -13.73 -16.81
C PRO A 504 5.01 -13.21 -15.40
N LEU A 505 4.24 -12.23 -14.92
CA LEU A 505 4.41 -11.74 -13.56
C LEU A 505 3.77 -12.69 -12.55
N LEU A 506 2.61 -13.22 -12.90
CA LEU A 506 1.88 -14.14 -12.03
C LEU A 506 2.74 -15.36 -11.69
N LYS A 507 3.45 -15.88 -12.68
CA LYS A 507 4.30 -17.04 -12.48
C LYS A 507 5.47 -16.73 -11.54
N ILE A 508 5.64 -15.46 -11.22
CA ILE A 508 6.77 -15.00 -10.43
C ILE A 508 6.38 -14.48 -9.04
N SER A 509 5.55 -13.44 -8.99
CA SER A 509 5.15 -12.89 -7.70
C SER A 509 3.96 -13.66 -7.12
N MET A 510 4.17 -14.25 -5.94
CA MET A 510 3.13 -15.01 -5.25
C MET A 510 2.02 -14.07 -4.81
N SER A 511 2.39 -12.96 -4.20
CA SER A 511 1.43 -12.02 -3.64
C SER A 511 0.52 -11.39 -4.70
N MET A 512 1.02 -11.26 -5.91
CA MET A 512 0.20 -10.77 -7.01
C MET A 512 -0.82 -11.83 -7.40
N ARG A 513 -0.34 -13.07 -7.54
CA ARG A 513 -1.21 -14.20 -7.84
C ARG A 513 -2.32 -14.34 -6.81
N ASP A 514 -1.94 -14.49 -5.54
CA ASP A 514 -2.90 -14.62 -4.46
C ASP A 514 -3.88 -13.46 -4.43
N SER A 515 -3.39 -12.25 -4.72
CA SER A 515 -4.24 -11.08 -4.71
C SER A 515 -5.24 -11.10 -5.87
N LEU A 516 -4.84 -11.74 -6.96
CA LEU A 516 -5.72 -11.87 -8.12
C LEU A 516 -6.79 -12.91 -7.84
N ILE A 517 -6.39 -13.99 -7.18
CA ILE A 517 -7.33 -15.01 -6.77
C ILE A 517 -8.42 -14.38 -5.92
N LEU A 518 -8.02 -13.73 -4.83
CA LEU A 518 -8.97 -13.09 -3.93
C LEU A 518 -9.88 -12.11 -4.64
N VAL A 519 -9.34 -11.37 -5.60
CA VAL A 519 -10.16 -10.43 -6.35
C VAL A 519 -11.16 -11.19 -7.23
N LEU A 520 -10.67 -12.22 -7.91
CA LEU A 520 -11.52 -13.03 -8.78
C LEU A 520 -12.55 -13.80 -7.97
N ARG A 521 -12.14 -14.28 -6.79
CA ARG A 521 -13.03 -15.04 -5.92
C ARG A 521 -14.37 -14.33 -5.76
N LYS A 522 -14.31 -13.04 -5.45
CA LYS A 522 -15.52 -12.27 -5.21
C LYS A 522 -16.02 -11.53 -6.44
N ALA A 523 -15.30 -11.64 -7.55
CA ALA A 523 -15.78 -11.08 -8.81
C ALA A 523 -16.90 -11.96 -9.32
N MET A 524 -16.79 -13.25 -9.00
CA MET A 524 -17.77 -14.25 -9.41
C MET A 524 -19.16 -13.94 -8.86
N PHE A 525 -19.22 -13.16 -7.78
CA PHE A 525 -20.48 -12.89 -7.10
C PHE A 525 -21.16 -11.64 -7.60
N ALA A 526 -20.55 -10.98 -8.58
CA ALA A 526 -21.13 -9.75 -9.11
C ALA A 526 -22.40 -10.05 -9.90
N SER A 527 -23.49 -9.37 -9.54
CA SER A 527 -24.75 -9.53 -10.26
C SER A 527 -24.58 -9.26 -11.74
N GLN A 528 -23.93 -8.14 -12.07
CA GLN A 528 -23.71 -7.75 -13.46
C GLN A 528 -23.05 -8.90 -14.23
N LEU A 529 -23.58 -9.17 -15.42
CA LEU A 529 -23.09 -10.29 -16.23
C LEU A 529 -21.63 -10.10 -16.62
N ASP A 530 -21.33 -8.99 -17.28
CA ASP A 530 -19.98 -8.73 -17.78
C ASP A 530 -18.92 -8.90 -16.70
N ALA A 531 -19.26 -8.56 -15.47
CA ALA A 531 -18.34 -8.74 -14.36
C ALA A 531 -17.96 -10.21 -14.21
N ARG A 532 -18.96 -11.07 -14.13
CA ARG A 532 -18.74 -12.51 -14.01
C ARG A 532 -17.99 -13.05 -15.23
N LYS A 533 -18.35 -12.55 -16.41
CA LYS A 533 -17.69 -12.99 -17.64
C LYS A 533 -16.19 -12.71 -17.56
N SER A 534 -15.82 -11.64 -16.86
CA SER A 534 -14.42 -11.32 -16.61
C SER A 534 -13.83 -12.30 -15.59
N ALA A 535 -14.48 -12.41 -14.44
CA ALA A 535 -14.03 -13.30 -13.38
C ALA A 535 -13.70 -14.68 -13.93
N VAL A 536 -14.57 -15.19 -14.80
CA VAL A 536 -14.33 -16.49 -15.44
C VAL A 536 -13.03 -16.46 -16.24
N ALA A 537 -12.90 -15.47 -17.12
CA ALA A 537 -11.70 -15.34 -17.95
C ALA A 537 -10.46 -15.38 -17.08
N GLY A 538 -10.55 -14.77 -15.90
CA GLY A 538 -9.43 -14.72 -14.97
C GLY A 538 -9.06 -16.10 -14.43
N PHE A 539 -10.05 -16.76 -13.83
CA PHE A 539 -9.83 -18.11 -13.31
C PHE A 539 -9.33 -19.04 -14.41
N LEU A 540 -10.04 -19.05 -15.53
CA LEU A 540 -9.63 -19.86 -16.67
C LEU A 540 -8.17 -19.61 -17.01
N LEU A 541 -7.76 -18.35 -16.94
CA LEU A 541 -6.37 -17.99 -17.21
C LEU A 541 -5.45 -18.51 -16.12
N LEU A 542 -5.86 -18.36 -14.87
CA LEU A 542 -5.11 -18.92 -13.75
C LEU A 542 -4.87 -20.42 -13.93
N LEU A 543 -5.92 -21.16 -14.26
CA LEU A 543 -5.83 -22.60 -14.43
C LEU A 543 -4.84 -23.01 -15.51
N LYS A 544 -4.68 -22.14 -16.51
CA LYS A 544 -3.73 -22.41 -17.59
C LYS A 544 -2.30 -22.33 -17.08
N ASN A 545 -2.05 -21.43 -16.13
CA ASN A 545 -0.70 -21.26 -15.60
C ASN A 545 -0.37 -21.96 -14.28
N PHE A 546 -1.32 -22.63 -13.65
CA PHE A 546 -1.06 -23.11 -12.29
C PHE A 546 -1.46 -24.54 -11.95
N LYS A 547 -0.49 -25.27 -11.43
CA LYS A 547 -0.62 -26.67 -11.05
C LYS A 547 -0.70 -26.75 -9.52
N VAL A 548 -0.72 -27.97 -9.01
CA VAL A 548 -0.90 -28.18 -7.57
C VAL A 548 0.17 -29.08 -6.94
N LEU A 549 0.29 -30.29 -7.48
CA LEU A 549 1.11 -31.38 -6.93
C LEU A 549 0.35 -32.13 -5.84
N GLY A 550 -0.64 -31.46 -5.23
CA GLY A 550 -1.73 -32.16 -4.57
C GLY A 550 -1.36 -33.34 -3.69
N SER A 551 -2.24 -34.33 -3.76
CA SER A 551 -2.06 -35.66 -3.17
C SER A 551 -1.56 -36.69 -4.19
N LEU A 552 -1.10 -36.22 -5.35
CA LEU A 552 -0.99 -37.02 -6.56
C LEU A 552 -0.10 -38.27 -6.45
N PRO A 553 0.00 -39.04 -7.54
CA PRO A 553 0.91 -40.18 -7.61
C PRO A 553 2.22 -39.80 -8.29
N VAL A 563 3.93 -26.88 -21.23
CA VAL A 563 4.33 -25.49 -21.10
C VAL A 563 4.83 -25.20 -19.67
N THR A 564 4.79 -26.21 -18.81
CA THR A 564 5.29 -26.09 -17.45
C THR A 564 4.58 -25.02 -16.60
N GLN A 565 3.37 -25.33 -16.13
CA GLN A 565 2.70 -24.42 -15.21
C GLN A 565 3.42 -24.44 -13.86
N VAL A 566 2.96 -23.61 -12.93
CA VAL A 566 3.65 -23.45 -11.66
C VAL A 566 2.86 -24.07 -10.51
N ARG A 567 3.57 -24.66 -9.56
CA ARG A 567 2.89 -25.26 -8.41
C ARG A 567 2.62 -24.20 -7.35
N VAL A 568 1.34 -23.97 -7.09
CA VAL A 568 0.94 -22.92 -6.15
C VAL A 568 1.08 -23.45 -4.74
N ASP A 569 1.12 -24.77 -4.63
CA ASP A 569 0.96 -25.47 -3.37
C ASP A 569 2.21 -25.62 -2.47
N VAL A 570 3.39 -25.74 -3.05
CA VAL A 570 4.56 -26.17 -2.28
C VAL A 570 5.11 -25.20 -1.23
N HIS A 571 4.91 -23.89 -1.42
CA HIS A 571 5.27 -22.95 -0.37
C HIS A 571 4.02 -22.65 0.45
N SER A 572 3.96 -23.19 1.66
CA SER A 572 2.81 -22.96 2.53
C SER A 572 3.02 -21.85 3.56
N ARG A 573 4.26 -21.42 3.72
CA ARG A 573 4.54 -20.32 4.63
C ARG A 573 4.29 -19.00 3.93
N TYR A 574 4.51 -18.98 2.62
CA TYR A 574 4.39 -17.75 1.84
C TYR A 574 3.05 -17.53 1.14
N SER A 575 2.20 -18.55 1.10
CA SER A 575 0.90 -18.41 0.45
C SER A 575 -0.24 -18.70 1.43
N ALA A 576 -1.03 -17.67 1.70
CA ALA A 576 -2.16 -17.80 2.61
C ALA A 576 -3.40 -18.21 1.85
N VAL A 577 -3.33 -18.15 0.52
CA VAL A 577 -4.49 -18.36 -0.33
C VAL A 577 -4.50 -19.72 -1.01
N ALA A 578 -3.48 -19.97 -1.83
CA ALA A 578 -3.40 -21.20 -2.61
C ALA A 578 -3.05 -22.42 -1.76
N ASN A 579 -3.84 -23.48 -1.90
CA ASN A 579 -3.60 -24.75 -1.22
C ASN A 579 -3.60 -25.89 -2.22
N GLU A 580 -3.56 -27.12 -1.71
CA GLU A 580 -3.65 -28.31 -2.54
C GLU A 580 -5.01 -28.37 -3.24
N THR A 581 -5.99 -27.70 -2.66
CA THR A 581 -7.34 -27.66 -3.22
C THR A 581 -7.45 -26.68 -4.38
N PHE A 582 -6.37 -25.95 -4.65
CA PHE A 582 -6.38 -24.81 -5.56
C PHE A 582 -7.11 -25.06 -6.89
N CYS A 583 -6.77 -26.15 -7.56
CA CYS A 583 -7.36 -26.45 -8.87
C CYS A 583 -8.85 -26.80 -8.80
N LEU A 584 -9.20 -27.69 -7.87
CA LEU A 584 -10.59 -28.12 -7.74
C LEU A 584 -11.43 -26.98 -7.18
N GLU A 585 -10.86 -26.21 -6.25
CA GLU A 585 -11.55 -25.05 -5.68
C GLU A 585 -12.06 -24.14 -6.79
N ILE A 586 -11.26 -23.97 -7.84
CA ILE A 586 -11.64 -23.10 -8.95
C ILE A 586 -12.72 -23.73 -9.83
N ILE A 587 -12.53 -25.00 -10.19
CA ILE A 587 -13.52 -25.69 -11.02
C ILE A 587 -14.91 -25.65 -10.40
N ASP A 588 -14.98 -25.87 -9.09
CA ASP A 588 -16.25 -25.78 -8.38
C ASP A 588 -16.81 -24.37 -8.49
N SER A 589 -15.98 -23.38 -8.17
CA SER A 589 -16.37 -21.99 -8.31
C SER A 589 -16.92 -21.73 -9.71
N LEU A 590 -16.24 -22.30 -10.70
CA LEU A 590 -16.64 -22.13 -12.09
C LEU A 590 -17.92 -22.87 -12.44
N LYS A 591 -18.13 -24.03 -11.81
CA LYS A 591 -19.31 -24.84 -12.07
C LYS A 591 -20.59 -24.02 -11.99
N ARG A 592 -20.64 -23.10 -11.04
CA ARG A 592 -21.86 -22.33 -10.80
C ARG A 592 -22.27 -21.48 -12.00
N SER A 593 -21.30 -21.17 -12.87
CA SER A 593 -21.58 -20.34 -14.03
C SER A 593 -22.34 -21.10 -15.12
N LEU A 594 -22.33 -22.43 -15.02
CA LEU A 594 -23.04 -23.27 -15.98
C LEU A 594 -24.56 -23.16 -15.81
N GLY A 595 -24.97 -22.64 -14.66
CA GLY A 595 -26.38 -22.39 -14.41
C GLY A 595 -26.72 -20.94 -14.67
N GLN A 596 -25.73 -20.18 -15.13
CA GLN A 596 -25.92 -18.77 -15.46
C GLN A 596 -26.25 -18.57 -16.94
N GLN A 597 -26.20 -17.32 -17.38
CA GLN A 597 -26.62 -16.96 -18.73
C GLN A 597 -25.88 -17.78 -19.78
N ALA A 598 -26.56 -18.06 -20.89
CA ALA A 598 -25.99 -18.87 -21.95
C ALA A 598 -24.64 -18.35 -22.42
N ASP A 599 -24.54 -17.04 -22.51
CA ASP A 599 -23.33 -16.39 -22.98
C ASP A 599 -22.10 -16.83 -22.18
N ILE A 600 -22.27 -16.96 -20.87
CA ILE A 600 -21.19 -17.40 -20.00
C ILE A 600 -20.84 -18.87 -20.20
N ARG A 601 -21.87 -19.72 -20.16
CA ARG A 601 -21.67 -21.15 -20.31
C ARG A 601 -20.80 -21.43 -21.53
N LEU A 602 -21.10 -20.76 -22.63
CA LEU A 602 -20.32 -20.90 -23.86
C LEU A 602 -18.85 -20.62 -23.61
N MET A 603 -18.59 -19.54 -22.88
CA MET A 603 -17.23 -19.12 -22.56
C MET A 603 -16.53 -20.14 -21.66
N LEU A 604 -17.32 -20.80 -20.82
CA LEU A 604 -16.78 -21.79 -19.90
C LEU A 604 -16.49 -23.11 -20.64
N TYR A 605 -17.29 -23.40 -21.65
CA TYR A 605 -17.07 -24.58 -22.48
C TYR A 605 -15.76 -24.42 -23.23
N ASP A 606 -15.56 -23.25 -23.83
CA ASP A 606 -14.33 -22.96 -24.56
C ASP A 606 -13.11 -23.11 -23.66
N GLY A 607 -13.20 -22.55 -22.46
CA GLY A 607 -12.09 -22.57 -21.53
C GLY A 607 -11.71 -23.97 -21.09
N PHE A 608 -12.71 -24.76 -20.72
CA PHE A 608 -12.48 -26.12 -20.24
C PHE A 608 -11.55 -26.91 -21.14
N TYR A 609 -11.71 -26.77 -22.44
CA TYR A 609 -10.87 -27.50 -23.39
C TYR A 609 -9.43 -27.02 -23.35
N ASP A 610 -9.24 -25.71 -23.49
CA ASP A 610 -7.91 -25.12 -23.41
C ASP A 610 -7.22 -25.57 -22.13
N VAL A 611 -7.93 -25.46 -21.02
CA VAL A 611 -7.41 -25.83 -19.72
C VAL A 611 -7.03 -27.30 -19.64
N LEU A 612 -7.94 -28.15 -20.08
CA LEU A 612 -7.73 -29.61 -20.06
C LEU A 612 -6.43 -29.95 -20.79
N ARG A 613 -6.24 -29.35 -21.95
CA ARG A 613 -5.05 -29.61 -22.77
C ARG A 613 -3.77 -29.29 -22.01
N ARG A 614 -3.78 -28.20 -21.25
CA ARG A 614 -2.60 -27.81 -20.48
C ARG A 614 -2.43 -28.54 -19.15
N ASN A 615 -3.54 -28.88 -18.51
CA ASN A 615 -3.48 -29.58 -17.23
C ASN A 615 -4.14 -30.97 -17.27
N SER A 616 -3.32 -32.01 -17.12
CA SER A 616 -3.78 -33.38 -17.24
C SER A 616 -4.66 -33.80 -16.06
N GLN A 617 -4.34 -33.29 -14.88
CA GLN A 617 -5.02 -33.70 -13.64
C GLN A 617 -6.48 -33.27 -13.60
N LEU A 618 -6.83 -32.27 -14.42
CA LEU A 618 -8.17 -31.71 -14.40
C LEU A 618 -9.16 -32.51 -15.25
N ALA A 619 -8.65 -33.49 -16.00
CA ALA A 619 -9.47 -34.27 -16.91
C ALA A 619 -10.74 -34.78 -16.23
N SER A 620 -10.55 -35.38 -15.05
CA SER A 620 -11.68 -35.94 -14.31
C SER A 620 -12.66 -34.86 -13.89
N SER A 621 -12.14 -33.79 -13.28
CA SER A 621 -12.99 -32.73 -12.73
C SER A 621 -13.78 -32.00 -13.82
N ILE A 622 -13.11 -31.67 -14.91
CA ILE A 622 -13.77 -31.01 -16.02
C ILE A 622 -14.82 -31.94 -16.63
N MET A 623 -14.40 -33.16 -16.94
CA MET A 623 -15.26 -34.13 -17.58
C MET A 623 -16.52 -34.38 -16.75
N GLN A 624 -16.33 -34.57 -15.46
CA GLN A 624 -17.43 -34.76 -14.52
C GLN A 624 -18.47 -33.66 -14.73
N THR A 625 -17.99 -32.42 -14.73
CA THR A 625 -18.84 -31.24 -14.87
C THR A 625 -19.59 -31.25 -16.19
N LEU A 626 -18.85 -31.49 -17.28
CA LEU A 626 -19.46 -31.59 -18.61
C LEU A 626 -20.48 -32.72 -18.65
N PHE A 627 -20.09 -33.87 -18.11
CA PHE A 627 -20.96 -35.04 -18.10
C PHE A 627 -22.29 -34.75 -17.44
N SER A 628 -22.26 -34.31 -16.18
CA SER A 628 -23.48 -34.04 -15.44
C SER A 628 -24.31 -32.91 -16.04
N GLN A 629 -23.72 -32.16 -16.96
CA GLN A 629 -24.44 -31.11 -17.66
C GLN A 629 -25.32 -31.70 -18.76
N LEU A 630 -24.74 -32.63 -19.52
CA LEU A 630 -25.47 -33.34 -20.57
C LEU A 630 -26.62 -34.13 -19.95
N LYS A 631 -26.39 -34.69 -18.77
CA LYS A 631 -27.38 -35.50 -18.09
C LYS A 631 -28.71 -34.78 -17.96
N GLN A 632 -28.67 -33.46 -17.94
CA GLN A 632 -29.89 -32.66 -17.81
C GLN A 632 -30.67 -32.64 -19.12
N PHE A 633 -29.94 -32.61 -20.24
CA PHE A 633 -30.55 -32.48 -21.56
C PHE A 633 -30.69 -33.78 -22.36
N TYR A 634 -30.30 -34.90 -21.77
CA TYR A 634 -30.25 -36.18 -22.47
C TYR A 634 -31.28 -37.16 -21.92
N GLU A 635 -32.16 -37.67 -22.79
CA GLU A 635 -33.15 -38.67 -22.39
C GLU A 635 -32.54 -40.07 -22.39
N PRO A 636 -32.36 -40.64 -21.19
CA PRO A 636 -31.67 -41.91 -20.96
C PRO A 636 -32.49 -43.10 -21.43
N GLU A 637 -33.82 -42.96 -21.46
CA GLU A 637 -34.68 -44.04 -21.87
C GLU A 637 -34.33 -44.35 -23.32
N PRO A 638 -33.81 -45.56 -23.58
CA PRO A 638 -33.35 -45.82 -24.95
C PRO A 638 -34.49 -45.66 -25.95
N ASP A 639 -34.25 -44.87 -26.97
CA ASP A 639 -35.22 -44.61 -28.02
C ASP A 639 -36.53 -43.97 -27.57
N LEU A 640 -36.42 -42.75 -27.06
CA LEU A 640 -37.54 -41.80 -27.12
C LEU A 640 -36.99 -40.77 -28.07
N LEU A 641 -37.49 -40.76 -29.30
CA LEU A 641 -36.70 -40.30 -30.44
C LEU A 641 -36.00 -38.93 -30.38
N PRO A 642 -36.58 -37.95 -29.66
CA PRO A 642 -35.82 -36.72 -29.37
C PRO A 642 -34.75 -36.97 -28.29
N PRO A 643 -33.56 -37.45 -28.71
CA PRO A 643 -32.50 -37.95 -27.82
C PRO A 643 -31.95 -36.89 -26.88
N LEU A 644 -32.07 -35.62 -27.26
CA LEU A 644 -31.70 -34.52 -26.39
C LEU A 644 -32.94 -33.67 -26.12
N LYS A 645 -33.08 -33.18 -24.89
CA LYS A 645 -34.27 -32.41 -24.58
C LYS A 645 -33.96 -30.97 -24.93
N LEU A 646 -34.58 -30.49 -26.00
CA LEU A 646 -34.27 -29.17 -26.54
C LEU A 646 -35.22 -28.11 -26.01
N GLY A 647 -36.18 -28.54 -25.22
CA GLY A 647 -37.11 -27.62 -24.60
C GLY A 647 -36.44 -26.89 -23.46
N ALA A 648 -35.60 -27.62 -22.72
CA ALA A 648 -34.92 -27.07 -21.55
C ALA A 648 -33.82 -26.08 -21.95
N CYS A 649 -33.46 -26.06 -23.22
CA CYS A 649 -32.44 -25.15 -23.71
C CYS A 649 -32.98 -23.74 -23.83
N VAL A 650 -34.29 -23.61 -23.72
CA VAL A 650 -34.95 -22.30 -23.81
C VAL A 650 -35.58 -21.90 -22.49
N LEU A 651 -35.28 -20.67 -22.06
CA LEU A 651 -35.91 -20.12 -20.87
C LEU A 651 -36.83 -18.98 -21.28
N THR A 652 -37.93 -18.81 -20.53
CA THR A 652 -38.84 -17.71 -20.79
C THR A 652 -39.23 -17.03 -19.48
N GLN A 653 -38.92 -15.75 -19.38
CA GLN A 653 -39.38 -14.96 -18.26
C GLN A 653 -40.03 -13.66 -18.74
N GLY A 654 -41.34 -13.54 -18.54
CA GLY A 654 -42.03 -12.29 -18.81
C GLY A 654 -41.98 -11.76 -20.23
N SER A 655 -42.44 -12.56 -21.19
CA SER A 655 -42.63 -12.10 -22.58
C SER A 655 -41.38 -12.20 -23.44
N GLN A 656 -40.26 -12.58 -22.83
CA GLN A 656 -39.01 -12.71 -23.58
C GLN A 656 -38.49 -14.14 -23.52
N ILE A 657 -38.10 -14.66 -24.67
CA ILE A 657 -37.55 -16.02 -24.74
C ILE A 657 -36.07 -16.01 -25.11
N PHE A 658 -35.24 -16.42 -24.16
CA PHE A 658 -33.80 -16.48 -24.35
C PHE A 658 -33.39 -17.93 -24.43
N LEU A 659 -32.30 -18.20 -25.13
CA LEU A 659 -31.69 -19.52 -25.04
C LEU A 659 -30.67 -19.49 -23.91
N GLN A 660 -30.74 -20.49 -23.03
CA GLN A 660 -29.69 -20.72 -22.06
C GLN A 660 -29.06 -22.07 -22.42
N GLU A 661 -27.79 -22.26 -22.08
CA GLU A 661 -27.11 -23.50 -22.45
C GLU A 661 -27.09 -23.85 -23.95
N PRO A 662 -26.13 -23.26 -24.69
CA PRO A 662 -25.92 -23.58 -26.10
C PRO A 662 -25.47 -25.04 -26.23
N LEU A 663 -26.44 -25.94 -26.15
CA LEU A 663 -26.19 -27.39 -26.15
C LEU A 663 -25.20 -27.84 -27.21
N ASP A 664 -25.30 -27.28 -28.41
CA ASP A 664 -24.43 -27.69 -29.50
C ASP A 664 -22.94 -27.49 -29.19
N HIS A 665 -22.64 -26.50 -28.36
CA HIS A 665 -21.26 -26.29 -27.89
C HIS A 665 -20.90 -27.24 -26.76
N LEU A 666 -21.83 -27.46 -25.85
CA LEU A 666 -21.65 -28.44 -24.78
C LEU A 666 -21.21 -29.75 -25.42
N LEU A 667 -21.86 -30.12 -26.52
CA LEU A 667 -21.51 -31.33 -27.25
C LEU A 667 -20.14 -31.23 -27.90
N SER A 668 -19.87 -30.11 -28.58
CA SER A 668 -18.59 -29.90 -29.21
C SER A 668 -17.47 -30.03 -28.18
N CYS A 669 -17.69 -29.45 -27.01
CA CYS A 669 -16.68 -29.47 -25.96
C CYS A 669 -16.40 -30.89 -25.50
N ILE A 670 -17.45 -31.61 -25.14
CA ILE A 670 -17.32 -32.99 -24.71
C ILE A 670 -16.68 -33.83 -25.80
N GLN A 671 -16.97 -33.48 -27.05
CA GLN A 671 -16.38 -34.16 -28.19
C GLN A 671 -14.86 -33.96 -28.20
N HIS A 672 -14.45 -32.69 -28.14
CA HIS A 672 -13.04 -32.34 -28.25
C HIS A 672 -12.23 -32.80 -27.04
N CYS A 673 -12.88 -32.90 -25.88
CA CYS A 673 -12.23 -33.44 -24.69
C CYS A 673 -12.01 -34.94 -24.83
N LEU A 674 -13.08 -35.67 -25.16
CA LEU A 674 -12.99 -37.10 -25.40
C LEU A 674 -11.92 -37.39 -26.44
N ALA A 675 -12.03 -36.72 -27.58
CA ALA A 675 -11.04 -36.87 -28.65
C ALA A 675 -9.63 -36.68 -28.10
N TRP A 676 -9.48 -35.72 -27.19
CA TRP A 676 -8.19 -35.45 -26.56
C TRP A 676 -7.77 -36.57 -25.61
N TYR A 677 -8.67 -36.91 -24.68
CA TYR A 677 -8.37 -37.94 -23.69
C TYR A 677 -7.95 -39.25 -24.35
N LYS A 678 -8.67 -39.65 -25.39
CA LYS A 678 -8.31 -40.83 -26.15
C LYS A 678 -6.99 -40.59 -26.88
N SER A 679 -6.94 -39.49 -27.64
CA SER A 679 -5.73 -39.12 -28.36
C SER A 679 -4.51 -39.08 -27.45
N ARG A 680 -4.52 -38.17 -26.48
CA ARG A 680 -3.32 -37.89 -25.70
C ARG A 680 -3.05 -38.83 -24.54
N VAL A 681 -3.90 -38.81 -23.52
CA VAL A 681 -3.47 -39.40 -22.27
C VAL A 681 -3.51 -40.91 -22.41
N VAL A 682 -2.31 -41.48 -22.50
CA VAL A 682 -2.10 -42.92 -22.54
C VAL A 682 -0.75 -43.23 -21.91
N PRO A 683 -0.61 -43.00 -20.59
CA PRO A 683 0.68 -43.24 -19.95
C PRO A 683 0.72 -44.58 -19.22
N GLU A 692 -8.72 -44.32 -13.15
CA GLU A 692 -9.63 -45.37 -13.58
C GLU A 692 -11.07 -44.87 -13.72
N GLU A 693 -11.52 -44.13 -12.72
CA GLU A 693 -12.87 -43.58 -12.73
C GLU A 693 -13.06 -42.61 -13.90
N GLU A 694 -11.95 -42.25 -14.54
CA GLU A 694 -12.01 -41.47 -15.78
C GLU A 694 -12.41 -42.37 -16.94
N GLU A 695 -11.78 -43.54 -17.03
CA GLU A 695 -12.06 -44.48 -18.10
C GLU A 695 -13.53 -44.93 -18.08
N GLU A 696 -14.15 -44.82 -16.92
CA GLU A 696 -15.58 -45.07 -16.79
C GLU A 696 -16.39 -43.86 -17.25
N LEU A 697 -15.83 -42.67 -17.05
CA LEU A 697 -16.43 -41.43 -17.54
C LEU A 697 -16.39 -41.39 -19.06
N TYR A 698 -15.21 -41.65 -19.62
CA TYR A 698 -14.99 -41.49 -21.05
C TYR A 698 -15.63 -42.59 -21.89
N SER A 699 -15.97 -43.71 -21.25
CA SER A 699 -16.75 -44.74 -21.91
C SER A 699 -18.22 -44.34 -21.95
N GLU A 700 -18.74 -43.89 -20.81
CA GLU A 700 -20.15 -43.55 -20.67
C GLU A 700 -20.54 -42.35 -21.54
N LEU A 701 -19.59 -41.48 -21.79
CA LEU A 701 -19.82 -40.36 -22.70
C LEU A 701 -19.74 -40.82 -24.15
N ASP A 702 -18.80 -41.72 -24.43
CA ASP A 702 -18.72 -42.34 -25.75
C ASP A 702 -20.02 -43.10 -26.05
N ASP A 703 -20.55 -43.77 -25.04
CA ASP A 703 -21.83 -44.45 -25.17
C ASP A 703 -22.91 -43.43 -25.51
N MET A 704 -22.93 -42.32 -24.77
CA MET A 704 -23.94 -41.30 -24.94
C MET A 704 -23.89 -40.63 -26.31
N LEU A 705 -22.69 -40.35 -26.79
CA LEU A 705 -22.54 -39.70 -28.09
C LEU A 705 -23.06 -40.58 -29.22
N GLU A 706 -22.72 -41.87 -29.18
CA GLU A 706 -23.22 -42.82 -30.17
C GLU A 706 -24.74 -42.94 -30.05
N SER A 707 -25.23 -43.09 -28.83
CA SER A 707 -26.67 -43.15 -28.58
C SER A 707 -27.37 -41.96 -29.23
N ILE A 708 -26.81 -40.77 -29.01
CA ILE A 708 -27.33 -39.56 -29.61
C ILE A 708 -27.16 -39.61 -31.13
N THR A 709 -26.07 -40.19 -31.59
CA THR A 709 -25.80 -40.32 -33.01
C THR A 709 -26.94 -41.03 -33.74
N VAL A 710 -27.29 -42.23 -33.26
CA VAL A 710 -28.32 -43.04 -33.89
C VAL A 710 -29.70 -42.44 -33.70
N ARG A 711 -30.07 -42.16 -32.46
CA ARG A 711 -31.37 -41.58 -32.15
C ARG A 711 -31.59 -40.25 -32.89
N MET A 712 -30.50 -39.53 -33.15
CA MET A 712 -30.60 -38.24 -33.82
C MET A 712 -31.04 -38.37 -35.28
N ILE A 713 -30.67 -39.46 -35.93
CA ILE A 713 -31.11 -39.66 -37.29
C ILE A 713 -32.39 -40.46 -37.15
N LYS A 714 -33.52 -39.77 -37.32
CA LYS A 714 -34.85 -40.28 -36.98
C LYS A 714 -35.84 -39.14 -37.15
N ASN A 731 -39.83 -13.14 -34.12
CA ASN A 731 -41.10 -13.01 -34.83
C ASN A 731 -42.28 -13.12 -33.86
N THR A 732 -42.45 -14.31 -33.30
CA THR A 732 -43.39 -14.52 -32.20
C THR A 732 -42.90 -15.66 -31.31
N ASN A 733 -43.15 -15.53 -30.01
CA ASN A 733 -42.52 -16.40 -29.01
C ASN A 733 -42.53 -17.89 -29.35
N VAL A 734 -43.63 -18.38 -29.89
CA VAL A 734 -43.72 -19.78 -30.27
C VAL A 734 -42.65 -20.14 -31.30
N GLY A 735 -42.48 -19.28 -32.30
CA GLY A 735 -41.54 -19.52 -33.38
C GLY A 735 -40.11 -19.10 -33.07
N ILE A 736 -39.95 -18.06 -32.25
CA ILE A 736 -38.62 -17.60 -31.88
C ILE A 736 -37.86 -18.74 -31.22
N LYS A 737 -38.57 -19.51 -30.42
CA LYS A 737 -38.01 -20.68 -29.76
C LYS A 737 -37.61 -21.73 -30.79
N ASN A 738 -38.49 -21.95 -31.77
CA ASN A 738 -38.26 -22.96 -32.79
C ASN A 738 -37.02 -22.68 -33.63
N ASN A 739 -36.85 -21.42 -34.04
CA ASN A 739 -35.69 -21.06 -34.86
C ASN A 739 -34.40 -21.37 -34.12
N ILE A 740 -34.36 -21.05 -32.82
CA ILE A 740 -33.21 -21.38 -31.99
C ILE A 740 -32.94 -22.88 -32.05
N CYS A 741 -33.96 -23.66 -31.71
CA CYS A 741 -33.84 -25.11 -31.72
C CYS A 741 -33.34 -25.62 -33.06
N ALA A 742 -33.82 -25.01 -34.15
CA ALA A 742 -33.39 -25.37 -35.49
C ALA A 742 -31.86 -25.35 -35.60
N CYS A 743 -31.27 -24.17 -35.45
CA CYS A 743 -29.83 -24.03 -35.56
C CYS A 743 -29.09 -24.65 -34.37
N LEU A 744 -29.83 -24.98 -33.31
CA LEU A 744 -29.27 -25.76 -32.22
C LEU A 744 -28.93 -27.15 -32.77
N ILE A 745 -29.93 -27.78 -33.37
CA ILE A 745 -29.77 -29.09 -33.98
C ILE A 745 -28.74 -29.02 -35.09
N MET A 746 -28.89 -28.04 -35.97
CA MET A 746 -27.96 -27.85 -37.07
C MET A 746 -26.54 -27.91 -36.54
N GLY A 747 -26.31 -27.27 -35.39
CA GLY A 747 -25.04 -27.34 -34.71
C GLY A 747 -24.78 -28.73 -34.15
N VAL A 748 -25.74 -29.25 -33.39
CA VAL A 748 -25.61 -30.57 -32.78
C VAL A 748 -25.22 -31.62 -33.82
N CYS A 749 -25.86 -31.58 -34.98
CA CYS A 749 -25.53 -32.49 -36.07
C CYS A 749 -24.13 -32.19 -36.60
N GLU A 750 -23.83 -30.91 -36.73
CA GLU A 750 -22.52 -30.48 -37.21
C GLU A 750 -21.44 -30.95 -36.24
N VAL A 751 -21.78 -31.01 -34.96
CA VAL A 751 -20.87 -31.51 -33.95
C VAL A 751 -20.72 -33.03 -34.01
N LEU A 752 -21.86 -33.71 -34.09
CA LEU A 752 -21.87 -35.18 -34.18
C LEU A 752 -21.15 -35.65 -35.44
N MET A 753 -21.22 -34.84 -36.49
CA MET A 753 -20.46 -35.12 -37.71
C MET A 753 -18.97 -35.15 -37.36
N GLU A 754 -18.50 -34.07 -36.75
CA GLU A 754 -17.10 -33.97 -36.35
C GLU A 754 -16.67 -35.15 -35.48
N TYR A 755 -17.54 -35.54 -34.55
CA TYR A 755 -17.23 -36.60 -33.61
C TYR A 755 -17.11 -37.97 -34.26
N ASN A 756 -18.13 -38.36 -35.03
CA ASN A 756 -18.14 -39.67 -35.67
C ASN A 756 -17.04 -39.86 -36.71
N PHE A 757 -16.59 -38.75 -37.30
CA PHE A 757 -15.40 -38.80 -38.13
C PHE A 757 -14.18 -39.20 -37.30
N SER A 758 -13.81 -38.33 -36.38
CA SER A 758 -12.63 -38.55 -35.54
C SER A 758 -12.73 -39.80 -34.67
N ILE A 759 -13.95 -40.28 -34.44
CA ILE A 759 -14.12 -41.57 -33.78
C ILE A 759 -13.29 -42.59 -34.53
N SER A 760 -13.68 -42.85 -35.78
CA SER A 760 -12.91 -43.72 -36.65
C SER A 760 -12.94 -43.16 -38.06
N ASN A 761 -11.76 -43.05 -38.67
CA ASN A 761 -11.61 -42.49 -40.00
C ASN A 761 -11.77 -43.60 -41.05
N PHE A 762 -12.15 -44.78 -40.57
CA PHE A 762 -12.12 -46.01 -41.35
C PHE A 762 -13.44 -46.38 -42.02
N SER A 763 -14.41 -46.80 -41.21
CA SER A 763 -15.58 -47.54 -41.69
C SER A 763 -16.48 -46.80 -42.69
N LYS A 764 -17.12 -47.57 -43.56
CA LYS A 764 -18.14 -47.06 -44.46
C LYS A 764 -19.42 -46.84 -43.68
N SER A 765 -19.55 -47.56 -42.57
CA SER A 765 -20.77 -47.57 -41.78
C SER A 765 -21.01 -46.25 -41.05
N LYS A 766 -19.92 -45.62 -40.59
CA LYS A 766 -20.03 -44.34 -39.90
C LYS A 766 -20.20 -43.17 -40.86
N PHE A 767 -19.50 -43.22 -41.98
CA PHE A 767 -19.64 -42.20 -43.02
C PHE A 767 -21.08 -42.18 -43.52
N GLU A 768 -21.74 -43.33 -43.46
CA GLU A 768 -23.16 -43.43 -43.77
C GLU A 768 -23.94 -42.57 -42.79
N GLU A 769 -23.50 -42.57 -41.54
CA GLU A 769 -24.09 -41.73 -40.49
C GLU A 769 -23.73 -40.27 -40.70
N ILE A 770 -22.45 -40.03 -40.99
CA ILE A 770 -21.95 -38.68 -41.22
C ILE A 770 -22.78 -37.99 -42.29
N LEU A 771 -23.08 -38.71 -43.37
CA LEU A 771 -23.92 -38.18 -44.44
C LEU A 771 -25.33 -37.94 -43.91
N SER A 772 -25.86 -38.94 -43.21
CA SER A 772 -27.20 -38.84 -42.63
C SER A 772 -27.27 -37.71 -41.61
N LEU A 773 -26.16 -37.42 -40.96
CA LEU A 773 -26.09 -36.31 -40.02
C LEU A 773 -26.12 -34.99 -40.78
N PHE A 774 -25.46 -34.95 -41.94
CA PHE A 774 -25.54 -33.78 -42.80
C PHE A 774 -26.93 -33.66 -43.40
N THR A 775 -27.55 -34.80 -43.68
CA THR A 775 -28.89 -34.83 -44.23
C THR A 775 -29.88 -34.21 -43.26
N CYS A 776 -29.59 -34.34 -41.97
CA CYS A 776 -30.41 -33.69 -40.95
C CYS A 776 -30.07 -32.20 -40.87
N TYR A 777 -28.79 -31.89 -40.95
CA TYR A 777 -28.34 -30.50 -40.94
C TYR A 777 -28.89 -29.72 -42.13
N LYS A 778 -28.61 -30.22 -43.33
CA LYS A 778 -29.13 -29.61 -44.55
C LYS A 778 -30.64 -29.48 -44.47
N LYS A 779 -31.28 -30.51 -43.92
CA LYS A 779 -32.74 -30.54 -43.79
C LYS A 779 -33.26 -29.25 -43.16
N PHE A 780 -32.68 -28.86 -42.04
CA PHE A 780 -33.10 -27.65 -41.34
C PHE A 780 -32.53 -26.40 -42.00
N SER A 781 -31.36 -26.53 -42.60
CA SER A 781 -30.71 -25.41 -43.26
C SER A 781 -31.54 -24.93 -44.46
N ASP A 782 -32.24 -25.87 -45.09
CA ASP A 782 -33.16 -25.54 -46.16
C ASP A 782 -34.45 -24.96 -45.58
N ILE A 783 -34.85 -25.49 -44.43
CA ILE A 783 -36.08 -25.07 -43.75
C ILE A 783 -36.04 -23.59 -43.34
N LEU A 784 -34.83 -23.02 -43.32
CA LEU A 784 -34.67 -21.60 -43.02
C LEU A 784 -34.29 -20.82 -44.27
N LYS A 798 -26.52 -18.31 -40.13
CA LYS A 798 -25.98 -19.49 -40.81
C LYS A 798 -24.50 -19.34 -41.14
N VAL A 799 -23.92 -18.18 -40.82
CA VAL A 799 -22.59 -17.86 -41.34
C VAL A 799 -21.44 -18.38 -40.48
N SER A 800 -21.16 -17.75 -39.36
CA SER A 800 -20.01 -18.15 -38.54
C SER A 800 -20.43 -19.34 -37.70
N ASP A 801 -21.66 -19.76 -37.92
CA ASP A 801 -22.32 -20.80 -37.14
C ASP A 801 -21.69 -22.19 -37.26
N SER A 802 -20.76 -22.35 -38.20
CA SER A 802 -20.12 -23.65 -38.36
C SER A 802 -19.50 -24.08 -37.03
N LEU A 803 -19.92 -25.24 -36.53
CA LEU A 803 -19.45 -25.72 -35.24
C LEU A 803 -18.26 -26.65 -35.39
N LEU A 804 -17.90 -26.92 -36.64
CA LEU A 804 -16.74 -27.75 -36.93
C LEU A 804 -15.48 -26.98 -36.52
N SER A 805 -14.64 -27.60 -35.71
CA SER A 805 -13.36 -27.00 -35.37
C SER A 805 -12.58 -26.86 -36.67
N LEU A 806 -11.72 -25.86 -36.75
CA LEU A 806 -11.02 -25.58 -38.01
C LEU A 806 -10.02 -26.68 -38.35
N LYS A 807 -9.43 -27.29 -37.33
CA LYS A 807 -8.49 -28.39 -37.55
C LYS A 807 -9.19 -29.51 -38.29
N PHE A 808 -10.46 -29.73 -37.95
CA PHE A 808 -11.28 -30.75 -38.60
C PHE A 808 -11.60 -30.35 -40.03
N VAL A 809 -12.01 -29.10 -40.22
CA VAL A 809 -12.32 -28.58 -41.54
C VAL A 809 -11.10 -28.68 -42.46
N SER A 810 -9.92 -28.71 -41.85
CA SER A 810 -8.69 -28.93 -42.58
C SER A 810 -8.56 -30.40 -42.92
N ASP A 811 -8.48 -31.23 -41.89
CA ASP A 811 -8.27 -32.66 -42.05
C ASP A 811 -9.17 -33.31 -43.08
N LEU A 812 -10.48 -33.06 -42.99
CA LEU A 812 -11.43 -33.73 -43.87
C LEU A 812 -11.33 -33.22 -45.32
N LEU A 813 -11.06 -31.93 -45.48
CA LEU A 813 -10.85 -31.39 -46.82
C LEU A 813 -9.54 -31.92 -47.42
N THR A 814 -8.59 -32.23 -46.55
CA THR A 814 -7.36 -32.88 -46.97
C THR A 814 -7.63 -34.36 -47.20
N ALA A 815 -8.59 -34.90 -46.45
CA ALA A 815 -8.94 -36.30 -46.54
C ALA A 815 -9.82 -36.58 -47.76
N LEU A 816 -10.72 -35.65 -48.08
CA LEU A 816 -11.63 -35.82 -49.21
C LEU A 816 -10.91 -35.72 -50.55
N PHE A 817 -10.19 -34.63 -50.75
CA PHE A 817 -9.55 -34.35 -52.03
C PHE A 817 -8.23 -35.10 -52.21
N ARG A 818 -7.24 -34.77 -51.37
CA ARG A 818 -5.92 -35.36 -51.49
C ARG A 818 -5.86 -36.83 -51.07
N ASP A 819 -6.67 -37.22 -50.09
CA ASP A 819 -6.55 -38.57 -49.54
C ASP A 819 -7.41 -39.58 -50.29
N SER A 820 -6.70 -40.47 -50.96
CA SER A 820 -7.25 -41.58 -51.74
C SER A 820 -6.51 -42.83 -51.30
N ILE A 821 -5.19 -42.73 -51.30
CA ILE A 821 -4.29 -43.85 -51.08
C ILE A 821 -4.74 -44.75 -49.93
N GLN A 822 -5.50 -44.19 -49.00
CA GLN A 822 -6.10 -45.00 -47.95
C GLN A 822 -7.08 -46.02 -48.54
N SER A 823 -7.24 -47.15 -47.85
CA SER A 823 -7.95 -48.30 -48.39
C SER A 823 -9.34 -48.00 -48.95
N HIS A 824 -10.05 -47.06 -48.35
CA HIS A 824 -11.47 -46.85 -48.69
C HIS A 824 -11.73 -45.75 -49.72
N GLU A 825 -12.27 -46.14 -50.86
CA GLU A 825 -12.81 -45.19 -51.82
C GLU A 825 -14.26 -44.92 -51.43
N GLU A 826 -14.80 -45.78 -50.58
CA GLU A 826 -16.18 -45.63 -50.10
C GLU A 826 -16.26 -44.48 -49.10
N SER A 827 -15.14 -44.20 -48.44
CA SER A 827 -15.05 -43.02 -47.59
C SER A 827 -15.44 -41.81 -48.43
N LEU A 828 -14.63 -41.52 -49.45
CA LEU A 828 -14.90 -40.42 -50.36
C LEU A 828 -16.27 -40.55 -51.02
N SER A 829 -16.57 -41.74 -51.52
CA SER A 829 -17.78 -41.97 -52.32
C SER A 829 -19.07 -41.73 -51.54
N VAL A 830 -19.13 -42.21 -50.30
CA VAL A 830 -20.30 -41.98 -49.46
C VAL A 830 -20.56 -40.49 -49.36
N LEU A 831 -19.50 -39.70 -49.57
CA LEU A 831 -19.55 -38.25 -49.46
C LEU A 831 -19.64 -37.59 -50.83
N ARG A 832 -18.64 -37.82 -51.69
CA ARG A 832 -18.63 -37.24 -53.03
C ARG A 832 -19.96 -37.43 -53.74
N SER A 833 -20.60 -38.58 -53.51
CA SER A 833 -21.83 -38.92 -54.21
C SER A 833 -23.03 -38.08 -53.77
N SER A 834 -23.01 -37.59 -52.54
CA SER A 834 -24.04 -36.66 -52.09
C SER A 834 -23.85 -35.33 -52.80
N GLY A 835 -22.64 -34.81 -52.72
CA GLY A 835 -22.19 -33.71 -53.55
C GLY A 835 -22.63 -32.34 -53.07
N GLU A 836 -23.71 -32.29 -52.29
CA GLU A 836 -24.08 -31.07 -51.58
C GLU A 836 -23.25 -31.01 -50.31
N PHE A 837 -23.02 -32.18 -49.72
CA PHE A 837 -22.09 -32.32 -48.61
C PHE A 837 -20.70 -31.95 -49.11
N MET A 838 -20.43 -32.28 -50.37
CA MET A 838 -19.14 -31.98 -50.97
C MET A 838 -18.81 -30.48 -50.94
N HIS A 839 -19.70 -29.66 -51.47
CA HIS A 839 -19.46 -28.21 -51.43
C HIS A 839 -19.97 -27.54 -50.16
N TYR A 840 -20.63 -28.30 -49.30
CA TYR A 840 -20.93 -27.80 -47.96
C TYR A 840 -19.64 -27.82 -47.14
N ALA A 841 -18.87 -28.89 -47.30
CA ALA A 841 -17.60 -29.02 -46.60
C ALA A 841 -16.56 -28.04 -47.12
N VAL A 842 -16.72 -27.62 -48.38
CA VAL A 842 -15.88 -26.59 -48.95
C VAL A 842 -16.46 -25.21 -48.62
N ASN A 843 -17.74 -25.19 -48.23
CA ASN A 843 -18.39 -23.95 -47.86
C ASN A 843 -18.04 -23.51 -46.44
N VAL A 844 -17.87 -24.48 -45.55
CA VAL A 844 -17.45 -24.17 -44.19
C VAL A 844 -16.06 -23.54 -44.21
N THR A 845 -15.13 -24.21 -44.89
CA THR A 845 -13.75 -23.73 -45.00
C THR A 845 -13.69 -22.34 -45.62
N LEU A 846 -14.31 -22.18 -46.78
CA LEU A 846 -14.35 -20.89 -47.47
C LEU A 846 -15.02 -19.84 -46.59
N GLN A 847 -15.99 -20.28 -45.80
CA GLN A 847 -16.77 -19.40 -44.95
C GLN A 847 -16.05 -19.02 -43.65
N LYS A 848 -15.20 -19.92 -43.16
CA LYS A 848 -14.41 -19.65 -41.96
C LYS A 848 -13.20 -18.76 -42.26
N ILE A 849 -12.59 -18.97 -43.42
CA ILE A 849 -11.50 -18.12 -43.86
C ILE A 849 -12.00 -16.69 -43.98
N GLN A 850 -13.22 -16.54 -44.49
CA GLN A 850 -13.85 -15.23 -44.60
C GLN A 850 -14.12 -14.64 -43.23
N GLN A 851 -14.68 -15.45 -42.34
CA GLN A 851 -14.93 -15.02 -40.98
C GLN A 851 -13.61 -14.73 -40.28
N LEU A 852 -12.53 -15.26 -40.84
CA LEU A 852 -11.20 -15.06 -40.29
C LEU A 852 -10.65 -13.69 -40.69
N ILE A 853 -11.21 -13.10 -41.75
CA ILE A 853 -10.85 -11.73 -42.10
C ILE A 853 -11.79 -10.68 -41.49
N ARG A 854 -12.96 -11.12 -40.99
CA ARG A 854 -13.87 -10.19 -40.33
C ARG A 854 -13.35 -9.88 -38.94
N THR A 855 -13.05 -10.95 -38.21
CA THR A 855 -12.37 -10.86 -36.93
C THR A 855 -11.08 -11.64 -37.08
N GLY A 856 -10.31 -11.76 -36.00
CA GLY A 856 -9.10 -12.56 -36.05
C GLY A 856 -9.40 -14.00 -35.65
N HIS A 857 -10.60 -14.22 -35.12
CA HIS A 857 -10.93 -15.48 -34.49
C HIS A 857 -11.60 -16.49 -35.43
N VAL A 858 -11.86 -17.67 -34.87
CA VAL A 858 -12.64 -18.72 -35.53
C VAL A 858 -13.30 -19.53 -34.43
N SER A 859 -14.43 -20.17 -34.76
CA SER A 859 -15.33 -20.74 -33.76
C SER A 859 -14.65 -21.54 -32.65
N GLY A 860 -14.10 -22.70 -32.99
CA GLY A 860 -13.69 -23.67 -31.99
C GLY A 860 -12.26 -23.61 -31.48
N PRO A 861 -11.78 -24.73 -30.91
CA PRO A 861 -10.48 -24.92 -30.26
C PRO A 861 -9.30 -24.49 -31.14
N ASP A 862 -8.29 -23.89 -30.53
CA ASP A 862 -7.16 -23.32 -31.26
C ASP A 862 -7.66 -22.33 -32.29
N GLY A 863 -8.82 -21.73 -32.01
CA GLY A 863 -9.44 -20.79 -32.91
C GLY A 863 -8.69 -19.47 -32.97
N GLN A 864 -8.20 -19.01 -31.82
CA GLN A 864 -7.40 -17.79 -31.77
C GLN A 864 -5.89 -18.02 -31.72
N ASN A 865 -5.45 -19.27 -31.80
CA ASN A 865 -4.02 -19.56 -31.78
C ASN A 865 -3.43 -19.32 -33.16
N PRO A 866 -2.62 -18.26 -33.29
CA PRO A 866 -2.12 -17.79 -34.59
C PRO A 866 -1.16 -18.76 -35.26
N ASP A 867 -0.51 -19.62 -34.48
CA ASP A 867 0.35 -20.64 -35.04
C ASP A 867 -0.47 -21.82 -35.57
N LYS A 868 -1.48 -22.22 -34.79
CA LYS A 868 -2.38 -23.29 -35.18
C LYS A 868 -3.25 -22.84 -36.35
N ILE A 869 -3.50 -21.54 -36.43
CA ILE A 869 -4.29 -20.97 -37.53
C ILE A 869 -3.47 -20.93 -38.81
N PHE A 870 -2.22 -20.50 -38.70
CA PHE A 870 -1.33 -20.46 -39.86
C PHE A 870 -1.15 -21.88 -40.41
N GLN A 871 -0.89 -22.83 -39.52
CA GLN A 871 -0.77 -24.22 -39.90
C GLN A 871 -1.99 -24.68 -40.67
N ASN A 872 -3.17 -24.49 -40.07
CA ASN A 872 -4.42 -24.89 -40.70
C ASN A 872 -4.67 -24.19 -42.03
N LEU A 873 -4.11 -22.99 -42.17
CA LEU A 873 -4.21 -22.25 -43.42
C LEU A 873 -3.35 -22.90 -44.49
N CYS A 874 -2.10 -23.23 -44.14
CA CYS A 874 -1.22 -23.94 -45.06
C CYS A 874 -1.84 -25.25 -45.49
N ASP A 875 -2.32 -26.02 -44.51
CA ASP A 875 -2.98 -27.29 -44.77
C ASP A 875 -4.10 -27.13 -45.79
N ILE A 876 -5.02 -26.22 -45.51
CA ILE A 876 -6.20 -26.03 -46.36
C ILE A 876 -5.87 -25.49 -47.76
N THR A 877 -4.92 -24.55 -47.82
CA THR A 877 -4.56 -23.92 -49.09
C THR A 877 -4.14 -24.92 -50.16
N ARG A 878 -3.02 -25.60 -49.91
CA ARG A 878 -2.46 -26.53 -50.89
C ARG A 878 -3.44 -27.64 -51.28
N VAL A 879 -4.43 -27.88 -50.43
CA VAL A 879 -5.47 -28.86 -50.74
C VAL A 879 -6.48 -28.28 -51.72
N LEU A 880 -6.76 -26.99 -51.58
CA LEU A 880 -7.62 -26.28 -52.52
C LEU A 880 -6.89 -26.07 -53.84
N LEU A 881 -5.56 -26.05 -53.77
CA LEU A 881 -4.73 -25.92 -54.95
C LEU A 881 -4.70 -27.22 -55.75
N TRP A 882 -4.71 -28.34 -55.04
CA TRP A 882 -4.75 -29.65 -55.69
C TRP A 882 -6.06 -29.82 -56.45
N ARG A 883 -7.15 -29.33 -55.88
CA ARG A 883 -8.45 -29.44 -56.52
C ARG A 883 -8.59 -28.45 -57.68
N TYR A 884 -7.93 -27.30 -57.55
CA TYR A 884 -7.99 -26.32 -58.63
C TYR A 884 -7.03 -26.66 -59.78
N THR A 885 -6.03 -27.48 -59.49
CA THR A 885 -5.23 -28.05 -60.57
C THR A 885 -5.73 -29.47 -60.78
N SER A 886 -6.47 -29.66 -61.87
CA SER A 886 -7.26 -30.87 -62.07
C SER A 886 -8.28 -30.65 -63.16
N SER A 902 -20.18 -26.18 -59.60
CA SER A 902 -18.86 -26.80 -59.68
C SER A 902 -18.03 -26.47 -58.45
N ILE A 903 -17.48 -27.51 -57.82
CA ILE A 903 -16.67 -27.34 -56.62
C ILE A 903 -15.33 -26.66 -56.92
N SER A 904 -14.75 -26.98 -58.07
CA SER A 904 -13.45 -26.41 -58.44
C SER A 904 -13.49 -24.89 -58.53
N LEU A 905 -14.68 -24.32 -58.64
CA LEU A 905 -14.83 -22.87 -58.64
C LEU A 905 -14.72 -22.32 -57.23
N LEU A 906 -15.40 -22.98 -56.28
CA LEU A 906 -15.32 -22.59 -54.88
C LEU A 906 -13.88 -22.58 -54.40
N CYS A 907 -13.16 -23.67 -54.68
CA CYS A 907 -11.78 -23.80 -54.26
C CYS A 907 -10.98 -22.54 -54.60
N LEU A 908 -11.16 -22.03 -55.81
CA LEU A 908 -10.49 -20.81 -56.22
C LEU A 908 -10.92 -19.66 -55.33
N GLU A 909 -12.23 -19.53 -55.12
CA GLU A 909 -12.76 -18.47 -54.27
C GLU A 909 -12.22 -18.56 -52.86
N GLY A 910 -12.17 -19.78 -52.33
CA GLY A 910 -11.58 -20.02 -51.02
C GLY A 910 -10.08 -19.82 -51.09
N LEU A 911 -9.47 -20.34 -52.15
CA LEU A 911 -8.05 -20.18 -52.37
C LEU A 911 -7.69 -18.70 -52.41
N GLN A 912 -8.59 -17.90 -52.95
CA GLN A 912 -8.37 -16.46 -53.06
C GLN A 912 -8.35 -15.81 -51.67
N LYS A 913 -9.37 -16.11 -50.87
CA LYS A 913 -9.47 -15.56 -49.52
C LYS A 913 -8.28 -15.97 -48.66
N THR A 914 -7.77 -17.17 -48.89
CA THR A 914 -6.59 -17.64 -48.17
C THR A 914 -5.42 -16.67 -48.36
N PHE A 915 -4.96 -16.55 -49.61
CA PHE A 915 -3.84 -15.69 -49.94
C PHE A 915 -3.97 -14.29 -49.34
N SER A 916 -5.13 -13.68 -49.53
CA SER A 916 -5.37 -12.33 -49.04
C SER A 916 -5.21 -12.25 -47.52
N VAL A 917 -5.62 -13.29 -46.81
CA VAL A 917 -5.47 -13.35 -45.36
C VAL A 917 -4.01 -13.48 -44.97
N VAL A 918 -3.34 -14.47 -45.54
CA VAL A 918 -1.94 -14.76 -45.24
C VAL A 918 -1.06 -13.51 -45.39
N LEU A 919 -1.39 -12.68 -46.38
CA LEU A 919 -0.58 -11.51 -46.71
C LEU A 919 -0.81 -10.31 -45.80
N GLN A 920 -2.08 -10.04 -45.49
CA GLN A 920 -2.44 -8.85 -44.69
C GLN A 920 -2.59 -9.12 -43.19
N PHE A 921 -2.26 -10.33 -42.77
CA PHE A 921 -2.26 -10.70 -41.36
C PHE A 921 -0.90 -11.32 -41.01
N TYR A 922 -0.61 -12.43 -41.68
CA TYR A 922 0.53 -13.30 -41.38
C TYR A 922 1.83 -12.93 -42.10
N GLN A 923 1.89 -11.72 -42.66
CA GLN A 923 2.90 -11.32 -43.63
C GLN A 923 4.31 -11.87 -43.38
N PRO A 924 4.86 -11.72 -42.16
CA PRO A 924 6.21 -12.25 -41.95
C PRO A 924 6.31 -13.75 -42.20
N LYS A 925 5.18 -14.44 -42.15
CA LYS A 925 5.15 -15.89 -42.35
C LYS A 925 4.98 -16.24 -43.84
N VAL A 926 4.96 -15.21 -44.68
CA VAL A 926 4.77 -15.39 -46.12
C VAL A 926 5.71 -16.43 -46.71
N GLN A 927 6.97 -16.40 -46.29
CA GLN A 927 7.97 -17.33 -46.79
C GLN A 927 7.59 -18.76 -46.41
N GLN A 928 7.23 -18.95 -45.14
CA GLN A 928 6.80 -20.25 -44.65
C GLN A 928 5.60 -20.74 -45.45
N PHE A 929 4.61 -19.87 -45.59
CA PHE A 929 3.35 -20.21 -46.26
C PHE A 929 3.56 -20.80 -47.65
N LEU A 930 4.31 -20.09 -48.48
CA LEU A 930 4.52 -20.50 -49.87
C LEU A 930 5.25 -21.85 -49.96
N GLN A 931 6.08 -22.14 -48.97
CA GLN A 931 6.82 -23.41 -48.95
C GLN A 931 5.88 -24.60 -48.78
N ALA A 932 4.86 -24.43 -47.94
CA ALA A 932 3.91 -25.50 -47.68
C ALA A 932 3.14 -25.88 -48.94
N LEU A 933 3.19 -25.01 -49.95
CA LEU A 933 2.41 -25.21 -51.17
C LEU A 933 3.15 -26.04 -52.22
N ASP A 934 4.43 -26.28 -52.01
CA ASP A 934 5.23 -27.06 -52.94
C ASP A 934 5.22 -28.54 -52.59
N VAL A 945 14.20 -13.16 -52.87
CA VAL A 945 14.48 -13.81 -54.14
C VAL A 945 13.82 -15.18 -54.23
N THR A 946 13.94 -15.96 -53.15
CA THR A 946 13.24 -17.23 -53.08
C THR A 946 11.78 -16.97 -52.70
N VAL A 947 11.55 -15.89 -51.96
CA VAL A 947 10.20 -15.45 -51.63
C VAL A 947 9.53 -14.94 -52.91
N THR A 948 10.28 -14.14 -53.66
CA THR A 948 9.81 -13.64 -54.95
C THR A 948 9.73 -14.79 -55.94
N GLN A 949 10.51 -15.85 -55.68
CA GLN A 949 10.51 -17.03 -56.51
C GLN A 949 9.21 -17.81 -56.35
N ARG A 950 8.85 -18.08 -55.10
CA ARG A 950 7.62 -18.81 -54.80
C ARG A 950 6.42 -18.08 -55.40
N ALA A 951 6.46 -16.75 -55.32
CA ALA A 951 5.37 -15.93 -55.83
C ALA A 951 5.17 -16.12 -57.33
N SER A 952 6.23 -15.90 -58.10
CA SER A 952 6.16 -16.01 -59.55
C SER A 952 5.89 -17.45 -60.00
N PHE A 953 6.14 -18.41 -59.11
CA PHE A 953 5.85 -19.80 -59.40
C PHE A 953 4.34 -20.04 -59.35
N GLN A 954 3.71 -19.55 -58.29
CA GLN A 954 2.27 -19.67 -58.13
C GLN A 954 1.54 -18.80 -59.14
N ILE A 955 2.10 -17.61 -59.38
CA ILE A 955 1.55 -16.69 -60.38
C ILE A 955 1.47 -17.37 -61.75
N ARG A 956 2.55 -18.04 -62.12
CA ARG A 956 2.61 -18.75 -63.39
C ARG A 956 1.46 -19.75 -63.53
N GLN A 957 1.23 -20.54 -62.49
CA GLN A 957 0.19 -21.55 -62.51
C GLN A 957 -1.20 -20.94 -62.69
N PHE A 958 -1.41 -19.78 -62.08
CA PHE A 958 -2.69 -19.08 -62.19
C PHE A 958 -2.85 -18.33 -63.51
N GLN A 959 -1.83 -17.56 -63.88
CA GLN A 959 -1.89 -16.75 -65.11
C GLN A 959 -2.04 -17.67 -66.33
N ARG A 960 -1.66 -18.93 -66.15
CA ARG A 960 -1.76 -19.93 -67.20
C ARG A 960 -3.19 -20.46 -67.31
N SER A 961 -3.89 -20.53 -66.18
CA SER A 961 -5.27 -21.04 -66.18
C SER A 961 -6.28 -19.92 -66.40
N LEU A 962 -5.82 -18.67 -66.34
CA LEU A 962 -6.62 -17.53 -66.78
C LEU A 962 -6.56 -17.46 -68.30
N LEU A 963 -5.36 -17.58 -68.82
CA LEU A 963 -5.12 -17.59 -70.26
C LEU A 963 -5.90 -18.74 -70.88
N ASN A 964 -5.87 -19.88 -70.20
CA ASN A 964 -6.59 -21.08 -70.63
C ASN A 964 -8.09 -20.83 -70.68
N LEU A 965 -8.60 -20.08 -69.71
CA LEU A 965 -10.01 -19.75 -69.66
C LEU A 965 -10.36 -18.84 -70.84
N LEU A 966 -9.42 -17.98 -71.21
CA LEU A 966 -9.61 -17.05 -72.33
C LEU A 966 -9.37 -17.66 -73.71
N SER A 967 -8.31 -18.46 -73.84
CA SER A 967 -7.93 -19.01 -75.14
C SER A 967 -8.97 -19.96 -75.71
N SER A 968 -9.48 -20.85 -74.85
CA SER A 968 -10.51 -21.81 -75.24
C SER A 968 -11.91 -21.29 -74.93
N GLU A 969 -11.99 -20.03 -74.49
CA GLU A 969 -13.24 -19.45 -74.01
C GLU A 969 -14.39 -19.67 -74.99
N GLU A 970 -15.52 -20.16 -74.47
CA GLU A 970 -16.69 -20.44 -75.29
C GLU A 970 -17.81 -19.44 -75.02
N ASP A 971 -18.06 -18.56 -76.00
CA ASP A 971 -19.15 -17.60 -75.89
C ASP A 971 -19.14 -16.91 -74.54
N ASP A 972 -20.25 -17.04 -73.81
CA ASP A 972 -20.33 -16.56 -72.44
C ASP A 972 -19.85 -17.67 -71.51
N PHE A 973 -18.83 -17.39 -70.70
CA PHE A 973 -18.31 -18.44 -69.81
C PHE A 973 -18.37 -18.06 -68.33
N ASN A 974 -17.39 -17.28 -67.87
CA ASN A 974 -17.36 -16.83 -66.48
C ASN A 974 -16.88 -15.39 -66.32
N SER A 975 -17.74 -14.52 -65.80
CA SER A 975 -17.27 -13.23 -65.33
C SER A 975 -16.78 -13.38 -63.90
N LYS A 976 -17.26 -14.42 -63.22
CA LYS A 976 -16.93 -14.66 -61.82
C LYS A 976 -15.59 -15.34 -61.58
N GLU A 977 -15.26 -16.34 -62.40
CA GLU A 977 -13.98 -17.03 -62.24
C GLU A 977 -12.83 -16.18 -62.78
N ALA A 978 -13.10 -15.44 -63.84
CA ALA A 978 -12.09 -14.57 -64.42
C ALA A 978 -11.78 -13.42 -63.46
N LEU A 979 -12.79 -12.98 -62.74
CA LEU A 979 -12.64 -11.90 -61.76
C LEU A 979 -11.69 -12.27 -60.62
N LEU A 980 -12.00 -13.34 -59.91
CA LEU A 980 -11.25 -13.71 -58.71
C LEU A 980 -9.96 -14.45 -59.04
N LEU A 981 -9.79 -14.85 -60.30
CA LEU A 981 -8.54 -15.44 -60.75
C LEU A 981 -7.51 -14.32 -60.90
N ILE A 982 -8.00 -13.15 -61.28
CA ILE A 982 -7.16 -11.96 -61.36
C ILE A 982 -6.84 -11.47 -59.96
N ALA A 983 -7.79 -11.63 -59.04
CA ALA A 983 -7.62 -11.20 -57.66
C ALA A 983 -6.47 -11.97 -56.99
N VAL A 984 -6.37 -13.26 -57.29
CA VAL A 984 -5.29 -14.08 -56.76
C VAL A 984 -3.94 -13.58 -57.26
N LEU A 985 -3.90 -13.21 -58.53
CA LEU A 985 -2.68 -12.70 -59.14
C LEU A 985 -2.28 -11.36 -58.53
N SER A 986 -3.25 -10.46 -58.40
CA SER A 986 -3.00 -9.14 -57.83
C SER A 986 -2.52 -9.24 -56.38
N THR A 987 -3.07 -10.21 -55.65
CA THR A 987 -2.65 -10.45 -54.27
C THR A 987 -1.21 -10.96 -54.25
N LEU A 988 -0.91 -11.91 -55.12
CA LEU A 988 0.42 -12.51 -55.19
C LEU A 988 1.48 -11.54 -55.71
N SER A 989 1.09 -10.75 -56.70
CA SER A 989 2.03 -9.84 -57.35
C SER A 989 2.60 -8.80 -56.38
N ARG A 990 1.98 -8.67 -55.22
CA ARG A 990 2.45 -7.73 -54.21
C ARG A 990 3.65 -8.28 -53.45
N LEU A 991 3.88 -9.58 -53.59
CA LEU A 991 5.05 -10.23 -52.99
C LEU A 991 6.28 -10.05 -53.87
N LEU A 992 6.05 -9.74 -55.15
CA LEU A 992 7.14 -9.57 -56.11
C LEU A 992 7.92 -8.29 -55.84
N GLU A 993 9.23 -8.42 -55.68
CA GLU A 993 10.08 -7.25 -55.50
C GLU A 993 9.90 -6.31 -56.69
N PRO A 994 9.80 -5.00 -56.42
CA PRO A 994 9.54 -4.06 -57.50
C PRO A 994 10.66 -4.03 -58.54
N THR A 995 11.86 -4.48 -58.17
CA THR A 995 12.92 -4.50 -59.16
C THR A 995 12.74 -5.77 -59.98
N SER A 996 13.29 -6.87 -59.47
CA SER A 996 12.91 -8.24 -59.85
C SER A 996 13.02 -8.52 -61.34
N PRO A 997 13.45 -9.74 -61.70
CA PRO A 997 13.16 -10.35 -63.00
C PRO A 997 11.72 -10.89 -63.08
N GLN A 998 11.22 -11.33 -61.94
CA GLN A 998 9.93 -12.01 -61.86
C GLN A 998 8.80 -11.02 -62.01
N PHE A 999 9.03 -9.82 -61.47
CA PHE A 999 8.07 -8.74 -61.50
C PHE A 999 7.74 -8.35 -62.94
N VAL A 1000 8.74 -8.40 -63.80
CA VAL A 1000 8.56 -8.09 -65.21
C VAL A 1000 7.65 -9.13 -65.88
N GLN A 1001 7.91 -10.40 -65.59
CA GLN A 1001 7.10 -11.50 -66.11
C GLN A 1001 5.62 -11.26 -65.84
N MET A 1002 5.32 -10.66 -64.69
CA MET A 1002 3.94 -10.37 -64.31
C MET A 1002 3.40 -9.13 -65.02
N LEU A 1003 4.23 -8.08 -65.08
CA LEU A 1003 3.82 -6.84 -65.72
C LEU A 1003 3.62 -7.02 -67.21
N SER A 1004 4.65 -7.51 -67.89
CA SER A 1004 4.61 -7.70 -69.33
C SER A 1004 3.49 -8.65 -69.73
N TRP A 1005 3.31 -9.71 -68.95
CA TRP A 1005 2.24 -10.67 -69.21
C TRP A 1005 0.88 -9.99 -69.15
N THR A 1006 0.70 -9.11 -68.17
CA THR A 1006 -0.54 -8.37 -68.02
C THR A 1006 -0.73 -7.43 -69.20
N SER A 1007 0.35 -6.75 -69.59
CA SER A 1007 0.33 -5.86 -70.74
C SER A 1007 -0.08 -6.61 -72.00
N LYS A 1008 0.20 -7.91 -72.02
CA LYS A 1008 -0.14 -8.74 -73.16
C LYS A 1008 -1.66 -8.98 -73.25
N ILE A 1009 -2.28 -9.21 -72.11
CA ILE A 1009 -3.72 -9.51 -72.06
C ILE A 1009 -4.54 -8.29 -72.40
N CYS A 1010 -3.94 -7.13 -72.22
CA CYS A 1010 -4.67 -5.90 -72.45
C CYS A 1010 -4.79 -5.58 -73.93
N LYS A 1011 -3.70 -5.79 -74.66
CA LYS A 1011 -3.66 -5.50 -76.09
C LYS A 1011 -4.40 -6.56 -76.90
N GLU A 1012 -4.18 -7.82 -76.53
CA GLU A 1012 -4.61 -8.95 -77.35
C GLU A 1012 -6.02 -9.44 -77.03
N TYR A 1013 -6.73 -8.72 -76.16
CA TYR A 1013 -8.06 -9.16 -75.76
C TYR A 1013 -9.09 -8.04 -75.59
N SER A 1014 -10.35 -8.47 -75.47
CA SER A 1014 -11.45 -7.60 -75.06
C SER A 1014 -12.57 -8.49 -74.54
N GLN A 1015 -13.64 -7.85 -74.07
CA GLN A 1015 -14.87 -8.54 -73.70
C GLN A 1015 -15.90 -7.54 -73.19
N GLU A 1016 -17.17 -7.94 -73.23
CA GLU A 1016 -18.26 -7.00 -73.03
C GLU A 1016 -18.83 -6.92 -71.61
N ASP A 1017 -18.22 -7.63 -70.67
CA ASP A 1017 -18.59 -7.53 -69.26
C ASP A 1017 -17.67 -6.56 -68.52
N ALA A 1018 -18.23 -5.44 -68.07
CA ALA A 1018 -17.45 -4.37 -67.43
C ALA A 1018 -16.64 -4.86 -66.24
N SER A 1019 -17.16 -5.85 -65.54
CA SER A 1019 -16.50 -6.40 -64.36
C SER A 1019 -15.06 -6.81 -64.65
N PHE A 1020 -14.84 -7.42 -65.81
CA PHE A 1020 -13.56 -8.03 -66.14
C PHE A 1020 -12.46 -7.03 -66.50
N CYS A 1021 -12.81 -5.98 -67.24
CA CYS A 1021 -11.81 -5.03 -67.72
C CYS A 1021 -11.23 -4.15 -66.61
N LYS A 1022 -12.10 -3.60 -65.77
CA LYS A 1022 -11.66 -2.73 -64.69
C LYS A 1022 -10.64 -3.44 -63.80
N SER A 1023 -10.81 -4.75 -63.64
CA SER A 1023 -9.88 -5.55 -62.85
C SER A 1023 -8.56 -5.71 -63.57
N LEU A 1024 -8.61 -6.13 -64.83
CA LEU A 1024 -7.41 -6.34 -65.62
C LEU A 1024 -6.62 -5.05 -65.79
N MET A 1025 -7.34 -3.93 -65.86
CA MET A 1025 -6.71 -2.62 -65.97
C MET A 1025 -6.03 -2.24 -64.66
N ASN A 1026 -6.75 -2.37 -63.55
CA ASN A 1026 -6.18 -2.08 -62.24
C ASN A 1026 -4.92 -2.88 -61.99
N LEU A 1027 -4.99 -4.18 -62.23
CA LEU A 1027 -3.82 -5.05 -62.10
C LEU A 1027 -2.71 -4.58 -63.03
N PHE A 1028 -3.08 -4.22 -64.25
CA PHE A 1028 -2.12 -3.71 -65.22
C PHE A 1028 -1.45 -2.45 -64.69
N PHE A 1029 -2.28 -1.47 -64.32
CA PHE A 1029 -1.78 -0.23 -63.74
C PHE A 1029 -0.98 -0.48 -62.47
N SER A 1030 -1.53 -1.31 -61.58
CA SER A 1030 -0.89 -1.62 -60.32
C SER A 1030 0.57 -2.01 -60.52
N LEU A 1031 0.79 -2.98 -61.40
CA LEU A 1031 2.14 -3.43 -61.71
C LEU A 1031 2.93 -2.34 -62.42
N HIS A 1032 2.26 -1.61 -63.31
CA HIS A 1032 2.92 -0.67 -64.19
C HIS A 1032 3.59 0.51 -63.48
N VAL A 1033 2.84 1.21 -62.64
CA VAL A 1033 3.31 2.47 -62.05
C VAL A 1033 4.59 2.27 -61.26
N LEU A 1034 4.93 1.01 -60.99
CA LEU A 1034 6.21 0.66 -60.38
C LEU A 1034 7.27 0.37 -61.45
N TYR A 1035 6.93 0.65 -62.71
CA TYR A 1035 7.89 0.49 -63.81
C TYR A 1035 8.23 1.83 -64.46
N LYS A 1036 7.29 2.37 -65.22
CA LYS A 1036 7.44 3.69 -65.83
C LYS A 1036 6.16 4.48 -65.62
N SER A 1037 6.26 5.80 -65.60
CA SER A 1037 5.07 6.63 -65.52
C SER A 1037 4.10 6.25 -66.63
N PRO A 1038 2.84 5.98 -66.27
CA PRO A 1038 1.75 5.46 -67.11
C PRO A 1038 1.41 6.33 -68.32
N VAL A 1039 1.94 7.54 -68.39
CA VAL A 1039 1.52 8.53 -69.37
C VAL A 1039 1.61 8.04 -70.82
N THR A 1040 2.27 6.92 -71.04
CA THR A 1040 2.22 6.26 -72.33
C THR A 1040 0.87 5.58 -72.48
N LEU A 1041 0.60 4.61 -71.61
CA LEU A 1041 -0.69 3.91 -71.59
C LEU A 1041 -1.86 4.90 -71.60
N LEU A 1042 -1.76 5.92 -70.74
CA LEU A 1042 -2.83 6.91 -70.61
C LEU A 1042 -3.14 7.57 -71.95
N ARG A 1043 -2.13 8.17 -72.55
CA ARG A 1043 -2.31 8.85 -73.84
C ARG A 1043 -2.79 7.88 -74.91
N ASP A 1044 -2.35 6.63 -74.82
CA ASP A 1044 -2.71 5.61 -75.79
C ASP A 1044 -4.12 5.06 -75.56
N LEU A 1045 -4.48 4.87 -74.30
CA LEU A 1045 -5.81 4.37 -73.95
C LEU A 1045 -6.91 5.34 -74.38
N SER A 1046 -6.63 6.63 -74.26
CA SER A 1046 -7.58 7.65 -74.66
C SER A 1046 -7.81 7.62 -76.18
N GLN A 1047 -6.74 7.42 -76.93
CA GLN A 1047 -6.82 7.34 -78.39
C GLN A 1047 -7.82 6.28 -78.82
N ASP A 1048 -8.02 5.27 -77.98
CA ASP A 1048 -8.96 4.19 -78.27
C ASP A 1048 -10.40 4.62 -77.97
N ILE A 1049 -10.69 4.92 -76.71
CA ILE A 1049 -12.00 5.42 -76.33
C ILE A 1049 -12.40 6.59 -77.22
N HIS A 1050 -11.44 7.50 -77.43
CA HIS A 1050 -11.64 8.66 -78.29
C HIS A 1050 -12.07 8.25 -79.69
N GLY A 1051 -11.50 7.17 -80.20
CA GLY A 1051 -11.82 6.68 -81.53
C GLY A 1051 -13.09 5.86 -81.62
N GLN A 1052 -13.37 5.08 -80.58
CA GLN A 1052 -14.48 4.11 -80.62
C GLN A 1052 -15.79 4.64 -80.04
N LEU A 1053 -15.81 5.93 -79.74
CA LEU A 1053 -16.95 6.58 -79.07
C LEU A 1053 -17.57 7.75 -79.83
N GLY A 1054 -16.74 8.70 -80.23
CA GLY A 1054 -17.08 10.11 -80.26
C GLY A 1054 -16.08 10.89 -81.11
N ASP A 1055 -15.82 12.15 -80.72
CA ASP A 1055 -15.30 13.21 -81.57
C ASP A 1055 -16.43 14.10 -82.08
N ILE A 1056 -17.67 13.69 -81.81
CA ILE A 1056 -18.85 14.49 -82.11
C ILE A 1056 -18.62 15.54 -83.18
N VAL A 1070 -6.93 -3.14 -76.79
CA VAL A 1070 -8.27 -3.30 -77.35
C VAL A 1070 -9.36 -3.31 -76.28
N VAL A 1071 -10.29 -2.37 -76.40
CA VAL A 1071 -11.52 -2.37 -75.61
C VAL A 1071 -12.67 -1.87 -76.47
N ASN A 1072 -13.80 -2.58 -76.47
CA ASN A 1072 -14.90 -2.26 -77.37
C ASN A 1072 -15.89 -1.25 -76.79
N LEU A 1073 -16.99 -1.04 -77.51
CA LEU A 1073 -18.01 -0.06 -77.14
C LEU A 1073 -18.51 -0.24 -75.71
N ARG A 1074 -18.98 -1.45 -75.41
CA ARG A 1074 -19.56 -1.75 -74.10
C ARG A 1074 -18.48 -1.71 -73.03
N THR A 1075 -17.23 -1.89 -73.46
CA THR A 1075 -16.11 -1.97 -72.54
C THR A 1075 -15.61 -0.59 -72.12
N ALA A 1076 -14.97 0.10 -73.06
CA ALA A 1076 -14.26 1.33 -72.76
C ALA A 1076 -15.14 2.54 -72.45
N ALA A 1077 -16.39 2.51 -72.90
CA ALA A 1077 -17.24 3.68 -72.73
C ALA A 1077 -17.57 4.05 -71.27
N PRO A 1078 -18.30 3.17 -70.54
CA PRO A 1078 -18.60 3.49 -69.14
C PRO A 1078 -17.43 3.28 -68.17
N THR A 1079 -16.57 2.32 -68.47
CA THR A 1079 -15.63 1.80 -67.48
C THR A 1079 -14.20 2.26 -67.69
N VAL A 1080 -13.59 1.78 -68.77
CA VAL A 1080 -12.19 2.07 -69.04
C VAL A 1080 -11.99 3.57 -69.26
N CYS A 1081 -13.10 4.30 -69.28
CA CYS A 1081 -13.05 5.75 -69.30
C CYS A 1081 -12.61 6.24 -67.92
N LEU A 1082 -13.43 5.94 -66.92
CA LEU A 1082 -13.17 6.36 -65.54
C LEU A 1082 -11.79 5.94 -65.00
N LEU A 1083 -11.26 4.84 -65.50
CA LEU A 1083 -9.97 4.33 -65.02
C LEU A 1083 -8.80 5.22 -65.41
N VAL A 1084 -8.66 5.49 -66.71
CA VAL A 1084 -7.57 6.33 -67.19
C VAL A 1084 -7.66 7.73 -66.59
N LEU A 1085 -8.89 8.17 -66.36
CA LEU A 1085 -9.12 9.47 -65.71
C LEU A 1085 -8.57 9.45 -64.29
N SER A 1086 -8.99 8.44 -63.52
CA SER A 1086 -8.51 8.29 -62.15
C SER A 1086 -7.00 8.14 -62.13
N GLN A 1087 -6.49 7.24 -62.97
CA GLN A 1087 -5.06 6.97 -63.01
C GLN A 1087 -4.25 8.24 -63.31
N ALA A 1088 -4.72 9.01 -64.29
CA ALA A 1088 -4.03 10.24 -64.67
C ALA A 1088 -4.13 11.27 -63.56
N GLU A 1089 -5.27 11.34 -62.89
CA GLU A 1089 -5.46 12.25 -61.77
C GLU A 1089 -4.39 12.03 -60.72
N LYS A 1090 -4.06 10.77 -60.46
CA LYS A 1090 -3.02 10.42 -59.51
C LYS A 1090 -1.68 10.94 -60.02
N VAL A 1091 -1.42 10.71 -61.30
CA VAL A 1091 -0.17 11.15 -61.91
C VAL A 1091 -0.04 12.66 -61.84
N LEU A 1092 -1.16 13.35 -61.69
CA LEU A 1092 -1.16 14.80 -61.51
C LEU A 1092 -0.78 15.17 -60.08
N GLU A 1093 -1.33 14.44 -59.11
CA GLU A 1093 -1.01 14.65 -57.70
C GLU A 1093 0.49 14.50 -57.50
N GLU A 1094 1.09 13.58 -58.23
CA GLU A 1094 2.54 13.42 -58.26
C GLU A 1094 3.19 14.74 -58.66
N VAL A 1095 2.92 15.16 -59.89
CA VAL A 1095 3.45 16.41 -60.42
C VAL A 1095 3.23 17.57 -59.46
N ASP A 1096 2.02 17.69 -58.93
CA ASP A 1096 1.69 18.73 -57.96
C ASP A 1096 2.68 18.75 -56.81
N TRP A 1097 3.01 17.57 -56.30
CA TRP A 1097 3.93 17.45 -55.18
C TRP A 1097 5.36 17.82 -55.60
N LEU A 1098 5.74 17.39 -56.80
CA LEU A 1098 7.02 17.80 -57.37
C LEU A 1098 7.08 19.31 -57.49
N ILE A 1099 6.05 19.89 -58.09
CA ILE A 1099 5.96 21.33 -58.30
C ILE A 1099 6.08 22.11 -56.99
N ALA A 1100 5.39 21.64 -55.96
CA ALA A 1100 5.45 22.28 -54.64
C ALA A 1100 6.80 22.05 -53.99
N LYS A 1101 7.44 20.93 -54.32
CA LYS A 1101 8.73 20.59 -53.73
C LYS A 1101 9.82 21.58 -54.13
N ILE A 1102 9.90 21.86 -55.42
CA ILE A 1102 10.93 22.75 -55.95
C ILE A 1102 10.73 24.19 -55.46
N LYS A 1103 9.47 24.61 -55.36
CA LYS A 1103 9.15 25.93 -54.83
C LYS A 1103 9.75 26.12 -53.44
N GLY A 1104 9.78 25.05 -52.66
CA GLY A 1104 10.16 25.13 -51.26
C GLY A 1104 11.65 25.25 -50.99
N SER A 1105 12.47 25.14 -52.03
CA SER A 1105 13.91 25.24 -51.87
C SER A 1105 14.37 26.70 -51.92
N ALA A 1106 13.41 27.62 -52.04
CA ALA A 1106 13.69 29.05 -52.04
C ALA A 1106 14.65 29.44 -53.16
N PRO A 1127 20.63 19.63 -59.68
CA PRO A 1127 19.70 18.51 -59.83
C PRO A 1127 18.26 18.98 -59.96
N THR A 1128 18.02 20.25 -59.66
CA THR A 1128 16.68 20.82 -59.68
C THR A 1128 16.07 20.80 -61.07
N LEU A 1129 16.83 21.26 -62.06
CA LEU A 1129 16.37 21.33 -63.44
C LEU A 1129 15.98 19.96 -63.98
N LEU A 1130 16.78 18.95 -63.66
CA LEU A 1130 16.56 17.59 -64.14
C LEU A 1130 15.14 17.16 -63.87
N ILE A 1131 14.59 17.63 -62.75
CA ILE A 1131 13.21 17.34 -62.38
C ILE A 1131 12.25 18.18 -63.23
N GLU A 1132 12.54 19.47 -63.33
CA GLU A 1132 11.69 20.41 -64.06
C GLU A 1132 11.36 19.94 -65.48
N LYS A 1133 12.36 19.39 -66.16
CA LYS A 1133 12.17 18.91 -67.52
C LYS A 1133 11.40 17.58 -67.55
N ALA A 1134 11.45 16.86 -66.43
CA ALA A 1134 10.66 15.64 -66.31
C ALA A 1134 9.21 15.98 -66.03
N ILE A 1135 9.01 17.08 -65.31
CA ILE A 1135 7.67 17.59 -65.03
C ILE A 1135 6.99 18.01 -66.32
N VAL A 1136 7.76 18.65 -67.19
CA VAL A 1136 7.26 19.08 -68.49
C VAL A 1136 6.85 17.88 -69.35
N MET A 1137 7.79 16.95 -69.54
CA MET A 1137 7.51 15.75 -70.33
C MET A 1137 6.31 14.99 -69.76
N GLN A 1138 6.15 15.03 -68.45
CA GLN A 1138 5.01 14.42 -67.79
C GLN A 1138 3.71 15.13 -68.17
N LEU A 1139 3.69 16.45 -67.98
CA LEU A 1139 2.51 17.25 -68.29
C LEU A 1139 2.22 17.29 -69.78
N GLY A 1140 3.27 17.21 -70.59
CA GLY A 1140 3.13 17.25 -72.03
C GLY A 1140 2.40 16.05 -72.59
N THR A 1141 2.76 14.87 -72.12
CA THR A 1141 2.14 13.62 -72.56
C THR A 1141 0.71 13.54 -72.06
N LEU A 1142 0.42 14.28 -70.99
CA LEU A 1142 -0.91 14.30 -70.39
C LEU A 1142 -1.90 15.19 -71.13
N VAL A 1143 -1.41 16.30 -71.68
CA VAL A 1143 -2.24 17.19 -72.49
C VAL A 1143 -2.72 16.47 -73.74
N THR A 1144 -1.85 15.62 -74.29
CA THR A 1144 -2.19 14.81 -75.45
C THR A 1144 -3.27 13.81 -75.08
N PHE A 1145 -3.19 13.30 -73.85
CA PHE A 1145 -4.14 12.33 -73.33
C PHE A 1145 -5.56 12.89 -73.26
N PHE A 1146 -5.70 14.06 -72.63
CA PHE A 1146 -7.01 14.68 -72.45
C PHE A 1146 -7.63 15.15 -73.77
N HIS A 1147 -6.80 15.68 -74.66
CA HIS A 1147 -7.28 16.15 -75.95
C HIS A 1147 -8.11 15.08 -76.65
N GLU A 1148 -7.66 13.83 -76.56
CA GLU A 1148 -8.37 12.70 -77.15
C GLU A 1148 -9.77 12.59 -76.55
N LEU A 1149 -9.87 12.75 -75.24
CA LEU A 1149 -11.12 12.58 -74.51
C LEU A 1149 -12.03 13.80 -74.65
N VAL A 1150 -11.45 14.99 -74.62
CA VAL A 1150 -12.21 16.23 -74.70
C VAL A 1150 -12.88 16.38 -76.07
N GLN A 1151 -12.36 15.63 -77.05
CA GLN A 1151 -12.94 15.59 -78.38
C GLN A 1151 -14.15 14.69 -78.43
N THR A 1152 -14.10 13.62 -77.64
CA THR A 1152 -14.95 12.45 -77.84
C THR A 1152 -16.25 12.42 -77.02
N ALA A 1153 -17.30 11.89 -77.65
CA ALA A 1153 -18.60 11.71 -77.01
C ALA A 1153 -18.56 10.57 -76.01
N LEU A 1154 -19.08 10.81 -74.82
CA LEU A 1154 -19.17 9.79 -73.78
C LEU A 1154 -20.56 9.83 -73.18
N PRO A 1155 -21.06 8.68 -72.68
CA PRO A 1155 -22.38 8.66 -72.07
C PRO A 1155 -22.53 9.81 -71.07
N SER A 1156 -23.65 10.51 -71.14
CA SER A 1156 -23.82 11.76 -70.41
C SER A 1156 -23.89 11.61 -68.88
N GLY A 1157 -24.10 10.39 -68.40
CA GLY A 1157 -24.39 10.17 -66.99
C GLY A 1157 -23.32 10.57 -65.99
N SER A 1158 -22.12 10.00 -66.13
CA SER A 1158 -21.05 10.20 -65.14
C SER A 1158 -19.76 10.66 -65.81
N CYS A 1159 -19.25 9.82 -66.72
CA CYS A 1159 -17.94 10.04 -67.33
C CYS A 1159 -17.76 11.49 -67.75
N VAL A 1160 -18.85 12.13 -68.16
CA VAL A 1160 -18.83 13.55 -68.47
C VAL A 1160 -18.29 14.36 -67.29
N ASP A 1161 -18.89 14.15 -66.12
CA ASP A 1161 -18.51 14.91 -64.91
C ASP A 1161 -17.10 14.58 -64.45
N THR A 1162 -16.69 13.33 -64.62
CA THR A 1162 -15.37 12.89 -64.20
C THR A 1162 -14.29 13.48 -65.10
N LEU A 1163 -14.61 13.61 -66.39
CA LEU A 1163 -13.68 14.20 -67.35
C LEU A 1163 -13.57 15.70 -67.10
N LEU A 1164 -14.65 16.30 -66.63
CA LEU A 1164 -14.64 17.72 -66.27
C LEU A 1164 -13.71 17.96 -65.09
N LYS A 1165 -13.94 17.23 -64.00
CA LYS A 1165 -13.11 17.33 -62.82
C LYS A 1165 -11.64 17.10 -63.14
N GLY A 1166 -11.37 16.07 -63.93
CA GLY A 1166 -10.01 15.75 -64.34
C GLY A 1166 -9.37 16.86 -65.14
N LEU A 1167 -10.18 17.51 -65.99
CA LEU A 1167 -9.69 18.61 -66.82
C LEU A 1167 -9.26 19.81 -65.98
N SER A 1168 -10.18 20.29 -65.14
CA SER A 1168 -9.92 21.46 -64.32
C SER A 1168 -8.70 21.24 -63.43
N LYS A 1169 -8.35 19.98 -63.21
CA LYS A 1169 -7.20 19.64 -62.39
C LYS A 1169 -5.89 19.97 -63.10
N ILE A 1170 -5.80 19.63 -64.39
CA ILE A 1170 -4.62 19.96 -65.17
C ILE A 1170 -4.38 21.46 -65.14
N TYR A 1171 -5.46 22.22 -65.32
CA TYR A 1171 -5.37 23.67 -65.35
C TYR A 1171 -4.91 24.24 -64.01
N SER A 1172 -5.22 23.55 -62.93
CA SER A 1172 -4.75 23.94 -61.61
C SER A 1172 -3.28 23.55 -61.46
N THR A 1173 -2.92 22.40 -62.03
CA THR A 1173 -1.54 21.92 -61.99
C THR A 1173 -0.63 22.83 -62.80
N LEU A 1174 -1.06 23.17 -64.01
CA LEU A 1174 -0.29 24.06 -64.88
C LEU A 1174 -0.17 25.43 -64.23
N THR A 1175 -1.27 25.92 -63.67
CA THR A 1175 -1.25 27.20 -62.96
C THR A 1175 -0.23 27.15 -61.83
N ALA A 1176 -0.17 26.01 -61.14
CA ALA A 1176 0.80 25.80 -60.08
C ALA A 1176 2.21 25.78 -60.64
N PHE A 1177 2.35 25.20 -61.83
CA PHE A 1177 3.63 25.16 -62.52
C PHE A 1177 4.00 26.57 -62.98
N VAL A 1178 2.96 27.33 -63.32
CA VAL A 1178 3.16 28.71 -63.78
C VAL A 1178 3.64 29.63 -62.67
N LYS A 1179 2.85 29.73 -61.59
CA LYS A 1179 3.20 30.62 -60.49
C LYS A 1179 4.46 30.13 -59.78
N TYR A 1180 4.94 28.95 -60.17
CA TYR A 1180 6.25 28.49 -59.74
C TYR A 1180 7.33 29.24 -60.50
N TYR A 1181 7.12 29.40 -61.81
CA TYR A 1181 8.08 30.11 -62.65
C TYR A 1181 7.98 31.63 -62.48
N LEU A 1182 6.84 32.09 -61.99
CA LEU A 1182 6.71 33.49 -61.57
C LEU A 1182 7.70 33.73 -60.45
N GLN A 1183 7.92 32.70 -59.63
CA GLN A 1183 8.87 32.76 -58.52
C GLN A 1183 10.31 32.53 -58.96
N VAL A 1184 10.52 31.54 -59.83
CA VAL A 1184 11.86 31.14 -60.23
C VAL A 1184 12.52 32.14 -61.17
N CYS A 1185 11.70 32.87 -61.93
CA CYS A 1185 12.22 33.84 -62.89
C CYS A 1185 12.30 35.25 -62.31
N GLN A 1186 11.97 35.39 -61.02
CA GLN A 1186 12.26 36.62 -60.30
C GLN A 1186 13.76 36.67 -60.02
N SER A 1187 14.35 35.49 -59.92
CA SER A 1187 15.79 35.34 -59.70
C SER A 1187 16.57 35.12 -61.01
N SER A 1188 15.86 35.16 -62.13
CA SER A 1188 16.48 34.94 -63.44
C SER A 1188 17.72 35.81 -63.62
N GLY A 1190 15.07 33.50 -68.04
CA GLY A 1190 14.96 32.59 -69.16
C GLY A 1190 14.01 31.44 -68.89
N ILE A 1191 13.04 31.27 -69.78
CA ILE A 1191 12.05 30.20 -69.66
C ILE A 1191 12.17 29.31 -70.89
N PRO A 1192 13.00 28.27 -70.78
CA PRO A 1192 13.51 27.47 -71.90
C PRO A 1192 12.43 26.80 -72.76
N ASN A 1193 12.83 26.37 -73.95
CA ASN A 1193 11.92 25.80 -74.94
C ASN A 1193 10.93 24.81 -74.33
N THR A 1194 11.43 23.99 -73.41
CA THR A 1194 10.61 23.01 -72.73
C THR A 1194 9.31 23.65 -72.25
N VAL A 1195 9.44 24.61 -71.33
CA VAL A 1195 8.29 25.33 -70.79
C VAL A 1195 7.45 25.94 -71.91
N GLU A 1196 8.03 26.91 -72.62
CA GLU A 1196 7.33 27.63 -73.68
C GLU A 1196 6.55 26.71 -74.61
N LYS A 1197 7.27 25.84 -75.31
CA LYS A 1197 6.68 25.02 -76.36
C LYS A 1197 5.38 24.37 -75.91
N LEU A 1198 5.36 23.83 -74.70
CA LEU A 1198 4.19 23.09 -74.22
C LEU A 1198 3.15 23.99 -73.55
N VAL A 1199 3.50 25.25 -73.30
CA VAL A 1199 2.55 26.19 -72.72
C VAL A 1199 1.45 26.52 -73.72
N LYS A 1200 1.83 26.70 -74.99
CA LYS A 1200 0.86 27.00 -76.03
C LYS A 1200 0.30 25.71 -76.63
N LEU A 1201 0.88 24.58 -76.23
CA LEU A 1201 0.35 23.28 -76.63
C LEU A 1201 -0.96 23.06 -75.88
N SER A 1202 -1.13 23.81 -74.80
CA SER A 1202 -2.37 23.81 -74.04
C SER A 1202 -3.42 24.72 -74.70
N GLY A 1203 -2.98 25.88 -75.16
CA GLY A 1203 -3.88 26.85 -75.75
C GLY A 1203 -4.25 26.52 -77.19
N SER A 1204 -3.85 25.32 -77.62
CA SER A 1204 -4.19 24.83 -78.95
C SER A 1204 -5.01 23.55 -78.83
N HIS A 1205 -4.40 22.52 -78.23
CA HIS A 1205 -5.05 21.22 -78.07
C HIS A 1205 -6.12 21.17 -76.97
N LEU A 1206 -5.99 22.02 -75.96
CA LEU A 1206 -6.90 21.98 -74.82
C LEU A 1206 -7.94 23.09 -74.81
N THR A 1207 -7.49 24.32 -74.56
CA THR A 1207 -8.40 25.43 -74.28
C THR A 1207 -9.60 25.49 -75.22
N PRO A 1208 -9.36 25.54 -76.55
CA PRO A 1208 -10.49 25.57 -77.48
C PRO A 1208 -11.31 24.28 -77.47
N VAL A 1209 -10.64 23.14 -77.42
CA VAL A 1209 -11.33 21.85 -77.44
C VAL A 1209 -12.19 21.68 -76.18
N CYS A 1210 -11.79 22.34 -75.11
CA CYS A 1210 -12.56 22.32 -73.87
C CYS A 1210 -13.85 23.11 -74.02
N TYR A 1211 -13.73 24.35 -74.49
CA TYR A 1211 -14.89 25.20 -74.70
C TYR A 1211 -15.95 24.51 -75.57
N SER A 1212 -15.48 23.66 -76.48
CA SER A 1212 -16.36 22.94 -77.39
C SER A 1212 -17.00 21.72 -76.71
N PHE A 1213 -16.36 21.21 -75.65
CA PHE A 1213 -16.86 20.04 -74.94
C PHE A 1213 -18.00 20.43 -74.00
N ILE A 1214 -17.97 21.66 -73.51
CA ILE A 1214 -19.00 22.14 -72.58
C ILE A 1214 -20.31 22.41 -73.31
N SER A 1215 -20.22 22.69 -74.61
CA SER A 1215 -21.40 22.90 -75.43
C SER A 1215 -22.06 21.57 -75.79
N TYR A 1216 -21.24 20.53 -75.92
CA TYR A 1216 -21.74 19.19 -76.16
C TYR A 1216 -22.71 18.78 -75.05
N VAL A 1217 -22.40 19.21 -73.83
CA VAL A 1217 -23.16 18.82 -72.65
C VAL A 1217 -24.54 19.45 -72.59
N GLN A 1218 -24.61 20.73 -72.91
CA GLN A 1218 -25.85 21.50 -72.81
C GLN A 1218 -26.80 21.23 -73.97
N ASN A 1219 -26.23 20.89 -75.14
CA ASN A 1219 -27.04 20.59 -76.31
C ASN A 1219 -27.66 19.21 -76.23
N LYS A 1220 -26.96 18.28 -75.58
CA LYS A 1220 -27.46 16.93 -75.36
C LYS A 1220 -28.42 16.81 -74.18
N SER A 1221 -28.13 17.53 -73.10
CA SER A 1221 -28.86 17.36 -71.84
C SER A 1221 -30.28 17.95 -71.85
N SER A 1222 -30.47 19.02 -72.61
CA SER A 1222 -31.77 19.66 -72.69
C SER A 1222 -32.27 19.76 -74.13
N PRO A 1248 -19.05 22.50 -60.54
CA PRO A 1248 -18.88 21.49 -61.59
C PRO A 1248 -18.66 22.12 -62.96
N ILE A 1249 -19.70 22.71 -63.52
CA ILE A 1249 -19.59 23.45 -64.78
C ILE A 1249 -18.79 24.74 -64.62
N PRO A 1250 -19.09 25.53 -63.57
CA PRO A 1250 -18.37 26.78 -63.33
C PRO A 1250 -16.95 26.53 -62.86
N ASN A 1251 -16.71 25.34 -62.32
CA ASN A 1251 -15.42 25.00 -61.73
C ASN A 1251 -14.34 24.80 -62.79
N LEU A 1252 -14.76 24.50 -64.01
CA LEU A 1252 -13.84 24.31 -65.13
C LEU A 1252 -13.39 25.66 -65.67
N VAL A 1253 -14.34 26.57 -65.80
CA VAL A 1253 -14.08 27.88 -66.38
C VAL A 1253 -13.20 28.73 -65.47
N PHE A 1254 -13.54 28.79 -64.19
CA PHE A 1254 -12.75 29.52 -63.21
C PHE A 1254 -11.31 29.03 -63.24
N ALA A 1255 -11.15 27.72 -63.38
CA ALA A 1255 -9.83 27.11 -63.44
C ALA A 1255 -9.06 27.59 -64.66
N ILE A 1256 -9.71 27.58 -65.82
CA ILE A 1256 -9.08 28.04 -67.05
C ILE A 1256 -8.85 29.54 -66.99
N GLU A 1257 -9.76 30.26 -66.33
CA GLU A 1257 -9.63 31.70 -66.16
C GLU A 1257 -8.45 32.06 -65.27
N GLN A 1258 -8.40 31.45 -64.09
CA GLN A 1258 -7.28 31.64 -63.18
C GLN A 1258 -5.98 31.17 -63.83
N TYR A 1259 -6.07 30.10 -64.62
CA TYR A 1259 -4.92 29.59 -65.35
C TYR A 1259 -4.35 30.68 -66.25
N GLU A 1260 -5.24 31.36 -66.96
CA GLU A 1260 -4.82 32.43 -67.86
C GLU A 1260 -4.43 33.69 -67.10
N LYS A 1261 -5.11 33.95 -65.99
CA LYS A 1261 -4.81 35.15 -65.20
C LYS A 1261 -3.36 35.19 -64.75
N PHE A 1262 -2.80 34.01 -64.46
CA PHE A 1262 -1.40 33.92 -64.04
C PHE A 1262 -0.44 33.74 -65.22
N LEU A 1263 -0.99 33.43 -66.39
CA LEU A 1263 -0.20 33.42 -67.62
C LEU A 1263 -0.04 34.86 -68.10
N ILE A 1264 -1.06 35.66 -67.84
CA ILE A 1264 -1.04 37.08 -68.15
C ILE A 1264 0.00 37.78 -67.27
N GLN A 1265 0.04 37.40 -66.00
CA GLN A 1265 1.02 37.95 -65.07
C GLN A 1265 2.42 37.45 -65.40
N LEU A 1266 2.52 36.18 -65.78
CA LEU A 1266 3.79 35.58 -66.14
C LEU A 1266 4.43 36.24 -67.37
N SER A 1267 3.70 36.22 -68.48
CA SER A 1267 4.22 36.72 -69.75
C SER A 1267 4.63 38.19 -69.66
N LYS A 1268 3.83 38.97 -68.95
CA LYS A 1268 4.11 40.39 -68.79
C LYS A 1268 5.38 40.64 -67.98
N LYS A 1269 5.45 40.04 -66.80
CA LYS A 1269 6.51 40.31 -65.85
C LYS A 1269 7.81 39.57 -66.12
N SER A 1270 7.83 38.65 -67.08
CA SER A 1270 9.07 37.93 -67.32
C SER A 1270 9.74 38.24 -68.66
N LYS A 1271 9.30 37.58 -69.71
CA LYS A 1271 9.93 37.75 -71.02
C LYS A 1271 9.01 37.80 -72.25
N VAL A 1272 8.35 36.67 -72.48
CA VAL A 1272 7.78 36.33 -73.78
C VAL A 1272 6.26 36.54 -73.90
N ASN A 1273 5.83 36.83 -75.12
CA ASN A 1273 4.45 37.18 -75.45
C ASN A 1273 3.58 35.94 -75.64
N LEU A 1274 4.11 34.79 -75.22
CA LEU A 1274 3.50 33.49 -75.42
C LEU A 1274 1.99 33.49 -75.16
N MET A 1275 1.54 34.23 -74.16
CA MET A 1275 0.11 34.34 -73.88
C MET A 1275 -0.62 34.98 -75.06
N GLN A 1276 0.05 35.88 -75.76
CA GLN A 1276 -0.49 36.48 -76.97
C GLN A 1276 -0.43 35.49 -78.12
N HIS A 1277 0.41 34.46 -77.97
CA HIS A 1277 0.53 33.42 -78.98
C HIS A 1277 -0.39 32.24 -78.64
N MET A 1278 -1.04 32.30 -77.48
CA MET A 1278 -2.03 31.29 -77.12
C MET A 1278 -3.38 31.61 -77.74
N LYS A 1279 -3.59 32.88 -78.06
CA LYS A 1279 -4.84 33.33 -78.68
C LYS A 1279 -4.85 33.14 -80.19
N LEU A 1280 -3.67 33.02 -80.78
CA LEU A 1280 -3.55 32.85 -82.23
C LEU A 1280 -3.98 31.46 -82.66
N ARG B 64 -1.88 -83.29 -14.35
CA ARG B 64 -2.45 -82.86 -15.61
C ARG B 64 -2.69 -81.35 -15.64
N ARG B 65 -3.22 -80.84 -14.55
CA ARG B 65 -3.49 -79.41 -14.40
C ARG B 65 -2.24 -78.61 -14.74
N TYR B 66 -1.09 -79.14 -14.34
CA TYR B 66 0.19 -78.45 -14.52
C TYR B 66 0.49 -78.20 -16.00
N LYS B 67 0.00 -79.08 -16.87
CA LYS B 67 0.20 -78.91 -18.31
C LYS B 67 -0.75 -77.84 -18.84
N ILE B 68 -2.00 -77.88 -18.38
CA ILE B 68 -3.00 -76.89 -18.76
C ILE B 68 -2.51 -75.50 -18.37
N TYR B 69 -2.16 -75.35 -17.09
CA TYR B 69 -1.69 -74.07 -16.57
C TYR B 69 -0.54 -73.50 -17.39
N SER B 70 0.34 -74.37 -17.90
CA SER B 70 1.48 -73.92 -18.68
C SER B 70 1.07 -73.53 -20.10
N CYS B 71 -0.02 -74.10 -20.58
CA CYS B 71 -0.52 -73.77 -21.92
C CYS B 71 -1.28 -72.44 -21.90
N CYS B 72 -2.12 -72.25 -20.89
CA CYS B 72 -2.82 -70.99 -20.71
C CYS B 72 -1.81 -69.86 -20.64
N ILE B 73 -0.80 -70.05 -19.81
CA ILE B 73 0.28 -69.08 -19.64
C ILE B 73 0.99 -68.78 -20.95
N GLN B 74 1.32 -69.82 -21.70
CA GLN B 74 2.01 -69.67 -22.98
C GLN B 74 1.21 -68.84 -23.99
N LEU B 75 -0.09 -69.07 -24.06
CA LEU B 75 -0.94 -68.37 -25.00
C LEU B 75 -1.15 -66.90 -24.64
N VAL B 76 -1.42 -66.65 -23.36
CA VAL B 76 -1.63 -65.30 -22.87
C VAL B 76 -0.50 -64.36 -23.29
N GLU B 77 0.74 -64.82 -23.14
CA GLU B 77 1.91 -64.01 -23.45
C GLU B 77 2.24 -63.91 -24.94
N SER B 78 2.26 -65.05 -25.63
CA SER B 78 2.69 -65.09 -27.02
C SER B 78 1.62 -64.60 -28.00
N GLY B 79 0.40 -65.10 -27.82
CA GLY B 79 -0.70 -64.77 -28.71
C GLY B 79 -1.09 -63.31 -28.71
N ASP B 80 -1.78 -62.89 -29.76
CA ASP B 80 -2.23 -61.51 -29.90
C ASP B 80 -3.61 -61.37 -29.26
N LEU B 81 -4.03 -62.42 -28.55
CA LEU B 81 -5.38 -62.56 -28.04
C LEU B 81 -5.89 -61.31 -27.30
N GLN B 82 -7.17 -61.01 -27.53
CA GLN B 82 -7.85 -59.88 -26.92
C GLN B 82 -7.80 -59.95 -25.40
N GLN B 83 -7.78 -58.78 -24.76
CA GLN B 83 -7.57 -58.69 -23.31
C GLN B 83 -8.72 -59.26 -22.47
N ASP B 84 -9.90 -59.40 -23.06
CA ASP B 84 -11.01 -60.03 -22.35
C ASP B 84 -10.77 -61.53 -22.27
N VAL B 85 -10.26 -62.09 -23.35
CA VAL B 85 -9.84 -63.49 -23.36
C VAL B 85 -8.65 -63.68 -22.44
N ALA B 86 -7.63 -62.85 -22.63
CA ALA B 86 -6.41 -62.94 -21.84
C ALA B 86 -6.69 -62.85 -20.34
N SER B 87 -7.43 -61.82 -19.93
CA SER B 87 -7.67 -61.59 -18.51
C SER B 87 -8.73 -62.52 -17.92
N GLU B 88 -9.48 -63.20 -18.79
CA GLU B 88 -10.42 -64.21 -18.33
C GLU B 88 -9.65 -65.48 -17.95
N ILE B 89 -8.67 -65.82 -18.78
CA ILE B 89 -7.82 -66.98 -18.56
C ILE B 89 -7.13 -66.88 -17.20
N ILE B 90 -6.37 -65.80 -17.01
CA ILE B 90 -5.64 -65.60 -15.77
C ILE B 90 -6.60 -65.31 -14.63
N GLY B 91 -7.84 -64.98 -14.98
CA GLY B 91 -8.88 -64.83 -13.98
C GLY B 91 -9.16 -66.18 -13.34
N LEU B 92 -9.35 -67.19 -14.18
CA LEU B 92 -9.58 -68.55 -13.71
C LEU B 92 -8.33 -69.15 -13.08
N LEU B 93 -7.19 -69.01 -13.76
CA LEU B 93 -5.94 -69.56 -13.26
C LEU B 93 -5.59 -69.04 -11.86
N MET B 94 -5.95 -67.80 -11.60
CA MET B 94 -5.68 -67.19 -10.30
C MET B 94 -6.63 -67.74 -9.23
N LEU B 95 -7.86 -67.99 -9.62
CA LEU B 95 -8.88 -68.44 -8.67
C LEU B 95 -8.91 -69.96 -8.46
N GLU B 96 -8.29 -70.72 -9.36
CA GLU B 96 -8.22 -72.17 -9.19
C GLU B 96 -6.89 -72.70 -8.63
N VAL B 97 -5.91 -71.80 -8.44
CA VAL B 97 -4.59 -72.21 -7.98
C VAL B 97 -4.58 -72.63 -6.51
N HIS B 98 -5.68 -72.36 -5.82
CA HIS B 98 -5.78 -72.54 -4.39
C HIS B 98 -5.28 -73.89 -3.88
N HIS B 99 -5.75 -74.97 -4.49
CA HIS B 99 -5.55 -76.31 -3.93
C HIS B 99 -4.39 -77.13 -4.47
N PHE B 100 -3.59 -76.57 -5.38
CA PHE B 100 -2.43 -77.33 -5.84
C PHE B 100 -1.64 -77.50 -4.53
N PRO B 101 -1.59 -78.71 -3.95
CA PRO B 101 -0.95 -79.01 -2.65
C PRO B 101 0.51 -78.55 -2.69
N GLY B 102 1.23 -78.67 -1.58
CA GLY B 102 2.56 -78.08 -1.48
C GLY B 102 3.48 -78.35 -2.66
N PRO B 103 3.57 -79.61 -3.09
CA PRO B 103 4.41 -79.97 -4.24
C PRO B 103 4.05 -79.22 -5.52
N LEU B 104 2.76 -79.07 -5.81
CA LEU B 104 2.33 -78.43 -7.05
C LEU B 104 2.57 -76.92 -7.09
N LEU B 105 2.28 -76.23 -5.99
CA LEU B 105 2.52 -74.80 -5.91
C LEU B 105 3.98 -74.48 -6.23
N VAL B 106 4.88 -75.27 -5.66
CA VAL B 106 6.31 -75.10 -5.89
C VAL B 106 6.64 -75.22 -7.38
N ASP B 107 5.98 -76.16 -8.05
CA ASP B 107 6.19 -76.37 -9.49
C ASP B 107 5.62 -75.22 -10.30
N LEU B 108 4.45 -74.73 -9.90
CA LEU B 108 3.81 -73.59 -10.55
C LEU B 108 4.71 -72.35 -10.46
N ALA B 109 5.14 -72.02 -9.24
CA ALA B 109 5.96 -70.84 -9.00
C ALA B 109 7.32 -70.94 -9.66
N SER B 110 7.85 -72.16 -9.77
CA SER B 110 9.13 -72.38 -10.43
C SER B 110 9.01 -72.25 -11.94
N ASP B 111 7.79 -72.42 -12.45
CA ASP B 111 7.53 -72.20 -13.86
C ASP B 111 7.57 -70.71 -14.17
N PHE B 112 7.15 -69.90 -13.20
CA PHE B 112 7.24 -68.45 -13.33
C PHE B 112 8.71 -68.03 -13.36
N VAL B 113 9.45 -68.44 -12.34
CA VAL B 113 10.88 -68.15 -12.28
C VAL B 113 11.57 -68.63 -13.55
N GLY B 114 11.03 -69.69 -14.13
CA GLY B 114 11.53 -70.22 -15.39
C GLY B 114 11.24 -69.25 -16.53
N ALA B 115 10.03 -68.69 -16.52
CA ALA B 115 9.65 -67.70 -17.51
C ALA B 115 10.55 -66.47 -17.38
N VAL B 116 10.84 -66.09 -16.14
CA VAL B 116 11.61 -64.90 -15.85
C VAL B 116 12.99 -64.88 -16.52
N ARG B 117 13.58 -66.04 -16.74
CA ARG B 117 14.91 -66.10 -17.34
C ARG B 117 14.94 -65.37 -18.69
N GLU B 118 14.27 -65.92 -19.70
CA GLU B 118 13.99 -65.14 -20.89
C GLU B 118 12.59 -65.37 -21.45
N ASP B 119 11.82 -64.29 -21.55
CA ASP B 119 10.47 -64.37 -22.07
C ASP B 119 10.05 -63.04 -22.66
N ARG B 120 9.23 -63.09 -23.70
CA ARG B 120 8.37 -61.96 -23.98
C ARG B 120 6.99 -62.42 -23.59
N LEU B 121 6.56 -62.01 -22.41
CA LEU B 121 5.20 -62.23 -21.96
C LEU B 121 4.34 -61.12 -22.50
N VAL B 122 4.92 -59.91 -22.48
CA VAL B 122 4.19 -58.68 -22.72
C VAL B 122 3.20 -58.49 -21.58
N ASN B 123 3.06 -59.52 -20.76
CA ASN B 123 2.12 -59.52 -19.66
C ASN B 123 2.74 -59.96 -18.34
N GLY B 124 2.59 -59.13 -17.32
CA GLY B 124 2.92 -59.53 -15.97
C GLY B 124 1.65 -60.06 -15.32
N LYS B 125 0.53 -59.90 -16.03
CA LYS B 125 -0.76 -60.37 -15.53
C LYS B 125 -0.68 -61.83 -15.14
N SER B 126 0.24 -62.55 -15.76
CA SER B 126 0.54 -63.91 -15.34
C SER B 126 1.10 -63.88 -13.93
N LEU B 127 1.97 -62.89 -13.69
CA LEU B 127 2.70 -62.79 -12.42
C LEU B 127 1.81 -62.47 -11.23
N GLU B 128 0.59 -61.99 -11.48
CA GLU B 128 -0.33 -61.67 -10.40
C GLU B 128 -0.68 -62.91 -9.58
N LEU B 129 -0.47 -64.07 -10.18
CA LEU B 129 -0.70 -65.35 -9.50
C LEU B 129 0.36 -65.61 -8.43
N LEU B 130 1.59 -65.25 -8.75
CA LEU B 130 2.75 -65.54 -7.89
C LEU B 130 2.51 -65.27 -6.41
N PRO B 131 1.99 -64.07 -6.08
CA PRO B 131 1.74 -63.72 -4.67
C PRO B 131 0.82 -64.72 -3.96
N ILE B 132 -0.25 -65.13 -4.62
CA ILE B 132 -1.20 -66.07 -4.03
C ILE B 132 -0.56 -67.43 -3.85
N ILE B 133 0.33 -67.79 -4.77
CA ILE B 133 1.03 -69.07 -4.72
C ILE B 133 2.01 -69.12 -3.57
N LEU B 134 2.77 -68.04 -3.40
CA LEU B 134 3.81 -67.98 -2.39
C LEU B 134 3.25 -67.92 -0.97
N THR B 135 2.09 -67.29 -0.80
CA THR B 135 1.46 -67.18 0.51
C THR B 135 0.80 -68.50 0.91
N ALA B 136 0.07 -69.09 -0.04
CA ALA B 136 -0.57 -70.37 0.20
C ALA B 136 0.48 -71.40 0.63
N LEU B 137 1.70 -71.22 0.14
CA LEU B 137 2.82 -72.09 0.50
C LEU B 137 3.17 -71.98 1.98
N ALA B 138 3.43 -70.75 2.42
CA ALA B 138 3.89 -70.49 3.78
C ALA B 138 2.87 -70.93 4.84
N THR B 139 1.63 -71.14 4.42
CA THR B 139 0.57 -71.55 5.32
C THR B 139 0.88 -72.91 5.93
N LYS B 140 1.52 -73.76 5.15
CA LYS B 140 1.74 -75.12 5.55
C LYS B 140 3.13 -75.27 6.12
N LYS B 141 3.23 -75.45 7.43
CA LYS B 141 4.51 -75.85 7.96
C LYS B 141 4.34 -77.33 8.16
N GLU B 142 4.77 -78.06 7.13
CA GLU B 142 4.89 -79.50 7.16
C GLU B 142 5.84 -79.78 6.01
N VAL B 143 6.64 -80.82 6.12
CA VAL B 143 7.47 -81.19 4.98
C VAL B 143 6.57 -81.62 3.84
N LEU B 144 6.99 -81.31 2.61
CA LEU B 144 6.17 -81.56 1.43
C LEU B 144 6.86 -82.60 0.60
N ALA B 145 6.13 -83.27 -0.29
CA ALA B 145 6.80 -84.26 -1.10
C ALA B 145 7.29 -83.58 -2.37
N CYS B 146 8.60 -83.29 -2.36
CA CYS B 146 9.34 -82.85 -3.53
C CYS B 146 10.78 -83.26 -3.26
N GLY B 147 11.49 -83.74 -4.26
CA GLY B 147 12.94 -83.86 -4.12
C GLY B 147 13.29 -84.46 -2.79
N LYS B 148 14.22 -83.80 -2.09
CA LYS B 148 14.40 -84.00 -0.66
C LYS B 148 13.30 -83.20 0.01
N GLY B 149 12.44 -83.84 0.80
CA GLY B 149 11.29 -83.07 1.28
C GLY B 149 11.71 -81.98 2.24
N ASP B 150 12.15 -82.35 3.45
CA ASP B 150 13.07 -81.53 4.24
C ASP B 150 12.69 -80.05 4.43
N LEU B 151 11.61 -79.63 3.76
CA LEU B 151 11.27 -78.21 3.67
C LEU B 151 9.80 -77.93 3.92
N ASN B 152 9.55 -76.91 4.74
CA ASN B 152 8.19 -76.45 5.00
C ASN B 152 7.71 -75.58 3.85
N GLY B 153 6.48 -75.09 3.94
CA GLY B 153 5.94 -74.20 2.93
C GLY B 153 6.65 -72.87 2.93
N GLU B 154 7.14 -72.48 4.10
CA GLU B 154 7.82 -71.20 4.26
C GLU B 154 9.21 -71.20 3.60
N GLU B 155 9.87 -72.36 3.64
CA GLU B 155 11.23 -72.48 3.14
C GLU B 155 11.30 -72.60 1.62
N TYR B 156 10.32 -73.27 1.03
CA TYR B 156 10.23 -73.37 -0.42
C TYR B 156 9.83 -72.02 -1.01
N LYS B 157 9.05 -71.27 -0.23
CA LYS B 157 8.65 -69.93 -0.62
C LYS B 157 9.83 -68.97 -0.48
N ARG B 158 10.73 -69.28 0.45
CA ARG B 158 11.92 -68.48 0.66
C ARG B 158 12.98 -68.79 -0.39
N GLN B 159 13.11 -70.07 -0.74
CA GLN B 159 14.07 -70.48 -1.77
C GLN B 159 13.58 -70.13 -3.17
N LEU B 160 12.27 -70.10 -3.36
CA LEU B 160 11.69 -69.67 -4.63
C LEU B 160 12.02 -68.22 -4.89
N ILE B 161 11.65 -67.37 -3.94
CA ILE B 161 11.98 -65.96 -3.98
C ILE B 161 13.49 -65.78 -4.11
N ASP B 162 14.22 -66.54 -3.31
CA ASP B 162 15.68 -66.50 -3.31
C ASP B 162 16.23 -66.67 -4.72
N THR B 163 15.61 -67.56 -5.49
CA THR B 163 16.03 -67.80 -6.86
C THR B 163 15.55 -66.68 -7.78
N LEU B 164 14.33 -66.20 -7.54
CA LEU B 164 13.78 -65.10 -8.31
C LEU B 164 14.72 -63.91 -8.29
N CYS B 165 15.43 -63.75 -7.18
CA CYS B 165 16.35 -62.64 -7.00
C CYS B 165 17.69 -62.86 -7.69
N SER B 166 18.12 -64.11 -7.79
CA SER B 166 19.39 -64.43 -8.45
C SER B 166 19.28 -64.50 -9.98
N VAL B 167 18.07 -64.73 -10.48
CA VAL B 167 17.84 -64.70 -11.92
C VAL B 167 17.67 -63.26 -12.39
N ARG B 168 18.00 -63.00 -13.64
CA ARG B 168 17.90 -61.64 -14.19
C ARG B 168 16.46 -61.28 -14.56
N TRP B 169 16.00 -60.15 -14.03
CA TRP B 169 14.68 -59.64 -14.40
C TRP B 169 14.85 -58.84 -15.68
N PRO B 170 13.95 -59.06 -16.66
CA PRO B 170 14.01 -58.32 -17.92
C PRO B 170 13.61 -56.87 -17.71
N GLN B 171 14.21 -55.97 -18.48
CA GLN B 171 13.98 -54.54 -18.33
C GLN B 171 12.50 -54.16 -18.43
N ARG B 172 11.75 -54.93 -19.22
CA ARG B 172 10.35 -54.63 -19.49
C ARG B 172 9.44 -54.80 -18.26
N TYR B 173 9.45 -56.00 -17.69
CA TYR B 173 8.44 -56.39 -16.71
C TYR B 173 8.84 -56.10 -15.27
N MET B 174 10.07 -55.66 -15.07
CA MET B 174 10.63 -55.48 -13.72
C MET B 174 9.82 -54.56 -12.82
N ILE B 175 9.05 -53.64 -13.40
CA ILE B 175 8.15 -52.81 -12.61
C ILE B 175 7.02 -53.69 -12.09
N GLN B 176 6.43 -54.46 -12.99
CA GLN B 176 5.36 -55.38 -12.65
C GLN B 176 5.87 -56.46 -11.71
N LEU B 177 7.14 -56.83 -11.89
CA LEU B 177 7.78 -57.80 -11.01
C LEU B 177 7.81 -57.29 -9.57
N THR B 178 8.13 -56.01 -9.41
CA THR B 178 8.26 -55.42 -8.09
C THR B 178 6.90 -55.14 -7.46
N SER B 179 5.90 -54.94 -8.30
CA SER B 179 4.53 -54.74 -7.82
C SER B 179 3.90 -56.09 -7.48
N VAL B 180 4.56 -57.16 -7.89
CA VAL B 180 4.13 -58.51 -7.55
C VAL B 180 4.46 -58.80 -6.08
N PHE B 181 5.64 -58.40 -5.65
CA PHE B 181 6.06 -58.58 -4.27
C PHE B 181 5.23 -57.74 -3.32
N LYS B 182 4.42 -56.85 -3.88
CA LYS B 182 3.59 -55.95 -3.08
C LYS B 182 2.60 -56.72 -2.22
N ASP B 183 2.06 -57.80 -2.76
CA ASP B 183 1.00 -58.57 -2.10
C ASP B 183 1.53 -59.77 -1.31
N VAL B 184 2.84 -59.98 -1.37
CA VAL B 184 3.44 -61.16 -0.74
C VAL B 184 4.09 -60.81 0.60
N CYS B 185 3.60 -61.41 1.67
CA CYS B 185 4.20 -61.25 2.98
C CYS B 185 5.63 -61.79 2.96
N LEU B 186 6.55 -61.07 3.60
CA LEU B 186 7.96 -61.44 3.53
C LEU B 186 8.67 -61.44 4.89
N THR B 187 9.82 -62.11 4.94
CA THR B 187 10.70 -62.07 6.09
C THR B 187 11.59 -60.84 5.93
N PRO B 188 12.20 -60.38 7.03
CA PRO B 188 13.22 -59.34 6.89
C PRO B 188 14.31 -59.71 5.88
N GLU B 189 14.72 -60.98 5.87
CA GLU B 189 15.72 -61.45 4.91
C GLU B 189 15.15 -61.43 3.50
N GLU B 190 13.90 -61.83 3.36
CA GLU B 190 13.23 -61.83 2.07
C GLU B 190 13.05 -60.41 1.56
N MET B 191 12.71 -59.49 2.46
CA MET B 191 12.63 -58.08 2.14
C MET B 191 13.96 -57.56 1.59
N ASN B 192 14.98 -57.55 2.44
CA ASN B 192 16.30 -57.08 2.04
C ASN B 192 16.81 -57.80 0.81
N LEU B 193 16.29 -59.00 0.57
CA LEU B 193 16.62 -59.73 -0.66
C LEU B 193 15.95 -59.07 -1.86
N VAL B 194 14.64 -58.90 -1.79
CA VAL B 194 13.89 -58.29 -2.89
C VAL B 194 14.36 -56.86 -3.11
N VAL B 195 14.46 -56.11 -2.01
CA VAL B 195 14.92 -54.73 -2.07
C VAL B 195 16.28 -54.60 -2.74
N ALA B 196 17.31 -55.11 -2.07
CA ALA B 196 18.68 -54.96 -2.54
C ALA B 196 18.87 -55.48 -3.97
N LYS B 197 17.98 -56.37 -4.40
CA LYS B 197 18.02 -56.88 -5.76
C LYS B 197 17.40 -55.89 -6.75
N VAL B 198 16.33 -55.23 -6.33
CA VAL B 198 15.72 -54.18 -7.15
C VAL B 198 16.71 -53.04 -7.35
N LEU B 199 17.48 -52.77 -6.30
CA LEU B 199 18.50 -51.71 -6.34
C LEU B 199 19.61 -52.02 -7.33
N THR B 200 20.01 -53.28 -7.40
CA THR B 200 21.08 -53.69 -8.29
C THR B 200 20.78 -53.28 -9.72
N MET B 201 19.49 -53.11 -10.02
CA MET B 201 19.03 -52.74 -11.35
C MET B 201 19.17 -51.26 -11.71
N PHE B 202 19.05 -50.38 -10.72
CA PHE B 202 19.01 -48.94 -10.99
C PHE B 202 20.10 -48.55 -11.97
N SER B 203 21.33 -48.99 -11.69
CA SER B 203 22.48 -48.64 -12.50
C SER B 203 22.35 -49.13 -13.95
N LYS B 204 21.39 -50.02 -14.20
CA LYS B 204 21.20 -50.58 -15.53
C LYS B 204 20.08 -49.93 -16.35
N LEU B 205 19.37 -48.98 -15.77
CA LEU B 205 18.22 -48.36 -16.45
C LEU B 205 18.52 -46.96 -16.96
N ASN B 206 17.91 -46.61 -18.09
CA ASN B 206 17.91 -45.23 -18.56
C ASN B 206 17.25 -44.36 -17.49
N LEU B 207 17.88 -43.24 -17.18
CA LEU B 207 17.51 -42.43 -16.01
C LEU B 207 16.01 -42.16 -15.85
N GLN B 208 15.32 -41.85 -16.94
CA GLN B 208 13.91 -41.48 -16.85
C GLN B 208 13.02 -42.61 -16.38
N GLU B 209 13.57 -43.82 -16.29
CA GLU B 209 12.78 -44.98 -15.88
C GLU B 209 12.87 -45.27 -14.37
N ILE B 210 13.77 -44.58 -13.68
CA ILE B 210 13.97 -44.79 -12.24
C ILE B 210 12.82 -44.29 -11.33
N PRO B 211 12.34 -43.06 -11.58
CA PRO B 211 11.26 -42.53 -10.72
C PRO B 211 10.04 -43.44 -10.57
N PRO B 212 9.54 -44.06 -11.65
CA PRO B 212 8.42 -44.97 -11.47
C PRO B 212 8.81 -46.21 -10.66
N LEU B 213 10.05 -46.67 -10.86
CA LEU B 213 10.56 -47.83 -10.15
C LEU B 213 10.71 -47.50 -8.67
N VAL B 214 11.31 -46.35 -8.38
CA VAL B 214 11.46 -45.89 -7.01
C VAL B 214 10.11 -45.81 -6.31
N TYR B 215 9.10 -45.33 -7.04
CA TYR B 215 7.75 -45.30 -6.52
C TYR B 215 7.31 -46.70 -6.15
N GLN B 216 7.53 -47.62 -7.08
CA GLN B 216 7.10 -49.01 -6.89
C GLN B 216 7.89 -49.69 -5.78
N LEU B 217 9.12 -49.22 -5.56
CA LEU B 217 9.96 -49.76 -4.49
C LEU B 217 9.45 -49.27 -3.14
N LEU B 218 9.06 -48.00 -3.10
CA LEU B 218 8.63 -47.37 -1.86
C LEU B 218 7.34 -47.94 -1.28
N VAL B 219 6.48 -48.47 -2.14
CA VAL B 219 5.24 -49.08 -1.67
C VAL B 219 5.54 -50.37 -0.92
N LEU B 220 6.69 -50.97 -1.21
CA LEU B 220 7.12 -52.17 -0.50
C LEU B 220 7.63 -51.82 0.89
N SER B 221 8.35 -50.71 0.99
CA SER B 221 8.90 -50.26 2.27
C SER B 221 7.79 -50.14 3.31
N SER B 222 6.60 -49.72 2.87
CA SER B 222 5.47 -49.52 3.78
C SER B 222 5.22 -50.73 4.68
N LYS B 223 5.30 -51.92 4.10
CA LYS B 223 5.24 -53.16 4.87
C LYS B 223 6.61 -53.39 5.47
N GLY B 224 7.62 -52.91 4.73
CA GLY B 224 8.98 -53.41 4.79
C GLY B 224 10.09 -52.71 5.56
N SER B 225 11.23 -52.77 4.89
CA SER B 225 12.60 -52.51 5.34
C SER B 225 13.10 -51.07 5.32
N ARG B 226 12.25 -50.09 5.65
CA ARG B 226 12.45 -48.70 5.28
C ARG B 226 13.93 -48.30 5.15
N ARG B 227 14.69 -48.37 6.23
CA ARG B 227 16.08 -47.89 6.20
C ARG B 227 16.87 -48.33 4.97
N SER B 228 16.77 -49.60 4.61
CA SER B 228 17.54 -50.14 3.48
C SER B 228 17.01 -49.63 2.14
N VAL B 229 15.71 -49.39 2.07
CA VAL B 229 15.10 -48.81 0.87
C VAL B 229 15.64 -47.41 0.64
N LEU B 230 15.54 -46.58 1.68
CA LEU B 230 16.03 -45.21 1.61
C LEU B 230 17.53 -45.18 1.38
N ASP B 231 18.28 -45.83 2.27
CA ASP B 231 19.73 -45.84 2.17
C ASP B 231 20.15 -46.21 0.76
N GLY B 232 19.39 -47.11 0.14
CA GLY B 232 19.68 -47.53 -1.22
C GLY B 232 19.50 -46.39 -2.21
N ILE B 233 18.32 -45.80 -2.24
CA ILE B 233 18.03 -44.71 -3.16
C ILE B 233 19.04 -43.58 -2.96
N ILE B 234 19.22 -43.17 -1.71
CA ILE B 234 20.16 -42.12 -1.37
C ILE B 234 21.57 -42.46 -1.84
N ALA B 235 22.04 -43.65 -1.48
CA ALA B 235 23.39 -44.07 -1.82
C ALA B 235 23.61 -44.12 -3.34
N PHE B 236 22.56 -44.53 -4.06
CA PHE B 236 22.65 -44.61 -5.51
C PHE B 236 22.85 -43.24 -6.14
N PHE B 237 22.03 -42.28 -5.73
CA PHE B 237 22.13 -40.93 -6.26
C PHE B 237 23.34 -40.17 -5.75
N ARG B 238 23.71 -40.41 -4.50
CA ARG B 238 24.93 -39.80 -3.97
C ARG B 238 26.11 -40.12 -4.87
N GLU B 239 26.29 -41.40 -5.18
CA GLU B 239 27.35 -41.84 -6.07
C GLU B 239 27.20 -41.22 -7.45
N LEU B 240 25.98 -41.25 -7.97
CA LEU B 240 25.69 -40.67 -9.27
C LEU B 240 26.10 -39.20 -9.29
N ASP B 241 25.75 -38.48 -8.22
CA ASP B 241 26.14 -37.08 -8.06
C ASP B 241 27.65 -36.94 -8.11
N LYS B 242 28.34 -37.77 -7.33
CA LYS B 242 29.80 -37.71 -7.24
C LYS B 242 30.47 -37.67 -8.61
N GLN B 243 30.01 -38.54 -9.51
CA GLN B 243 30.56 -38.61 -10.85
C GLN B 243 30.27 -37.34 -11.64
N HIS B 244 29.01 -36.92 -11.61
CA HIS B 244 28.60 -35.71 -12.32
C HIS B 244 29.39 -34.49 -11.85
N ARG B 245 29.68 -34.44 -10.55
CA ARG B 245 30.42 -33.32 -9.98
C ARG B 245 31.89 -33.32 -10.41
N GLU B 246 32.39 -34.49 -10.80
CA GLU B 246 33.75 -34.60 -11.31
C GLU B 246 33.78 -34.40 -12.82
N GLU B 247 32.59 -34.40 -13.43
CA GLU B 247 32.43 -33.99 -14.82
C GLU B 247 32.35 -32.47 -14.90
N GLN B 248 32.00 -31.86 -13.77
CA GLN B 248 31.84 -30.42 -13.68
C GLN B 248 33.20 -29.73 -13.55
N SER B 249 34.17 -30.44 -12.99
CA SER B 249 35.52 -29.92 -12.81
C SER B 249 36.35 -30.10 -14.07
N SER B 250 35.75 -30.71 -15.09
CA SER B 250 36.42 -30.93 -16.36
C SER B 250 35.54 -30.53 -17.54
N THR B 258 22.43 -28.97 -17.78
CA THR B 258 23.12 -28.58 -19.01
C THR B 258 23.28 -29.80 -19.92
N ALA B 259 24.39 -30.54 -19.83
CA ALA B 259 24.41 -31.83 -20.51
C ALA B 259 23.54 -32.95 -19.88
N PRO B 260 23.96 -33.50 -18.71
CA PRO B 260 23.10 -34.37 -17.90
C PRO B 260 22.13 -33.62 -16.98
N ALA B 261 22.56 -32.45 -16.54
CA ALA B 261 21.96 -31.76 -15.39
C ALA B 261 20.44 -31.75 -15.47
N ASP B 262 19.94 -31.53 -16.68
CA ASP B 262 18.50 -31.57 -16.92
C ASP B 262 17.95 -32.88 -16.34
N GLU B 263 18.33 -34.00 -16.94
CA GLU B 263 17.85 -35.31 -16.49
C GLU B 263 18.17 -35.61 -15.03
N LEU B 264 19.46 -35.71 -14.71
CA LEU B 264 19.88 -36.18 -13.38
C LEU B 264 19.13 -35.48 -12.26
N TYR B 265 19.10 -34.15 -12.30
CA TYR B 265 18.51 -33.37 -11.22
C TYR B 265 16.98 -33.31 -11.27
N HIS B 266 16.43 -33.31 -12.48
CA HIS B 266 14.98 -33.37 -12.63
C HIS B 266 14.46 -34.68 -12.07
N VAL B 267 15.17 -35.76 -12.38
CA VAL B 267 14.84 -37.07 -11.86
C VAL B 267 14.99 -37.09 -10.33
N GLU B 268 16.14 -36.65 -9.85
CA GLU B 268 16.40 -36.59 -8.41
C GLU B 268 15.29 -35.84 -7.68
N GLY B 269 14.78 -34.78 -8.30
CA GLY B 269 13.69 -34.03 -7.74
C GLY B 269 12.43 -34.88 -7.66
N THR B 270 12.11 -35.56 -8.76
CA THR B 270 10.96 -36.45 -8.81
C THR B 270 11.11 -37.57 -7.79
N VAL B 271 12.31 -38.14 -7.73
CA VAL B 271 12.59 -39.20 -6.76
C VAL B 271 12.42 -38.69 -5.34
N ILE B 272 12.99 -37.53 -5.04
CA ILE B 272 12.82 -36.89 -3.74
C ILE B 272 11.34 -36.63 -3.49
N LEU B 273 10.69 -36.12 -4.52
CA LEU B 273 9.27 -35.79 -4.47
C LEU B 273 8.45 -37.05 -4.15
N HIS B 274 8.97 -38.20 -4.59
CA HIS B 274 8.31 -39.48 -4.38
C HIS B 274 8.45 -40.00 -2.95
N ILE B 275 9.64 -39.89 -2.38
CA ILE B 275 9.87 -40.43 -1.04
C ILE B 275 9.33 -39.50 0.04
N VAL B 276 9.30 -38.21 -0.23
CA VAL B 276 8.62 -37.29 0.69
C VAL B 276 7.15 -37.66 0.72
N PHE B 277 6.62 -38.03 -0.44
CA PHE B 277 5.24 -38.41 -0.57
C PHE B 277 4.92 -39.65 0.25
N ALA B 278 5.88 -40.57 0.31
CA ALA B 278 5.73 -41.78 1.11
C ALA B 278 5.78 -41.44 2.59
N ILE B 279 6.73 -40.58 2.96
CA ILE B 279 6.88 -40.14 4.34
C ILE B 279 5.60 -39.47 4.83
N LYS B 280 4.84 -38.91 3.90
CA LYS B 280 3.55 -38.31 4.24
C LYS B 280 2.57 -39.38 4.68
N LEU B 281 2.50 -40.47 3.91
CA LEU B 281 1.57 -41.56 4.21
C LEU B 281 2.06 -42.45 5.35
N ASP B 282 3.37 -42.59 5.50
CA ASP B 282 3.93 -43.41 6.57
C ASP B 282 5.01 -42.67 7.33
N CYS B 283 4.77 -42.44 8.61
CA CYS B 283 5.67 -41.61 9.43
C CYS B 283 6.96 -42.35 9.80
N GLU B 284 6.85 -43.66 10.04
CA GLU B 284 8.04 -44.46 10.33
C GLU B 284 9.09 -44.23 9.26
N LEU B 285 8.65 -44.26 8.00
CA LEU B 285 9.53 -44.02 6.88
C LEU B 285 10.31 -42.75 7.13
N GLY B 286 9.60 -41.71 7.55
CA GLY B 286 10.22 -40.44 7.90
C GLY B 286 11.13 -40.58 9.11
N ARG B 287 10.58 -41.10 10.21
CA ARG B 287 11.35 -41.28 11.43
C ARG B 287 12.59 -42.13 11.20
N GLU B 288 12.51 -43.00 10.20
CA GLU B 288 13.64 -43.85 9.84
C GLU B 288 14.68 -43.06 9.06
N LEU B 289 14.21 -42.28 8.09
CA LEU B 289 15.10 -41.43 7.30
C LEU B 289 15.91 -40.53 8.21
N LEU B 290 15.29 -40.06 9.29
CA LEU B 290 15.99 -39.23 10.27
C LEU B 290 16.94 -40.07 11.12
N LYS B 291 16.43 -41.16 11.70
CA LYS B 291 17.27 -42.05 12.50
C LYS B 291 18.53 -42.39 11.72
N HIS B 292 18.33 -42.77 10.45
CA HIS B 292 19.43 -43.13 9.58
C HIS B 292 20.44 -42.00 9.47
N LEU B 293 20.00 -40.89 8.86
CA LEU B 293 20.89 -39.77 8.56
C LEU B 293 21.52 -39.11 9.78
N LYS B 294 20.91 -39.26 10.95
CA LYS B 294 21.38 -38.53 12.13
C LYS B 294 22.85 -38.78 12.47
N ALA B 295 23.58 -37.69 12.64
CA ALA B 295 25.03 -37.69 12.78
C ALA B 295 25.56 -38.56 13.92
N GLY B 296 25.34 -38.14 15.16
CA GLY B 296 25.93 -38.81 16.29
C GLY B 296 27.44 -38.66 16.27
N GLN B 297 28.14 -39.78 16.27
CA GLN B 297 29.59 -39.79 16.12
C GLN B 297 29.94 -39.25 14.74
N GLN B 298 30.97 -38.40 14.68
CA GLN B 298 31.20 -37.55 13.52
C GLN B 298 31.81 -38.18 12.26
N GLY B 299 32.40 -39.36 12.39
CA GLY B 299 32.91 -40.05 11.22
C GLY B 299 31.79 -40.28 10.22
N ASP B 300 30.58 -40.46 10.75
CA ASP B 300 29.39 -40.69 9.94
C ASP B 300 28.80 -39.50 9.16
N PRO B 301 28.53 -38.37 9.83
CA PRO B 301 27.87 -37.24 9.16
C PRO B 301 28.63 -36.73 7.93
N SER B 302 29.91 -37.07 7.84
CA SER B 302 30.68 -36.78 6.63
C SER B 302 30.22 -37.69 5.50
N LYS B 303 30.02 -38.97 5.81
CA LYS B 303 29.50 -39.92 4.84
C LYS B 303 27.98 -39.99 4.87
N CYS B 304 27.38 -39.41 5.91
CA CYS B 304 25.93 -39.47 6.07
C CYS B 304 25.27 -38.55 5.06
N LEU B 305 25.52 -37.24 5.22
CA LEU B 305 24.90 -36.26 4.36
C LEU B 305 25.64 -36.08 3.05
N CYS B 306 24.87 -36.02 1.97
CA CYS B 306 25.37 -35.68 0.66
C CYS B 306 24.39 -34.67 0.08
N PRO B 307 24.80 -33.94 -0.95
CA PRO B 307 23.88 -32.96 -1.54
C PRO B 307 22.49 -33.56 -1.79
N PHE B 308 22.41 -34.80 -2.23
CA PHE B 308 21.12 -35.42 -2.49
C PHE B 308 20.25 -35.59 -1.25
N SER B 309 20.82 -36.21 -0.22
CA SER B 309 20.08 -36.48 1.01
C SER B 309 19.67 -35.19 1.70
N ILE B 310 20.53 -34.17 1.62
CA ILE B 310 20.23 -32.87 2.20
C ILE B 310 19.05 -32.22 1.48
N ALA B 311 19.06 -32.31 0.15
CA ALA B 311 17.95 -31.80 -0.64
C ALA B 311 16.67 -32.51 -0.27
N LEU B 312 16.78 -33.82 -0.07
CA LEU B 312 15.66 -34.64 0.37
C LEU B 312 15.11 -34.08 1.70
N LEU B 313 16.00 -33.98 2.69
CA LEU B 313 15.64 -33.45 4.00
C LEU B 313 14.96 -32.09 3.91
N LEU B 314 15.49 -31.23 3.06
CA LEU B 314 14.97 -29.87 2.92
C LEU B 314 13.59 -29.87 2.27
N SER B 315 13.36 -30.82 1.36
CA SER B 315 12.07 -30.96 0.72
C SER B 315 11.09 -31.64 1.67
N LEU B 316 11.64 -32.45 2.58
CA LEU B 316 10.84 -33.12 3.61
C LEU B 316 10.29 -32.07 4.56
N THR B 317 10.94 -30.91 4.59
CA THR B 317 10.51 -29.81 5.45
C THR B 317 9.04 -29.48 5.25
N ARG B 318 8.55 -29.64 4.03
CA ARG B 318 7.16 -29.29 3.68
C ARG B 318 6.13 -30.05 4.52
N ILE B 319 6.51 -31.20 5.06
CA ILE B 319 5.64 -31.91 5.97
C ILE B 319 5.92 -31.36 7.35
N GLN B 320 4.92 -30.67 7.91
CA GLN B 320 5.10 -29.88 9.13
C GLN B 320 5.90 -30.63 10.19
N ARG B 321 5.36 -31.76 10.63
CA ARG B 321 5.87 -32.49 11.79
C ARG B 321 7.37 -32.78 11.77
N PHE B 322 7.96 -32.90 10.58
CA PHE B 322 9.37 -33.25 10.48
C PHE B 322 10.30 -32.04 10.44
N GLU B 323 9.73 -30.84 10.35
CA GLU B 323 10.52 -29.64 10.13
C GLU B 323 11.56 -29.37 11.22
N GLU B 324 11.10 -29.25 12.46
CA GLU B 324 12.01 -28.94 13.56
C GLU B 324 13.20 -29.89 13.57
N GLN B 325 12.92 -31.16 13.28
CA GLN B 325 13.94 -32.20 13.30
C GLN B 325 14.94 -32.06 12.17
N VAL B 326 14.45 -31.91 10.95
CA VAL B 326 15.30 -31.76 9.78
C VAL B 326 16.29 -30.61 9.97
N PHE B 327 15.83 -29.55 10.62
CA PHE B 327 16.66 -28.37 10.83
C PHE B 327 17.74 -28.58 11.89
N ASP B 328 17.40 -29.26 12.97
CA ASP B 328 18.40 -29.62 13.98
C ASP B 328 19.51 -30.46 13.34
N LEU B 329 19.10 -31.50 12.64
CA LEU B 329 20.05 -32.38 11.96
C LEU B 329 21.01 -31.55 11.10
N LEU B 330 20.45 -30.73 10.22
CA LEU B 330 21.26 -29.88 9.37
C LEU B 330 22.07 -28.87 10.17
N LYS B 331 21.39 -28.10 11.03
CA LYS B 331 22.06 -27.10 11.86
C LYS B 331 23.25 -27.71 12.60
N THR B 332 23.02 -28.83 13.28
CA THR B 332 24.07 -29.44 14.10
C THR B 332 25.16 -30.08 13.25
N SER B 333 24.83 -30.48 12.03
CA SER B 333 25.80 -31.09 11.14
C SER B 333 26.71 -30.05 10.51
N VAL B 334 26.19 -28.84 10.34
CA VAL B 334 26.99 -27.76 9.76
C VAL B 334 28.10 -27.38 10.73
N VAL B 335 27.78 -27.40 12.02
CA VAL B 335 28.75 -27.08 13.06
C VAL B 335 29.77 -28.21 13.21
N LYS B 336 29.29 -29.44 13.32
CA LYS B 336 30.17 -30.59 13.42
C LYS B 336 31.12 -30.64 12.23
N SER B 337 30.55 -30.55 11.03
CA SER B 337 31.33 -30.56 9.79
C SER B 337 32.48 -29.57 9.86
N PHE B 338 32.18 -28.35 10.28
CA PHE B 338 33.20 -27.32 10.40
C PHE B 338 34.16 -27.60 11.54
N LYS B 339 33.61 -27.81 12.73
CA LYS B 339 34.44 -27.97 13.92
C LYS B 339 35.45 -29.11 13.79
N ASP B 340 35.10 -30.13 13.00
CA ASP B 340 36.02 -31.22 12.73
C ASP B 340 37.14 -30.78 11.79
N LEU B 341 36.78 -30.20 10.65
CA LEU B 341 37.78 -29.73 9.70
C LEU B 341 38.64 -28.65 10.32
N GLN B 342 38.09 -27.95 11.30
CA GLN B 342 38.83 -26.96 12.05
C GLN B 342 39.88 -27.65 12.90
N LEU B 343 39.55 -28.86 13.34
CA LEU B 343 40.46 -29.67 14.14
C LEU B 343 41.54 -30.30 13.27
N LEU B 344 41.12 -30.85 12.14
CA LEU B 344 42.03 -31.55 11.22
C LEU B 344 43.17 -30.66 10.75
N GLN B 345 42.88 -29.39 10.51
CA GLN B 345 43.92 -28.46 10.06
C GLN B 345 44.89 -28.14 11.19
N GLY B 346 44.50 -28.48 12.42
CA GLY B 346 45.30 -28.14 13.58
C GLY B 346 46.38 -29.14 13.95
N SER B 347 46.20 -30.39 13.55
CA SER B 347 47.15 -31.45 13.90
C SER B 347 47.59 -32.26 12.70
N LYS B 348 48.89 -32.51 12.61
CA LYS B 348 49.43 -33.28 11.50
C LYS B 348 49.02 -34.75 11.62
N PHE B 349 49.10 -35.27 12.83
CA PHE B 349 48.77 -36.68 13.07
C PHE B 349 47.35 -37.03 12.67
N LEU B 350 46.41 -36.12 12.89
CA LEU B 350 45.03 -36.35 12.47
C LEU B 350 44.93 -36.40 10.95
N GLN B 351 45.76 -35.62 10.28
CA GLN B 351 45.79 -35.60 8.82
C GLN B 351 46.30 -36.93 8.29
N THR B 352 47.30 -37.49 8.98
CA THR B 352 47.88 -38.76 8.59
C THR B 352 46.85 -39.88 8.70
N LEU B 353 46.09 -39.86 9.79
CA LEU B 353 45.07 -40.89 10.03
C LEU B 353 43.78 -40.64 9.26
N VAL B 354 43.32 -39.39 9.26
CA VAL B 354 42.06 -39.03 8.63
C VAL B 354 42.22 -38.15 7.39
N PRO B 355 41.69 -38.61 6.25
CA PRO B 355 41.72 -37.83 5.01
C PRO B 355 40.75 -36.66 5.09
N GLN B 356 40.99 -35.62 4.29
CA GLN B 356 40.11 -34.46 4.27
C GLN B 356 38.73 -34.87 3.76
N ARG B 357 37.71 -34.10 4.14
CA ARG B 357 36.35 -34.44 3.78
C ARG B 357 35.62 -33.19 3.28
N THR B 358 34.83 -33.35 2.23
CA THR B 358 33.93 -32.28 1.81
C THR B 358 33.03 -31.98 3.00
N CYS B 359 32.96 -30.72 3.38
CA CYS B 359 32.22 -30.35 4.58
C CYS B 359 30.78 -29.96 4.26
N VAL B 360 29.88 -30.28 5.18
CA VAL B 360 28.44 -30.12 4.97
C VAL B 360 28.11 -28.74 4.44
N SER B 361 28.95 -27.76 4.77
CA SER B 361 28.76 -26.40 4.30
C SER B 361 28.70 -26.35 2.77
N THR B 362 29.80 -26.69 2.13
CA THR B 362 29.87 -26.67 0.67
C THR B 362 28.91 -27.66 0.02
N MET B 363 28.39 -28.60 0.80
CA MET B 363 27.38 -29.54 0.31
C MET B 363 26.03 -28.86 0.16
N ILE B 364 25.60 -28.17 1.21
CA ILE B 364 24.31 -27.48 1.20
C ILE B 364 24.29 -26.43 0.10
N LEU B 365 25.44 -25.77 -0.11
CA LEU B 365 25.54 -24.77 -1.16
C LEU B 365 25.38 -25.41 -2.54
N GLU B 366 25.87 -26.64 -2.69
CA GLU B 366 25.70 -27.37 -3.93
C GLU B 366 24.23 -27.73 -4.14
N VAL B 367 23.49 -27.88 -3.05
CA VAL B 367 22.05 -28.12 -3.12
C VAL B 367 21.35 -26.91 -3.73
N VAL B 368 21.70 -25.73 -3.25
CA VAL B 368 21.19 -24.48 -3.82
C VAL B 368 21.52 -24.42 -5.30
N ARG B 369 22.79 -24.66 -5.62
CA ARG B 369 23.25 -24.66 -7.00
C ARG B 369 22.41 -25.61 -7.84
N ASN B 370 22.30 -26.86 -7.40
CA ASN B 370 21.55 -27.88 -8.12
C ASN B 370 20.04 -27.68 -8.09
N SER B 371 19.60 -26.82 -7.18
CA SER B 371 18.18 -26.54 -7.00
C SER B 371 17.59 -25.83 -8.22
N VAL B 372 18.46 -25.33 -9.09
CA VAL B 372 18.01 -24.58 -10.26
C VAL B 372 17.00 -25.36 -11.06
N HIS B 373 17.21 -26.66 -11.22
CA HIS B 373 16.37 -27.39 -12.13
C HIS B 373 15.18 -27.88 -11.34
N SER B 374 14.06 -27.18 -11.54
CA SER B 374 12.77 -27.59 -11.01
C SER B 374 12.76 -28.14 -9.58
N TRP B 375 13.50 -27.55 -8.65
CA TRP B 375 13.22 -27.91 -7.26
C TRP B 375 12.63 -26.70 -6.56
N ASP B 376 11.31 -26.64 -6.53
CA ASP B 376 10.61 -25.65 -5.72
C ASP B 376 10.39 -26.16 -4.31
N HIS B 377 10.00 -27.44 -4.23
CA HIS B 377 9.72 -28.07 -2.95
C HIS B 377 10.89 -27.90 -1.99
N VAL B 378 12.09 -27.79 -2.55
CA VAL B 378 13.28 -27.65 -1.74
C VAL B 378 13.60 -26.23 -1.29
N THR B 379 13.08 -25.22 -2.00
CA THR B 379 13.46 -23.83 -1.71
C THR B 379 12.94 -23.28 -0.38
N GLN B 380 11.66 -23.48 -0.09
CA GLN B 380 11.08 -22.97 1.15
C GLN B 380 11.91 -23.38 2.36
N GLY B 381 12.25 -24.66 2.44
CA GLY B 381 13.08 -25.15 3.52
C GLY B 381 14.49 -24.61 3.44
N LEU B 382 14.93 -24.29 2.22
CA LEU B 382 16.27 -23.74 2.02
C LEU B 382 16.42 -22.35 2.61
N ILE B 383 15.56 -21.42 2.18
CA ILE B 383 15.66 -20.06 2.68
C ILE B 383 15.43 -20.06 4.18
N GLU B 384 14.49 -20.90 4.62
CA GLU B 384 14.12 -20.94 6.02
C GLU B 384 15.27 -21.44 6.89
N PHE B 385 16.09 -22.33 6.33
CA PHE B 385 17.23 -22.84 7.05
C PHE B 385 18.30 -21.78 7.12
N GLY B 386 18.57 -21.15 5.99
CA GLY B 386 19.56 -20.09 5.90
C GLY B 386 19.33 -19.06 6.98
N PHE B 387 18.06 -18.76 7.26
CA PHE B 387 17.72 -17.79 8.30
C PHE B 387 17.99 -18.32 9.71
N ILE B 388 17.70 -19.59 9.93
CA ILE B 388 17.92 -20.18 11.24
C ILE B 388 19.39 -20.09 11.64
N LEU B 389 20.28 -20.22 10.65
CA LEU B 389 21.71 -20.04 10.89
C LEU B 389 22.00 -18.60 11.27
N MET B 390 21.58 -17.67 10.43
CA MET B 390 21.80 -16.25 10.69
C MET B 390 21.17 -15.84 12.01
N ASP B 391 20.03 -16.44 12.33
CA ASP B 391 19.34 -16.15 13.57
C ASP B 391 20.09 -16.71 14.76
N SER B 392 20.43 -17.99 14.71
CA SER B 392 21.06 -18.66 15.83
C SER B 392 22.53 -18.28 16.00
N TYR B 393 23.26 -18.22 14.89
CA TYR B 393 24.70 -18.02 14.93
C TYR B 393 25.19 -16.58 14.70
N GLY B 394 24.26 -15.65 14.55
CA GLY B 394 24.62 -14.24 14.44
C GLY B 394 25.26 -13.75 15.73
N PRO B 395 26.06 -12.68 15.62
CA PRO B 395 26.74 -12.06 16.78
C PRO B 395 25.72 -11.52 17.78
N LYS B 396 26.03 -11.58 19.08
CA LYS B 396 25.08 -11.12 20.10
C LYS B 396 25.62 -10.21 21.20
N LYS B 397 26.47 -10.75 22.07
CA LYS B 397 26.89 -10.04 23.28
C LYS B 397 27.91 -8.94 23.01
N ILE B 398 28.42 -8.88 21.79
CA ILE B 398 29.41 -7.87 21.42
C ILE B 398 28.79 -6.48 21.52
N LEU B 399 27.48 -6.41 21.33
CA LEU B 399 26.74 -5.17 21.42
C LEU B 399 26.41 -4.80 22.87
N ASP B 400 26.27 -5.81 23.73
CA ASP B 400 25.89 -5.60 25.12
C ASP B 400 27.00 -5.95 26.11
N GLY B 401 27.44 -4.94 26.86
CA GLY B 401 28.49 -5.13 27.85
C GLY B 401 27.97 -5.74 29.13
N SER B 411 36.74 -20.23 20.05
CA SER B 411 36.61 -20.24 18.61
C SER B 411 35.19 -19.89 18.15
N LYS B 412 34.99 -18.63 17.79
CA LYS B 412 33.72 -18.17 17.23
C LYS B 412 33.80 -18.36 15.72
N MET B 413 34.90 -18.96 15.29
CA MET B 413 35.11 -19.29 13.89
C MET B 413 33.93 -20.09 13.35
N THR B 414 33.47 -21.05 14.14
CA THR B 414 32.33 -21.86 13.78
C THR B 414 31.09 -20.99 13.70
N ASN B 415 30.86 -20.21 14.76
CA ASN B 415 29.75 -19.25 14.79
C ASN B 415 29.71 -18.39 13.53
N GLN B 416 30.85 -17.85 13.15
CA GLN B 416 30.94 -17.05 11.93
C GLN B 416 30.64 -17.89 10.69
N HIS B 417 31.43 -18.94 10.50
CA HIS B 417 31.32 -19.76 9.31
C HIS B 417 29.91 -20.28 9.11
N ALA B 418 29.26 -20.60 10.21
CA ALA B 418 27.85 -21.02 10.17
C ALA B 418 26.99 -19.89 9.64
N CYS B 419 27.12 -18.72 10.27
CA CYS B 419 26.32 -17.56 9.92
C CYS B 419 26.50 -17.14 8.46
N LYS B 420 27.73 -17.18 7.97
CA LYS B 420 27.99 -16.81 6.58
C LYS B 420 27.31 -17.78 5.63
N LEU B 421 27.42 -19.07 5.91
CA LEU B 421 26.75 -20.08 5.10
C LEU B 421 25.24 -19.83 5.10
N GLY B 422 24.73 -19.32 6.20
CA GLY B 422 23.34 -18.93 6.28
C GLY B 422 23.06 -17.84 5.27
N ALA B 423 23.95 -16.87 5.20
CA ALA B 423 23.81 -15.78 4.25
C ALA B 423 23.97 -16.26 2.82
N ASN B 424 24.99 -17.10 2.58
CA ASN B 424 25.26 -17.58 1.23
C ASN B 424 24.11 -18.39 0.65
N ILE B 425 23.54 -19.27 1.47
CA ILE B 425 22.35 -20.00 1.04
C ILE B 425 21.30 -18.98 0.62
N LEU B 426 21.06 -18.01 1.48
CA LEU B 426 20.01 -17.01 1.25
C LEU B 426 20.26 -16.18 0.00
N LEU B 427 21.48 -15.68 -0.16
CA LEU B 427 21.84 -14.87 -1.31
C LEU B 427 21.69 -15.69 -2.59
N GLU B 428 22.29 -16.87 -2.60
CA GLU B 428 22.36 -17.69 -3.80
C GLU B 428 21.00 -18.26 -4.21
N THR B 429 20.15 -18.55 -3.23
CA THR B 429 18.78 -18.94 -3.54
C THR B 429 18.07 -17.79 -4.24
N PHE B 430 18.24 -16.59 -3.68
CA PHE B 430 17.65 -15.38 -4.24
C PHE B 430 18.02 -15.20 -5.70
N LYS B 431 19.30 -15.38 -5.99
CA LYS B 431 19.79 -15.23 -7.35
C LYS B 431 19.14 -16.24 -8.28
N ILE B 432 19.03 -17.48 -7.81
CA ILE B 432 18.57 -18.59 -8.64
C ILE B 432 17.06 -18.68 -8.84
N HIS B 433 16.29 -18.37 -7.80
CA HIS B 433 14.84 -18.54 -7.85
C HIS B 433 14.07 -17.22 -7.83
N GLU B 434 13.47 -16.86 -8.95
CA GLU B 434 12.71 -15.63 -9.06
C GLU B 434 11.52 -15.57 -8.10
N MET B 435 10.84 -16.70 -7.92
CA MET B 435 9.56 -16.69 -7.22
C MET B 435 9.63 -16.36 -5.72
N ILE B 436 10.76 -16.69 -5.07
CA ILE B 436 10.91 -16.36 -3.65
C ILE B 436 11.67 -15.06 -3.41
N ARG B 437 12.10 -14.40 -4.48
CA ARG B 437 12.91 -13.20 -4.37
C ARG B 437 12.32 -12.22 -3.35
N GLN B 438 11.01 -12.02 -3.43
CA GLN B 438 10.33 -11.07 -2.55
C GLN B 438 10.35 -11.51 -1.09
N GLU B 439 10.04 -12.78 -0.86
CA GLU B 439 9.96 -13.30 0.50
C GLU B 439 11.29 -13.27 1.24
N ILE B 440 12.38 -13.53 0.53
CA ILE B 440 13.71 -13.41 1.12
C ILE B 440 13.94 -11.98 1.61
N LEU B 441 13.63 -11.03 0.74
CA LEU B 441 13.82 -9.62 1.06
C LEU B 441 12.97 -9.18 2.24
N GLU B 442 11.66 -9.41 2.15
CA GLU B 442 10.74 -9.10 3.24
C GLU B 442 11.23 -9.67 4.55
N GLN B 443 11.79 -10.87 4.49
CA GLN B 443 12.24 -11.56 5.70
C GLN B 443 13.46 -10.87 6.32
N VAL B 444 14.37 -10.41 5.46
CA VAL B 444 15.57 -9.70 5.94
C VAL B 444 15.19 -8.37 6.56
N LEU B 445 14.48 -7.54 5.80
CA LEU B 445 14.05 -6.24 6.27
C LEU B 445 13.32 -6.33 7.60
N ASN B 446 12.28 -7.16 7.63
CA ASN B 446 11.45 -7.30 8.82
C ASN B 446 12.25 -7.61 10.09
N ARG B 447 13.41 -8.23 9.93
CA ARG B 447 14.30 -8.45 11.06
C ARG B 447 15.03 -7.16 11.38
N VAL B 448 15.50 -6.48 10.34
CA VAL B 448 16.23 -5.22 10.50
C VAL B 448 15.41 -4.18 11.25
N VAL B 449 14.19 -3.94 10.81
CA VAL B 449 13.33 -2.96 11.46
C VAL B 449 12.80 -3.45 12.79
N THR B 450 12.64 -4.77 12.90
CA THR B 450 12.02 -5.33 14.11
C THR B 450 12.97 -5.81 15.22
N ARG B 451 14.27 -5.93 14.95
CA ARG B 451 15.07 -6.66 15.93
C ARG B 451 15.89 -5.79 16.87
N THR B 452 15.32 -5.57 18.05
CA THR B 452 15.98 -5.25 19.31
C THR B 452 17.12 -4.24 19.30
N SER B 453 18.07 -4.48 20.21
CA SER B 453 19.41 -3.96 20.16
C SER B 453 20.31 -5.03 19.58
N SER B 454 19.77 -6.24 19.44
CA SER B 454 20.54 -7.40 19.00
C SER B 454 21.12 -7.14 17.62
N PRO B 455 22.45 -7.24 17.48
CA PRO B 455 23.15 -6.71 16.30
C PRO B 455 22.64 -7.29 14.99
N ILE B 456 22.26 -6.41 14.08
CA ILE B 456 21.67 -6.79 12.80
C ILE B 456 22.64 -6.74 11.62
N ASN B 457 23.87 -6.29 11.88
CA ASN B 457 24.80 -5.98 10.81
C ASN B 457 24.92 -7.03 9.71
N HIS B 458 24.97 -8.31 10.10
CA HIS B 458 25.10 -9.38 9.11
C HIS B 458 23.90 -9.43 8.16
N PHE B 459 22.74 -9.02 8.66
CA PHE B 459 21.52 -9.00 7.84
C PHE B 459 21.54 -7.85 6.83
N LEU B 460 22.07 -6.70 7.25
CA LEU B 460 22.19 -5.56 6.36
C LEU B 460 23.16 -5.87 5.22
N ASP B 461 24.21 -6.62 5.53
CA ASP B 461 25.17 -7.01 4.53
C ASP B 461 24.52 -7.85 3.43
N LEU B 462 23.68 -8.79 3.83
CA LEU B 462 22.95 -9.61 2.87
C LEU B 462 21.99 -8.74 2.07
N PHE B 463 21.31 -7.83 2.76
CA PHE B 463 20.41 -6.89 2.12
C PHE B 463 21.16 -6.11 1.06
N SER B 464 22.36 -5.64 1.42
CA SER B 464 23.22 -4.92 0.49
C SER B 464 23.53 -5.78 -0.72
N ASP B 465 23.91 -7.03 -0.47
CA ASP B 465 24.32 -7.94 -1.53
C ASP B 465 23.18 -8.28 -2.50
N ILE B 466 22.00 -8.58 -1.95
CA ILE B 466 20.83 -8.85 -2.78
C ILE B 466 20.56 -7.70 -3.75
N ILE B 467 20.48 -6.50 -3.19
CA ILE B 467 20.34 -5.27 -3.98
C ILE B 467 21.45 -5.13 -5.01
N MET B 468 22.69 -5.05 -4.52
CA MET B 468 23.84 -4.92 -5.40
C MET B 468 23.80 -5.94 -6.53
N TYR B 469 23.29 -7.14 -6.22
CA TYR B 469 23.23 -8.21 -7.20
C TYR B 469 22.46 -7.75 -8.45
N ALA B 470 21.20 -7.38 -8.25
CA ALA B 470 20.37 -6.87 -9.32
C ALA B 470 19.45 -5.74 -8.82
N PRO B 471 19.97 -4.50 -8.79
CA PRO B 471 19.14 -3.39 -8.30
C PRO B 471 17.82 -3.26 -9.06
N LEU B 472 17.80 -3.72 -10.31
CA LEU B 472 16.62 -3.59 -11.17
C LEU B 472 15.36 -4.22 -10.60
N ILE B 473 15.52 -5.31 -9.84
CA ILE B 473 14.36 -6.01 -9.29
C ILE B 473 13.63 -5.14 -8.30
N LEU B 474 14.40 -4.55 -7.39
CA LEU B 474 13.86 -3.83 -6.24
C LEU B 474 13.71 -2.33 -6.42
N GLN B 475 13.99 -1.81 -7.61
CA GLN B 475 13.97 -0.37 -7.78
C GLN B 475 12.69 0.19 -7.15
N ASN B 476 11.54 -0.34 -7.54
CA ASN B 476 10.29 0.03 -6.90
C ASN B 476 10.29 -0.29 -5.40
N CYS B 477 10.14 -1.57 -5.08
CA CYS B 477 10.24 -2.07 -3.71
C CYS B 477 9.68 -1.17 -2.63
N SER B 478 8.37 -1.02 -2.60
CA SER B 478 7.72 -0.26 -1.55
C SER B 478 8.18 -0.79 -0.19
N LYS B 479 8.56 -2.06 -0.17
CA LYS B 479 9.00 -2.70 1.07
C LYS B 479 10.30 -2.09 1.59
N VAL B 480 11.12 -1.57 0.68
CA VAL B 480 12.29 -0.81 1.08
C VAL B 480 11.85 0.56 1.55
N THR B 481 11.02 1.21 0.74
CA THR B 481 10.54 2.55 1.05
C THR B 481 9.81 2.59 2.38
N GLU B 482 8.91 1.64 2.57
CA GLU B 482 8.14 1.54 3.81
C GLU B 482 9.07 1.40 5.01
N THR B 483 10.26 0.88 4.77
CA THR B 483 11.24 0.72 5.86
C THR B 483 11.64 2.07 6.42
N PHE B 484 11.70 3.07 5.56
CA PHE B 484 12.20 4.39 5.94
C PHE B 484 11.36 5.08 7.00
N ASP B 485 10.09 4.71 7.12
CA ASP B 485 9.23 5.32 8.12
C ASP B 485 9.76 5.08 9.53
N TYR B 486 10.55 4.03 9.68
CA TYR B 486 11.11 3.66 10.98
C TYR B 486 12.49 4.27 11.18
N LEU B 487 12.91 5.08 10.21
CA LEU B 487 14.27 5.64 10.20
C LEU B 487 14.63 6.34 11.50
N THR B 488 13.65 7.03 12.09
CA THR B 488 13.88 7.69 13.37
C THR B 488 13.85 6.69 14.52
N PHE B 489 13.00 5.68 14.38
CA PHE B 489 12.80 4.69 15.43
C PHE B 489 13.92 3.65 15.50
N LEU B 490 14.85 3.70 14.55
CA LEU B 490 15.90 2.69 14.49
C LEU B 490 17.23 3.29 14.94
N PRO B 491 18.12 2.44 15.48
CA PRO B 491 19.47 2.84 15.91
C PRO B 491 20.28 3.38 14.74
N LEU B 492 21.05 4.43 14.99
CA LEU B 492 21.82 5.10 13.94
C LEU B 492 22.64 4.11 13.11
N GLN B 493 23.31 3.18 13.78
CA GLN B 493 24.13 2.19 13.10
C GLN B 493 23.32 1.44 12.03
N THR B 494 22.06 1.15 12.34
CA THR B 494 21.19 0.48 11.39
C THR B 494 20.85 1.40 10.21
N VAL B 495 20.47 2.63 10.53
CA VAL B 495 20.04 3.60 9.52
C VAL B 495 21.14 3.84 8.50
N GLN B 496 22.38 3.91 8.96
CA GLN B 496 23.49 4.12 8.06
C GLN B 496 23.62 2.91 7.13
N GLY B 497 23.71 1.73 7.73
CA GLY B 497 23.80 0.49 6.97
C GLY B 497 22.68 0.38 5.96
N LEU B 498 21.46 0.71 6.41
CA LEU B 498 20.29 0.64 5.55
C LEU B 498 20.46 1.58 4.36
N LEU B 499 20.76 2.84 4.64
CA LEU B 499 20.94 3.84 3.60
C LEU B 499 22.08 3.49 2.65
N LYS B 500 23.26 3.22 3.20
CA LYS B 500 24.41 2.91 2.37
C LYS B 500 24.05 1.84 1.36
N ALA B 501 23.55 0.72 1.87
CA ALA B 501 23.23 -0.43 1.04
C ALA B 501 22.15 -0.12 0.01
N VAL B 502 21.20 0.72 0.39
CA VAL B 502 20.03 1.00 -0.43
C VAL B 502 20.35 1.91 -1.62
N GLN B 503 21.57 2.46 -1.63
CA GLN B 503 21.95 3.47 -2.61
C GLN B 503 21.61 3.16 -4.07
N PRO B 504 22.08 2.03 -4.60
CA PRO B 504 21.86 1.70 -6.01
C PRO B 504 20.39 1.79 -6.41
N LEU B 505 19.47 1.65 -5.46
CA LEU B 505 18.05 1.79 -5.75
C LEU B 505 17.66 3.26 -5.89
N LEU B 506 18.23 4.10 -5.02
CA LEU B 506 17.95 5.53 -5.03
C LEU B 506 18.26 6.14 -6.39
N LYS B 507 19.38 5.74 -6.97
CA LYS B 507 19.82 6.25 -8.25
C LYS B 507 18.86 5.83 -9.37
N ILE B 508 17.93 4.93 -9.05
CA ILE B 508 17.03 4.36 -10.04
C ILE B 508 15.58 4.79 -9.85
N SER B 509 14.98 4.45 -8.71
CA SER B 509 13.60 4.82 -8.45
C SER B 509 13.47 6.24 -7.92
N MET B 510 12.76 7.08 -8.68
CA MET B 510 12.55 8.47 -8.30
C MET B 510 11.69 8.54 -7.05
N SER B 511 10.61 7.78 -7.04
CA SER B 511 9.63 7.82 -5.97
C SER B 511 10.21 7.37 -4.63
N MET B 512 11.20 6.48 -4.67
CA MET B 512 11.88 6.07 -3.45
C MET B 512 12.75 7.20 -2.94
N ARG B 513 13.49 7.81 -3.86
CA ARG B 513 14.33 8.97 -3.52
C ARG B 513 13.49 10.08 -2.90
N ASP B 514 12.47 10.52 -3.62
CA ASP B 514 11.60 11.61 -3.16
C ASP B 514 10.98 11.26 -1.81
N SER B 515 10.64 9.99 -1.63
CA SER B 515 10.02 9.56 -0.39
C SER B 515 11.01 9.57 0.77
N LEU B 516 12.29 9.36 0.44
CA LEU B 516 13.34 9.41 1.46
C LEU B 516 13.62 10.86 1.83
N ILE B 517 13.58 11.74 0.84
CA ILE B 517 13.75 13.16 1.10
C ILE B 517 12.68 13.60 2.09
N LEU B 518 11.42 13.36 1.74
CA LEU B 518 10.31 13.80 2.58
C LEU B 518 10.41 13.23 3.99
N VAL B 519 10.86 11.99 4.11
CA VAL B 519 11.04 11.37 5.42
C VAL B 519 12.15 12.08 6.18
N LEU B 520 13.28 12.30 5.50
CA LEU B 520 14.43 12.95 6.11
C LEU B 520 14.10 14.41 6.44
N ARG B 521 13.34 15.05 5.57
CA ARG B 521 12.98 16.45 5.75
C ARG B 521 12.47 16.69 7.17
N LYS B 522 11.56 15.83 7.60
CA LYS B 522 10.94 15.99 8.91
C LYS B 522 11.63 15.17 10.00
N ALA B 523 12.63 14.39 9.63
CA ALA B 523 13.42 13.67 10.62
C ALA B 523 14.30 14.68 11.33
N MET B 524 14.68 15.72 10.60
CA MET B 524 15.54 16.77 11.12
C MET B 524 14.89 17.50 12.29
N PHE B 525 13.57 17.42 12.39
CA PHE B 525 12.84 18.16 13.41
C PHE B 525 12.62 17.36 14.69
N ALA B 526 13.12 16.13 14.71
CA ALA B 526 12.96 15.29 15.87
C ALA B 526 13.78 15.81 17.05
N SER B 527 13.12 16.02 18.18
CA SER B 527 13.79 16.48 19.39
C SER B 527 14.94 15.55 19.76
N GLN B 528 14.65 14.25 19.77
CA GLN B 528 15.65 13.24 20.12
C GLN B 528 16.91 13.42 19.27
N LEU B 529 18.08 13.38 19.91
CA LEU B 529 19.34 13.59 19.24
C LEU B 529 19.58 12.55 18.16
N ASP B 530 19.60 11.28 18.56
CA ASP B 530 19.91 10.19 17.66
C ASP B 530 19.07 10.22 16.38
N ALA B 531 17.84 10.70 16.49
CA ALA B 531 16.98 10.84 15.32
C ALA B 531 17.61 11.80 14.31
N ARG B 532 17.97 13.00 14.79
CA ARG B 532 18.61 13.99 13.94
C ARG B 532 19.95 13.48 13.38
N LYS B 533 20.70 12.78 14.21
CA LYS B 533 21.98 12.23 13.79
C LYS B 533 21.77 11.30 12.60
N SER B 534 20.63 10.62 12.57
CA SER B 534 20.26 9.78 11.43
C SER B 534 19.89 10.63 10.23
N ALA B 535 18.95 11.55 10.43
CA ALA B 535 18.51 12.44 9.37
C ALA B 535 19.69 13.06 8.64
N VAL B 536 20.70 13.50 9.40
CA VAL B 536 21.91 14.06 8.80
C VAL B 536 22.59 13.03 7.90
N ALA B 537 22.84 11.85 8.45
CA ALA B 537 23.50 10.78 7.71
C ALA B 537 22.79 10.55 6.38
N GLY B 538 21.47 10.65 6.41
CA GLY B 538 20.66 10.45 5.22
C GLY B 538 20.90 11.52 4.17
N PHE B 539 20.72 12.78 4.56
CA PHE B 539 20.94 13.88 3.64
C PHE B 539 22.37 13.85 3.11
N LEU B 540 23.33 13.75 4.01
CA LEU B 540 24.73 13.64 3.60
C LEU B 540 24.91 12.55 2.55
N LEU B 541 24.20 11.44 2.74
CA LEU B 541 24.27 10.34 1.78
C LEU B 541 23.61 10.73 0.46
N LEU B 542 22.45 11.38 0.56
CA LEU B 542 21.78 11.89 -0.63
C LEU B 542 22.71 12.81 -1.45
N LEU B 543 23.36 13.75 -0.78
CA LEU B 543 24.24 14.70 -1.44
C LEU B 543 25.39 14.02 -2.18
N LYS B 544 25.80 12.87 -1.68
CA LYS B 544 26.87 12.11 -2.32
C LYS B 544 26.41 11.53 -3.65
N ASN B 545 25.14 11.16 -3.73
CA ASN B 545 24.59 10.57 -4.95
C ASN B 545 23.83 11.49 -5.91
N PHE B 546 23.61 12.75 -5.54
CA PHE B 546 22.69 13.57 -6.34
C PHE B 546 23.13 14.99 -6.71
N LYS B 547 23.06 15.25 -8.00
CA LYS B 547 23.44 16.52 -8.60
C LYS B 547 22.18 17.28 -8.97
N VAL B 548 22.35 18.43 -9.62
CA VAL B 548 21.22 19.31 -9.94
C VAL B 548 21.15 19.69 -11.43
N LEU B 549 22.24 20.28 -11.92
CA LEU B 549 22.31 20.92 -13.23
C LEU B 549 21.74 22.33 -13.20
N GLY B 550 20.88 22.61 -12.22
CA GLY B 550 20.66 23.97 -11.77
C GLY B 550 20.51 25.04 -12.83
N SER B 551 21.07 26.20 -12.49
CA SER B 551 21.24 27.35 -13.38
C SER B 551 22.64 27.42 -13.99
N LEU B 552 23.40 26.32 -13.87
CA LEU B 552 24.87 26.34 -13.99
C LEU B 552 25.41 26.86 -15.33
N PRO B 553 26.74 26.92 -15.46
CA PRO B 553 27.40 27.26 -16.72
C PRO B 553 27.80 26.01 -17.50
N VAL B 563 32.36 9.75 -9.94
CA VAL B 563 31.52 8.57 -9.72
C VAL B 563 30.16 8.73 -10.40
N THR B 564 29.95 9.88 -11.02
CA THR B 564 28.71 10.14 -11.77
C THR B 564 27.43 10.10 -10.93
N GLN B 565 27.18 11.14 -10.15
CA GLN B 565 25.93 11.23 -9.42
C GLN B 565 24.78 11.47 -10.40
N VAL B 566 23.56 11.50 -9.89
CA VAL B 566 22.39 11.59 -10.75
C VAL B 566 21.73 12.96 -10.65
N ARG B 567 21.21 13.46 -11.76
CA ARG B 567 20.54 14.74 -11.76
C ARG B 567 19.09 14.56 -11.36
N VAL B 568 18.73 15.15 -10.22
CA VAL B 568 17.38 15.02 -9.67
C VAL B 568 16.45 15.97 -10.40
N ASP B 569 17.04 16.97 -11.04
CA ASP B 569 16.33 18.12 -11.56
C ASP B 569 15.63 18.00 -12.93
N VAL B 570 16.20 17.22 -13.84
CA VAL B 570 15.76 17.27 -15.24
C VAL B 570 14.36 16.75 -15.56
N HIS B 571 13.85 15.79 -14.77
CA HIS B 571 12.46 15.38 -14.95
C HIS B 571 11.60 16.15 -13.96
N SER B 572 10.85 17.12 -14.46
CA SER B 572 9.97 17.93 -13.61
C SER B 572 8.52 17.46 -13.58
N ARG B 573 8.16 16.57 -14.49
CA ARG B 573 6.82 16.02 -14.50
C ARG B 573 6.72 14.86 -13.51
N TYR B 574 7.84 14.15 -13.34
CA TYR B 574 7.88 12.97 -12.49
C TYR B 574 8.36 13.18 -11.06
N SER B 575 8.92 14.36 -10.77
CA SER B 575 9.39 14.63 -9.41
C SER B 575 8.71 15.86 -8.83
N ALA B 576 7.95 15.64 -7.76
CA ALA B 576 7.24 16.72 -7.11
C ALA B 576 8.10 17.34 -6.02
N VAL B 577 9.20 16.66 -5.71
CA VAL B 577 10.03 17.03 -4.56
C VAL B 577 11.31 17.74 -4.97
N ALA B 578 12.15 17.03 -5.72
CA ALA B 578 13.45 17.56 -6.14
C ALA B 578 13.34 18.65 -7.21
N ASN B 579 14.01 19.77 -6.94
CA ASN B 579 14.10 20.88 -7.90
C ASN B 579 15.54 21.27 -8.13
N GLU B 580 15.73 22.38 -8.84
CA GLU B 580 17.06 22.93 -9.06
C GLU B 580 17.68 23.37 -7.74
N THR B 581 16.84 23.64 -6.75
CA THR B 581 17.28 24.06 -5.43
C THR B 581 17.79 22.88 -4.60
N PHE B 582 17.64 21.67 -5.13
CA PHE B 582 17.83 20.44 -4.37
C PHE B 582 19.10 20.41 -3.50
N CYS B 583 20.24 20.75 -4.10
CA CYS B 583 21.52 20.68 -3.37
C CYS B 583 21.63 21.74 -2.27
N LEU B 584 21.30 22.98 -2.60
CA LEU B 584 21.39 24.08 -1.65
C LEU B 584 20.33 23.92 -0.57
N GLU B 585 19.14 23.47 -0.96
CA GLU B 585 18.05 23.22 -0.02
C GLU B 585 18.52 22.33 1.12
N ILE B 586 19.33 21.33 0.80
CA ILE B 586 19.84 20.39 1.79
C ILE B 586 20.91 21.01 2.68
N ILE B 587 21.87 21.69 2.06
CA ILE B 587 22.94 22.34 2.81
C ILE B 587 22.38 23.30 3.85
N ASP B 588 21.37 24.08 3.47
CA ASP B 588 20.72 24.98 4.41
C ASP B 588 20.08 24.19 5.55
N SER B 589 19.31 23.18 5.18
CA SER B 589 18.71 22.28 6.16
C SER B 589 19.78 21.75 7.11
N LEU B 590 20.93 21.40 6.55
CA LEU B 590 22.03 20.84 7.34
C LEU B 590 22.69 21.90 8.21
N LYS B 591 22.75 23.14 7.71
CA LYS B 591 23.39 24.23 8.43
C LYS B 591 22.90 24.33 9.88
N ARG B 592 21.60 24.09 10.07
CA ARG B 592 21.00 24.25 11.39
C ARG B 592 21.59 23.32 12.43
N SER B 593 22.18 22.21 11.98
CA SER B 593 22.74 21.23 12.89
C SER B 593 24.07 21.70 13.48
N LEU B 594 24.67 22.71 12.87
CA LEU B 594 25.92 23.26 13.38
C LEU B 594 25.72 24.04 14.68
N GLY B 595 24.46 24.38 14.95
CA GLY B 595 24.11 25.03 16.20
C GLY B 595 23.59 24.02 17.21
N GLN B 596 23.58 22.75 16.80
CA GLN B 596 23.14 21.67 17.68
C GLN B 596 24.30 21.04 18.45
N GLN B 597 24.03 19.91 19.08
CA GLN B 597 25.01 19.26 19.95
C GLN B 597 26.33 19.02 19.23
N ALA B 598 27.42 19.09 19.99
CA ALA B 598 28.76 18.92 19.43
C ALA B 598 28.89 17.64 18.63
N ASP B 599 28.28 16.58 19.15
CA ASP B 599 28.36 15.27 18.51
C ASP B 599 27.92 15.31 17.06
N ILE B 600 26.86 16.07 16.79
CA ILE B 600 26.34 16.22 15.43
C ILE B 600 27.28 17.04 14.55
N ARG B 601 27.66 18.21 15.05
CA ARG B 601 28.54 19.10 14.29
C ARG B 601 29.74 18.32 13.74
N LEU B 602 30.33 17.49 14.58
CA LEU B 602 31.45 16.65 14.20
C LEU B 602 31.10 15.80 12.98
N MET B 603 29.92 15.20 13.03
CA MET B 603 29.44 14.32 11.97
C MET B 603 29.19 15.12 10.68
N LEU B 604 28.81 16.38 10.84
CA LEU B 604 28.54 17.23 9.70
C LEU B 604 29.84 17.72 9.07
N TYR B 605 30.86 17.91 9.90
CA TYR B 605 32.17 18.29 9.40
C TYR B 605 32.74 17.17 8.56
N ASP B 606 32.66 15.94 9.07
CA ASP B 606 33.13 14.78 8.34
C ASP B 606 32.44 14.65 6.98
N GLY B 607 31.12 14.83 6.98
CA GLY B 607 30.35 14.68 5.77
C GLY B 607 30.70 15.69 4.70
N PHE B 608 30.78 16.95 5.11
CA PHE B 608 31.06 18.04 4.20
C PHE B 608 32.25 17.76 3.30
N TYR B 609 33.29 17.16 3.86
CA TYR B 609 34.48 16.85 3.06
C TYR B 609 34.20 15.78 2.03
N ASP B 610 33.66 14.64 2.47
CA ASP B 610 33.28 13.57 1.57
C ASP B 610 32.42 14.11 0.44
N VAL B 611 31.41 14.89 0.80
CA VAL B 611 30.48 15.46 -0.17
C VAL B 611 31.18 16.39 -1.16
N LEU B 612 32.00 17.30 -0.63
CA LEU B 612 32.73 18.26 -1.45
C LEU B 612 33.54 17.52 -2.52
N ARG B 613 34.23 16.47 -2.11
CA ARG B 613 35.05 15.69 -3.03
C ARG B 613 34.25 15.13 -4.19
N ARG B 614 33.04 14.66 -3.91
CA ARG B 614 32.17 14.11 -4.95
C ARG B 614 31.40 15.15 -5.77
N ASN B 615 31.02 16.26 -5.14
CA ASN B 615 30.30 17.31 -5.84
C ASN B 615 31.05 18.64 -5.88
N SER B 616 31.46 19.05 -7.07
CA SER B 616 32.27 20.25 -7.25
C SER B 616 31.47 21.53 -6.99
N GLN B 617 30.19 21.51 -7.37
CA GLN B 617 29.36 22.71 -7.29
C GLN B 617 29.08 23.15 -5.86
N LEU B 618 29.28 22.25 -4.91
CA LEU B 618 28.97 22.54 -3.51
C LEU B 618 30.10 23.26 -2.79
N ALA B 619 31.24 23.37 -3.45
CA ALA B 619 32.43 23.97 -2.85
C ALA B 619 32.11 25.31 -2.18
N SER B 620 31.42 26.18 -2.91
CA SER B 620 31.06 27.49 -2.39
C SER B 620 30.14 27.39 -1.17
N SER B 621 29.07 26.60 -1.31
CA SER B 621 28.05 26.49 -0.27
C SER B 621 28.59 25.89 1.02
N ILE B 622 29.37 24.82 0.88
CA ILE B 622 29.98 24.17 2.04
C ILE B 622 30.97 25.12 2.68
N MET B 623 31.87 25.67 1.87
CA MET B 623 32.91 26.55 2.36
C MET B 623 32.33 27.74 3.11
N GLN B 624 31.31 28.36 2.51
CA GLN B 624 30.62 29.48 3.13
C GLN B 624 30.21 29.12 4.55
N THR B 625 29.59 27.96 4.69
CA THR B 625 29.09 27.47 5.97
C THR B 625 30.23 27.27 6.97
N LEU B 626 31.29 26.60 6.52
CA LEU B 626 32.47 26.38 7.35
C LEU B 626 33.09 27.73 7.74
N PHE B 627 33.22 28.61 6.76
CA PHE B 627 33.82 29.91 6.98
C PHE B 627 33.08 30.68 8.08
N SER B 628 31.79 30.88 7.91
CA SER B 628 31.00 31.65 8.87
C SER B 628 30.94 30.98 10.24
N GLN B 629 31.34 29.72 10.31
CA GLN B 629 31.40 29.00 11.58
C GLN B 629 32.65 29.42 12.36
N LEU B 630 33.78 29.46 11.66
CA LEU B 630 35.03 29.90 12.25
C LEU B 630 34.91 31.34 12.73
N LYS B 631 34.19 32.15 11.98
CA LYS B 631 34.02 33.57 12.29
C LYS B 631 33.53 33.78 13.71
N GLN B 632 32.84 32.79 14.25
CA GLN B 632 32.31 32.89 15.61
C GLN B 632 33.43 32.70 16.64
N PHE B 633 34.36 31.80 16.33
CA PHE B 633 35.43 31.44 17.27
C PHE B 633 36.79 32.12 17.03
N TYR B 634 36.85 33.01 16.04
CA TYR B 634 38.12 33.61 15.62
C TYR B 634 38.16 35.11 15.92
N GLU B 635 39.15 35.54 16.69
CA GLU B 635 39.32 36.96 16.99
C GLU B 635 40.05 37.67 15.86
N PRO B 636 39.32 38.53 15.13
CA PRO B 636 39.78 39.22 13.93
C PRO B 636 40.80 40.31 14.23
N GLU B 637 40.73 40.88 15.43
CA GLU B 637 41.65 41.94 15.81
C GLU B 637 43.05 41.34 15.77
N PRO B 638 43.90 41.85 14.86
CA PRO B 638 45.21 41.20 14.71
C PRO B 638 45.97 41.23 16.03
N ASP B 639 46.44 40.06 16.44
CA ASP B 639 47.21 39.91 17.67
C ASP B 639 46.49 40.31 18.95
N LEU B 640 45.42 39.58 19.27
CA LEU B 640 44.99 39.44 20.64
C LEU B 640 45.27 37.97 20.88
N LEU B 641 46.32 37.68 21.64
CA LEU B 641 47.06 36.42 21.47
C LEU B 641 46.29 35.09 21.47
N PRO B 642 45.17 34.99 22.20
CA PRO B 642 44.29 33.83 22.01
C PRO B 642 43.51 33.93 20.69
N PRO B 643 44.11 33.48 19.58
CA PRO B 643 43.61 33.69 18.21
C PRO B 643 42.25 33.05 17.95
N LEU B 644 41.92 32.01 18.72
CA LEU B 644 40.61 31.40 18.64
C LEU B 644 39.94 31.53 20.00
N LYS B 645 38.64 31.78 20.01
CA LYS B 645 37.97 31.97 21.29
C LYS B 645 37.54 30.60 21.74
N LEU B 646 38.20 30.09 22.78
CA LEU B 646 37.99 28.72 23.23
C LEU B 646 36.98 28.67 24.37
N GLY B 647 36.52 29.83 24.80
CA GLY B 647 35.51 29.90 25.84
C GLY B 647 34.16 29.52 25.28
N ALA B 648 33.90 29.95 24.04
CA ALA B 648 32.62 29.71 23.39
C ALA B 648 32.45 28.25 22.97
N CYS B 649 33.53 27.49 23.01
CA CYS B 649 33.47 26.07 22.66
C CYS B 649 32.86 25.25 23.80
N VAL B 650 32.70 25.89 24.95
CA VAL B 650 32.09 25.23 26.10
C VAL B 650 30.75 25.84 26.46
N LEU B 651 29.75 24.98 26.63
CA LEU B 651 28.45 25.41 27.10
C LEU B 651 28.20 24.87 28.50
N THR B 652 27.47 25.62 29.31
CA THR B 652 27.12 25.19 30.65
C THR B 652 25.65 25.45 30.93
N GLN B 653 24.90 24.40 31.20
CA GLN B 653 23.53 24.56 31.65
C GLN B 653 23.27 23.71 32.90
N GLY B 654 23.03 24.39 34.03
CA GLY B 654 22.62 23.70 35.24
C GLY B 654 23.56 22.66 35.80
N SER B 655 24.80 23.07 36.11
CA SER B 655 25.74 22.22 36.85
C SER B 655 26.53 21.27 35.96
N GLN B 656 26.22 21.23 34.67
CA GLN B 656 26.93 20.36 33.74
C GLN B 656 27.62 21.17 32.65
N ILE B 657 28.87 20.84 32.38
CA ILE B 657 29.64 21.52 31.35
C ILE B 657 29.96 20.60 30.18
N PHE B 658 29.36 20.90 29.03
CA PHE B 658 29.55 20.11 27.83
C PHE B 658 30.37 20.94 26.85
N LEU B 659 31.12 20.27 25.99
CA LEU B 659 31.72 20.96 24.86
C LEU B 659 30.74 20.91 23.69
N GLN B 660 30.50 22.06 23.09
CA GLN B 660 29.79 22.13 21.81
C GLN B 660 30.79 22.63 20.79
N GLU B 661 30.62 22.28 19.52
CA GLU B 661 31.57 22.67 18.49
C GLU B 661 33.03 22.26 18.71
N PRO B 662 33.36 21.01 18.35
CA PRO B 662 34.74 20.51 18.41
C PRO B 662 35.61 21.29 17.43
N LEU B 663 36.01 22.49 17.83
CA LEU B 663 36.74 23.43 16.98
C LEU B 663 37.90 22.79 16.22
N ASP B 664 38.64 21.90 16.87
CA ASP B 664 39.78 21.26 16.24
C ASP B 664 39.41 20.50 14.97
N HIS B 665 38.19 19.99 14.91
CA HIS B 665 37.70 19.32 13.70
C HIS B 665 37.22 20.34 12.67
N LEU B 666 36.54 21.37 13.13
CA LEU B 666 36.14 22.47 12.26
C LEU B 666 37.36 22.93 11.48
N LEU B 667 38.49 23.03 12.17
CA LEU B 667 39.75 23.43 11.54
C LEU B 667 40.25 22.37 10.57
N SER B 668 40.24 21.12 11.02
CA SER B 668 40.69 20.02 10.18
C SER B 668 39.88 19.98 8.88
N CYS B 669 38.57 20.18 9.01
CA CYS B 669 37.68 20.15 7.86
C CYS B 669 38.02 21.25 6.87
N ILE B 670 38.08 22.48 7.37
CA ILE B 670 38.43 23.63 6.54
C ILE B 670 39.80 23.43 5.90
N GLN B 671 40.70 22.79 6.63
CA GLN B 671 42.02 22.47 6.13
C GLN B 671 41.93 21.54 4.93
N HIS B 672 41.22 20.42 5.12
CA HIS B 672 41.14 19.39 4.10
C HIS B 672 40.34 19.84 2.87
N CYS B 673 39.41 20.76 3.08
CA CYS B 673 38.67 21.35 1.97
C CYS B 673 39.57 22.28 1.16
N LEU B 674 40.22 23.22 1.85
CA LEU B 674 41.17 24.12 1.20
C LEU B 674 42.21 23.32 0.43
N ALA B 675 42.84 22.38 1.12
CA ALA B 675 43.83 21.50 0.50
C ALA B 675 43.26 20.88 -0.77
N TRP B 676 41.98 20.51 -0.72
CA TRP B 676 41.32 19.93 -1.89
C TRP B 676 41.07 20.95 -2.99
N TYR B 677 40.46 22.08 -2.62
CA TYR B 677 40.13 23.11 -3.59
C TYR B 677 41.38 23.58 -4.36
N LYS B 678 42.47 23.78 -3.63
CA LYS B 678 43.74 24.12 -4.25
C LYS B 678 44.22 22.94 -5.08
N SER B 679 44.31 21.78 -4.44
CA SER B 679 44.74 20.56 -5.12
C SER B 679 43.95 20.31 -6.40
N ARG B 680 42.65 20.08 -6.24
CA ARG B 680 41.85 19.59 -7.37
C ARG B 680 41.34 20.66 -8.31
N VAL B 681 40.45 21.54 -7.85
CA VAL B 681 39.68 22.29 -8.82
C VAL B 681 40.58 23.37 -9.41
N VAL B 682 40.97 23.13 -10.66
CA VAL B 682 41.74 24.06 -11.46
C VAL B 682 41.36 23.89 -12.93
N PRO B 683 40.11 24.21 -13.29
CA PRO B 683 39.70 24.02 -14.68
C PRO B 683 39.76 25.31 -15.50
N GLU B 692 34.39 32.65 -8.90
CA GLU B 692 35.32 33.70 -8.47
C GLU B 692 35.17 34.01 -6.99
N GLU B 693 33.92 34.13 -6.54
CA GLU B 693 33.65 34.41 -5.14
C GLU B 693 34.14 33.28 -4.24
N GLU B 694 34.52 32.17 -4.86
CA GLU B 694 35.17 31.08 -4.14
C GLU B 694 36.62 31.44 -3.87
N GLU B 695 37.31 31.93 -4.90
CA GLU B 695 38.72 32.29 -4.79
C GLU B 695 38.92 33.37 -3.74
N GLU B 696 37.87 34.14 -3.46
CA GLU B 696 37.89 35.11 -2.38
C GLU B 696 37.66 34.43 -1.03
N LEU B 697 36.86 33.36 -1.04
CA LEU B 697 36.65 32.55 0.15
C LEU B 697 37.93 31.82 0.54
N TYR B 698 38.54 31.15 -0.44
CA TYR B 698 39.69 30.29 -0.18
C TYR B 698 40.97 31.06 0.12
N SER B 699 40.99 32.33 -0.25
CA SER B 699 42.10 33.20 0.14
C SER B 699 41.91 33.65 1.59
N GLU B 700 40.70 34.08 1.92
CA GLU B 700 40.40 34.62 3.24
C GLU B 700 40.54 33.57 4.33
N LEU B 701 40.31 32.32 3.96
CA LEU B 701 40.51 31.22 4.90
C LEU B 701 41.99 30.89 5.02
N ASP B 702 42.70 30.93 3.89
CA ASP B 702 44.15 30.78 3.91
C ASP B 702 44.79 31.85 4.77
N ASP B 703 44.27 33.07 4.65
CA ASP B 703 44.72 34.18 5.50
C ASP B 703 44.49 33.83 6.96
N MET B 704 43.28 33.34 7.25
CA MET B 704 42.89 33.03 8.62
C MET B 704 43.71 31.91 9.24
N LEU B 705 43.99 30.87 8.46
CA LEU B 705 44.78 29.75 8.96
C LEU B 705 46.19 30.17 9.32
N GLU B 706 46.83 30.96 8.46
CA GLU B 706 48.16 31.48 8.74
C GLU B 706 48.11 32.39 9.96
N SER B 707 47.14 33.30 9.99
CA SER B 707 46.96 34.18 11.12
C SER B 707 46.90 33.39 12.42
N ILE B 708 46.10 32.32 12.41
CA ILE B 708 45.99 31.44 13.55
C ILE B 708 47.32 30.73 13.79
N THR B 709 48.02 30.40 12.71
CA THR B 709 49.31 29.72 12.82
C THR B 709 50.29 30.51 13.67
N VAL B 710 50.49 31.77 13.30
CA VAL B 710 51.45 32.62 14.01
C VAL B 710 50.97 32.97 15.41
N ARG B 711 49.76 33.51 15.51
CA ARG B 711 49.19 33.88 16.81
C ARG B 711 49.15 32.70 17.77
N MET B 712 48.99 31.49 17.23
CA MET B 712 48.90 30.30 18.06
C MET B 712 50.21 29.98 18.77
N ILE B 713 51.34 30.31 18.13
CA ILE B 713 52.61 30.08 18.80
C ILE B 713 52.90 31.38 19.52
N LYS B 714 52.68 31.37 20.82
CA LYS B 714 52.65 32.58 21.65
C LYS B 714 52.20 32.17 23.05
N ASN B 731 35.79 16.84 37.02
CA ASN B 731 36.28 17.11 38.36
C ASN B 731 35.48 18.23 39.03
N THR B 732 35.61 19.44 38.50
CA THR B 732 34.76 20.56 38.88
C THR B 732 34.61 21.52 37.71
N ASN B 733 33.42 22.12 37.58
CA ASN B 733 33.04 22.85 36.37
C ASN B 733 34.11 23.80 35.84
N VAL B 734 34.80 24.50 36.73
CA VAL B 734 35.84 25.41 36.30
C VAL B 734 36.94 24.67 35.54
N GLY B 735 37.34 23.52 36.06
CA GLY B 735 38.42 22.74 35.47
C GLY B 735 37.99 21.82 34.36
N ILE B 736 36.76 21.33 34.43
CA ILE B 736 36.23 20.44 33.39
C ILE B 736 36.29 21.16 32.05
N LYS B 737 35.98 22.46 32.08
CA LYS B 737 36.05 23.30 30.89
C LYS B 737 37.49 23.42 30.41
N ASN B 738 38.41 23.63 31.35
CA ASN B 738 39.82 23.80 31.03
C ASN B 738 40.42 22.58 30.33
N ASN B 739 40.14 21.39 30.86
CA ASN B 739 40.66 20.16 30.28
C ASN B 739 40.24 20.03 28.82
N ILE B 740 38.98 20.33 28.55
CA ILE B 740 38.47 20.33 27.18
C ILE B 740 39.31 21.26 26.32
N CYS B 741 39.40 22.51 26.74
CA CYS B 741 40.17 23.52 26.01
C CYS B 741 41.60 23.04 25.76
N ALA B 742 42.18 22.39 26.76
CA ALA B 742 43.53 21.84 26.63
C ALA B 742 43.66 20.98 25.37
N CYS B 743 42.94 19.87 25.35
CA CYS B 743 42.98 18.96 24.20
C CYS B 743 42.33 19.54 22.95
N LEU B 744 41.57 20.62 23.13
CA LEU B 744 41.08 21.38 21.99
C LEU B 744 42.27 21.98 21.27
N ILE B 745 43.08 22.72 22.02
CA ILE B 745 44.29 23.34 21.49
C ILE B 745 45.24 22.27 20.97
N MET B 746 45.46 21.24 21.79
CA MET B 746 46.33 20.13 21.41
C MET B 746 45.95 19.65 20.01
N GLY B 747 44.64 19.57 19.76
CA GLY B 747 44.15 19.24 18.44
C GLY B 747 44.42 20.36 17.45
N VAL B 748 44.00 21.58 17.82
CA VAL B 748 44.18 22.74 16.95
C VAL B 748 45.61 22.87 16.47
N CYS B 749 46.56 22.67 17.37
CA CYS B 749 47.98 22.70 17.03
C CYS B 749 48.31 21.51 16.12
N GLU B 750 47.76 20.36 16.46
CA GLU B 750 47.98 19.15 15.68
C GLU B 750 47.45 19.34 14.27
N VAL B 751 46.37 20.12 14.15
CA VAL B 751 45.80 20.45 12.85
C VAL B 751 46.65 21.46 12.09
N LEU B 752 47.04 22.53 12.79
CA LEU B 752 47.87 23.56 12.18
C LEU B 752 49.21 22.99 11.74
N MET B 753 49.69 21.99 12.46
CA MET B 753 50.89 21.27 12.06
C MET B 753 50.67 20.65 10.68
N GLU B 754 49.60 19.87 10.56
CA GLU B 754 49.23 19.23 9.30
C GLU B 754 49.14 20.25 8.16
N TYR B 755 48.52 21.39 8.45
CA TYR B 755 48.28 22.41 7.44
C TYR B 755 49.55 23.07 6.94
N ASN B 756 50.37 23.57 7.87
CA ASN B 756 51.61 24.26 7.52
C ASN B 756 52.62 23.37 6.81
N PHE B 757 52.51 22.06 7.01
CA PHE B 757 53.34 21.12 6.27
C PHE B 757 52.87 21.12 4.82
N SER B 758 51.64 20.68 4.61
CA SER B 758 51.08 20.60 3.27
C SER B 758 50.99 21.94 2.55
N ILE B 759 51.00 23.03 3.31
CA ILE B 759 51.11 24.36 2.70
C ILE B 759 52.31 24.34 1.76
N SER B 760 53.49 24.21 2.35
CA SER B 760 54.72 24.06 1.59
C SER B 760 55.62 23.05 2.28
N ASN B 761 56.12 22.10 1.49
CA ASN B 761 56.97 21.04 2.00
C ASN B 761 58.42 21.48 1.97
N PHE B 762 58.62 22.75 1.64
CA PHE B 762 59.93 23.29 1.31
C PHE B 762 60.66 23.98 2.48
N SER B 763 60.16 25.15 2.87
CA SER B 763 60.92 26.10 3.69
C SER B 763 61.37 25.59 5.07
N LYS B 764 62.49 26.12 5.53
CA LYS B 764 62.96 25.90 6.89
C LYS B 764 62.14 26.75 7.85
N SER B 765 61.56 27.82 7.31
CA SER B 765 60.85 28.80 8.12
C SER B 765 59.54 28.27 8.68
N LYS B 766 58.85 27.44 7.89
CA LYS B 766 57.58 26.85 8.33
C LYS B 766 57.79 25.67 9.27
N PHE B 767 58.80 24.85 8.98
CA PHE B 767 59.14 23.74 9.86
C PHE B 767 59.51 24.27 11.24
N GLU B 768 60.04 25.48 11.28
CA GLU B 768 60.33 26.16 12.53
C GLU B 768 59.02 26.37 13.28
N GLU B 769 57.96 26.66 12.53
CA GLU B 769 56.63 26.82 13.10
C GLU B 769 56.05 25.46 13.48
N ILE B 770 56.19 24.49 12.58
CA ILE B 770 55.71 23.14 12.82
C ILE B 770 56.23 22.61 14.15
N LEU B 771 57.52 22.82 14.39
CA LEU B 771 58.14 22.42 15.66
C LEU B 771 57.52 23.21 16.80
N SER B 772 57.42 24.53 16.63
CA SER B 772 56.83 25.40 17.63
C SER B 772 55.37 25.06 17.89
N LEU B 773 54.69 24.54 16.87
CA LEU B 773 53.31 24.08 17.02
C LEU B 773 53.27 22.81 17.84
N PHE B 774 54.26 21.93 17.64
CA PHE B 774 54.39 20.75 18.46
C PHE B 774 54.78 21.13 19.88
N THR B 775 55.60 22.18 19.98
CA THR B 775 56.06 22.66 21.28
C THR B 775 54.86 23.14 22.10
N CYS B 776 53.84 23.65 21.43
CA CYS B 776 52.61 24.04 22.09
C CYS B 776 51.77 22.81 22.43
N TYR B 777 51.72 21.86 21.50
CA TYR B 777 51.00 20.61 21.72
C TYR B 777 51.60 19.83 22.88
N LYS B 778 52.89 19.52 22.78
CA LYS B 778 53.60 18.82 23.85
C LYS B 778 53.41 19.56 25.17
N LYS B 779 53.45 20.88 25.10
CA LYS B 779 53.32 21.73 26.28
C LYS B 779 52.10 21.33 27.11
N PHE B 780 50.95 21.23 26.45
CA PHE B 780 49.72 20.86 27.13
C PHE B 780 49.64 19.35 27.39
N SER B 781 50.26 18.57 26.51
CA SER B 781 50.24 17.12 26.64
C SER B 781 51.00 16.69 27.90
N ASP B 782 52.00 17.48 28.28
CA ASP B 782 52.71 17.26 29.53
C ASP B 782 51.88 17.76 30.70
N ILE B 783 51.16 18.85 30.47
CA ILE B 783 50.33 19.47 31.50
C ILE B 783 49.21 18.55 31.97
N LEU B 784 48.94 17.51 31.21
CA LEU B 784 47.94 16.51 31.60
C LEU B 784 48.61 15.20 31.99
N LYS B 798 43.60 11.22 25.14
CA LYS B 798 44.82 11.51 24.40
C LYS B 798 45.09 10.46 23.31
N VAL B 799 44.23 9.45 23.21
CA VAL B 799 44.55 8.29 22.38
C VAL B 799 44.16 8.44 20.92
N SER B 800 42.88 8.31 20.60
CA SER B 800 42.45 8.34 19.20
C SER B 800 42.37 9.80 18.78
N ASP B 801 42.73 10.67 19.71
CA ASP B 801 42.59 12.11 19.57
C ASP B 801 43.47 12.73 18.49
N SER B 802 44.38 11.96 17.93
CA SER B 802 45.24 12.50 16.88
C SER B 802 44.37 13.06 15.76
N LEU B 803 44.56 14.34 15.45
CA LEU B 803 43.73 15.00 14.45
C LEU B 803 44.41 14.97 13.08
N LEU B 804 45.64 14.45 13.06
CA LEU B 804 46.37 14.31 11.80
C LEU B 804 45.68 13.27 10.95
N SER B 805 45.36 13.62 9.70
CA SER B 805 44.81 12.65 8.77
C SER B 805 45.86 11.58 8.58
N LEU B 806 45.43 10.35 8.31
CA LEU B 806 46.37 9.24 8.24
C LEU B 806 47.28 9.34 7.02
N LYS B 807 46.78 9.93 5.93
CA LYS B 807 47.59 10.15 4.74
C LYS B 807 48.79 11.02 5.09
N PHE B 808 48.57 11.99 5.96
CA PHE B 808 49.62 12.88 6.43
C PHE B 808 50.60 12.14 7.33
N VAL B 809 50.07 11.37 8.26
CA VAL B 809 50.90 10.57 9.16
C VAL B 809 51.77 9.60 8.37
N SER B 810 51.32 9.26 7.18
CA SER B 810 52.11 8.45 6.26
C SER B 810 53.20 9.30 5.63
N ASP B 811 52.77 10.31 4.88
CA ASP B 811 53.68 11.18 4.14
C ASP B 811 54.86 11.67 4.96
N LEU B 812 54.60 12.22 6.14
CA LEU B 812 55.66 12.83 6.93
C LEU B 812 56.60 11.79 7.53
N LEU B 813 56.07 10.62 7.90
CA LEU B 813 56.92 9.54 8.38
C LEU B 813 57.76 8.98 7.24
N THR B 814 57.24 9.07 6.02
CA THR B 814 58.00 8.70 4.83
C THR B 814 58.96 9.84 4.49
N ALA B 815 58.57 11.05 4.83
CA ALA B 815 59.39 12.23 4.57
C ALA B 815 60.53 12.37 5.58
N LEU B 816 60.26 12.03 6.83
CA LEU B 816 61.27 12.15 7.89
C LEU B 816 62.38 11.10 7.75
N PHE B 817 61.98 9.84 7.66
CA PHE B 817 62.95 8.74 7.64
C PHE B 817 63.56 8.51 6.26
N ARG B 818 62.73 8.13 5.30
CA ARG B 818 63.20 7.80 3.96
C ARG B 818 63.62 9.01 3.15
N ASP B 819 62.97 10.15 3.36
CA ASP B 819 63.24 11.31 2.52
C ASP B 819 64.38 12.17 3.04
N SER B 820 65.45 12.15 2.27
CA SER B 820 66.68 12.91 2.51
C SER B 820 67.00 13.63 1.22
N ILE B 821 67.01 12.85 0.13
CA ILE B 821 67.46 13.29 -1.19
C ILE B 821 66.96 14.68 -1.54
N GLN B 822 65.84 15.08 -0.95
CA GLN B 822 65.36 16.45 -1.12
C GLN B 822 66.36 17.45 -0.55
N SER B 823 66.37 18.66 -1.11
CA SER B 823 67.42 19.64 -0.83
C SER B 823 67.67 19.91 0.66
N HIS B 824 66.63 19.87 1.48
CA HIS B 824 66.74 20.31 2.86
C HIS B 824 67.01 19.20 3.88
N GLU B 825 68.16 19.28 4.52
CA GLU B 825 68.44 18.46 5.71
C GLU B 825 67.90 19.20 6.92
N GLU B 826 67.62 20.48 6.75
CA GLU B 826 67.08 21.30 7.82
C GLU B 826 65.61 20.95 8.07
N SER B 827 64.96 20.43 7.04
CA SER B 827 63.62 19.90 7.20
C SER B 827 63.66 18.85 8.31
N LEU B 828 64.40 17.78 8.07
CA LEU B 828 64.56 16.72 9.06
C LEU B 828 65.13 17.26 10.36
N SER B 829 66.18 18.07 10.27
CA SER B 829 66.92 18.52 11.45
C SER B 829 66.08 19.37 12.40
N VAL B 830 65.30 20.29 11.85
CA VAL B 830 64.41 21.11 12.68
C VAL B 830 63.51 20.20 13.50
N LEU B 831 63.32 18.98 13.00
CA LEU B 831 62.45 18.00 13.64
C LEU B 831 63.24 16.96 14.43
N ARG B 832 64.13 16.23 13.75
CA ARG B 832 64.96 15.22 14.41
C ARG B 832 65.59 15.77 15.69
N SER B 833 66.00 17.03 15.65
CA SER B 833 66.72 17.63 16.78
C SER B 833 65.84 17.83 18.02
N SER B 834 64.54 18.00 17.82
CA SER B 834 63.62 18.09 18.95
C SER B 834 63.51 16.70 19.58
N GLY B 835 63.21 15.71 18.75
CA GLY B 835 63.35 14.31 19.11
C GLY B 835 62.20 13.75 19.92
N GLU B 836 61.47 14.63 20.59
CA GLU B 836 60.21 14.25 21.21
C GLU B 836 59.12 14.32 20.15
N PHE B 837 59.27 15.30 19.26
CA PHE B 837 58.45 15.39 18.06
C PHE B 837 58.73 14.17 17.20
N MET B 838 59.97 13.71 17.23
CA MET B 838 60.38 12.55 16.45
C MET B 838 59.57 11.31 16.79
N HIS B 839 59.54 10.94 18.07
CA HIS B 839 58.75 9.78 18.47
C HIS B 839 57.29 10.11 18.80
N TYR B 840 56.93 11.40 18.76
CA TYR B 840 55.53 11.77 18.79
C TYR B 840 54.90 11.45 17.45
N ALA B 841 55.64 11.75 16.39
CA ALA B 841 55.17 11.49 15.03
C ALA B 841 55.13 9.99 14.75
N VAL B 842 55.97 9.23 15.44
CA VAL B 842 55.92 7.78 15.36
C VAL B 842 54.88 7.24 16.34
N ASN B 843 54.50 8.07 17.30
CA ASN B 843 53.49 7.67 18.28
C ASN B 843 52.08 7.78 17.73
N VAL B 844 51.84 8.79 16.88
CA VAL B 844 50.56 8.93 16.23
C VAL B 844 50.30 7.73 15.32
N THR B 845 51.27 7.42 14.46
CA THR B 845 51.15 6.30 13.54
C THR B 845 50.94 4.98 14.27
N LEU B 846 51.81 4.69 15.23
CA LEU B 846 51.69 3.47 16.03
C LEU B 846 50.37 3.44 16.77
N GLN B 847 49.89 4.62 17.16
CA GLN B 847 48.67 4.75 17.94
C GLN B 847 47.40 4.67 17.08
N LYS B 848 47.50 5.07 15.82
CA LYS B 848 46.38 4.99 14.89
C LYS B 848 46.21 3.57 14.35
N ILE B 849 47.32 2.91 14.09
CA ILE B 849 47.29 1.50 13.67
C ILE B 849 46.60 0.68 14.75
N GLN B 850 46.90 0.99 16.01
CA GLN B 850 46.28 0.33 17.14
C GLN B 850 44.78 0.64 17.18
N GLN B 851 44.44 1.91 17.04
CA GLN B 851 43.04 2.33 17.00
C GLN B 851 42.37 1.71 15.78
N LEU B 852 43.17 1.28 14.82
CA LEU B 852 42.65 0.68 13.60
C LEU B 852 42.28 -0.79 13.86
N ILE B 853 42.83 -1.38 14.91
CA ILE B 853 42.42 -2.72 15.31
C ILE B 853 41.29 -2.72 16.36
N ARG B 854 41.05 -1.58 17.00
CA ARG B 854 39.97 -1.47 17.97
C ARG B 854 38.64 -1.36 17.22
N THR B 855 38.61 -0.43 16.28
CA THR B 855 37.51 -0.31 15.34
C THR B 855 38.12 -0.48 13.96
N GLY B 856 37.31 -0.34 12.92
CA GLY B 856 37.83 -0.41 11.56
C GLY B 856 38.25 0.97 11.07
N HIS B 857 37.87 1.99 11.84
CA HIS B 857 38.01 3.37 11.37
C HIS B 857 39.30 4.04 11.81
N VAL B 858 39.46 5.28 11.36
CA VAL B 858 40.54 6.17 11.76
C VAL B 858 40.01 7.59 11.64
N SER B 859 40.59 8.50 12.42
CA SER B 859 40.02 9.83 12.61
C SER B 859 39.53 10.55 11.35
N GLY B 860 40.45 10.95 10.49
CA GLY B 860 40.14 11.87 9.41
C GLY B 860 39.75 11.29 8.07
N PRO B 861 39.88 12.09 7.01
CA PRO B 861 39.49 11.83 5.62
C PRO B 861 40.06 10.52 5.09
N ASP B 862 39.26 9.81 4.30
CA ASP B 862 39.63 8.49 3.80
C ASP B 862 39.95 7.58 4.98
N GLY B 863 39.34 7.88 6.12
CA GLY B 863 39.57 7.13 7.34
C GLY B 863 38.95 5.75 7.29
N GLN B 864 37.76 5.65 6.71
CA GLN B 864 37.09 4.36 6.54
C GLN B 864 37.23 3.74 5.14
N ASN B 865 37.98 4.39 4.26
CA ASN B 865 38.18 3.85 2.92
C ASN B 865 39.25 2.77 2.97
N PRO B 866 38.82 1.51 2.77
CA PRO B 866 39.69 0.34 2.96
C PRO B 866 40.81 0.24 1.93
N ASP B 867 40.65 0.87 0.77
CA ASP B 867 41.72 0.91 -0.22
C ASP B 867 42.75 1.97 0.14
N LYS B 868 42.25 3.13 0.57
CA LYS B 868 43.13 4.21 1.00
C LYS B 868 43.84 3.84 2.30
N ILE B 869 43.20 2.99 3.10
CA ILE B 869 43.78 2.53 4.35
C ILE B 869 44.88 1.50 4.09
N PHE B 870 44.61 0.57 3.17
CA PHE B 870 45.60 -0.43 2.80
C PHE B 870 46.83 0.27 2.21
N GLN B 871 46.60 1.21 1.30
CA GLN B 871 47.67 2.00 0.72
C GLN B 871 48.52 2.64 1.81
N ASN B 872 47.86 3.39 2.69
CA ASN B 872 48.55 4.08 3.78
C ASN B 872 49.28 3.11 4.70
N LEU B 873 48.78 1.88 4.80
CA LEU B 873 49.45 0.85 5.59
C LEU B 873 50.73 0.40 4.91
N CYS B 874 50.66 0.13 3.61
CA CYS B 874 51.85 -0.22 2.85
C CYS B 874 52.89 0.89 2.95
N ASP B 875 52.45 2.12 2.73
CA ASP B 875 53.33 3.28 2.81
C ASP B 875 54.06 3.32 4.15
N ILE B 876 53.29 3.25 5.24
CA ILE B 876 53.86 3.37 6.58
C ILE B 876 54.76 2.20 6.97
N THR B 877 54.37 0.99 6.60
CA THR B 877 55.10 -0.21 6.97
C THR B 877 56.56 -0.18 6.50
N ARG B 878 56.77 -0.16 5.20
CA ARG B 878 58.12 -0.22 4.63
C ARG B 878 58.99 0.94 5.11
N VAL B 879 58.37 2.02 5.57
CA VAL B 879 59.11 3.15 6.13
C VAL B 879 59.57 2.84 7.55
N LEU B 880 58.74 2.10 8.30
CA LEU B 880 59.13 1.64 9.63
C LEU B 880 60.16 0.52 9.51
N LEU B 881 60.15 -0.17 8.37
CA LEU B 881 61.11 -1.22 8.09
C LEU B 881 62.49 -0.64 7.76
N TRP B 882 62.49 0.50 7.07
CA TRP B 882 63.73 1.19 6.75
C TRP B 882 64.41 1.67 8.02
N ARG B 883 63.62 2.14 8.98
CA ARG B 883 64.16 2.62 10.24
C ARG B 883 64.60 1.47 11.13
N TYR B 884 63.91 0.34 11.03
CA TYR B 884 64.30 -0.81 11.84
C TYR B 884 65.48 -1.56 11.24
N THR B 885 65.72 -1.36 9.95
CA THR B 885 66.96 -1.85 9.37
C THR B 885 67.88 -0.64 9.25
N SER B 886 68.87 -0.59 10.14
CA SER B 886 69.65 0.63 10.35
C SER B 886 70.41 0.53 11.67
N SER B 902 64.50 5.12 22.53
CA SER B 902 64.96 4.84 21.18
C SER B 902 63.79 4.71 20.22
N ILE B 903 63.85 5.44 19.11
CA ILE B 903 62.78 5.41 18.12
C ILE B 903 62.71 4.08 17.38
N SER B 904 63.88 3.50 17.10
CA SER B 904 63.95 2.24 16.37
C SER B 904 63.21 1.11 17.08
N LEU B 905 62.95 1.28 18.36
CA LEU B 905 62.16 0.31 19.11
C LEU B 905 60.67 0.47 18.81
N LEU B 906 60.21 1.70 18.81
CA LEU B 906 58.81 2.00 18.46
C LEU B 906 58.47 1.44 17.09
N CYS B 907 59.32 1.72 16.12
CA CYS B 907 59.09 1.26 14.75
C CYS B 907 58.75 -0.22 14.72
N LEU B 908 59.49 -1.02 15.47
CA LEU B 908 59.21 -2.45 15.55
C LEU B 908 57.81 -2.67 16.13
N GLU B 909 57.51 -1.97 17.23
CA GLU B 909 56.21 -2.10 17.87
C GLU B 909 55.09 -1.70 16.92
N GLY B 910 55.30 -0.60 16.20
CA GLY B 910 54.35 -0.17 15.19
C GLY B 910 54.36 -1.13 14.02
N LEU B 911 55.56 -1.55 13.61
CA LEU B 911 55.72 -2.52 12.54
C LEU B 911 54.98 -3.80 12.89
N GLN B 912 54.97 -4.15 14.17
CA GLN B 912 54.29 -5.36 14.63
C GLN B 912 52.78 -5.24 14.45
N LYS B 913 52.22 -4.13 14.93
CA LYS B 913 50.78 -3.90 14.84
C LYS B 913 50.32 -3.84 13.38
N THR B 914 51.18 -3.34 12.50
CA THR B 914 50.88 -3.31 11.08
C THR B 914 50.58 -4.71 10.56
N PHE B 915 51.58 -5.59 10.62
CA PHE B 915 51.44 -6.96 10.14
C PHE B 915 50.19 -7.65 10.66
N SER B 916 49.97 -7.56 11.97
CA SER B 916 48.81 -8.19 12.60
C SER B 916 47.50 -7.69 12.01
N VAL B 917 47.45 -6.40 11.68
CA VAL B 917 46.26 -5.81 11.08
C VAL B 917 46.06 -6.31 9.66
N VAL B 918 47.10 -6.20 8.84
CA VAL B 918 47.05 -6.61 7.45
C VAL B 918 46.56 -8.04 7.29
N LEU B 919 46.93 -8.90 8.23
CA LEU B 919 46.63 -10.32 8.15
C LEU B 919 45.20 -10.67 8.58
N GLN B 920 44.74 -10.07 9.66
CA GLN B 920 43.42 -10.40 10.22
C GLN B 920 42.28 -9.47 9.76
N PHE B 921 42.60 -8.57 8.84
CA PHE B 921 41.61 -7.70 8.23
C PHE B 921 41.70 -7.81 6.71
N TYR B 922 42.87 -7.46 6.20
CA TYR B 922 43.13 -7.29 4.77
C TYR B 922 43.61 -8.56 4.05
N GLN B 923 43.42 -9.71 4.70
CA GLN B 923 44.07 -10.97 4.32
C GLN B 923 44.22 -11.21 2.81
N PRO B 924 43.14 -11.07 2.03
CA PRO B 924 43.30 -11.32 0.58
C PRO B 924 44.32 -10.38 -0.06
N LYS B 925 44.60 -9.25 0.58
CA LYS B 925 45.54 -8.27 0.05
C LYS B 925 46.96 -8.58 0.51
N VAL B 926 47.13 -9.69 1.24
CA VAL B 926 48.43 -10.07 1.78
C VAL B 926 49.53 -10.07 0.71
N GLN B 927 49.21 -10.58 -0.46
CA GLN B 927 50.17 -10.64 -1.56
C GLN B 927 50.60 -9.25 -1.97
N GLN B 928 49.62 -8.37 -2.15
CA GLN B 928 49.88 -6.97 -2.50
C GLN B 928 50.77 -6.33 -1.44
N PHE B 929 50.38 -6.50 -0.18
CA PHE B 929 51.07 -5.88 0.95
C PHE B 929 52.57 -6.17 0.96
N LEU B 930 52.92 -7.44 0.90
CA LEU B 930 54.32 -7.85 0.96
C LEU B 930 55.15 -7.30 -0.18
N GLN B 931 54.51 -7.10 -1.34
CA GLN B 931 55.20 -6.56 -2.51
C GLN B 931 55.65 -5.12 -2.28
N ALA B 932 54.81 -4.34 -1.60
CA ALA B 932 55.13 -2.94 -1.33
C ALA B 932 56.37 -2.80 -0.45
N LEU B 933 56.74 -3.89 0.20
CA LEU B 933 57.85 -3.88 1.16
C LEU B 933 59.21 -4.11 0.51
N ASP B 934 59.21 -4.53 -0.75
CA ASP B 934 60.45 -4.79 -1.46
C ASP B 934 60.95 -3.55 -2.20
N VAL B 945 53.64 -19.77 -2.92
CA VAL B 945 55.08 -20.00 -3.01
C VAL B 945 55.86 -18.69 -3.02
N THR B 946 55.39 -17.72 -3.80
CA THR B 946 55.98 -16.38 -3.78
C THR B 946 55.44 -15.64 -2.56
N VAL B 947 54.22 -15.98 -2.16
CA VAL B 947 53.64 -15.43 -0.93
C VAL B 947 54.38 -15.99 0.27
N THR B 948 54.63 -17.29 0.23
CA THR B 948 55.40 -17.96 1.26
C THR B 948 56.85 -17.52 1.16
N GLN B 949 57.25 -17.06 -0.02
CA GLN B 949 58.59 -16.57 -0.25
C GLN B 949 58.81 -15.23 0.45
N ARG B 950 57.88 -14.30 0.23
CA ARG B 950 57.97 -12.98 0.86
C ARG B 950 58.00 -13.13 2.36
N ALA B 951 57.22 -14.07 2.88
CA ALA B 951 57.14 -14.31 4.31
C ALA B 951 58.49 -14.72 4.90
N SER B 952 59.08 -15.77 4.34
CA SER B 952 60.35 -16.29 4.84
C SER B 952 61.49 -15.30 4.61
N PHE B 953 61.27 -14.36 3.71
CA PHE B 953 62.26 -13.31 3.45
C PHE B 953 62.27 -12.31 4.60
N GLN B 954 61.08 -11.87 4.99
CA GLN B 954 60.93 -10.93 6.09
C GLN B 954 61.25 -11.62 7.41
N ILE B 955 60.86 -12.88 7.52
CA ILE B 955 61.17 -13.67 8.71
C ILE B 955 62.67 -13.74 8.94
N ARG B 956 63.41 -14.00 7.87
CA ARG B 956 64.87 -14.07 7.94
C ARG B 956 65.45 -12.79 8.54
N GLN B 957 65.00 -11.65 8.04
CA GLN B 957 65.51 -10.36 8.49
C GLN B 957 65.26 -10.13 9.98
N PHE B 958 64.10 -10.60 10.46
CA PHE B 958 63.75 -10.46 11.86
C PHE B 958 64.44 -11.50 12.75
N GLN B 959 64.38 -12.78 12.35
CA GLN B 959 64.95 -13.85 13.16
C GLN B 959 66.47 -13.65 13.28
N ARG B 960 67.03 -12.84 12.37
CA ARG B 960 68.45 -12.52 12.38
C ARG B 960 68.76 -11.42 13.38
N SER B 961 67.81 -10.50 13.59
CA SER B 961 68.01 -9.41 14.53
C SER B 961 67.52 -9.76 15.93
N LEU B 962 66.82 -10.89 16.05
CA LEU B 962 66.53 -11.47 17.35
C LEU B 962 67.76 -12.21 17.84
N LEU B 963 68.34 -13.00 16.94
CA LEU B 963 69.55 -13.74 17.21
C LEU B 963 70.66 -12.75 17.58
N ASN B 964 70.71 -11.65 16.84
CA ASN B 964 71.67 -10.59 17.08
C ASN B 964 71.51 -9.99 18.48
N LEU B 965 70.26 -9.83 18.90
CA LEU B 965 69.95 -9.30 20.22
C LEU B 965 70.43 -10.27 21.28
N LEU B 966 70.33 -11.56 20.98
CA LEU B 966 70.75 -12.62 21.91
C LEU B 966 72.26 -12.91 21.91
N SER B 967 72.86 -12.95 20.72
CA SER B 967 74.27 -13.33 20.60
C SER B 967 75.20 -12.32 21.25
N SER B 968 74.95 -11.04 21.02
CA SER B 968 75.73 -9.96 21.61
C SER B 968 75.11 -9.44 22.91
N GLU B 969 74.06 -10.12 23.36
CA GLU B 969 73.27 -9.66 24.50
C GLU B 969 74.15 -9.30 25.71
N GLU B 970 73.91 -8.13 26.27
CA GLU B 970 74.69 -7.65 27.41
C GLU B 970 73.86 -7.66 28.69
N ASP B 971 74.18 -8.58 29.60
CA ASP B 971 73.51 -8.65 30.89
C ASP B 971 72.00 -8.57 30.73
N ASP B 972 71.41 -7.57 31.37
CA ASP B 972 70.00 -7.27 31.18
C ASP B 972 69.85 -6.31 29.99
N PHE B 973 69.08 -6.71 28.99
CA PHE B 973 68.92 -5.85 27.83
C PHE B 973 67.47 -5.45 27.53
N ASN B 974 66.72 -6.34 26.89
CA ASN B 974 65.31 -6.08 26.60
C ASN B 974 64.42 -7.30 26.75
N SER B 975 63.46 -7.25 27.67
CA SER B 975 62.39 -8.23 27.67
C SER B 975 61.30 -7.76 26.72
N LYS B 976 61.29 -6.46 26.46
CA LYS B 976 60.25 -5.85 25.62
C LYS B 976 60.50 -5.97 24.11
N GLU B 977 61.74 -5.78 23.68
CA GLU B 977 62.05 -5.91 22.25
C GLU B 977 62.10 -7.36 21.83
N ALA B 978 62.59 -8.22 22.72
CA ALA B 978 62.65 -9.65 22.45
C ALA B 978 61.23 -10.23 22.34
N LEU B 979 60.33 -9.69 23.15
CA LEU B 979 58.93 -10.13 23.16
C LEU B 979 58.24 -9.88 21.83
N LEU B 980 58.21 -8.62 21.40
CA LEU B 980 57.44 -8.25 20.21
C LEU B 980 58.19 -8.55 18.91
N LEU B 981 59.46 -8.89 19.02
CA LEU B 981 60.24 -9.33 17.87
C LEU B 981 59.81 -10.75 17.52
N ILE B 982 59.47 -11.51 18.56
CA ILE B 982 58.93 -12.85 18.39
C ILE B 982 57.51 -12.77 17.86
N ALA B 983 56.79 -11.74 18.29
CA ALA B 983 55.40 -11.54 17.86
C ALA B 983 55.32 -11.32 16.36
N VAL B 984 56.27 -10.57 15.82
CA VAL B 984 56.33 -10.32 14.39
C VAL B 984 56.55 -11.63 13.63
N LEU B 985 57.43 -12.47 14.16
CA LEU B 985 57.73 -13.77 13.57
C LEU B 985 56.50 -14.68 13.60
N SER B 986 55.85 -14.75 14.75
CA SER B 986 54.66 -15.59 14.92
C SER B 986 53.53 -15.15 13.99
N THR B 987 53.43 -13.84 13.79
CA THR B 987 52.42 -13.29 12.88
C THR B 987 52.75 -13.68 11.44
N LEU B 988 54.02 -13.54 11.07
CA LEU B 988 54.49 -13.84 9.72
C LEU B 988 54.44 -15.33 9.42
N SER B 989 54.83 -16.14 10.41
CA SER B 989 54.93 -17.59 10.22
C SER B 989 53.59 -18.23 9.86
N ARG B 990 52.50 -17.47 10.05
CA ARG B 990 51.17 -17.97 9.74
C ARG B 990 50.91 -17.89 8.23
N LEU B 991 51.74 -17.14 7.53
CA LEU B 991 51.66 -17.03 6.08
C LEU B 991 52.36 -18.21 5.41
N LEU B 992 53.25 -18.85 6.15
CA LEU B 992 54.02 -19.98 5.62
C LEU B 992 53.14 -21.21 5.43
N GLU B 993 53.15 -21.75 4.22
CA GLU B 993 52.41 -22.97 3.93
C GLU B 993 52.89 -24.07 4.88
N PRO B 994 51.94 -24.84 5.44
CA PRO B 994 52.32 -25.87 6.42
C PRO B 994 53.24 -26.93 5.82
N THR B 995 53.24 -27.10 4.51
CA THR B 995 54.14 -28.08 3.94
C THR B 995 55.51 -27.41 3.81
N SER B 996 55.71 -26.70 2.71
CA SER B 996 56.75 -25.67 2.57
C SER B 996 58.17 -26.17 2.85
N PRO B 997 59.15 -25.68 2.09
CA PRO B 997 60.56 -25.65 2.52
C PRO B 997 60.84 -24.52 3.51
N GLN B 998 60.09 -23.43 3.37
CA GLN B 998 60.32 -22.20 4.15
C GLN B 998 59.84 -22.38 5.57
N PHE B 999 58.75 -23.14 5.71
CA PHE B 999 58.13 -23.42 6.99
C PHE B 999 59.11 -24.15 7.91
N VAL B 1000 59.92 -25.02 7.32
CA VAL B 1000 60.93 -25.76 8.07
C VAL B 1000 62.00 -24.82 8.62
N GLN B 1001 62.45 -23.91 7.77
CA GLN B 1001 63.44 -22.91 8.16
C GLN B 1001 63.01 -22.17 9.42
N MET B 1002 61.70 -21.95 9.54
CA MET B 1002 61.15 -21.24 10.70
C MET B 1002 61.03 -22.17 11.91
N LEU B 1003 60.57 -23.39 11.68
CA LEU B 1003 60.40 -24.35 12.76
C LEU B 1003 61.74 -24.75 13.36
N SER B 1004 62.62 -25.25 12.50
CA SER B 1004 63.94 -25.72 12.93
C SER B 1004 64.73 -24.60 13.61
N TRP B 1005 64.65 -23.40 13.04
CA TRP B 1005 65.32 -22.24 13.62
C TRP B 1005 64.83 -21.98 15.04
N THR B 1006 63.52 -22.09 15.23
CA THR B 1006 62.93 -21.89 16.55
C THR B 1006 63.39 -22.99 17.50
N SER B 1007 63.41 -24.23 17.01
CA SER B 1007 63.89 -25.37 17.79
C SER B 1007 65.33 -25.15 18.23
N LYS B 1008 66.06 -24.35 17.45
CA LYS B 1008 67.45 -24.07 17.76
C LYS B 1008 67.57 -23.13 18.96
N ILE B 1009 66.69 -22.14 19.01
CA ILE B 1009 66.71 -21.15 20.10
C ILE B 1009 66.22 -21.75 21.42
N CYS B 1010 65.33 -22.75 21.34
CA CYS B 1010 64.75 -23.36 22.54
C CYS B 1010 65.78 -24.22 23.29
N LYS B 1011 66.55 -25.00 22.54
CA LYS B 1011 67.57 -25.87 23.11
C LYS B 1011 68.79 -25.06 23.54
N GLU B 1012 69.19 -24.12 22.70
CA GLU B 1012 70.47 -23.43 22.85
C GLU B 1012 70.41 -22.19 23.72
N TYR B 1013 69.25 -21.94 24.33
CA TYR B 1013 69.09 -20.73 25.13
C TYR B 1013 68.29 -20.89 26.41
N SER B 1014 68.36 -19.87 27.26
CA SER B 1014 67.48 -19.72 28.41
C SER B 1014 67.48 -18.25 28.82
N GLN B 1015 66.69 -17.93 29.83
CA GLN B 1015 66.70 -16.60 30.44
C GLN B 1015 65.68 -16.54 31.57
N GLU B 1016 65.86 -15.58 32.47
CA GLU B 1016 65.12 -15.58 33.72
C GLU B 1016 63.86 -14.70 33.77
N ASP B 1017 63.50 -14.11 32.64
CA ASP B 1017 62.25 -13.36 32.54
C ASP B 1017 61.15 -14.22 31.92
N ALA B 1018 60.13 -14.52 32.72
CA ALA B 1018 59.05 -15.43 32.31
C ALA B 1018 58.36 -14.99 31.03
N SER B 1019 58.30 -13.68 30.80
CA SER B 1019 57.65 -13.13 29.62
C SER B 1019 58.19 -13.73 28.33
N PHE B 1020 59.51 -13.92 28.28
CA PHE B 1020 60.19 -14.33 27.05
C PHE B 1020 59.98 -15.80 26.67
N CYS B 1021 60.00 -16.69 27.65
CA CYS B 1021 59.94 -18.11 27.38
C CYS B 1021 58.57 -18.57 26.89
N LYS B 1022 57.51 -18.12 27.57
CA LYS B 1022 56.15 -18.50 27.22
C LYS B 1022 55.86 -18.15 25.77
N SER B 1023 56.44 -17.05 25.30
CA SER B 1023 56.27 -16.62 23.92
C SER B 1023 57.01 -17.54 22.97
N LEU B 1024 58.29 -17.76 23.25
CA LEU B 1024 59.13 -18.60 22.41
C LEU B 1024 58.60 -20.03 22.35
N MET B 1025 58.00 -20.48 23.46
CA MET B 1025 57.41 -21.81 23.51
C MET B 1025 56.14 -21.88 22.68
N ASN B 1026 55.25 -20.90 22.86
CA ASN B 1026 54.03 -20.83 22.07
C ASN B 1026 54.32 -20.82 20.58
N LEU B 1027 55.24 -19.96 20.17
CA LEU B 1027 55.66 -19.90 18.78
C LEU B 1027 56.24 -21.25 18.35
N PHE B 1028 57.04 -21.85 19.22
CA PHE B 1028 57.61 -23.16 18.95
C PHE B 1028 56.50 -24.19 18.75
N PHE B 1029 55.62 -24.29 19.73
CA PHE B 1029 54.47 -25.20 19.65
C PHE B 1029 53.60 -24.86 18.45
N SER B 1030 53.29 -23.59 18.26
CA SER B 1030 52.43 -23.15 17.16
C SER B 1030 52.89 -23.74 15.84
N LEU B 1031 54.17 -23.55 15.53
CA LEU B 1031 54.75 -24.10 14.31
C LEU B 1031 54.77 -25.62 14.35
N HIS B 1032 55.07 -26.18 15.52
CA HIS B 1032 55.33 -27.60 15.65
C HIS B 1032 54.12 -28.49 15.35
N VAL B 1033 53.00 -28.21 16.00
CA VAL B 1033 51.84 -29.10 15.95
C VAL B 1033 51.35 -29.31 14.52
N LEU B 1034 51.84 -28.46 13.61
CA LEU B 1034 51.59 -28.63 12.19
C LEU B 1034 52.69 -29.47 11.52
N TYR B 1035 53.57 -30.04 12.34
CA TYR B 1035 54.62 -30.93 11.84
C TYR B 1035 54.43 -32.36 12.33
N LYS B 1036 54.72 -32.58 13.61
CA LYS B 1036 54.51 -33.87 14.25
C LYS B 1036 53.84 -33.66 15.60
N SER B 1037 53.11 -34.66 16.07
CA SER B 1037 52.51 -34.57 17.40
C SER B 1037 53.61 -34.28 18.42
N PRO B 1038 53.39 -33.25 19.25
CA PRO B 1038 54.32 -32.66 20.22
C PRO B 1038 54.83 -33.64 21.28
N VAL B 1039 54.25 -34.83 21.36
CA VAL B 1039 54.50 -35.74 22.47
C VAL B 1039 55.98 -36.08 22.67
N THR B 1040 56.81 -35.72 21.70
CA THR B 1040 58.26 -35.79 21.90
C THR B 1040 58.68 -34.64 22.80
N LEU B 1041 58.48 -33.42 22.33
CA LEU B 1041 58.79 -32.22 23.11
C LEU B 1041 58.18 -32.30 24.51
N LEU B 1042 56.92 -32.70 24.57
CA LEU B 1042 56.21 -32.78 25.85
C LEU B 1042 56.94 -33.67 26.84
N ARG B 1043 57.17 -34.92 26.45
CA ARG B 1043 57.85 -35.89 27.31
C ARG B 1043 59.25 -35.42 27.66
N ASP B 1044 59.88 -34.71 26.73
CA ASP B 1044 61.24 -34.22 26.93
C ASP B 1044 61.29 -32.96 27.79
N LEU B 1045 60.32 -32.08 27.60
CA LEU B 1045 60.23 -30.85 28.39
C LEU B 1045 60.00 -31.15 29.87
N SER B 1046 59.21 -32.17 30.14
CA SER B 1046 58.94 -32.56 31.51
C SER B 1046 60.20 -33.09 32.20
N GLN B 1047 60.98 -33.86 31.46
CA GLN B 1047 62.24 -34.39 31.98
C GLN B 1047 63.15 -33.29 32.52
N ASP B 1048 62.99 -32.09 31.97
CA ASP B 1048 63.77 -30.94 32.40
C ASP B 1048 63.23 -30.34 33.70
N ILE B 1049 61.99 -29.84 33.65
CA ILE B 1049 61.33 -29.32 34.84
C ILE B 1049 61.40 -30.35 35.96
N HIS B 1050 61.13 -31.61 35.62
CA HIS B 1050 61.19 -32.71 36.57
C HIS B 1050 62.57 -32.80 37.22
N GLY B 1051 63.61 -32.56 36.44
CA GLY B 1051 64.97 -32.62 36.95
C GLY B 1051 65.43 -31.40 37.71
N GLN B 1052 64.99 -30.22 37.26
CA GLN B 1052 65.49 -28.95 37.79
C GLN B 1052 64.67 -28.38 38.94
N LEU B 1053 63.69 -29.15 39.40
CA LEU B 1053 62.72 -28.71 40.41
C LEU B 1053 62.69 -29.55 41.68
N GLY B 1054 62.53 -30.87 41.52
CA GLY B 1054 61.76 -31.71 42.42
C GLY B 1054 62.08 -33.17 42.19
N ASP B 1055 61.07 -34.03 42.38
CA ASP B 1055 61.23 -35.46 42.68
C ASP B 1055 61.11 -35.71 44.17
N ILE B 1056 61.05 -34.64 44.95
CA ILE B 1056 60.79 -34.71 46.38
C ILE B 1056 61.12 -36.08 47.00
N VAL B 1070 66.68 -26.10 27.09
CA VAL B 1070 67.17 -25.51 28.32
C VAL B 1070 66.24 -24.45 28.88
N VAL B 1071 65.77 -24.69 30.11
CA VAL B 1071 65.06 -23.67 30.88
C VAL B 1071 65.43 -23.79 32.36
N ASN B 1072 65.77 -22.69 32.99
CA ASN B 1072 66.29 -22.72 34.36
C ASN B 1072 65.20 -22.65 35.44
N LEU B 1073 65.63 -22.53 36.69
CA LEU B 1073 64.73 -22.52 37.83
C LEU B 1073 63.61 -21.48 37.70
N ARG B 1074 64.01 -20.24 37.49
CA ARG B 1074 63.05 -19.13 37.42
C ARG B 1074 62.19 -19.27 36.17
N THR B 1075 62.70 -20.00 35.18
CA THR B 1075 62.03 -20.13 33.90
C THR B 1075 60.95 -21.21 33.92
N ALA B 1076 61.39 -22.46 34.00
CA ALA B 1076 60.50 -23.60 33.81
C ALA B 1076 59.52 -23.84 34.97
N ALA B 1077 59.86 -23.35 36.16
CA ALA B 1077 59.02 -23.67 37.32
C ALA B 1077 57.59 -23.10 37.27
N PRO B 1078 57.43 -21.77 37.26
CA PRO B 1078 56.08 -21.20 37.18
C PRO B 1078 55.44 -21.25 35.79
N THR B 1079 56.27 -21.17 34.75
CA THR B 1079 55.78 -20.86 33.42
C THR B 1079 55.77 -22.04 32.47
N VAL B 1080 56.96 -22.51 32.11
CA VAL B 1080 57.10 -23.59 31.15
C VAL B 1080 56.46 -24.86 31.70
N CYS B 1081 56.02 -24.81 32.95
CA CYS B 1081 55.24 -25.88 33.52
C CYS B 1081 53.85 -25.86 32.91
N LEU B 1082 53.13 -24.76 33.13
CA LEU B 1082 51.78 -24.59 32.63
C LEU B 1082 51.62 -24.79 31.13
N LEU B 1083 52.68 -24.51 30.37
CA LEU B 1083 52.61 -24.62 28.91
C LEU B 1083 52.51 -26.06 28.43
N VAL B 1084 53.44 -26.90 28.87
CA VAL B 1084 53.45 -28.31 28.46
C VAL B 1084 52.17 -29.00 28.94
N LEU B 1085 51.66 -28.55 30.08
CA LEU B 1085 50.40 -29.06 30.61
C LEU B 1085 49.26 -28.72 29.67
N SER B 1086 49.14 -27.43 29.33
CA SER B 1086 48.11 -26.98 28.41
C SER B 1086 48.25 -27.68 27.07
N GLN B 1087 49.47 -27.68 26.53
CA GLN B 1087 49.73 -28.27 25.23
C GLN B 1087 49.32 -29.74 25.19
N ALA B 1088 49.70 -30.49 26.22
CA ALA B 1088 49.36 -31.90 26.31
C ALA B 1088 47.85 -32.11 26.46
N GLU B 1089 47.21 -31.23 27.23
CA GLU B 1089 45.77 -31.28 27.40
C GLU B 1089 45.06 -31.24 26.05
N LYS B 1090 45.57 -30.39 25.16
CA LYS B 1090 45.01 -30.29 23.82
C LYS B 1090 45.22 -31.60 23.08
N VAL B 1091 46.43 -32.15 23.19
CA VAL B 1091 46.76 -33.41 22.53
C VAL B 1091 45.87 -34.54 23.04
N LEU B 1092 45.31 -34.36 24.23
CA LEU B 1092 44.36 -35.31 24.78
C LEU B 1092 42.98 -35.15 24.14
N GLU B 1093 42.55 -33.91 23.97
CA GLU B 1093 41.28 -33.61 23.32
C GLU B 1093 41.26 -34.23 21.93
N GLU B 1094 42.41 -34.21 21.28
CA GLU B 1094 42.59 -34.88 20.00
C GLU B 1094 42.24 -36.35 20.14
N VAL B 1095 43.01 -37.05 20.96
CA VAL B 1095 42.80 -38.47 21.22
C VAL B 1095 41.33 -38.76 21.58
N ASP B 1096 40.77 -37.95 22.48
CA ASP B 1096 39.38 -38.11 22.88
C ASP B 1096 38.45 -38.13 21.66
N TRP B 1097 38.69 -37.23 20.72
CA TRP B 1097 37.88 -37.16 19.51
C TRP B 1097 38.10 -38.37 18.62
N LEU B 1098 39.35 -38.81 18.51
CA LEU B 1098 39.67 -40.03 17.79
C LEU B 1098 38.94 -41.21 18.42
N ILE B 1099 39.06 -41.32 19.74
CA ILE B 1099 38.43 -42.40 20.49
C ILE B 1099 36.93 -42.45 20.29
N ALA B 1100 36.29 -41.27 20.33
CA ALA B 1100 34.85 -41.19 20.12
C ALA B 1100 34.49 -41.46 18.66
N LYS B 1101 35.42 -41.14 17.76
CA LYS B 1101 35.19 -41.34 16.33
C LYS B 1101 35.02 -42.81 15.97
N ILE B 1102 35.95 -43.63 16.45
CA ILE B 1102 35.95 -45.05 16.14
C ILE B 1102 34.75 -45.76 16.76
N LYS B 1103 34.36 -45.34 17.96
CA LYS B 1103 33.18 -45.89 18.61
C LYS B 1103 31.94 -45.74 17.73
N GLY B 1104 31.89 -44.64 16.99
CA GLY B 1104 30.71 -44.29 16.23
C GLY B 1104 30.49 -45.05 14.94
N SER B 1105 31.45 -45.87 14.54
CA SER B 1105 31.33 -46.65 13.33
C SER B 1105 30.59 -47.96 13.57
N ALA B 1106 30.13 -48.15 14.81
CA ALA B 1106 29.35 -49.33 15.18
C ALA B 1106 30.11 -50.62 14.92
N PRO B 1127 41.28 -49.81 7.84
CA PRO B 1127 41.98 -48.57 8.20
C PRO B 1127 41.76 -48.20 9.65
N THR B 1128 40.78 -48.84 10.29
CA THR B 1128 40.41 -48.53 11.67
C THR B 1128 41.55 -48.79 12.64
N LEU B 1129 42.15 -49.98 12.53
CA LEU B 1129 43.24 -50.39 13.42
C LEU B 1129 44.43 -49.45 13.35
N LEU B 1130 44.75 -49.02 12.13
CA LEU B 1130 45.90 -48.14 11.90
C LEU B 1130 45.84 -46.93 12.82
N ILE B 1131 44.63 -46.48 13.10
CA ILE B 1131 44.40 -45.37 14.02
C ILE B 1131 44.59 -45.82 15.47
N GLU B 1132 43.98 -46.94 15.82
CA GLU B 1132 44.01 -47.47 17.17
C GLU B 1132 45.44 -47.60 17.72
N LYS B 1133 46.36 -48.04 16.88
CA LYS B 1133 47.75 -48.20 17.29
C LYS B 1133 48.47 -46.86 17.38
N ALA B 1134 47.95 -45.87 16.66
CA ALA B 1134 48.48 -44.51 16.75
C ALA B 1134 47.98 -43.85 18.03
N ILE B 1135 46.75 -44.20 18.43
CA ILE B 1135 46.17 -43.71 19.67
C ILE B 1135 46.99 -44.23 20.85
N VAL B 1136 47.38 -45.49 20.77
CA VAL B 1136 48.21 -46.10 21.81
C VAL B 1136 49.56 -45.40 21.93
N MET B 1137 50.28 -45.33 20.82
CA MET B 1137 51.58 -44.67 20.81
C MET B 1137 51.48 -43.22 21.30
N GLN B 1138 50.35 -42.59 21.00
CA GLN B 1138 50.08 -41.23 21.49
C GLN B 1138 49.94 -41.22 23.00
N LEU B 1139 49.05 -42.06 23.52
CA LEU B 1139 48.79 -42.14 24.96
C LEU B 1139 50.00 -42.67 25.72
N GLY B 1140 50.77 -43.55 25.08
CA GLY B 1140 51.94 -44.14 25.70
C GLY B 1140 53.02 -43.12 26.00
N THR B 1141 53.31 -42.27 25.02
CA THR B 1141 54.33 -41.24 25.16
C THR B 1141 53.89 -40.18 26.17
N LEU B 1142 52.58 -40.08 26.37
CA LEU B 1142 52.00 -39.11 27.28
C LEU B 1142 52.07 -39.54 28.75
N VAL B 1143 51.94 -40.85 28.99
CA VAL B 1143 52.06 -41.39 30.34
C VAL B 1143 53.48 -41.17 30.85
N THR B 1144 54.45 -41.28 29.95
CA THR B 1144 55.85 -41.03 30.28
C THR B 1144 56.04 -39.56 30.64
N PHE B 1145 55.30 -38.70 29.94
CA PHE B 1145 55.37 -37.26 30.16
C PHE B 1145 54.91 -36.86 31.57
N PHE B 1146 53.74 -37.35 31.96
CA PHE B 1146 53.18 -37.00 33.27
C PHE B 1146 53.98 -37.59 34.43
N HIS B 1147 54.46 -38.82 34.26
CA HIS B 1147 55.26 -39.46 35.30
C HIS B 1147 56.39 -38.55 35.77
N GLU B 1148 57.02 -37.86 34.83
CA GLU B 1148 58.10 -36.94 35.15
C GLU B 1148 57.59 -35.83 36.08
N LEU B 1149 56.40 -35.32 35.78
CA LEU B 1149 55.84 -34.20 36.53
C LEU B 1149 55.21 -34.63 37.85
N VAL B 1150 54.56 -35.79 37.86
CA VAL B 1150 53.90 -36.31 39.05
C VAL B 1150 54.92 -36.66 40.13
N GLN B 1151 56.18 -36.83 39.71
CA GLN B 1151 57.29 -37.09 40.63
C GLN B 1151 57.76 -35.80 41.29
N THR B 1152 57.69 -34.72 40.52
CA THR B 1152 58.46 -33.51 40.81
C THR B 1152 57.75 -32.43 41.61
N ALA B 1153 58.50 -31.76 42.49
CA ALA B 1153 57.99 -30.65 43.28
C ALA B 1153 57.80 -29.40 42.42
N LEU B 1154 56.64 -28.78 42.56
CA LEU B 1154 56.34 -27.53 41.85
C LEU B 1154 55.75 -26.54 42.84
N PRO B 1155 55.96 -25.24 42.59
CA PRO B 1155 55.38 -24.23 43.49
C PRO B 1155 53.91 -24.53 43.76
N SER B 1156 53.52 -24.46 45.03
CA SER B 1156 52.21 -24.93 45.47
C SER B 1156 51.02 -24.11 44.95
N GLY B 1157 51.29 -22.92 44.43
CA GLY B 1157 50.23 -21.98 44.11
C GLY B 1157 49.23 -22.40 43.05
N SER B 1158 49.72 -22.70 41.84
CA SER B 1158 48.85 -22.99 40.71
C SER B 1158 49.21 -24.30 40.02
N CYS B 1159 50.46 -24.38 39.56
CA CYS B 1159 50.91 -25.51 38.75
C CYS B 1159 50.47 -26.84 39.36
N VAL B 1160 50.39 -26.89 40.69
CA VAL B 1160 49.87 -28.05 41.38
C VAL B 1160 48.47 -28.40 40.88
N ASP B 1161 47.57 -27.41 40.88
CA ASP B 1161 46.18 -27.62 40.49
C ASP B 1161 46.05 -27.94 39.00
N THR B 1162 46.90 -27.34 38.18
CA THR B 1162 46.87 -27.56 36.75
C THR B 1162 47.36 -28.96 36.39
N LEU B 1163 48.33 -29.46 37.15
CA LEU B 1163 48.86 -30.80 36.95
C LEU B 1163 47.82 -31.83 37.40
N LEU B 1164 47.04 -31.46 38.41
CA LEU B 1164 45.96 -32.32 38.89
C LEU B 1164 44.88 -32.47 37.81
N LYS B 1165 44.37 -31.34 37.33
CA LYS B 1165 43.38 -31.35 36.27
C LYS B 1165 43.86 -32.11 35.05
N GLY B 1166 45.10 -31.88 34.65
CA GLY B 1166 45.68 -32.55 33.51
C GLY B 1166 45.78 -34.06 33.71
N LEU B 1167 46.06 -34.46 34.95
CA LEU B 1167 46.17 -35.87 35.29
C LEU B 1167 44.84 -36.59 35.17
N SER B 1168 43.83 -36.07 35.86
CA SER B 1168 42.51 -36.68 35.85
C SER B 1168 41.95 -36.79 34.43
N LYS B 1169 42.49 -35.97 33.53
CA LYS B 1169 42.05 -36.00 32.14
C LYS B 1169 42.53 -37.26 31.43
N ILE B 1170 43.79 -37.63 31.64
CA ILE B 1170 44.32 -38.85 31.05
C ILE B 1170 43.49 -40.04 31.48
N TYR B 1171 43.15 -40.09 32.76
CA TYR B 1171 42.38 -41.18 33.32
C TYR B 1171 40.97 -41.25 32.72
N SER B 1172 40.44 -40.10 32.32
CA SER B 1172 39.16 -40.05 31.64
C SER B 1172 39.32 -40.50 30.20
N THR B 1173 40.45 -40.12 29.60
CA THR B 1173 40.76 -40.50 28.22
C THR B 1173 40.98 -42.01 28.12
N LEU B 1174 41.78 -42.55 29.03
CA LEU B 1174 42.04 -43.98 29.07
C LEU B 1174 40.75 -44.75 29.32
N THR B 1175 39.94 -44.25 30.26
CA THR B 1175 38.65 -44.85 30.55
C THR B 1175 37.79 -44.88 29.30
N ALA B 1176 37.86 -43.79 28.52
CA ALA B 1176 37.13 -43.70 27.27
C ALA B 1176 37.70 -44.70 26.26
N PHE B 1177 39.02 -44.88 26.29
CA PHE B 1177 39.68 -45.86 25.43
C PHE B 1177 39.30 -47.25 25.88
N VAL B 1178 39.10 -47.40 27.19
CA VAL B 1178 38.73 -48.69 27.77
C VAL B 1178 37.32 -49.12 27.39
N LYS B 1179 36.33 -48.29 27.73
CA LYS B 1179 34.94 -48.63 27.43
C LYS B 1179 34.69 -48.64 25.93
N TYR B 1180 35.69 -48.22 25.16
CA TYR B 1180 35.65 -48.41 23.72
C TYR B 1180 35.94 -49.87 23.39
N TYR B 1181 36.92 -50.46 24.07
CA TYR B 1181 37.28 -51.85 23.85
C TYR B 1181 36.29 -52.80 24.52
N LEU B 1182 35.57 -52.30 25.52
CA LEU B 1182 34.45 -53.05 26.07
C LEU B 1182 33.42 -53.26 24.96
N GLN B 1183 33.33 -52.28 24.07
CA GLN B 1183 32.42 -52.34 22.93
C GLN B 1183 32.99 -53.16 21.77
N VAL B 1184 34.27 -52.95 21.45
CA VAL B 1184 34.89 -53.56 20.29
C VAL B 1184 35.16 -55.06 20.48
N CYS B 1185 35.35 -55.46 21.73
CA CYS B 1185 35.63 -56.87 22.04
C CYS B 1185 34.37 -57.66 22.38
N GLN B 1186 33.21 -57.02 22.27
CA GLN B 1186 31.94 -57.73 22.31
C GLN B 1186 31.76 -58.44 20.98
N SER B 1187 32.37 -57.87 19.94
CA SER B 1187 32.34 -58.45 18.59
C SER B 1187 33.59 -59.28 18.29
N SER B 1188 34.46 -59.44 19.28
CA SER B 1188 35.70 -60.20 19.11
C SER B 1188 35.44 -61.56 18.49
N GLY B 1190 40.19 -60.22 20.70
CA GLY B 1190 41.62 -60.03 20.79
C GLY B 1190 41.99 -58.58 21.03
N ILE B 1191 42.78 -58.35 22.08
CA ILE B 1191 43.23 -57.01 22.45
C ILE B 1191 44.75 -57.00 22.39
N PRO B 1192 45.31 -56.64 21.22
CA PRO B 1192 46.70 -56.86 20.83
C PRO B 1192 47.73 -56.21 21.76
N ASN B 1193 48.98 -56.66 21.65
CA ASN B 1193 50.06 -56.23 22.53
C ASN B 1193 50.08 -54.72 22.74
N THR B 1194 49.81 -53.98 21.67
CA THR B 1194 49.77 -52.53 21.74
C THR B 1194 48.94 -52.09 22.94
N VAL B 1195 47.65 -52.41 22.91
CA VAL B 1195 46.75 -52.07 24.00
C VAL B 1195 47.26 -52.57 25.35
N GLU B 1196 47.33 -53.89 25.48
CA GLU B 1196 47.75 -54.52 26.74
C GLU B 1196 49.00 -53.88 27.33
N LYS B 1197 50.11 -53.97 26.60
CA LYS B 1197 51.41 -53.56 27.11
C LYS B 1197 51.34 -52.19 27.81
N LEU B 1198 50.65 -51.24 27.18
CA LEU B 1198 50.61 -49.88 27.70
C LEU B 1198 49.51 -49.66 28.74
N VAL B 1199 48.61 -50.63 28.87
CA VAL B 1199 47.54 -50.52 29.86
C VAL B 1199 48.13 -50.63 31.28
N LYS B 1200 49.08 -51.54 31.45
CA LYS B 1200 49.73 -51.73 32.74
C LYS B 1200 50.92 -50.79 32.88
N LEU B 1201 51.25 -50.11 31.80
CA LEU B 1201 52.30 -49.09 31.84
C LEU B 1201 51.75 -47.89 32.61
N SER B 1202 50.42 -47.83 32.70
CA SER B 1202 49.73 -46.83 33.50
C SER B 1202 49.69 -47.22 34.98
N GLY B 1203 49.43 -48.50 35.25
CA GLY B 1203 49.33 -48.99 36.61
C GLY B 1203 50.68 -49.21 37.26
N SER B 1204 51.73 -48.77 36.58
CA SER B 1204 53.08 -48.85 37.11
C SER B 1204 53.68 -47.45 37.24
N HIS B 1205 53.79 -46.76 36.10
CA HIS B 1205 54.38 -45.42 36.07
C HIS B 1205 53.44 -44.31 36.57
N LEU B 1206 52.14 -44.52 36.47
CA LEU B 1206 51.18 -43.49 36.84
C LEU B 1206 50.48 -43.72 38.17
N THR B 1207 49.60 -44.72 38.22
CA THR B 1207 48.70 -44.90 39.35
C THR B 1207 49.38 -44.74 40.72
N PRO B 1208 50.45 -45.51 40.97
CA PRO B 1208 51.14 -45.37 42.26
C PRO B 1208 51.82 -44.01 42.42
N VAL B 1209 52.47 -43.52 41.36
CA VAL B 1209 53.17 -42.25 41.43
C VAL B 1209 52.20 -41.09 41.66
N CYS B 1210 50.95 -41.28 41.23
CA CYS B 1210 49.91 -40.29 41.46
C CYS B 1210 49.52 -40.24 42.93
N TYR B 1211 49.20 -41.39 43.50
CA TYR B 1211 48.83 -41.48 44.90
C TYR B 1211 49.89 -40.83 45.79
N SER B 1212 51.13 -40.90 45.36
CA SER B 1212 52.25 -40.33 46.11
C SER B 1212 52.35 -38.83 45.92
N PHE B 1213 51.82 -38.32 44.82
CA PHE B 1213 51.87 -36.89 44.53
C PHE B 1213 50.82 -36.12 45.33
N ILE B 1214 49.72 -36.79 45.65
CA ILE B 1214 48.64 -36.17 46.39
C ILE B 1214 49.01 -35.99 47.87
N SER B 1215 49.91 -36.85 48.34
CA SER B 1215 50.40 -36.75 49.71
C SER B 1215 51.43 -35.62 49.84
N TYR B 1216 52.17 -35.36 48.76
CA TYR B 1216 53.10 -34.24 48.72
C TYR B 1216 52.38 -32.94 48.99
N VAL B 1217 51.15 -32.85 48.51
CA VAL B 1217 50.36 -31.62 48.58
C VAL B 1217 49.88 -31.31 49.99
N GLN B 1218 49.41 -32.34 50.68
CA GLN B 1218 48.83 -32.18 52.01
C GLN B 1218 49.89 -32.02 53.09
N ASN B 1219 51.06 -32.62 52.88
CA ASN B 1219 52.15 -32.51 53.82
C ASN B 1219 52.84 -31.15 53.76
N LYS B 1220 52.87 -30.57 52.56
CA LYS B 1220 53.44 -29.24 52.36
C LYS B 1220 52.49 -28.11 52.72
N SER B 1221 51.21 -28.27 52.40
CA SER B 1221 50.23 -27.19 52.52
C SER B 1221 49.84 -26.87 53.97
N SER B 1222 49.83 -27.88 54.83
CA SER B 1222 49.47 -27.68 56.23
C SER B 1222 50.58 -28.15 57.17
N PRO B 1248 38.55 -31.06 42.65
CA PRO B 1248 39.98 -30.88 42.42
C PRO B 1248 40.80 -32.06 42.95
N ILE B 1249 40.91 -32.17 44.28
CA ILE B 1249 41.56 -33.31 44.90
C ILE B 1249 40.75 -34.60 44.71
N PRO B 1250 39.43 -34.56 44.97
CA PRO B 1250 38.58 -35.74 44.82
C PRO B 1250 38.39 -36.11 43.36
N ASN B 1251 38.60 -35.14 42.47
CA ASN B 1251 38.37 -35.32 41.05
C ASN B 1251 39.41 -36.23 40.40
N LEU B 1252 40.57 -36.32 41.03
CA LEU B 1252 41.65 -37.16 40.53
C LEU B 1252 41.40 -38.62 40.90
N VAL B 1253 40.95 -38.83 42.14
CA VAL B 1253 40.74 -40.17 42.66
C VAL B 1253 39.56 -40.85 41.97
N PHE B 1254 38.44 -40.14 41.88
CA PHE B 1254 37.27 -40.66 41.20
C PHE B 1254 37.62 -41.08 39.79
N ALA B 1255 38.47 -40.29 39.14
CA ALA B 1255 38.91 -40.59 37.78
C ALA B 1255 39.70 -41.90 37.74
N ILE B 1256 40.64 -42.04 38.66
CA ILE B 1256 41.45 -43.25 38.74
C ILE B 1256 40.59 -44.43 39.16
N GLU B 1257 39.61 -44.16 40.01
CA GLU B 1257 38.69 -45.21 40.46
C GLU B 1257 37.80 -45.70 39.33
N GLN B 1258 37.16 -44.77 38.64
CA GLN B 1258 36.35 -45.11 37.48
C GLN B 1258 37.21 -45.74 36.39
N TYR B 1259 38.45 -45.27 36.27
CA TYR B 1259 39.39 -45.84 35.32
C TYR B 1259 39.58 -47.33 35.60
N GLU B 1260 39.75 -47.67 36.87
CA GLU B 1260 39.94 -49.06 37.27
C GLU B 1260 38.64 -49.83 37.22
N LYS B 1261 37.53 -49.17 37.53
CA LYS B 1261 36.24 -49.84 37.55
C LYS B 1261 35.91 -50.45 36.18
N PHE B 1262 36.34 -49.77 35.12
CA PHE B 1262 36.11 -50.27 33.77
C PHE B 1262 37.24 -51.17 33.26
N LEU B 1263 38.36 -51.17 33.98
CA LEU B 1263 39.43 -52.13 33.71
C LEU B 1263 39.06 -53.46 34.34
N ILE B 1264 38.36 -53.38 35.46
CA ILE B 1264 37.84 -54.55 36.15
C ILE B 1264 36.77 -55.23 35.29
N GLN B 1265 35.92 -54.41 34.66
CA GLN B 1265 34.88 -54.93 33.78
C GLN B 1265 35.49 -55.46 32.49
N LEU B 1266 36.51 -54.76 31.99
CA LEU B 1266 37.21 -55.17 30.78
C LEU B 1266 37.91 -56.53 30.92
N SER B 1267 38.82 -56.62 31.90
CA SER B 1267 39.63 -57.82 32.08
C SER B 1267 38.78 -59.04 32.33
N LYS B 1268 37.71 -58.88 33.10
CA LYS B 1268 36.80 -59.98 33.42
C LYS B 1268 36.07 -60.47 32.18
N LYS B 1269 35.43 -59.55 31.49
CA LYS B 1269 34.52 -59.92 30.40
C LYS B 1269 35.22 -60.18 29.07
N SER B 1270 36.51 -59.95 28.98
CA SER B 1270 37.18 -60.20 27.71
C SER B 1270 38.15 -61.37 27.72
N LYS B 1271 39.38 -61.13 28.15
CA LYS B 1271 40.41 -62.16 28.11
C LYS B 1271 41.36 -62.24 29.31
N VAL B 1272 42.14 -61.17 29.47
CA VAL B 1272 43.39 -61.20 30.24
C VAL B 1272 43.29 -60.60 31.64
N ASN B 1273 44.14 -61.10 32.52
CA ASN B 1273 44.16 -60.77 33.94
C ASN B 1273 44.95 -59.49 34.22
N LEU B 1274 45.25 -58.77 33.14
CA LEU B 1274 46.10 -57.59 33.17
C LEU B 1274 45.81 -56.67 34.36
N MET B 1275 44.54 -56.52 34.72
CA MET B 1275 44.19 -55.71 35.89
C MET B 1275 44.79 -56.29 37.16
N GLN B 1276 44.90 -57.63 37.20
CA GLN B 1276 45.57 -58.29 38.31
C GLN B 1276 47.08 -58.11 38.21
N HIS B 1277 47.55 -57.76 37.03
CA HIS B 1277 48.97 -57.50 36.81
C HIS B 1277 49.29 -56.02 36.98
N MET B 1278 48.25 -55.21 37.17
CA MET B 1278 48.45 -53.80 37.45
C MET B 1278 48.73 -53.57 38.92
N LYS B 1279 48.29 -54.52 39.75
CA LYS B 1279 48.50 -54.45 41.20
C LYS B 1279 49.87 -54.97 41.62
N LEU B 1280 50.50 -55.78 40.76
CA LEU B 1280 51.80 -56.36 41.07
C LEU B 1280 52.90 -55.31 40.98
N MET C 1 -45.36 -65.48 35.70
CA MET C 1 -45.94 -64.56 34.73
C MET C 1 -45.00 -64.40 33.53
N ASP C 2 -43.95 -63.60 33.72
CA ASP C 2 -42.98 -63.32 32.67
C ASP C 2 -42.53 -64.60 31.98
N LEU C 3 -41.85 -65.47 32.72
CA LEU C 3 -41.31 -66.71 32.18
C LEU C 3 -42.33 -67.53 31.39
N LYS C 4 -43.56 -67.60 31.91
CA LYS C 4 -44.59 -68.42 31.29
C LYS C 4 -45.05 -67.86 29.94
N ILE C 5 -44.68 -66.62 29.65
CA ILE C 5 -44.98 -66.01 28.36
C ILE C 5 -43.84 -66.24 27.37
N LEU C 6 -42.71 -66.69 27.88
CA LEU C 6 -41.52 -66.89 27.05
C LEU C 6 -41.63 -68.15 26.21
N SER C 7 -42.32 -69.15 26.75
CA SER C 7 -42.50 -70.42 26.04
C SER C 7 -43.46 -70.25 24.87
N LEU C 8 -44.54 -69.50 25.09
CA LEU C 8 -45.55 -69.27 24.06
C LEU C 8 -44.92 -68.68 22.80
N ALA C 9 -43.92 -67.84 22.99
CA ALA C 9 -43.23 -67.20 21.87
C ALA C 9 -42.33 -68.18 21.13
N THR C 10 -41.79 -69.15 21.87
CA THR C 10 -40.94 -70.17 21.27
C THR C 10 -41.69 -71.47 20.97
N ASP C 11 -43.01 -71.49 21.20
CA ASP C 11 -43.80 -72.69 20.96
C ASP C 11 -44.51 -72.60 19.61
N LYS C 12 -45.59 -71.82 19.57
CA LYS C 12 -46.41 -71.66 18.37
C LYS C 12 -47.60 -70.72 18.61
N THR C 13 -48.16 -70.23 17.51
CA THR C 13 -49.23 -69.25 17.49
C THR C 13 -50.56 -69.77 18.02
N THR C 14 -51.48 -68.86 18.30
CA THR C 14 -52.81 -69.27 18.76
C THR C 14 -52.73 -70.04 20.08
N ASP C 15 -52.95 -71.35 20.03
CA ASP C 15 -53.23 -72.13 21.24
C ASP C 15 -52.40 -71.64 22.42
N LYS C 16 -51.08 -71.77 22.34
CA LYS C 16 -50.21 -71.32 23.42
C LYS C 16 -50.52 -69.88 23.83
N LEU C 17 -50.19 -68.95 22.94
CA LEU C 17 -50.27 -67.51 23.22
C LEU C 17 -51.64 -67.02 23.67
N GLN C 18 -52.59 -67.02 22.73
CA GLN C 18 -53.87 -66.36 22.91
C GLN C 18 -54.66 -66.85 24.13
N GLU C 19 -54.43 -68.08 24.54
CA GLU C 19 -55.17 -68.67 25.66
C GLU C 19 -54.80 -68.02 27.00
N PHE C 20 -53.51 -67.72 27.18
CA PHE C 20 -53.04 -67.09 28.41
C PHE C 20 -53.65 -65.71 28.61
N LEU C 21 -53.88 -65.00 27.50
CA LEU C 21 -54.45 -63.67 27.53
C LEU C 21 -55.83 -63.68 28.18
N GLN C 22 -56.70 -64.52 27.63
CA GLN C 22 -58.08 -64.62 28.09
C GLN C 22 -58.14 -64.95 29.58
N THR C 23 -57.03 -65.48 30.10
CA THR C 23 -56.95 -65.86 31.49
C THR C 23 -56.76 -64.64 32.39
N LEU C 24 -56.08 -63.62 31.86
CA LEU C 24 -55.71 -62.46 32.66
C LEU C 24 -56.82 -61.42 32.72
N LYS C 25 -56.98 -60.66 31.65
CA LYS C 25 -58.09 -59.70 31.52
C LYS C 25 -58.07 -58.59 32.58
N ASP C 26 -57.23 -58.74 33.61
CA ASP C 26 -57.35 -57.86 34.77
C ASP C 26 -56.47 -56.63 34.69
N ASP C 27 -55.18 -56.81 34.98
CA ASP C 27 -54.28 -55.68 34.96
C ASP C 27 -53.05 -55.97 34.12
N ASP C 28 -52.99 -55.32 32.98
CA ASP C 28 -51.76 -55.22 32.21
C ASP C 28 -51.20 -53.86 32.57
N LEU C 29 -51.95 -53.14 33.41
CA LEU C 29 -51.54 -51.86 33.93
C LEU C 29 -50.49 -52.07 35.00
N ALA C 30 -50.91 -52.58 36.15
CA ALA C 30 -50.02 -52.77 37.29
C ALA C 30 -48.83 -53.66 36.93
N SER C 31 -49.00 -54.55 35.97
CA SER C 31 -47.93 -55.45 35.54
C SER C 31 -46.85 -54.70 34.78
N LEU C 32 -47.25 -53.97 33.74
CA LEU C 32 -46.31 -53.27 32.88
C LEU C 32 -45.68 -52.05 33.56
N LEU C 33 -46.44 -51.38 34.41
CA LEU C 33 -45.93 -50.20 35.11
C LEU C 33 -44.66 -50.54 35.87
N GLN C 34 -44.73 -51.61 36.66
CA GLN C 34 -43.63 -51.98 37.55
C GLN C 34 -42.63 -52.96 36.96
N ASN C 35 -42.95 -53.55 35.81
CA ASN C 35 -42.05 -54.49 35.15
C ASN C 35 -40.91 -53.80 34.41
N GLN C 36 -41.17 -52.57 33.98
CA GLN C 36 -40.13 -51.73 33.40
C GLN C 36 -39.29 -51.10 34.52
N ALA C 37 -39.92 -50.90 35.66
CA ALA C 37 -39.23 -50.35 36.84
C ALA C 37 -38.18 -51.34 37.33
N VAL C 38 -38.46 -52.63 37.17
CA VAL C 38 -37.51 -53.67 37.51
C VAL C 38 -36.41 -53.74 36.45
N LYS C 39 -36.79 -54.21 35.26
CA LYS C 39 -35.90 -54.20 34.11
C LYS C 39 -36.64 -53.79 32.85
N GLY C 40 -36.15 -52.75 32.19
CA GLY C 40 -36.80 -52.22 31.00
C GLY C 40 -36.64 -53.11 29.78
N ARG C 41 -35.60 -53.94 29.77
CA ARG C 41 -35.37 -54.83 28.64
C ARG C 41 -36.15 -56.13 28.75
N ALA C 42 -36.64 -56.43 29.95
CA ALA C 42 -37.53 -57.57 30.15
C ALA C 42 -38.92 -57.19 29.66
N VAL C 43 -39.21 -55.90 29.73
CA VAL C 43 -40.44 -55.33 29.18
C VAL C 43 -40.32 -55.16 27.67
N GLY C 44 -39.09 -55.01 27.19
CA GLY C 44 -38.81 -54.76 25.79
C GLY C 44 -39.29 -55.84 24.84
N THR C 45 -39.15 -57.10 25.24
CA THR C 45 -39.65 -58.21 24.44
C THR C 45 -41.02 -58.67 24.93
N LEU C 46 -41.48 -58.08 26.03
CA LEU C 46 -42.75 -58.45 26.63
C LEU C 46 -43.88 -58.27 25.62
N LEU C 47 -43.76 -57.22 24.81
CA LEU C 47 -44.75 -56.92 23.78
C LEU C 47 -44.69 -57.90 22.61
N ARG C 48 -43.48 -58.11 22.09
CA ARG C 48 -43.29 -58.91 20.88
C ARG C 48 -44.05 -60.24 20.93
N ALA C 49 -44.05 -60.87 22.10
CA ALA C 49 -44.78 -62.12 22.29
C ALA C 49 -46.27 -61.87 22.43
N VAL C 50 -46.64 -60.89 23.24
CA VAL C 50 -48.03 -60.57 23.51
C VAL C 50 -48.72 -59.98 22.27
N LEU C 51 -47.97 -59.25 21.47
CA LEU C 51 -48.51 -58.68 20.23
C LEU C 51 -48.75 -59.74 19.17
N LYS C 52 -47.88 -60.76 19.15
CA LYS C 52 -48.06 -61.88 18.24
C LYS C 52 -48.97 -62.93 18.87
N GLY C 53 -49.41 -62.64 20.09
CA GLY C 53 -50.37 -63.49 20.78
C GLY C 53 -51.78 -62.95 20.60
N SER C 54 -51.89 -61.82 19.91
CA SER C 54 -53.18 -61.20 19.64
C SER C 54 -53.22 -60.56 18.25
N PRO C 55 -53.39 -61.39 17.21
CA PRO C 55 -53.44 -60.92 15.81
C PRO C 55 -54.76 -60.24 15.47
N CYS C 56 -54.92 -59.87 14.20
CA CYS C 56 -56.16 -59.26 13.73
C CYS C 56 -57.11 -60.33 13.20
N SER C 57 -56.60 -61.55 13.07
CA SER C 57 -57.41 -62.66 12.61
C SER C 57 -58.48 -62.99 13.65
N GLU C 58 -58.14 -62.79 14.92
CA GLU C 58 -59.10 -62.99 16.00
C GLU C 58 -59.38 -61.66 16.70
N GLU C 59 -60.64 -61.45 17.07
CA GLU C 59 -61.05 -60.20 17.70
C GLU C 59 -60.48 -60.04 19.11
N ASP C 60 -60.59 -61.09 19.92
CA ASP C 60 -60.05 -61.03 21.27
C ASP C 60 -58.58 -60.67 21.22
N GLY C 61 -57.93 -61.03 20.12
CA GLY C 61 -56.57 -60.59 19.87
C GLY C 61 -56.49 -59.11 19.51
N ALA C 62 -57.28 -58.71 18.51
CA ALA C 62 -57.24 -57.34 18.00
C ALA C 62 -57.77 -56.35 19.03
N LEU C 63 -58.90 -56.68 19.65
CA LEU C 63 -59.52 -55.78 20.61
C LEU C 63 -58.76 -55.76 21.95
N ARG C 64 -57.84 -56.73 22.12
CA ARG C 64 -56.94 -56.73 23.28
C ARG C 64 -55.76 -55.80 23.07
N ARG C 65 -55.20 -55.85 21.86
CA ARG C 65 -54.07 -55.00 21.50
C ARG C 65 -54.37 -53.54 21.82
N TYR C 66 -55.62 -53.15 21.60
CA TYR C 66 -56.05 -51.78 21.80
C TYR C 66 -55.86 -51.32 23.24
N LYS C 67 -55.95 -52.26 24.18
CA LYS C 67 -55.75 -51.93 25.59
C LYS C 67 -54.26 -51.78 25.88
N ILE C 68 -53.46 -52.68 25.32
CA ILE C 68 -52.01 -52.63 25.46
C ILE C 68 -51.49 -51.30 24.93
N TYR C 69 -51.85 -51.01 23.68
CA TYR C 69 -51.42 -49.79 23.02
C TYR C 69 -51.73 -48.55 23.84
N SER C 70 -52.87 -48.56 24.54
CA SER C 70 -53.26 -47.41 25.34
C SER C 70 -52.48 -47.35 26.66
N CYS C 71 -51.98 -48.49 27.12
CA CYS C 71 -51.19 -48.53 28.34
C CYS C 71 -49.74 -48.09 28.07
N CYS C 72 -49.19 -48.57 26.97
CA CYS C 72 -47.85 -48.14 26.56
C CYS C 72 -47.83 -46.63 26.41
N ILE C 73 -48.83 -46.11 25.70
CA ILE C 73 -48.98 -44.68 25.49
C ILE C 73 -49.07 -43.92 26.81
N GLN C 74 -49.89 -44.41 27.73
CA GLN C 74 -50.08 -43.76 29.02
C GLN C 74 -48.79 -43.66 29.82
N LEU C 75 -47.99 -44.72 29.81
CA LEU C 75 -46.75 -44.76 30.56
C LEU C 75 -45.67 -43.85 29.97
N VAL C 76 -45.51 -43.92 28.66
CA VAL C 76 -44.53 -43.09 27.96
C VAL C 76 -44.65 -41.62 28.34
N GLU C 77 -45.87 -41.12 28.36
CA GLU C 77 -46.12 -39.70 28.65
C GLU C 77 -46.05 -39.34 30.14
N SER C 78 -46.72 -40.12 30.98
CA SER C 78 -46.84 -39.79 32.41
C SER C 78 -45.58 -40.13 33.20
N GLY C 79 -45.05 -41.33 32.98
CA GLY C 79 -43.91 -41.81 33.73
C GLY C 79 -42.64 -41.01 33.48
N ASP C 80 -41.69 -41.14 34.39
CA ASP C 80 -40.41 -40.44 34.30
C ASP C 80 -39.42 -41.32 33.53
N LEU C 81 -39.94 -42.40 32.95
CA LEU C 81 -39.13 -43.45 32.34
C LEU C 81 -38.05 -42.94 31.40
N GLN C 82 -36.89 -43.58 31.46
CA GLN C 82 -35.74 -43.25 30.63
C GLN C 82 -36.07 -43.35 29.15
N GLN C 83 -35.40 -42.51 28.35
CA GLN C 83 -35.72 -42.37 26.93
C GLN C 83 -35.41 -43.60 26.08
N ASP C 84 -34.56 -44.49 26.58
CA ASP C 84 -34.30 -45.75 25.88
C ASP C 84 -35.49 -46.67 26.03
N VAL C 85 -36.07 -46.68 27.23
CA VAL C 85 -37.30 -47.41 27.49
C VAL C 85 -38.45 -46.78 26.71
N ALA C 86 -38.60 -45.46 26.85
CA ALA C 86 -39.66 -44.72 26.19
C ALA C 86 -39.65 -44.91 24.67
N SER C 87 -38.49 -44.70 24.06
CA SER C 87 -38.38 -44.76 22.61
C SER C 87 -38.35 -46.19 22.07
N GLU C 88 -38.13 -47.16 22.96
CA GLU C 88 -38.20 -48.56 22.58
C GLU C 88 -39.66 -48.96 22.45
N ILE C 89 -40.47 -48.50 23.40
CA ILE C 89 -41.89 -48.77 23.42
C ILE C 89 -42.55 -48.28 22.12
N ILE C 90 -42.39 -47.00 21.85
CA ILE C 90 -42.99 -46.40 20.66
C ILE C 90 -42.29 -46.91 19.42
N GLY C 91 -41.12 -47.51 19.60
CA GLY C 91 -40.42 -48.16 18.52
C GLY C 91 -41.24 -49.35 18.05
N LEU C 92 -41.65 -50.17 19.00
CA LEU C 92 -42.47 -51.34 18.71
C LEU C 92 -43.88 -50.95 18.28
N LEU C 93 -44.49 -50.03 19.03
CA LEU C 93 -45.85 -49.58 18.74
C LEU C 93 -45.98 -49.05 17.31
N MET C 94 -44.93 -48.40 16.84
CA MET C 94 -44.93 -47.84 15.49
C MET C 94 -44.79 -48.92 14.44
N LEU C 95 -44.00 -49.95 14.75
CA LEU C 95 -43.72 -51.01 13.79
C LEU C 95 -44.75 -52.14 13.80
N GLU C 96 -45.57 -52.23 14.85
CA GLU C 96 -46.62 -53.24 14.89
C GLU C 96 -48.03 -52.72 14.55
N VAL C 97 -48.16 -51.43 14.30
CA VAL C 97 -49.46 -50.83 14.03
C VAL C 97 -49.99 -51.19 12.65
N HIS C 98 -49.12 -51.79 11.84
CA HIS C 98 -49.41 -52.05 10.43
C HIS C 98 -50.76 -52.72 10.17
N HIS C 99 -51.06 -53.79 10.88
CA HIS C 99 -52.20 -54.65 10.54
C HIS C 99 -53.52 -54.42 11.29
N PHE C 100 -53.56 -53.42 12.19
CA PHE C 100 -54.80 -53.10 12.91
C PHE C 100 -55.93 -52.71 11.96
N PRO C 101 -57.18 -53.19 12.25
CA PRO C 101 -58.23 -52.89 11.26
C PRO C 101 -58.81 -51.49 11.32
N GLY C 102 -59.48 -51.09 10.23
CA GLY C 102 -59.96 -49.73 10.07
C GLY C 102 -60.69 -49.15 11.27
N PRO C 103 -61.63 -49.91 11.85
CA PRO C 103 -62.36 -49.42 13.02
C PRO C 103 -61.45 -49.06 14.20
N LEU C 104 -60.44 -49.88 14.47
CA LEU C 104 -59.57 -49.67 15.63
C LEU C 104 -58.64 -48.47 15.48
N LEU C 105 -58.04 -48.32 14.30
CA LEU C 105 -57.16 -47.18 14.05
C LEU C 105 -57.89 -45.87 14.31
N VAL C 106 -59.14 -45.79 13.84
CA VAL C 106 -59.95 -44.61 14.04
C VAL C 106 -60.14 -44.32 15.53
N ASP C 107 -60.31 -45.37 16.32
CA ASP C 107 -60.48 -45.22 17.76
C ASP C 107 -59.18 -44.79 18.42
N LEU C 108 -58.07 -45.36 17.97
CA LEU C 108 -56.75 -44.99 18.48
C LEU C 108 -56.46 -43.52 18.23
N ALA C 109 -56.63 -43.10 16.99
CA ALA C 109 -56.34 -41.72 16.59
C ALA C 109 -57.28 -40.73 17.25
N SER C 110 -58.51 -41.14 17.50
CA SER C 110 -59.48 -40.28 18.17
C SER C 110 -59.17 -40.17 19.66
N ASP C 111 -58.42 -41.13 20.19
CA ASP C 111 -57.95 -41.04 21.56
C ASP C 111 -56.87 -39.98 21.69
N PHE C 112 -56.08 -39.82 20.63
CA PHE C 112 -55.09 -38.77 20.57
C PHE C 112 -55.76 -37.41 20.54
N VAL C 113 -56.66 -37.22 19.57
CA VAL C 113 -57.41 -35.99 19.46
C VAL C 113 -58.12 -35.70 20.78
N GLY C 114 -58.48 -36.75 21.49
CA GLY C 114 -59.09 -36.62 22.80
C GLY C 114 -58.09 -36.08 23.81
N ALA C 115 -56.86 -36.59 23.74
CA ALA C 115 -55.79 -36.11 24.60
C ALA C 115 -55.51 -34.65 24.32
N VAL C 116 -55.55 -34.29 23.04
CA VAL C 116 -55.23 -32.94 22.59
C VAL C 116 -56.09 -31.86 23.24
N ARG C 117 -57.33 -32.19 23.61
CA ARG C 117 -58.22 -31.20 24.20
C ARG C 117 -57.59 -30.57 25.44
N GLU C 118 -57.44 -31.33 26.51
CA GLU C 118 -56.56 -30.91 27.60
C GLU C 118 -55.74 -32.04 28.20
N ASP C 119 -54.42 -31.87 28.16
CA ASP C 119 -53.52 -32.87 28.69
C ASP C 119 -52.21 -32.24 29.12
N ARG C 120 -51.60 -32.77 30.17
CA ARG C 120 -50.18 -32.61 30.30
C ARG C 120 -49.61 -33.98 29.99
N LEU C 121 -49.11 -34.12 28.76
CA LEU C 121 -48.40 -35.32 28.35
C LEU C 121 -46.96 -35.14 28.76
N VAL C 122 -46.48 -33.91 28.58
CA VAL C 122 -45.06 -33.59 28.68
C VAL C 122 -44.34 -34.30 27.52
N ASN C 123 -45.07 -35.17 26.84
CA ASN C 123 -44.53 -35.96 25.75
C ASN C 123 -45.40 -35.92 24.51
N GLY C 124 -44.78 -35.57 23.38
CA GLY C 124 -45.41 -35.71 22.09
C GLY C 124 -45.00 -37.07 21.53
N LYS C 125 -44.06 -37.71 22.21
CA LYS C 125 -43.56 -39.01 21.79
C LYS C 125 -44.71 -39.97 21.58
N SER C 126 -45.82 -39.73 22.28
CA SER C 126 -47.05 -40.46 22.04
C SER C 126 -47.53 -40.15 20.63
N LEU C 127 -47.41 -38.87 20.25
CA LEU C 127 -47.95 -38.39 18.99
C LEU C 127 -47.22 -38.93 17.76
N GLU C 128 -46.03 -39.48 17.97
CA GLU C 128 -45.26 -40.04 16.86
C GLU C 128 -46.00 -41.20 16.20
N LEU C 129 -46.94 -41.78 16.94
CA LEU C 129 -47.77 -42.86 16.43
C LEU C 129 -48.76 -42.35 15.40
N LEU C 130 -49.32 -41.17 15.65
CA LEU C 130 -50.38 -40.60 14.84
C LEU C 130 -50.15 -40.73 13.33
N PRO C 131 -48.96 -40.34 12.86
CA PRO C 131 -48.67 -40.42 11.42
C PRO C 131 -48.83 -41.82 10.86
N ILE C 132 -48.35 -42.84 11.57
CA ILE C 132 -48.44 -44.21 11.10
C ILE C 132 -49.89 -44.68 11.08
N ILE C 133 -50.66 -44.18 12.05
CA ILE C 133 -52.07 -44.54 12.16
C ILE C 133 -52.88 -43.95 11.00
N LEU C 134 -52.63 -42.68 10.70
CA LEU C 134 -53.38 -41.96 9.67
C LEU C 134 -53.07 -42.47 8.26
N THR C 135 -51.85 -42.90 8.03
CA THR C 135 -51.46 -43.41 6.72
C THR C 135 -52.01 -44.82 6.50
N ALA C 136 -51.86 -45.68 7.51
CA ALA C 136 -52.39 -47.04 7.44
C ALA C 136 -53.88 -46.98 7.14
N LEU C 137 -54.53 -45.93 7.59
CA LEU C 137 -55.95 -45.72 7.34
C LEU C 137 -56.24 -45.52 5.86
N ALA C 138 -55.56 -44.55 5.26
CA ALA C 138 -55.81 -44.16 3.88
C ALA C 138 -55.54 -45.29 2.89
N THR C 139 -54.80 -46.30 3.34
CA THR C 139 -54.47 -47.45 2.51
C THR C 139 -55.71 -48.19 2.07
N LYS C 140 -56.71 -48.21 2.95
CA LYS C 140 -57.88 -49.02 2.72
C LYS C 140 -58.98 -48.14 2.17
N LYS C 141 -59.30 -48.32 0.89
CA LYS C 141 -60.51 -47.69 0.40
C LYS C 141 -61.49 -48.82 0.39
N GLU C 142 -62.22 -48.90 1.50
CA GLU C 142 -63.36 -49.78 1.67
C GLU C 142 -64.10 -49.17 2.83
N VAL C 143 -65.42 -49.30 2.85
CA VAL C 143 -66.15 -48.82 4.01
C VAL C 143 -65.75 -49.67 5.21
N LEU C 144 -65.69 -49.06 6.39
CA LEU C 144 -65.21 -49.71 7.59
C LEU C 144 -66.37 -49.83 8.55
N ALA C 145 -66.29 -50.73 9.51
CA ALA C 145 -67.40 -50.83 10.45
C ALA C 145 -67.11 -49.90 11.60
N CYS C 146 -67.79 -48.75 11.56
CA CYS C 146 -67.87 -47.81 12.66
C CYS C 146 -69.17 -47.05 12.42
N GLY C 147 -69.92 -46.75 13.48
CA GLY C 147 -70.99 -45.79 13.35
C GLY C 147 -71.80 -46.05 12.10
N LYS C 148 -72.00 -45.00 11.31
CA LYS C 148 -72.41 -45.14 9.92
C LYS C 148 -71.12 -45.46 9.16
N GLY C 149 -71.07 -46.60 8.47
CA GLY C 149 -69.79 -46.95 7.91
C GLY C 149 -69.36 -45.99 6.81
N ASP C 150 -70.05 -46.01 5.69
CA ASP C 150 -70.13 -44.90 4.71
C ASP C 150 -68.82 -44.15 4.45
N LEU C 151 -67.70 -44.67 4.95
CA LEU C 151 -66.44 -43.92 4.90
C LEU C 151 -65.25 -44.83 4.63
N ASN C 152 -64.41 -44.41 3.69
CA ASN C 152 -63.17 -45.13 3.39
C ASN C 152 -62.11 -44.78 4.43
N GLY C 153 -60.94 -45.37 4.28
CA GLY C 153 -59.84 -45.08 5.18
C GLY C 153 -59.34 -43.65 5.00
N GLU C 154 -59.50 -43.13 3.79
CA GLU C 154 -59.04 -41.79 3.46
C GLU C 154 -59.92 -40.72 4.11
N GLU C 155 -61.22 -41.01 4.21
CA GLU C 155 -62.19 -40.04 4.71
C GLU C 155 -62.18 -39.94 6.24
N TYR C 156 -61.95 -41.06 6.92
CA TYR C 156 -61.84 -41.06 8.37
C TYR C 156 -60.53 -40.39 8.78
N LYS C 157 -59.53 -40.54 7.93
CA LYS C 157 -58.24 -39.89 8.13
C LYS C 157 -58.36 -38.39 7.87
N ARG C 158 -59.28 -38.02 6.98
CA ARG C 158 -59.52 -36.62 6.66
C ARG C 158 -60.37 -35.96 7.74
N GLN C 159 -61.35 -36.70 8.26
CA GLN C 159 -62.21 -36.17 9.32
C GLN C 159 -61.50 -36.17 10.67
N LEU C 160 -60.58 -37.09 10.86
CA LEU C 160 -59.77 -37.13 12.07
C LEU C 160 -58.91 -35.87 12.14
N ILE C 161 -58.13 -35.66 11.09
CA ILE C 161 -57.31 -34.46 10.96
C ILE C 161 -58.20 -33.23 11.05
N ASP C 162 -59.32 -33.27 10.34
CA ASP C 162 -60.27 -32.17 10.32
C ASP C 162 -60.64 -31.75 11.74
N THR C 163 -60.80 -32.74 12.62
CA THR C 163 -61.14 -32.47 14.02
C THR C 163 -59.92 -31.99 14.78
N LEU C 164 -58.76 -32.57 14.49
CA LEU C 164 -57.52 -32.18 15.12
C LEU C 164 -57.29 -30.68 14.94
N CYS C 165 -57.76 -30.16 13.81
CA CYS C 165 -57.58 -28.75 13.49
C CYS C 165 -58.59 -27.85 14.20
N SER C 166 -59.79 -28.37 14.46
CA SER C 166 -60.82 -27.59 15.14
C SER C 166 -60.67 -27.58 16.67
N VAL C 167 -59.97 -28.57 17.20
CA VAL C 167 -59.66 -28.59 18.63
C VAL C 167 -58.46 -27.71 18.91
N ARG C 168 -58.38 -27.18 20.12
CA ARG C 168 -57.27 -26.29 20.49
C ARG C 168 -56.00 -27.07 20.81
N TRP C 169 -54.92 -26.70 20.16
CA TRP C 169 -53.61 -27.29 20.47
C TRP C 169 -53.01 -26.52 21.63
N PRO C 170 -52.49 -27.23 22.64
CA PRO C 170 -51.88 -26.57 23.79
C PRO C 170 -50.56 -25.91 23.41
N GLN C 171 -50.25 -24.79 24.05
CA GLN C 171 -49.06 -24.01 23.72
C GLN C 171 -47.78 -24.85 23.79
N ARG C 172 -47.77 -25.84 24.67
CA ARG C 172 -46.58 -26.64 24.90
C ARG C 172 -46.19 -27.54 23.72
N TYR C 173 -47.12 -28.39 23.30
CA TYR C 173 -46.80 -29.48 22.39
C TYR C 173 -46.99 -29.12 20.92
N MET C 174 -47.53 -27.94 20.66
CA MET C 174 -47.88 -27.53 19.30
C MET C 174 -46.74 -27.59 18.29
N ILE C 175 -45.50 -27.49 18.76
CA ILE C 175 -44.36 -27.65 17.87
C ILE C 175 -44.27 -29.12 17.47
N GLN C 176 -44.36 -29.99 18.47
CA GLN C 176 -44.34 -31.42 18.26
C GLN C 176 -45.56 -31.86 17.45
N LEU C 177 -46.67 -31.16 17.67
CA LEU C 177 -47.89 -31.42 16.91
C LEU C 177 -47.66 -31.19 15.43
N THR C 178 -46.96 -30.11 15.10
CA THR C 178 -46.74 -29.73 13.71
C THR C 178 -45.67 -30.61 13.07
N SER C 179 -44.77 -31.13 13.89
CA SER C 179 -43.74 -32.04 13.39
C SER C 179 -44.32 -33.44 13.23
N VAL C 180 -45.52 -33.64 13.77
CA VAL C 180 -46.24 -34.89 13.59
C VAL C 180 -46.79 -34.98 12.19
N PHE C 181 -47.35 -33.88 11.70
CA PHE C 181 -47.89 -33.82 10.35
C PHE C 181 -46.79 -33.96 9.29
N LYS C 182 -45.54 -33.89 9.74
CA LYS C 182 -44.40 -33.99 8.85
C LYS C 182 -44.36 -35.31 8.09
N ASP C 183 -44.74 -36.38 8.78
CA ASP C 183 -44.64 -37.72 8.22
C ASP C 183 -45.94 -38.22 7.60
N VAL C 184 -46.98 -37.40 7.66
CA VAL C 184 -48.30 -37.79 7.18
C VAL C 184 -48.61 -37.21 5.81
N CYS C 185 -48.80 -38.08 4.82
CA CYS C 185 -49.21 -37.64 3.49
C CYS C 185 -50.57 -36.95 3.58
N LEU C 186 -50.73 -35.86 2.85
CA LEU C 186 -51.95 -35.06 2.95
C LEU C 186 -52.55 -34.67 1.60
N THR C 187 -53.81 -34.27 1.64
CA THR C 187 -54.49 -33.70 0.47
C THR C 187 -54.19 -32.21 0.47
N PRO C 188 -54.36 -31.55 -0.68
CA PRO C 188 -54.28 -30.08 -0.68
C PRO C 188 -55.21 -29.44 0.35
N GLU C 189 -56.41 -30.00 0.53
CA GLU C 189 -57.34 -29.48 1.54
C GLU C 189 -56.83 -29.77 2.95
N GLU C 190 -56.24 -30.94 3.13
CA GLU C 190 -55.68 -31.32 4.42
C GLU C 190 -54.47 -30.45 4.75
N MET C 191 -53.66 -30.17 3.73
CA MET C 191 -52.54 -29.24 3.88
C MET C 191 -53.02 -27.86 4.34
N ASN C 192 -53.79 -27.19 3.49
CA ASN C 192 -54.30 -25.86 3.82
C ASN C 192 -55.05 -25.86 5.14
N LEU C 193 -55.57 -27.02 5.53
CA LEU C 193 -56.21 -27.16 6.83
C LEU C 193 -55.17 -27.11 7.95
N VAL C 194 -54.15 -27.97 7.87
CA VAL C 194 -53.11 -28.01 8.89
C VAL C 194 -52.36 -26.68 8.92
N VAL C 195 -51.98 -26.19 7.74
CA VAL C 195 -51.28 -24.93 7.61
C VAL C 195 -52.05 -23.78 8.25
N ALA C 196 -53.19 -23.43 7.64
CA ALA C 196 -53.96 -22.28 8.09
C ALA C 196 -54.35 -22.36 9.57
N LYS C 197 -54.34 -23.57 10.11
CA LYS C 197 -54.63 -23.76 11.54
C LYS C 197 -53.40 -23.45 12.39
N VAL C 198 -52.22 -23.83 11.90
CA VAL C 198 -50.98 -23.51 12.57
C VAL C 198 -50.79 -22.00 12.62
N LEU C 199 -51.21 -21.34 11.55
CA LEU C 199 -51.13 -19.89 11.44
C LEU C 199 -52.02 -19.19 12.46
N THR C 200 -53.21 -19.74 12.69
CA THR C 200 -54.16 -19.14 13.61
C THR C 200 -53.52 -18.95 14.98
N MET C 201 -52.49 -19.75 15.25
CA MET C 201 -51.81 -19.72 16.54
C MET C 201 -50.78 -18.59 16.70
N PHE C 202 -50.15 -18.19 15.61
CA PHE C 202 -49.05 -17.22 15.70
C PHE C 202 -49.42 -16.06 16.62
N SER C 203 -50.60 -15.49 16.39
CA SER C 203 -51.04 -14.34 17.15
C SER C 203 -51.19 -14.63 18.64
N LYS C 204 -51.17 -15.91 19.00
CA LYS C 204 -51.33 -16.31 20.40
C LYS C 204 -50.02 -16.61 21.14
N LEU C 205 -48.89 -16.56 20.45
CA LEU C 205 -47.61 -16.92 21.05
C LEU C 205 -46.74 -15.70 21.38
N ASN C 206 -45.96 -15.82 22.46
CA ASN C 206 -44.93 -14.85 22.75
C ASN C 206 -43.94 -14.84 21.58
N LEU C 207 -43.57 -13.64 21.14
CA LEU C 207 -42.84 -13.49 19.87
C LEU C 207 -41.65 -14.42 19.69
N GLN C 208 -40.86 -14.62 20.73
CA GLN C 208 -39.63 -15.41 20.61
C GLN C 208 -39.89 -16.88 20.29
N GLU C 209 -41.15 -17.30 20.36
CA GLU C 209 -41.50 -18.68 20.09
C GLU C 209 -41.90 -18.95 18.64
N ILE C 210 -42.09 -17.88 17.86
CA ILE C 210 -42.50 -18.03 16.46
C ILE C 210 -41.43 -18.61 15.50
N PRO C 211 -40.19 -18.11 15.59
CA PRO C 211 -39.14 -18.62 14.68
C PRO C 211 -38.99 -20.15 14.65
N PRO C 212 -39.01 -20.84 15.81
CA PRO C 212 -38.93 -22.29 15.75
C PRO C 212 -40.16 -22.90 15.11
N LEU C 213 -41.32 -22.28 15.35
CA LEU C 213 -42.57 -22.75 14.78
C LEU C 213 -42.57 -22.56 13.28
N VAL C 214 -42.15 -21.37 12.84
CA VAL C 214 -42.05 -21.08 11.41
C VAL C 214 -41.12 -22.07 10.73
N TYR C 215 -40.03 -22.42 11.41
CA TYR C 215 -39.14 -23.44 10.88
C TYR C 215 -39.90 -24.75 10.70
N GLN C 216 -40.65 -25.13 11.72
CA GLN C 216 -41.38 -26.38 11.72
C GLN C 216 -42.51 -26.36 10.70
N LEU C 217 -43.02 -25.17 10.42
CA LEU C 217 -44.07 -25.00 9.43
C LEU C 217 -43.49 -25.18 8.03
N LEU C 218 -42.30 -24.61 7.83
CA LEU C 218 -41.67 -24.60 6.52
C LEU C 218 -41.26 -25.99 6.03
N VAL C 219 -40.99 -26.90 6.96
CA VAL C 219 -40.64 -28.26 6.57
C VAL C 219 -41.84 -28.99 5.98
N LEU C 220 -43.04 -28.51 6.34
CA LEU C 220 -44.26 -29.07 5.78
C LEU C 220 -44.47 -28.59 4.36
N SER C 221 -44.16 -27.32 4.11
CA SER C 221 -44.32 -26.74 2.78
C SER C 221 -43.58 -27.57 1.74
N SER C 222 -42.43 -28.11 2.13
CA SER C 222 -41.60 -28.89 1.21
C SER C 222 -42.38 -29.97 0.48
N LYS C 223 -43.25 -30.65 1.21
CA LYS C 223 -44.18 -31.60 0.60
C LYS C 223 -45.34 -30.80 0.02
N GLY C 224 -45.60 -29.68 0.68
CA GLY C 224 -46.89 -29.02 0.68
C GLY C 224 -47.20 -27.81 -0.17
N SER C 225 -47.96 -26.94 0.49
CA SER C 225 -48.74 -25.81 0.01
C SER C 225 -48.03 -24.46 -0.16
N ARG C 226 -46.78 -24.47 -0.60
CA ARG C 226 -45.87 -23.34 -0.42
C ARG C 226 -46.55 -21.98 -0.36
N ARG C 227 -47.22 -21.56 -1.42
CA ARG C 227 -47.80 -20.21 -1.46
C ARG C 227 -48.56 -19.82 -0.19
N SER C 228 -49.38 -20.72 0.33
CA SER C 228 -50.19 -20.42 1.50
C SER C 228 -49.36 -20.34 2.79
N VAL C 229 -48.28 -21.13 2.83
CA VAL C 229 -47.35 -21.09 3.95
C VAL C 229 -46.67 -19.72 3.99
N LEU C 230 -46.10 -19.33 2.87
CA LEU C 230 -45.42 -18.04 2.76
C LEU C 230 -46.41 -16.90 2.98
N ASP C 231 -47.46 -16.88 2.17
CA ASP C 231 -48.44 -15.79 2.26
C ASP C 231 -48.87 -15.61 3.70
N GLY C 232 -48.94 -16.70 4.43
CA GLY C 232 -49.32 -16.66 5.82
C GLY C 232 -48.29 -15.93 6.66
N ILE C 233 -47.06 -16.41 6.61
CA ILE C 233 -45.99 -15.80 7.40
C ILE C 233 -45.87 -14.32 7.07
N ILE C 234 -45.80 -14.03 5.77
CA ILE C 234 -45.70 -12.66 5.30
C ILE C 234 -46.86 -11.81 5.80
N ALA C 235 -48.08 -12.29 5.59
CA ALA C 235 -49.28 -11.54 5.96
C ALA C 235 -49.32 -11.29 7.47
N PHE C 236 -48.84 -12.25 8.24
CA PHE C 236 -48.83 -12.13 9.70
C PHE C 236 -47.92 -11.01 10.14
N PHE C 237 -46.71 -11.00 9.62
CA PHE C 237 -45.73 -9.97 9.99
C PHE C 237 -46.05 -8.62 9.36
N ARG C 238 -46.60 -8.61 8.16
CA ARG C 238 -47.01 -7.36 7.55
C ARG C 238 -47.97 -6.62 8.48
N GLU C 239 -48.99 -7.32 8.94
CA GLU C 239 -49.96 -6.76 9.86
C GLU C 239 -49.28 -6.34 11.16
N LEU C 240 -48.43 -7.22 11.69
CA LEU C 240 -47.70 -6.91 12.91
C LEU C 240 -46.90 -5.62 12.74
N ASP C 241 -46.24 -5.49 11.59
CA ASP C 241 -45.50 -4.28 11.26
C ASP C 241 -46.42 -3.07 11.27
N LYS C 242 -47.56 -3.19 10.60
CA LYS C 242 -48.51 -2.09 10.49
C LYS C 242 -48.81 -1.44 11.85
N GLN C 243 -49.06 -2.29 12.84
CA GLN C 243 -49.37 -1.79 14.19
C GLN C 243 -48.17 -1.08 14.80
N HIS C 244 -47.00 -1.72 14.73
CA HIS C 244 -45.80 -1.16 15.29
C HIS C 244 -45.48 0.20 14.67
N ARG C 245 -45.76 0.33 13.37
CA ARG C 245 -45.50 1.58 12.65
C ARG C 245 -46.46 2.68 13.07
N GLU C 246 -47.62 2.31 13.59
CA GLU C 246 -48.57 3.28 14.11
C GLU C 246 -48.31 3.57 15.59
N GLU C 247 -47.45 2.76 16.20
CA GLU C 247 -46.92 3.04 17.53
C GLU C 247 -45.75 4.00 17.41
N GLN C 248 -45.16 4.06 16.22
CA GLN C 248 -44.01 4.91 15.95
C GLN C 248 -44.44 6.36 15.72
N SER C 249 -45.68 6.53 15.24
CA SER C 249 -46.22 7.86 14.99
C SER C 249 -46.80 8.48 16.27
N SER C 250 -46.75 7.71 17.36
CA SER C 250 -47.25 8.17 18.64
C SER C 250 -46.26 7.90 19.77
N THR C 258 -36.19 -0.61 20.05
CA THR C 258 -36.29 0.27 21.21
C THR C 258 -37.25 -0.32 22.24
N ALA C 259 -38.55 0.00 22.18
CA ALA C 259 -39.48 -0.76 23.02
C ALA C 259 -39.77 -2.21 22.54
N PRO C 260 -40.52 -2.38 21.42
CA PRO C 260 -40.65 -3.67 20.72
C PRO C 260 -39.51 -3.98 19.76
N ALA C 261 -38.94 -2.93 19.19
CA ALA C 261 -38.11 -3.05 17.99
C ALA C 261 -37.07 -4.14 18.13
N ASP C 262 -36.50 -4.27 19.32
CA ASP C 262 -35.57 -5.35 19.61
C ASP C 262 -36.20 -6.67 19.19
N GLU C 263 -37.24 -7.08 19.89
CA GLU C 263 -37.94 -8.33 19.61
C GLU C 263 -38.46 -8.43 18.18
N LEU C 264 -39.41 -7.57 17.82
CA LEU C 264 -40.12 -7.70 16.56
C LEU C 264 -39.17 -7.92 15.39
N TYR C 265 -38.16 -7.05 15.28
CA TYR C 265 -37.26 -7.09 14.14
C TYR C 265 -36.18 -8.16 14.24
N HIS C 266 -35.73 -8.45 15.46
CA HIS C 266 -34.80 -9.56 15.65
C HIS C 266 -35.48 -10.87 15.25
N VAL C 267 -36.74 -11.03 15.66
CA VAL C 267 -37.52 -12.19 15.29
C VAL C 267 -37.72 -12.24 13.78
N GLU C 268 -38.19 -11.13 13.20
CA GLU C 268 -38.40 -11.05 11.76
C GLU C 268 -37.15 -11.45 11.00
N GLY C 269 -35.99 -11.07 11.52
CA GLY C 269 -34.73 -11.45 10.91
C GLY C 269 -34.54 -12.95 10.96
N THR C 270 -34.77 -13.52 12.14
CA THR C 270 -34.65 -14.97 12.32
C THR C 270 -35.64 -15.70 11.44
N VAL C 271 -36.87 -15.18 11.39
CA VAL C 271 -37.90 -15.76 10.54
C VAL C 271 -37.49 -15.70 9.07
N ILE C 272 -37.02 -14.53 8.63
CA ILE C 272 -36.52 -14.36 7.27
C ILE C 272 -35.34 -15.30 7.04
N LEU C 273 -34.46 -15.34 8.02
CA LEU C 273 -33.29 -16.21 7.98
C LEU C 273 -33.70 -17.67 7.85
N HIS C 274 -34.88 -18.00 8.38
CA HIS C 274 -35.41 -19.37 8.34
C HIS C 274 -35.97 -19.75 6.98
N ILE C 275 -36.71 -18.83 6.36
CA ILE C 275 -37.34 -19.14 5.08
C ILE C 275 -36.36 -19.05 3.91
N VAL C 276 -35.35 -18.20 4.04
CA VAL C 276 -34.28 -18.18 3.06
C VAL C 276 -33.58 -19.53 3.11
N PHE C 277 -33.43 -20.05 4.33
CA PHE C 277 -32.78 -21.33 4.55
C PHE C 277 -33.54 -22.46 3.86
N ALA C 278 -34.87 -22.36 3.88
CA ALA C 278 -35.72 -23.34 3.22
C ALA C 278 -35.58 -23.22 1.71
N ILE C 279 -35.60 -21.99 1.23
CA ILE C 279 -35.44 -21.70 -0.20
C ILE C 279 -34.13 -22.27 -0.73
N LYS C 280 -33.15 -22.38 0.16
CA LYS C 280 -31.87 -22.98 -0.19
C LYS C 280 -32.04 -24.46 -0.48
N LEU C 281 -32.76 -25.15 0.40
CA LEU C 281 -32.98 -26.59 0.26
C LEU C 281 -34.03 -26.94 -0.79
N ASP C 282 -35.01 -26.06 -0.97
CA ASP C 282 -36.05 -26.29 -1.96
C ASP C 282 -36.27 -25.06 -2.84
N CYS C 283 -36.01 -25.20 -4.13
CA CYS C 283 -36.04 -24.07 -5.06
C CYS C 283 -37.46 -23.64 -5.39
N GLU C 284 -38.38 -24.59 -5.48
CA GLU C 284 -39.79 -24.28 -5.73
C GLU C 284 -40.25 -23.24 -4.72
N LEU C 285 -39.91 -23.46 -3.46
CA LEU C 285 -40.26 -22.54 -2.40
C LEU C 285 -39.84 -21.14 -2.80
N GLY C 286 -38.62 -21.02 -3.32
CA GLY C 286 -38.12 -19.76 -3.82
C GLY C 286 -38.90 -19.30 -5.04
N ARG C 287 -38.98 -20.16 -6.05
CA ARG C 287 -39.68 -19.82 -7.28
C ARG C 287 -41.13 -19.42 -6.99
N GLU C 288 -41.67 -19.95 -5.89
CA GLU C 288 -43.03 -19.65 -5.49
C GLU C 288 -43.09 -18.28 -4.83
N LEU C 289 -42.13 -18.01 -3.94
CA LEU C 289 -42.04 -16.72 -3.27
C LEU C 289 -41.99 -15.60 -4.30
N LEU C 290 -41.29 -15.87 -5.41
CA LEU C 290 -41.20 -14.90 -6.48
C LEU C 290 -42.50 -14.82 -7.28
N LYS C 291 -43.01 -15.96 -7.72
CA LYS C 291 -44.27 -16.00 -8.45
C LYS C 291 -45.32 -15.22 -7.68
N HIS C 292 -45.39 -15.49 -6.38
CA HIS C 292 -46.34 -14.83 -5.50
C HIS C 292 -46.16 -13.32 -5.54
N LEU C 293 -45.01 -12.86 -5.05
CA LEU C 293 -44.74 -11.43 -4.89
C LEU C 293 -44.75 -10.64 -6.20
N LYS C 294 -44.53 -11.30 -7.32
CA LYS C 294 -44.36 -10.59 -8.60
C LYS C 294 -45.55 -9.69 -8.96
N ALA C 295 -45.22 -8.44 -9.27
CA ALA C 295 -46.21 -7.38 -9.45
C ALA C 295 -47.29 -7.66 -10.51
N GLY C 296 -46.88 -7.68 -11.78
CA GLY C 296 -47.84 -7.79 -12.86
C GLY C 296 -48.73 -6.56 -12.90
N GLN C 297 -50.04 -6.78 -12.81
CA GLN C 297 -51.00 -5.69 -12.70
C GLN C 297 -50.75 -4.93 -11.40
N GLN C 298 -50.81 -3.60 -11.47
CA GLN C 298 -50.25 -2.75 -10.41
C GLN C 298 -51.05 -2.60 -9.11
N GLY C 299 -52.33 -2.95 -9.13
CA GLY C 299 -53.12 -2.91 -7.92
C GLY C 299 -52.48 -3.80 -6.86
N ASP C 300 -51.85 -4.87 -7.32
CA ASP C 300 -51.17 -5.84 -6.45
C ASP C 300 -49.84 -5.41 -5.79
N PRO C 301 -48.86 -4.94 -6.57
CA PRO C 301 -47.54 -4.61 -6.01
C PRO C 301 -47.60 -3.59 -4.87
N SER C 302 -48.69 -2.85 -4.77
CA SER C 302 -48.93 -1.98 -3.64
C SER C 302 -49.23 -2.81 -2.40
N LYS C 303 -50.07 -3.83 -2.57
CA LYS C 303 -50.38 -4.75 -1.48
C LYS C 303 -49.42 -5.93 -1.45
N CYS C 304 -48.65 -6.10 -2.52
CA CYS C 304 -47.73 -7.23 -2.62
C CYS C 304 -46.55 -7.02 -1.71
N LEU C 305 -45.76 -6.00 -2.01
CA LEU C 305 -44.56 -5.71 -1.25
C LEU C 305 -44.85 -4.92 0.02
N CYS C 306 -44.23 -5.36 1.11
CA CYS C 306 -44.22 -4.61 2.35
C CYS C 306 -42.79 -4.64 2.86
N PRO C 307 -42.45 -3.74 3.80
CA PRO C 307 -41.08 -3.74 4.31
C PRO C 307 -40.58 -5.14 4.66
N PHE C 308 -41.44 -5.98 5.22
CA PHE C 308 -41.01 -7.32 5.60
C PHE C 308 -40.65 -8.20 4.41
N SER C 309 -41.55 -8.28 3.43
CA SER C 309 -41.32 -9.13 2.27
C SER C 309 -40.13 -8.66 1.45
N ILE C 310 -39.94 -7.34 1.40
CA ILE C 310 -38.80 -6.75 0.69
C ILE C 310 -37.50 -7.14 1.37
N ALA C 311 -37.47 -7.04 2.70
CA ALA C 311 -36.32 -7.46 3.48
C ALA C 311 -36.02 -8.94 3.24
N LEU C 312 -37.08 -9.74 3.17
CA LEU C 312 -36.96 -11.15 2.85
C LEU C 312 -36.27 -11.32 1.50
N LEU C 313 -36.83 -10.68 0.48
CA LEU C 313 -36.28 -10.74 -0.88
C LEU C 313 -34.81 -10.35 -0.91
N LEU C 314 -34.48 -9.28 -0.19
CA LEU C 314 -33.11 -8.78 -0.17
C LEU C 314 -32.15 -9.73 0.53
N SER C 315 -32.65 -10.44 1.53
CA SER C 315 -31.86 -11.45 2.23
C SER C 315 -31.79 -12.71 1.38
N LEU C 316 -32.80 -12.92 0.55
CA LEU C 316 -32.82 -14.06 -0.37
C LEU C 316 -31.73 -13.87 -1.41
N THR C 317 -31.30 -12.63 -1.58
CA THR C 317 -30.25 -12.29 -2.53
C THR C 317 -29.00 -13.16 -2.33
N ARG C 318 -28.73 -13.51 -1.08
CA ARG C 318 -27.54 -14.29 -0.74
C ARG C 318 -27.47 -15.64 -1.44
N ILE C 319 -28.61 -16.16 -1.86
CA ILE C 319 -28.60 -17.36 -2.67
C ILE C 319 -28.45 -16.91 -4.12
N GLN C 320 -27.31 -17.27 -4.72
CA GLN C 320 -26.91 -16.72 -6.02
C GLN C 320 -28.07 -16.72 -7.01
N ARG C 321 -28.58 -17.92 -7.30
CA ARG C 321 -29.53 -18.14 -8.38
C ARG C 321 -30.75 -17.22 -8.39
N PHE C 322 -31.15 -16.73 -7.22
CA PHE C 322 -32.34 -15.90 -7.13
C PHE C 322 -32.07 -14.40 -7.25
N GLU C 323 -30.79 -14.04 -7.27
CA GLU C 323 -30.40 -12.63 -7.21
C GLU C 323 -30.96 -11.78 -8.36
N GLU C 324 -30.64 -12.16 -9.59
CA GLU C 324 -31.07 -11.39 -10.75
C GLU C 324 -32.58 -11.13 -10.68
N GLN C 325 -33.32 -12.15 -10.27
CA GLN C 325 -34.78 -12.09 -10.20
C GLN C 325 -35.27 -11.13 -9.12
N VAL C 326 -34.75 -11.29 -7.91
CA VAL C 326 -35.15 -10.43 -6.79
C VAL C 326 -34.97 -8.96 -7.14
N PHE C 327 -33.91 -8.67 -7.89
CA PHE C 327 -33.59 -7.29 -8.25
C PHE C 327 -34.52 -6.72 -9.32
N ASP C 328 -34.86 -7.52 -10.32
CA ASP C 328 -35.86 -7.11 -11.30
C ASP C 328 -37.18 -6.78 -10.61
N LEU C 329 -37.65 -7.70 -9.79
CA LEU C 329 -38.89 -7.51 -9.05
C LEU C 329 -38.86 -6.17 -8.33
N LEU C 330 -37.82 -5.96 -7.52
CA LEU C 330 -37.69 -4.71 -6.79
C LEU C 330 -37.52 -3.53 -7.73
N LYS C 331 -36.55 -3.62 -8.64
CA LYS C 331 -36.30 -2.54 -9.58
C LYS C 331 -37.58 -2.11 -10.30
N THR C 332 -38.31 -3.08 -10.85
CA THR C 332 -39.50 -2.79 -11.62
C THR C 332 -40.66 -2.31 -10.76
N SER C 333 -40.67 -2.71 -9.49
CA SER C 333 -41.71 -2.30 -8.56
C SER C 333 -41.51 -0.88 -8.07
N VAL C 334 -40.26 -0.44 -8.03
CA VAL C 334 -39.94 0.92 -7.60
C VAL C 334 -40.46 1.92 -8.63
N VAL C 335 -40.34 1.53 -9.90
CA VAL C 335 -40.81 2.36 -11.00
C VAL C 335 -42.33 2.38 -11.06
N LYS C 336 -42.93 1.20 -11.03
CA LYS C 336 -44.38 1.07 -11.03
C LYS C 336 -44.98 1.87 -9.87
N SER C 337 -44.47 1.62 -8.68
CA SER C 337 -44.92 2.31 -7.47
C SER C 337 -44.96 3.81 -7.69
N PHE C 338 -43.87 4.36 -8.22
CA PHE C 338 -43.79 5.78 -8.48
C PHE C 338 -44.71 6.20 -9.62
N LYS C 339 -44.57 5.54 -10.76
CA LYS C 339 -45.30 5.94 -11.96
C LYS C 339 -46.81 5.96 -11.73
N ASP C 340 -47.28 5.10 -10.83
CA ASP C 340 -48.70 5.09 -10.46
C ASP C 340 -49.06 6.31 -9.62
N LEU C 341 -48.32 6.52 -8.53
CA LEU C 341 -48.58 7.67 -7.67
C LEU C 341 -48.40 8.96 -8.44
N GLN C 342 -47.57 8.91 -9.48
CA GLN C 342 -47.37 10.06 -10.33
C GLN C 342 -48.64 10.30 -11.15
N LEU C 343 -49.34 9.22 -11.45
CA LEU C 343 -50.60 9.28 -12.19
C LEU C 343 -51.74 9.75 -11.29
N LEU C 344 -51.80 9.18 -10.09
CA LEU C 344 -52.86 9.49 -9.13
C LEU C 344 -52.93 10.98 -8.80
N GLN C 345 -51.78 11.63 -8.69
CA GLN C 345 -51.75 13.05 -8.39
C GLN C 345 -52.24 13.88 -9.56
N GLY C 346 -52.31 13.25 -10.73
CA GLY C 346 -52.65 13.94 -11.96
C GLY C 346 -54.13 14.06 -12.25
N SER C 347 -54.92 13.15 -11.70
CA SER C 347 -56.35 13.12 -11.98
C SER C 347 -57.18 13.03 -10.70
N LYS C 348 -58.23 13.84 -10.64
CA LYS C 348 -59.10 13.84 -9.47
C LYS C 348 -59.92 12.56 -9.41
N PHE C 349 -60.44 12.16 -10.56
CA PHE C 349 -61.27 10.96 -10.65
C PHE C 349 -60.57 9.71 -10.16
N LEU C 350 -59.27 9.59 -10.44
CA LEU C 350 -58.51 8.45 -9.96
C LEU C 350 -58.39 8.49 -8.44
N GLN C 351 -58.30 9.69 -7.89
CA GLN C 351 -58.24 9.86 -6.43
C GLN C 351 -59.54 9.42 -5.78
N THR C 352 -60.66 9.73 -6.44
CA THR C 352 -61.97 9.36 -5.93
C THR C 352 -62.12 7.84 -5.88
N LEU C 353 -61.66 7.18 -6.95
CA LEU C 353 -61.76 5.73 -7.05
C LEU C 353 -60.67 5.00 -6.26
N VAL C 354 -59.44 5.48 -6.38
CA VAL C 354 -58.29 4.84 -5.75
C VAL C 354 -57.69 5.67 -4.61
N PRO C 355 -57.60 5.07 -3.42
CA PRO C 355 -56.97 5.72 -2.27
C PRO C 355 -55.45 5.77 -2.44
N GLN C 356 -54.79 6.71 -1.77
CA GLN C 356 -53.34 6.81 -1.85
C GLN C 356 -52.70 5.57 -1.24
N ARG C 357 -51.48 5.27 -1.67
CA ARG C 357 -50.80 4.07 -1.23
C ARG C 357 -49.36 4.39 -0.85
N THR C 358 -48.89 3.81 0.25
CA THR C 358 -47.47 3.89 0.56
C THR C 358 -46.72 3.29 -0.61
N CYS C 359 -45.74 4.03 -1.13
CA CYS C 359 -45.05 3.62 -2.34
C CYS C 359 -43.79 2.81 -2.02
N VAL C 360 -43.48 1.85 -2.87
CA VAL C 360 -42.39 0.91 -2.63
C VAL C 360 -41.10 1.63 -2.23
N SER C 361 -40.96 2.86 -2.70
CA SER C 361 -39.79 3.67 -2.38
C SER C 361 -39.62 3.79 -0.86
N THR C 362 -40.57 4.45 -0.22
CA THR C 362 -40.51 4.67 1.22
C THR C 362 -40.58 3.36 2.01
N MET C 363 -40.98 2.27 1.35
CA MET C 363 -40.98 0.95 1.97
C MET C 363 -39.56 0.41 2.09
N ILE C 364 -38.82 0.45 0.99
CA ILE C 364 -37.45 -0.05 0.97
C ILE C 364 -36.59 0.73 1.95
N LEU C 365 -36.84 2.04 2.04
CA LEU C 365 -36.12 2.88 2.98
C LEU C 365 -36.40 2.46 4.41
N GLU C 366 -37.64 2.02 4.68
CA GLU C 366 -37.98 1.54 6.01
C GLU C 366 -37.26 0.22 6.30
N VAL C 367 -36.95 -0.53 5.25
CA VAL C 367 -36.17 -1.76 5.40
C VAL C 367 -34.77 -1.42 5.91
N VAL C 368 -34.16 -0.43 5.30
CA VAL C 368 -32.85 0.06 5.74
C VAL C 368 -32.93 0.50 7.20
N ARG C 369 -33.93 1.32 7.50
CA ARG C 369 -34.16 1.80 8.85
C ARG C 369 -34.26 0.62 9.81
N ASN C 370 -35.13 -0.33 9.50
CA ASN C 370 -35.36 -1.49 10.37
C ASN C 370 -34.21 -2.48 10.35
N SER C 371 -33.33 -2.33 9.38
CA SER C 371 -32.19 -3.24 9.23
C SER C 371 -31.20 -3.09 10.37
N VAL C 372 -31.35 -2.02 11.16
CA VAL C 372 -30.44 -1.75 12.26
C VAL C 372 -30.28 -2.94 13.16
N HIS C 373 -31.39 -3.62 13.46
CA HIS C 373 -31.31 -4.65 14.48
C HIS C 373 -30.93 -5.94 13.78
N SER C 374 -29.66 -6.28 13.93
CA SER C 374 -29.13 -7.56 13.50
C SER C 374 -29.62 -8.07 12.14
N TRP C 375 -29.72 -7.21 11.12
CA TRP C 375 -29.88 -7.79 9.80
C TRP C 375 -28.65 -7.51 8.99
N ASP C 376 -27.72 -8.46 8.99
CA ASP C 376 -26.57 -8.41 8.10
C ASP C 376 -26.89 -9.06 6.77
N HIS C 377 -27.57 -10.19 6.84
CA HIS C 377 -27.94 -10.94 5.65
C HIS C 377 -28.63 -10.04 4.64
N VAL C 378 -29.33 -9.02 5.15
CA VAL C 378 -30.08 -8.11 4.28
C VAL C 378 -29.25 -6.98 3.66
N THR C 379 -28.12 -6.62 4.28
CA THR C 379 -27.33 -5.45 3.82
C THR C 379 -26.66 -5.62 2.46
N GLN C 380 -25.97 -6.73 2.24
CA GLN C 380 -25.29 -6.94 0.98
C GLN C 380 -26.22 -6.71 -0.21
N GLY C 381 -27.40 -7.31 -0.16
CA GLY C 381 -28.38 -7.12 -1.22
C GLY C 381 -28.92 -5.71 -1.24
N LEU C 382 -28.88 -5.05 -0.09
CA LEU C 382 -29.36 -3.67 0.02
C LEU C 382 -28.47 -2.70 -0.72
N ILE C 383 -27.19 -2.68 -0.38
CA ILE C 383 -26.26 -1.76 -1.02
C ILE C 383 -26.20 -2.07 -2.51
N GLU C 384 -26.20 -3.36 -2.83
CA GLU C 384 -26.08 -3.80 -4.21
C GLU C 384 -27.28 -3.38 -5.04
N PHE C 385 -28.44 -3.29 -4.42
CA PHE C 385 -29.63 -2.85 -5.11
C PHE C 385 -29.55 -1.35 -5.33
N GLY C 386 -29.19 -0.62 -4.28
CA GLY C 386 -29.05 0.81 -4.34
C GLY C 386 -28.20 1.22 -5.52
N PHE C 387 -27.17 0.44 -5.79
CA PHE C 387 -26.27 0.72 -6.91
C PHE C 387 -26.93 0.45 -8.25
N ILE C 388 -27.69 -0.64 -8.33
CA ILE C 388 -28.36 -0.99 -9.58
C ILE C 388 -29.30 0.12 -10.03
N LEU C 389 -29.92 0.80 -9.08
CA LEU C 389 -30.74 1.96 -9.37
C LEU C 389 -29.89 3.10 -9.92
N MET C 390 -28.87 3.47 -9.17
CA MET C 390 -27.98 4.55 -9.59
C MET C 390 -27.33 4.22 -10.93
N ASP C 391 -27.02 2.95 -11.14
CA ASP C 391 -26.42 2.50 -12.39
C ASP C 391 -27.43 2.59 -13.53
N SER C 392 -28.60 1.99 -13.34
CA SER C 392 -29.59 1.91 -14.41
C SER C 392 -30.30 3.24 -14.67
N TYR C 393 -30.66 3.93 -13.59
CA TYR C 393 -31.47 5.14 -13.71
C TYR C 393 -30.72 6.47 -13.66
N GLY C 394 -29.39 6.41 -13.58
CA GLY C 394 -28.59 7.62 -13.63
C GLY C 394 -28.71 8.30 -14.97
N PRO C 395 -28.45 9.61 -15.03
CA PRO C 395 -28.51 10.41 -16.26
C PRO C 395 -27.49 9.91 -17.27
N LYS C 396 -27.82 9.98 -18.57
CA LYS C 396 -26.91 9.47 -19.59
C LYS C 396 -26.65 10.37 -20.81
N LYS C 397 -27.67 10.56 -21.64
CA LYS C 397 -27.49 11.23 -22.93
C LYS C 397 -27.33 12.75 -22.82
N ILE C 398 -27.55 13.28 -21.63
CA ILE C 398 -27.45 14.72 -21.41
C ILE C 398 -26.00 15.16 -21.62
N LEU C 399 -25.07 14.25 -21.41
CA LEU C 399 -23.66 14.51 -21.62
C LEU C 399 -23.24 14.36 -23.08
N ASP C 400 -23.96 13.51 -23.82
CA ASP C 400 -23.62 13.24 -25.21
C ASP C 400 -24.69 13.74 -26.20
N GLY C 401 -24.27 14.66 -27.07
CA GLY C 401 -25.17 15.22 -28.07
C GLY C 401 -25.36 14.30 -29.26
N SER C 411 -41.22 11.90 -19.33
CA SER C 411 -41.07 11.96 -17.88
C SER C 411 -39.84 11.18 -17.41
N LYS C 412 -38.75 11.90 -17.19
CA LYS C 412 -37.54 11.33 -16.63
C LYS C 412 -37.65 11.42 -15.12
N MET C 413 -38.80 11.90 -14.66
CA MET C 413 -39.12 11.97 -13.24
C MET C 413 -38.89 10.63 -12.56
N THR C 414 -39.34 9.57 -13.23
CA THR C 414 -39.15 8.22 -12.72
C THR C 414 -37.67 7.89 -12.68
N ASN C 415 -36.99 8.12 -13.81
CA ASN C 415 -35.56 7.92 -13.90
C ASN C 415 -34.81 8.60 -12.75
N GLN C 416 -35.15 9.86 -12.48
CA GLN C 416 -34.56 10.58 -11.36
C GLN C 416 -34.92 9.94 -10.02
N HIS C 417 -36.21 9.85 -9.75
CA HIS C 417 -36.69 9.35 -8.47
C HIS C 417 -36.12 7.97 -8.16
N ALA C 418 -35.98 7.15 -9.19
CA ALA C 418 -35.37 5.84 -9.04
C ALA C 418 -33.92 6.01 -8.61
N CYS C 419 -33.17 6.81 -9.36
CA CYS C 419 -31.76 7.02 -9.10
C CYS C 419 -31.49 7.57 -7.70
N LYS C 420 -32.31 8.52 -7.27
CA LYS C 420 -32.13 9.11 -5.96
C LYS C 420 -32.33 8.07 -4.86
N LEU C 421 -33.39 7.27 -5.00
CA LEU C 421 -33.64 6.19 -4.06
C LEU C 421 -32.46 5.24 -4.01
N GLY C 422 -31.79 5.08 -5.15
CA GLY C 422 -30.58 4.28 -5.21
C GLY C 422 -29.52 4.90 -4.30
N ALA C 423 -29.40 6.22 -4.38
CA ALA C 423 -28.44 6.94 -3.56
C ALA C 423 -28.84 6.89 -2.09
N ASN C 424 -30.12 7.12 -1.81
CA ASN C 424 -30.58 7.16 -0.43
C ASN C 424 -30.39 5.82 0.29
N ILE C 425 -30.70 4.73 -0.39
CA ILE C 425 -30.43 3.41 0.16
C ILE C 425 -28.96 3.34 0.52
N LEU C 426 -28.11 3.72 -0.43
CA LEU C 426 -26.66 3.63 -0.28
C LEU C 426 -26.13 4.50 0.85
N LEU C 427 -26.58 5.75 0.89
CA LEU C 427 -26.16 6.67 1.94
C LEU C 427 -26.59 6.15 3.30
N GLU C 428 -27.87 5.81 3.41
CA GLU C 428 -28.46 5.46 4.70
C GLU C 428 -27.96 4.12 5.23
N THR C 429 -27.66 3.18 4.35
CA THR C 429 -27.02 1.94 4.75
C THR C 429 -25.65 2.25 5.35
N PHE C 430 -24.91 3.11 4.66
CA PHE C 430 -23.58 3.52 5.09
C PHE C 430 -23.63 4.08 6.51
N LYS C 431 -24.60 4.94 6.76
CA LYS C 431 -24.73 5.57 8.07
C LYS C 431 -25.00 4.51 9.14
N ILE C 432 -25.85 3.56 8.80
CA ILE C 432 -26.33 2.57 9.78
C ILE C 432 -25.37 1.41 10.06
N HIS C 433 -24.70 0.92 9.03
CA HIS C 433 -23.84 -0.25 9.18
C HIS C 433 -22.35 0.05 9.03
N GLU C 434 -21.62 -0.03 10.13
CA GLU C 434 -20.19 0.22 10.13
C GLU C 434 -19.42 -0.73 9.23
N MET C 435 -19.81 -1.99 9.20
CA MET C 435 -18.98 -3.02 8.54
C MET C 435 -18.88 -2.89 7.03
N ILE C 436 -19.90 -2.35 6.38
CA ILE C 436 -19.85 -2.17 4.93
C ILE C 436 -19.40 -0.77 4.50
N ARG C 437 -19.15 0.10 5.47
CA ARG C 437 -18.79 1.48 5.18
C ARG C 437 -17.71 1.58 4.11
N GLN C 438 -16.69 0.75 4.21
CA GLN C 438 -15.58 0.78 3.26
C GLN C 438 -16.02 0.34 1.86
N GLU C 439 -16.75 -0.76 1.79
CA GLU C 439 -17.15 -1.32 0.50
C GLU C 439 -18.07 -0.38 -0.30
N ILE C 440 -18.95 0.34 0.39
CA ILE C 440 -19.78 1.33 -0.28
C ILE C 440 -18.89 2.38 -0.92
N LEU C 441 -17.93 2.89 -0.17
CA LEU C 441 -17.03 3.94 -0.65
C LEU C 441 -16.19 3.46 -1.83
N GLU C 442 -15.46 2.36 -1.65
CA GLU C 442 -14.68 1.76 -2.73
C GLU C 442 -15.52 1.61 -3.99
N GLN C 443 -16.78 1.23 -3.82
CA GLN C 443 -17.66 0.97 -4.96
C GLN C 443 -18.00 2.26 -5.69
N VAL C 444 -18.21 3.34 -4.94
CA VAL C 444 -18.51 4.64 -5.54
C VAL C 444 -17.30 5.17 -6.30
N LEU C 445 -16.17 5.28 -5.61
CA LEU C 445 -14.94 5.78 -6.22
C LEU C 445 -14.60 5.01 -7.48
N ASN C 446 -14.52 3.69 -7.38
CA ASN C 446 -14.13 2.87 -8.52
C ASN C 446 -14.98 3.12 -9.75
N ARG C 447 -16.20 3.61 -9.57
CA ARG C 447 -17.01 3.99 -10.72
C ARG C 447 -16.56 5.34 -11.22
N VAL C 448 -16.31 6.26 -10.28
CA VAL C 448 -15.88 7.61 -10.61
C VAL C 448 -14.60 7.61 -11.45
N VAL C 449 -13.57 6.91 -10.97
CA VAL C 449 -12.30 6.85 -11.69
C VAL C 449 -12.39 5.98 -12.93
N THR C 450 -13.27 4.98 -12.89
CA THR C 450 -13.34 4.01 -14.00
C THR C 450 -14.38 4.29 -15.08
N ARG C 451 -15.33 5.20 -14.86
CA ARG C 451 -16.46 5.20 -15.79
C ARG C 451 -16.41 6.30 -16.85
N THR C 452 -15.93 5.88 -18.03
CA THR C 452 -16.21 6.45 -19.34
C THR C 452 -16.21 7.97 -19.51
N SER C 453 -17.07 8.41 -20.42
CA SER C 453 -17.58 9.76 -20.48
C SER C 453 -18.95 9.79 -19.82
N SER C 454 -19.48 8.60 -19.53
CA SER C 454 -20.82 8.45 -18.99
C SER C 454 -20.94 9.21 -17.67
N PRO C 455 -21.91 10.14 -17.58
CA PRO C 455 -21.91 11.13 -16.51
C PRO C 455 -21.94 10.51 -15.12
N ILE C 456 -20.98 10.91 -14.30
CA ILE C 456 -20.81 10.36 -12.96
C ILE C 456 -21.36 11.25 -11.85
N ASN C 457 -21.86 12.42 -12.21
CA ASN C 457 -22.18 13.44 -11.22
C ASN C 457 -22.99 12.95 -10.01
N HIS C 458 -23.98 12.10 -10.26
CA HIS C 458 -24.81 11.60 -9.16
C HIS C 458 -24.00 10.77 -8.16
N PHE C 459 -22.95 10.11 -8.65
CA PHE C 459 -22.07 9.33 -7.79
C PHE C 459 -21.18 10.21 -6.92
N LEU C 460 -20.71 11.32 -7.49
CA LEU C 460 -19.89 12.26 -6.74
C LEU C 460 -20.70 12.89 -5.62
N ASP C 461 -21.98 13.15 -5.89
CA ASP C 461 -22.86 13.72 -4.88
C ASP C 461 -23.00 12.80 -3.67
N LEU C 462 -23.15 11.50 -3.93
CA LEU C 462 -23.22 10.52 -2.84
C LEU C 462 -21.88 10.47 -2.10
N PHE C 463 -20.79 10.49 -2.86
CA PHE C 463 -19.46 10.51 -2.28
C PHE C 463 -19.32 11.71 -1.35
N SER C 464 -19.80 12.85 -1.82
CA SER C 464 -19.78 14.07 -1.03
C SER C 464 -20.57 13.88 0.26
N ASP C 465 -21.76 13.29 0.14
CA ASP C 465 -22.65 13.11 1.28
C ASP C 465 -22.10 12.14 2.32
N ILE C 466 -21.56 11.01 1.88
CA ILE C 466 -20.94 10.06 2.78
C ILE C 466 -19.86 10.73 3.61
N ILE C 467 -18.94 11.40 2.94
CA ILE C 467 -17.88 12.18 3.58
C ILE C 467 -18.48 13.21 4.54
N MET C 468 -19.26 14.12 4.00
CA MET C 468 -19.88 15.17 4.80
C MET C 468 -20.55 14.59 6.04
N TYR C 469 -21.12 13.40 5.89
CA TYR C 469 -21.81 12.76 6.99
C TYR C 469 -20.90 12.60 8.21
N ALA C 470 -19.80 11.89 8.02
CA ALA C 470 -18.79 11.73 9.06
C ALA C 470 -17.38 11.75 8.49
N PRO C 471 -16.80 12.94 8.30
CA PRO C 471 -15.45 13.01 7.72
C PRO C 471 -14.44 12.19 8.52
N LEU C 472 -14.68 12.02 9.81
CA LEU C 472 -13.76 11.31 10.69
C LEU C 472 -13.43 9.88 10.26
N ILE C 473 -14.38 9.21 9.61
CA ILE C 473 -14.16 7.83 9.21
C ILE C 473 -13.07 7.75 8.15
N LEU C 474 -13.19 8.62 7.16
CA LEU C 474 -12.37 8.56 5.96
C LEU C 474 -11.13 9.47 5.98
N GLN C 475 -10.87 10.15 7.09
CA GLN C 475 -9.77 11.10 7.09
C GLN C 475 -8.54 10.45 6.46
N ASN C 476 -8.15 9.29 6.96
CA ASN C 476 -7.08 8.54 6.34
C ASN C 476 -7.39 8.17 4.89
N CYS C 477 -8.26 7.18 4.72
CA CYS C 477 -8.78 6.77 3.40
C CYS C 477 -7.78 6.85 2.25
N SER C 478 -6.80 5.96 2.27
CA SER C 478 -5.86 5.86 1.17
C SER C 478 -6.63 5.72 -0.13
N LYS C 479 -7.83 5.14 -0.04
CA LYS C 479 -8.66 4.92 -1.22
C LYS C 479 -9.11 6.22 -1.86
N VAL C 480 -9.23 7.28 -1.04
CA VAL C 480 -9.47 8.61 -1.58
C VAL C 480 -8.18 9.14 -2.18
N THR C 481 -7.10 9.05 -1.41
CA THR C 481 -5.79 9.53 -1.84
C THR C 481 -5.36 8.87 -3.13
N GLU C 482 -5.45 7.54 -3.18
CA GLU C 482 -5.08 6.78 -4.37
C GLU C 482 -5.88 7.24 -5.59
N THR C 483 -7.04 7.84 -5.35
CA THR C 483 -7.87 8.33 -6.44
C THR C 483 -7.18 9.45 -7.18
N PHE C 484 -6.43 10.26 -6.44
CA PHE C 484 -5.79 11.46 -6.98
C PHE C 484 -4.78 11.18 -8.08
N ASP C 485 -4.20 9.98 -8.09
CA ASP C 485 -3.24 9.61 -9.12
C ASP C 485 -3.86 9.68 -10.52
N TYR C 486 -5.17 9.58 -10.58
CA TYR C 486 -5.89 9.62 -11.86
C TYR C 486 -6.36 11.03 -12.19
N LEU C 487 -6.00 11.99 -11.33
CA LEU C 487 -6.47 13.35 -11.44
C LEU C 487 -6.26 13.96 -12.83
N THR C 488 -5.15 13.62 -13.45
CA THR C 488 -4.87 14.09 -14.80
C THR C 488 -5.66 13.28 -15.83
N PHE C 489 -5.83 11.99 -15.54
CA PHE C 489 -6.49 11.09 -16.48
C PHE C 489 -8.01 11.22 -16.48
N LEU C 490 -8.55 11.95 -15.51
CA LEU C 490 -9.99 12.17 -15.40
C LEU C 490 -10.46 13.49 -16.04
N PRO C 491 -11.72 13.52 -16.49
CA PRO C 491 -12.34 14.75 -17.02
C PRO C 491 -12.42 15.84 -15.96
N LEU C 492 -12.18 17.08 -16.36
CA LEU C 492 -12.13 18.20 -15.43
C LEU C 492 -13.37 18.25 -14.53
N GLN C 493 -14.54 18.06 -15.12
CA GLN C 493 -15.79 18.08 -14.37
C GLN C 493 -15.75 17.11 -13.19
N THR C 494 -15.14 15.95 -13.40
CA THR C 494 -15.00 14.96 -12.35
C THR C 494 -14.04 15.45 -11.28
N VAL C 495 -12.89 15.94 -11.72
CA VAL C 495 -11.84 16.37 -10.79
C VAL C 495 -12.32 17.45 -9.85
N GLN C 496 -13.13 18.37 -10.37
CA GLN C 496 -13.67 19.43 -9.55
C GLN C 496 -14.60 18.84 -8.51
N GLY C 497 -15.57 18.06 -8.98
CA GLY C 497 -16.49 17.39 -8.08
C GLY C 497 -15.77 16.58 -7.02
N LEU C 498 -14.74 15.85 -7.44
CA LEU C 498 -13.97 15.02 -6.53
C LEU C 498 -13.32 15.89 -5.46
N LEU C 499 -12.60 16.92 -5.90
CA LEU C 499 -11.92 17.81 -4.98
C LEU C 499 -12.89 18.54 -4.05
N LYS C 500 -13.91 19.17 -4.62
CA LYS C 500 -14.86 19.93 -3.81
C LYS C 500 -15.36 19.07 -2.68
N ALA C 501 -15.89 17.90 -3.03
CA ALA C 501 -16.49 16.98 -2.06
C ALA C 501 -15.48 16.49 -1.04
N VAL C 502 -14.24 16.30 -1.47
CA VAL C 502 -13.21 15.71 -0.62
C VAL C 502 -12.68 16.68 0.44
N GLN C 503 -13.09 17.94 0.34
CA GLN C 503 -12.55 19.01 1.17
C GLN C 503 -12.47 18.71 2.67
N PRO C 504 -13.60 18.35 3.30
CA PRO C 504 -13.61 18.13 4.75
C PRO C 504 -12.55 17.13 5.21
N LEU C 505 -12.08 16.26 4.31
CA LEU C 505 -11.01 15.32 4.65
C LEU C 505 -9.65 16.02 4.64
N LEU C 506 -9.46 16.91 3.66
CA LEU C 506 -8.20 17.64 3.53
C LEU C 506 -7.90 18.44 4.79
N LYS C 507 -8.92 19.06 5.36
CA LYS C 507 -8.76 19.86 6.57
C LYS C 507 -8.36 19.00 7.77
N ILE C 508 -8.42 17.69 7.58
CA ILE C 508 -8.20 16.75 8.67
C ILE C 508 -6.93 15.91 8.49
N SER C 509 -6.84 15.14 7.41
CA SER C 509 -5.66 14.32 7.19
C SER C 509 -4.53 15.11 6.51
N MET C 510 -3.40 15.22 7.21
CA MET C 510 -2.24 15.93 6.68
C MET C 510 -1.68 15.21 5.47
N SER C 511 -1.51 13.90 5.60
CA SER C 511 -0.89 13.09 4.57
C SER C 511 -1.69 13.07 3.27
N MET C 512 -3.01 13.22 3.38
CA MET C 512 -3.84 13.33 2.18
C MET C 512 -3.60 14.67 1.50
N ARG C 513 -3.60 15.73 2.30
CA ARG C 513 -3.33 17.07 1.81
C ARG C 513 -1.96 17.13 1.11
N ASP C 514 -0.91 16.76 1.82
CA ASP C 514 0.43 16.76 1.27
C ASP C 514 0.53 15.92 0.00
N SER C 515 -0.19 14.80 -0.02
CA SER C 515 -0.16 13.93 -1.17
C SER C 515 -0.86 14.57 -2.37
N LEU C 516 -1.86 15.40 -2.09
CA LEU C 516 -2.58 16.10 -3.14
C LEU C 516 -1.73 17.22 -3.70
N ILE C 517 -1.00 17.90 -2.81
CA ILE C 517 -0.07 18.93 -3.23
C ILE C 517 0.92 18.32 -4.21
N LEU C 518 1.63 17.27 -3.78
CA LEU C 518 2.63 16.63 -4.62
C LEU C 518 2.05 16.17 -5.96
N VAL C 519 0.82 15.69 -5.95
CA VAL C 519 0.18 15.27 -7.19
C VAL C 519 -0.09 16.47 -8.07
N LEU C 520 -0.62 17.53 -7.47
CA LEU C 520 -0.94 18.75 -8.20
C LEU C 520 0.32 19.44 -8.68
N ARG C 521 1.37 19.39 -7.85
CA ARG C 521 2.65 20.03 -8.19
C ARG C 521 3.08 19.64 -9.59
N LYS C 522 3.03 18.35 -9.88
CA LYS C 522 3.49 17.84 -11.18
C LYS C 522 2.35 17.68 -12.19
N ALA C 523 1.13 17.99 -11.78
CA ALA C 523 0.02 17.99 -12.71
C ALA C 523 0.15 19.22 -13.58
N MET C 524 0.70 20.27 -12.98
CA MET C 524 0.89 21.56 -13.65
C MET C 524 1.79 21.43 -14.88
N PHE C 525 2.61 20.38 -14.91
CA PHE C 525 3.59 20.22 -15.97
C PHE C 525 3.07 19.38 -17.14
N ALA C 526 1.83 18.94 -17.05
CA ALA C 526 1.24 18.13 -18.10
C ALA C 526 1.02 18.97 -19.36
N SER C 527 1.56 18.48 -20.48
CA SER C 527 1.39 19.16 -21.76
C SER C 527 -0.09 19.36 -22.07
N GLN C 528 -0.87 18.28 -21.94
CA GLN C 528 -2.30 18.33 -22.20
C GLN C 528 -2.96 19.48 -21.44
N LEU C 529 -3.80 20.24 -22.12
CA LEU C 529 -4.45 21.41 -21.53
C LEU C 529 -5.34 21.01 -20.36
N ASP C 530 -6.31 20.14 -20.63
CA ASP C 530 -7.27 19.74 -19.61
C ASP C 530 -6.61 19.29 -18.30
N ALA C 531 -5.46 18.66 -18.41
CA ALA C 531 -4.71 18.25 -17.23
C ALA C 531 -4.35 19.46 -16.37
N ARG C 532 -3.74 20.46 -16.98
CA ARG C 532 -3.39 21.69 -16.28
C ARG C 532 -4.62 22.39 -15.72
N LYS C 533 -5.69 22.41 -16.51
CA LYS C 533 -6.93 23.05 -16.09
C LYS C 533 -7.43 22.40 -14.79
N SER C 534 -7.17 21.11 -14.63
CA SER C 534 -7.49 20.41 -13.40
C SER C 534 -6.54 20.83 -12.28
N ALA C 535 -5.24 20.72 -12.55
CA ALA C 535 -4.22 21.08 -11.57
C ALA C 535 -4.52 22.45 -10.96
N VAL C 536 -4.89 23.40 -11.80
CA VAL C 536 -5.26 24.74 -11.33
C VAL C 536 -6.44 24.67 -10.37
N ALA C 537 -7.51 24.01 -10.79
CA ALA C 537 -8.70 23.87 -9.95
C ALA C 537 -8.33 23.33 -8.58
N GLY C 538 -7.36 22.41 -8.57
CA GLY C 538 -6.90 21.81 -7.33
C GLY C 538 -6.22 22.81 -6.41
N PHE C 539 -5.18 23.46 -6.93
CA PHE C 539 -4.47 24.47 -6.16
C PHE C 539 -5.43 25.54 -5.68
N LEU C 540 -6.19 26.11 -6.61
CA LEU C 540 -7.18 27.12 -6.27
C LEU C 540 -8.04 26.65 -5.10
N LEU C 541 -8.41 25.37 -5.13
CA LEU C 541 -9.22 24.80 -4.06
C LEU C 541 -8.41 24.71 -2.77
N LEU C 542 -7.16 24.26 -2.87
CA LEU C 542 -6.27 24.23 -1.72
C LEU C 542 -6.18 25.60 -1.06
N LEU C 543 -5.95 26.63 -1.86
CA LEU C 543 -5.78 27.99 -1.34
C LEU C 543 -7.02 28.46 -0.58
N LYS C 544 -8.18 27.97 -0.97
CA LYS C 544 -9.42 28.33 -0.30
C LYS C 544 -9.47 27.76 1.11
N ASN C 545 -8.88 26.57 1.29
CA ASN C 545 -8.90 25.91 2.59
C ASN C 545 -7.65 26.06 3.46
N PHE C 546 -6.60 26.70 2.97
CA PHE C 546 -5.34 26.62 3.71
C PHE C 546 -4.54 27.93 3.89
N LYS C 547 -4.24 28.20 5.15
CA LYS C 547 -3.53 29.39 5.60
C LYS C 547 -2.09 29.00 5.93
N VAL C 548 -1.32 29.94 6.44
CA VAL C 548 0.10 29.72 6.72
C VAL C 548 0.51 30.08 8.15
N LEU C 549 0.26 31.33 8.52
CA LEU C 549 0.74 31.95 9.74
C LEU C 549 2.17 32.47 9.59
N GLY C 550 2.89 31.91 8.62
CA GLY C 550 4.03 32.58 8.03
C GLY C 550 4.99 33.29 8.97
N SER C 551 5.46 34.43 8.48
CA SER C 551 6.25 35.42 9.22
C SER C 551 5.39 36.58 9.76
N LEU C 552 4.07 36.41 9.72
CA LEU C 552 3.11 37.51 9.78
C LEU C 552 3.21 38.40 11.02
N PRO C 553 2.36 39.44 11.08
CA PRO C 553 2.24 40.29 12.28
C PRO C 553 1.09 39.84 13.18
N VAL C 563 -14.41 31.48 7.27
CA VAL C 563 -14.72 30.06 7.22
C VAL C 563 -13.66 29.23 7.93
N THR C 564 -12.63 29.90 8.44
CA THR C 564 -11.57 29.23 9.21
C THR C 564 -10.80 28.17 8.43
N GLN C 565 -9.89 28.61 7.56
CA GLN C 565 -9.02 27.66 6.88
C GLN C 565 -8.02 27.07 7.88
N VAL C 566 -7.20 26.11 7.43
CA VAL C 566 -6.31 25.39 8.33
C VAL C 566 -4.87 25.80 8.11
N ARG C 567 -4.09 25.87 9.19
CA ARG C 567 -2.69 26.23 9.07
C ARG C 567 -1.86 24.99 8.75
N VAL C 568 -1.24 25.01 7.58
CA VAL C 568 -0.48 23.86 7.10
C VAL C 568 0.90 23.87 7.76
N ASP C 569 1.26 25.03 8.26
CA ASP C 569 2.63 25.32 8.68
C ASP C 569 3.07 24.86 10.08
N VAL C 570 2.15 24.86 11.06
CA VAL C 570 2.55 24.73 12.47
C VAL C 570 3.12 23.36 12.90
N HIS C 571 2.72 22.28 12.25
CA HIS C 571 3.35 20.99 12.53
C HIS C 571 4.46 20.76 11.51
N SER C 572 5.70 20.90 11.93
CA SER C 572 6.84 20.70 11.04
C SER C 572 7.46 19.31 11.12
N ARG C 573 7.10 18.55 12.14
CA ARG C 573 7.59 17.19 12.27
C ARG C 573 6.73 16.24 11.42
N TYR C 574 5.46 16.59 11.27
CA TYR C 574 4.51 15.75 10.56
C TYR C 574 4.28 16.09 9.08
N SER C 575 4.76 17.26 8.65
CA SER C 575 4.57 17.65 7.26
C SER C 575 5.91 17.88 6.58
N ALA C 576 6.21 17.05 5.58
CA ALA C 576 7.45 17.17 4.83
C ALA C 576 7.27 18.10 3.63
N VAL C 577 6.01 18.43 3.34
CA VAL C 577 5.68 19.18 2.14
C VAL C 577 5.36 20.65 2.42
N ALA C 578 4.31 20.88 3.21
CA ALA C 578 3.85 22.24 3.50
C ALA C 578 4.79 23.00 4.44
N ASN C 579 5.16 24.21 4.03
CA ASN C 579 5.98 25.11 4.85
C ASN C 579 5.32 26.46 4.98
N GLU C 580 6.04 27.42 5.54
CA GLU C 580 5.57 28.79 5.65
C GLU C 580 5.42 29.41 4.26
N THR C 581 6.12 28.85 3.30
CA THR C 581 6.07 29.32 1.91
C THR C 581 4.82 28.82 1.19
N PHE C 582 4.05 27.97 1.86
CA PHE C 582 2.97 27.22 1.23
C PHE C 582 2.06 28.05 0.32
N CYS C 583 1.58 29.17 0.82
CA CYS C 583 0.64 30.00 0.04
C CYS C 583 1.28 30.67 -1.17
N LEU C 584 2.44 31.28 -0.96
CA LEU C 584 3.14 31.97 -2.03
C LEU C 584 3.68 30.97 -3.04
N GLU C 585 4.18 29.83 -2.55
CA GLU C 585 4.67 28.76 -3.41
C GLU C 585 3.64 28.39 -4.47
N ILE C 586 2.36 28.37 -4.07
CA ILE C 586 1.28 28.02 -4.97
C ILE C 586 0.99 29.13 -5.97
N ILE C 587 0.87 30.36 -5.47
CA ILE C 587 0.59 31.51 -6.34
C ILE C 587 1.62 31.61 -7.46
N ASP C 588 2.90 31.42 -7.11
CA ASP C 588 3.95 31.43 -8.12
C ASP C 588 3.73 30.31 -9.13
N SER C 589 3.52 29.11 -8.62
CA SER C 589 3.21 27.96 -9.46
C SER C 589 2.06 28.30 -10.40
N LEU C 590 1.05 28.97 -9.86
CA LEU C 590 -0.13 29.34 -10.64
C LEU C 590 0.16 30.46 -11.63
N LYS C 591 1.06 31.37 -11.28
CA LYS C 591 1.40 32.49 -12.15
C LYS C 591 1.72 32.03 -13.56
N ARG C 592 2.42 30.90 -13.68
CA ARG C 592 2.87 30.42 -14.97
C ARG C 592 1.73 30.12 -15.93
N SER C 593 0.55 29.88 -15.39
CA SER C 593 -0.61 29.54 -16.21
C SER C 593 -1.17 30.77 -16.92
N LEU C 594 -0.80 31.96 -16.44
CA LEU C 594 -1.25 33.20 -17.06
C LEU C 594 -0.60 33.42 -18.43
N GLY C 595 0.48 32.69 -18.68
CA GLY C 595 1.12 32.73 -19.98
C GLY C 595 0.67 31.57 -20.85
N GLN C 596 -0.24 30.77 -20.31
CA GLN C 596 -0.80 29.63 -21.03
C GLN C 596 -2.07 29.99 -21.78
N GLN C 597 -2.77 28.97 -22.26
CA GLN C 597 -3.94 29.17 -23.11
C GLN C 597 -4.97 30.07 -22.44
N ALA C 598 -5.69 30.85 -23.24
CA ALA C 598 -6.67 31.79 -22.73
C ALA C 598 -7.68 31.12 -21.80
N ASP C 599 -8.09 29.91 -22.18
CA ASP C 599 -9.07 29.17 -21.42
C ASP C 599 -8.66 29.03 -19.95
N ILE C 600 -7.38 28.76 -19.71
CA ILE C 600 -6.85 28.63 -18.36
C ILE C 600 -6.82 29.95 -17.62
N ARG C 601 -6.26 30.97 -18.26
CA ARG C 601 -6.14 32.28 -17.64
C ARG C 601 -7.48 32.72 -17.06
N LEU C 602 -8.55 32.51 -17.83
CA LEU C 602 -9.90 32.83 -17.40
C LEU C 602 -10.23 32.13 -16.09
N MET C 603 -9.89 30.86 -16.01
CA MET C 603 -10.15 30.04 -14.84
C MET C 603 -9.34 30.52 -13.66
N LEU C 604 -8.16 31.05 -13.93
CA LEU C 604 -7.28 31.53 -12.87
C LEU C 604 -7.75 32.89 -12.36
N TYR C 605 -8.34 33.68 -13.25
CA TYR C 605 -8.92 34.96 -12.86
C TYR C 605 -10.10 34.73 -11.92
N ASP C 606 -10.97 33.79 -12.29
CA ASP C 606 -12.12 33.45 -11.46
C ASP C 606 -11.68 33.01 -10.08
N GLY C 607 -10.66 32.14 -10.03
CA GLY C 607 -10.19 31.59 -8.78
C GLY C 607 -9.62 32.64 -7.85
N PHE C 608 -8.76 33.50 -8.39
CA PHE C 608 -8.09 34.52 -7.61
C PHE C 608 -9.06 35.32 -6.73
N TYR C 609 -10.23 35.62 -7.27
CA TYR C 609 -11.21 36.39 -6.50
C TYR C 609 -11.78 35.57 -5.35
N ASP C 610 -12.26 34.37 -5.64
CA ASP C 610 -12.76 33.48 -4.61
C ASP C 610 -11.73 33.32 -3.51
N VAL C 611 -10.50 33.04 -3.90
CA VAL C 611 -9.40 32.84 -2.97
C VAL C 611 -9.13 34.08 -2.12
N LEU C 612 -9.03 35.23 -2.78
CA LEU C 612 -8.77 36.50 -2.10
C LEU C 612 -9.80 36.72 -1.00
N ARG C 613 -11.07 36.49 -1.32
CA ARG C 613 -12.15 36.70 -0.36
C ARG C 613 -11.96 35.84 0.89
N ARG C 614 -11.50 34.61 0.71
CA ARG C 614 -11.30 33.72 1.86
C ARG C 614 -9.97 33.93 2.59
N ASN C 615 -8.93 34.30 1.86
CA ASN C 615 -7.63 34.53 2.48
C ASN C 615 -7.13 35.97 2.33
N SER C 616 -7.04 36.68 3.46
CA SER C 616 -6.69 38.09 3.45
C SER C 616 -5.23 38.33 3.11
N GLN C 617 -4.36 37.41 3.54
CA GLN C 617 -2.91 37.57 3.37
C GLN C 617 -2.48 37.51 1.91
N LEU C 618 -3.32 36.95 1.05
CA LEU C 618 -2.98 36.76 -0.36
C LEU C 618 -3.24 38.00 -1.19
N ALA C 619 -3.88 39.00 -0.60
CA ALA C 619 -4.27 40.21 -1.31
C ALA C 619 -3.10 40.78 -2.11
N SER C 620 -1.95 40.92 -1.45
CA SER C 620 -0.76 41.48 -2.09
C SER C 620 -0.28 40.59 -3.24
N SER C 621 -0.14 39.30 -2.97
CA SER C 621 0.41 38.36 -3.95
C SER C 621 -0.47 38.23 -5.19
N ILE C 622 -1.77 38.11 -4.97
CA ILE C 622 -2.72 38.01 -6.08
C ILE C 622 -2.72 39.31 -6.88
N MET C 623 -2.87 40.43 -6.17
CA MET C 623 -2.95 41.74 -6.79
C MET C 623 -1.70 42.01 -7.63
N GLN C 624 -0.54 41.73 -7.06
CA GLN C 624 0.73 41.88 -7.76
C GLN C 624 0.66 41.19 -9.13
N THR C 625 0.21 39.94 -9.10
CA THR C 625 0.11 39.12 -10.30
C THR C 625 -0.85 39.72 -11.32
N LEU C 626 -2.03 40.11 -10.85
CA LEU C 626 -3.01 40.77 -11.70
C LEU C 626 -2.46 42.07 -12.27
N PHE C 627 -1.85 42.86 -11.40
CA PHE C 627 -1.28 44.14 -11.79
C PHE C 627 -0.29 43.99 -12.93
N SER C 628 0.74 43.17 -12.72
CA SER C 628 1.79 43.00 -13.73
C SER C 628 1.27 42.37 -15.01
N GLN C 629 0.05 41.82 -14.96
CA GLN C 629 -0.58 41.26 -16.14
C GLN C 629 -1.15 42.37 -17.02
N LEU C 630 -1.84 43.32 -16.38
CA LEU C 630 -2.38 44.48 -17.08
C LEU C 630 -1.25 45.29 -17.70
N LYS C 631 -0.13 45.37 -17.00
CA LYS C 631 1.02 46.15 -17.45
C LYS C 631 1.43 45.78 -18.87
N GLN C 632 1.13 44.55 -19.27
CA GLN C 632 1.49 44.09 -20.61
C GLN C 632 0.54 44.67 -21.66
N PHE C 633 -0.72 44.81 -21.30
CA PHE C 633 -1.76 45.26 -22.23
C PHE C 633 -2.15 46.73 -22.13
N TYR C 634 -1.50 47.48 -21.25
CA TYR C 634 -1.87 48.85 -20.96
C TYR C 634 -0.80 49.85 -21.42
N GLU C 635 -1.18 50.80 -22.27
CA GLU C 635 -0.26 51.82 -22.74
C GLU C 635 -0.16 52.96 -21.72
N PRO C 636 1.00 53.06 -21.06
CA PRO C 636 1.26 53.99 -19.96
C PRO C 636 1.37 55.43 -20.42
N GLU C 637 1.77 55.63 -21.67
CA GLU C 637 1.92 56.98 -22.20
C GLU C 637 0.55 57.62 -22.16
N PRO C 638 0.40 58.69 -21.35
CA PRO C 638 -0.95 59.24 -21.20
C PRO C 638 -1.51 59.69 -22.53
N ASP C 639 -2.71 59.23 -22.84
CA ASP C 639 -3.39 59.57 -24.08
C ASP C 639 -2.67 59.15 -25.37
N LEU C 640 -2.53 57.85 -25.56
CA LEU C 640 -2.40 57.28 -26.88
C LEU C 640 -3.70 56.49 -26.97
N LEU C 641 -4.65 57.00 -27.75
CA LEU C 641 -6.07 56.74 -27.48
C LEU C 641 -6.55 55.29 -27.29
N PRO C 642 -5.90 54.32 -27.95
CA PRO C 642 -6.16 52.91 -27.60
C PRO C 642 -5.50 52.54 -26.27
N PRO C 643 -6.18 52.80 -25.14
CA PRO C 643 -5.61 52.72 -23.79
C PRO C 643 -5.17 51.31 -23.39
N LEU C 644 -5.76 50.30 -24.03
CA LEU C 644 -5.33 48.93 -23.83
C LEU C 644 -4.86 48.38 -25.17
N LYS C 645 -3.80 47.57 -25.14
CA LYS C 645 -3.27 47.06 -26.40
C LYS C 645 -4.02 45.78 -26.69
N LEU C 646 -4.89 45.83 -27.69
CA LEU C 646 -5.78 44.72 -27.98
C LEU C 646 -5.21 43.82 -29.06
N GLY C 647 -4.06 44.20 -29.60
CA GLY C 647 -3.39 43.39 -30.58
C GLY C 647 -2.74 42.19 -29.92
N ALA C 648 -2.19 42.42 -28.74
CA ALA C 648 -1.47 41.38 -28.01
C ALA C 648 -2.41 40.33 -27.42
N CYS C 649 -3.71 40.61 -27.43
CA CYS C 649 -4.71 39.67 -26.94
C CYS C 649 -4.94 38.56 -27.93
N VAL C 650 -4.43 38.73 -29.14
CA VAL C 650 -4.58 37.72 -30.19
C VAL C 650 -3.25 37.10 -30.55
N LEU C 651 -3.21 35.77 -30.59
CA LEU C 651 -2.04 35.04 -31.04
C LEU C 651 -2.35 34.36 -32.36
N THR C 652 -1.34 34.24 -33.22
CA THR C 652 -1.50 33.54 -34.48
C THR C 652 -0.33 32.60 -34.72
N GLN C 653 -0.63 31.32 -34.84
CA GLN C 653 0.38 30.35 -35.24
C GLN C 653 -0.13 29.47 -36.37
N GLY C 654 0.47 29.62 -37.56
CA GLY C 654 0.18 28.74 -38.68
C GLY C 654 -1.26 28.69 -39.16
N SER C 655 -1.79 29.84 -39.57
CA SER C 655 -3.09 29.89 -40.24
C SER C 655 -4.29 29.95 -39.30
N GLN C 656 -4.04 29.82 -38.00
CA GLN C 656 -5.11 29.88 -37.02
C GLN C 656 -4.91 31.04 -36.05
N ILE C 657 -5.99 31.78 -35.81
CA ILE C 657 -5.94 32.91 -34.89
C ILE C 657 -6.77 32.65 -33.64
N PHE C 658 -6.09 32.52 -32.51
CA PHE C 658 -6.75 32.29 -31.23
C PHE C 658 -6.64 33.53 -30.40
N LEU C 659 -7.58 33.73 -29.49
CA LEU C 659 -7.42 34.75 -28.47
C LEU C 659 -6.75 34.12 -27.26
N GLN C 660 -5.69 34.77 -26.78
CA GLN C 660 -5.11 34.43 -25.49
C GLN C 660 -5.36 35.62 -24.57
N GLU C 661 -5.43 35.37 -23.27
CA GLU C 661 -5.72 36.46 -22.33
C GLU C 661 -7.03 37.25 -22.57
N PRO C 662 -8.15 36.70 -22.10
CA PRO C 662 -9.45 37.38 -22.16
C PRO C 662 -9.40 38.64 -21.30
N LEU C 663 -8.80 39.69 -21.85
CA LEU C 663 -8.55 40.95 -21.14
C LEU C 663 -9.77 41.46 -20.37
N ASP C 664 -10.95 41.34 -20.96
CA ASP C 664 -12.17 41.83 -20.31
C ASP C 664 -12.42 41.19 -18.95
N HIS C 665 -11.98 39.95 -18.78
CA HIS C 665 -12.07 39.28 -17.49
C HIS C 665 -10.95 39.70 -16.55
N LEU C 666 -9.74 39.84 -17.09
CA LEU C 666 -8.62 40.37 -16.33
C LEU C 666 -9.07 41.66 -15.65
N LEU C 667 -9.78 42.49 -16.40
CA LEU C 667 -10.29 43.75 -15.87
C LEU C 667 -11.37 43.52 -14.82
N SER C 668 -12.31 42.65 -15.13
CA SER C 668 -13.39 42.34 -14.19
C SER C 668 -12.79 41.85 -12.88
N CYS C 669 -11.79 41.00 -12.96
CA CYS C 669 -11.15 40.43 -11.77
C CYS C 669 -10.52 41.53 -10.93
N ILE C 670 -9.67 42.34 -11.55
CA ILE C 670 -9.01 43.44 -10.86
C ILE C 670 -10.04 44.40 -10.28
N GLN C 671 -11.17 44.54 -10.98
CA GLN C 671 -12.26 45.37 -10.51
C GLN C 671 -12.82 44.81 -9.22
N HIS C 672 -13.18 43.52 -9.24
CA HIS C 672 -13.84 42.89 -8.11
C HIS C 672 -12.91 42.71 -6.90
N CYS C 673 -11.62 42.61 -7.16
CA CYS C 673 -10.63 42.58 -6.10
C CYS C 673 -10.50 43.95 -5.43
N LEU C 674 -10.27 44.99 -6.24
CA LEU C 674 -10.21 46.35 -5.75
C LEU C 674 -11.46 46.68 -4.95
N ALA C 675 -12.61 46.45 -5.55
CA ALA C 675 -13.89 46.68 -4.89
C ALA C 675 -13.91 45.97 -3.53
N TRP C 676 -13.34 44.78 -3.47
CA TRP C 676 -13.26 44.01 -2.23
C TRP C 676 -12.28 44.63 -1.24
N TYR C 677 -11.06 44.88 -1.70
CA TYR C 677 -10.02 45.44 -0.84
C TYR C 677 -10.47 46.74 -0.17
N LYS C 678 -11.08 47.61 -0.97
CA LYS C 678 -11.65 48.84 -0.44
C LYS C 678 -12.81 48.51 0.49
N SER C 679 -13.77 47.74 -0.03
CA SER C 679 -14.92 47.32 0.75
C SER C 679 -14.52 46.70 2.09
N ARG C 680 -13.83 45.56 2.02
CA ARG C 680 -13.59 44.77 3.22
C ARG C 680 -12.41 45.21 4.07
N VAL C 681 -11.19 45.07 3.55
CA VAL C 681 -10.06 45.11 4.47
C VAL C 681 -9.84 46.55 4.90
N VAL C 682 -10.21 46.81 6.15
CA VAL C 682 -10.00 48.09 6.80
C VAL C 682 -9.80 47.84 8.30
N PRO C 683 -8.70 47.17 8.69
CA PRO C 683 -8.50 46.88 10.11
C PRO C 683 -7.54 47.86 10.77
N GLU C 692 1.16 48.06 3.67
CA GLU C 692 1.29 49.39 3.09
C GLU C 692 1.55 49.33 1.59
N GLU C 693 2.45 48.44 1.18
CA GLU C 693 2.78 48.27 -0.23
C GLU C 693 1.56 47.81 -1.02
N GLU C 694 0.52 47.40 -0.31
CA GLU C 694 -0.76 47.10 -0.93
C GLU C 694 -1.49 48.38 -1.30
N GLU C 695 -1.52 49.32 -0.36
CA GLU C 695 -2.21 50.59 -0.57
C GLU C 695 -1.60 51.35 -1.74
N GLU C 696 -0.34 51.05 -2.05
CA GLU C 696 0.31 51.59 -3.24
C GLU C 696 -0.11 50.83 -4.49
N LEU C 697 -0.37 49.53 -4.32
CA LEU C 697 -0.89 48.71 -5.41
C LEU C 697 -2.30 49.13 -5.78
N TYR C 698 -3.16 49.25 -4.76
CA TYR C 698 -4.58 49.50 -4.98
C TYR C 698 -4.88 50.93 -5.41
N SER C 699 -3.94 51.83 -5.18
CA SER C 699 -4.05 53.18 -5.73
C SER C 699 -3.67 53.19 -7.20
N GLU C 700 -2.55 52.54 -7.51
CA GLU C 700 -2.03 52.55 -8.88
C GLU C 700 -2.95 51.82 -9.86
N LEU C 701 -3.71 50.86 -9.35
CA LEU C 701 -4.69 50.17 -10.16
C LEU C 701 -5.94 51.04 -10.31
N ASP C 702 -6.32 51.72 -9.23
CA ASP C 702 -7.41 52.68 -9.28
C ASP C 702 -7.08 53.78 -10.29
N ASP C 703 -5.83 54.22 -10.29
CA ASP C 703 -5.37 55.20 -11.26
C ASP C 703 -5.53 54.64 -12.67
N MET C 704 -5.11 53.40 -12.85
CA MET C 704 -5.13 52.76 -14.17
C MET C 704 -6.56 52.56 -14.69
N LEU C 705 -7.47 52.16 -13.81
CA LEU C 705 -8.85 51.94 -14.23
C LEU C 705 -9.51 53.23 -14.70
N GLU C 706 -9.30 54.31 -13.95
CA GLU C 706 -9.82 55.62 -14.35
C GLU C 706 -9.18 56.07 -15.65
N SER C 707 -7.85 55.94 -15.73
CA SER C 707 -7.13 56.28 -16.96
C SER C 707 -7.75 55.56 -18.15
N ILE C 708 -8.00 54.27 -17.99
CA ILE C 708 -8.65 53.47 -19.02
C ILE C 708 -10.08 53.96 -19.24
N THR C 709 -10.73 54.38 -18.16
CA THR C 709 -12.10 54.87 -18.25
C THR C 709 -12.22 56.04 -19.23
N VAL C 710 -11.40 57.07 -19.01
CA VAL C 710 -11.45 58.26 -19.85
C VAL C 710 -10.94 58.00 -21.26
N ARG C 711 -9.74 57.43 -21.36
CA ARG C 711 -9.15 57.13 -22.66
C ARG C 711 -10.03 56.20 -23.48
N MET C 712 -10.80 55.34 -22.80
CA MET C 712 -11.67 54.40 -23.50
C MET C 712 -12.81 55.09 -24.22
N ILE C 713 -13.31 56.20 -23.69
CA ILE C 713 -14.35 56.92 -24.38
C ILE C 713 -13.61 57.93 -25.24
N LYS C 714 -13.54 57.63 -26.54
CA LYS C 714 -12.66 58.32 -27.48
C LYS C 714 -12.74 57.57 -28.82
N ASN C 731 -14.13 33.91 -40.25
CA ASN C 731 -14.34 34.33 -41.63
C ASN C 731 -13.03 34.41 -42.41
N THR C 732 -12.18 35.36 -42.01
CA THR C 732 -10.81 35.44 -42.51
C THR C 732 -9.91 36.07 -41.44
N ASN C 733 -8.67 35.60 -41.35
CA ASN C 733 -7.80 35.91 -40.22
C ASN C 733 -7.77 37.39 -39.82
N VAL C 734 -7.77 38.28 -40.81
CA VAL C 734 -7.76 39.71 -40.52
C VAL C 734 -9.00 40.09 -39.70
N GLY C 735 -10.15 39.58 -40.11
CA GLY C 735 -11.41 39.92 -39.46
C GLY C 735 -11.73 39.10 -38.23
N ILE C 736 -11.27 37.84 -38.21
CA ILE C 736 -11.51 36.98 -37.07
C ILE C 736 -10.92 37.62 -35.82
N LYS C 737 -9.76 38.25 -35.99
CA LYS C 737 -9.11 38.97 -34.92
C LYS C 737 -9.95 40.17 -34.49
N ASN C 738 -10.47 40.90 -35.47
CA ASN C 738 -11.27 42.09 -35.20
C ASN C 738 -12.52 41.80 -34.39
N ASN C 739 -13.24 40.75 -34.77
CA ASN C 739 -14.47 40.39 -34.06
C ASN C 739 -14.19 40.12 -32.59
N ILE C 740 -13.10 39.40 -32.32
CA ILE C 740 -12.67 39.15 -30.95
C ILE C 740 -12.48 40.48 -30.22
N CYS C 741 -11.64 41.34 -30.78
CA CYS C 741 -11.36 42.65 -30.20
C CYS C 741 -12.65 43.41 -29.94
N ALA C 742 -13.60 43.32 -30.87
CA ALA C 742 -14.89 43.97 -30.70
C ALA C 742 -15.53 43.62 -29.37
N CYS C 743 -15.87 42.35 -29.19
CA CYS C 743 -16.51 41.89 -27.95
C CYS C 743 -15.54 41.92 -26.76
N LEU C 744 -14.26 42.05 -27.04
CA LEU C 744 -13.29 42.29 -25.98
C LEU C 744 -13.59 43.65 -25.36
N ILE C 745 -13.64 44.67 -26.22
CA ILE C 745 -13.96 46.02 -25.79
C ILE C 745 -15.36 46.06 -25.18
N MET C 746 -16.32 45.47 -25.89
CA MET C 746 -17.69 45.42 -25.40
C MET C 746 -17.67 44.97 -23.95
N GLY C 747 -16.86 43.97 -23.66
CA GLY C 747 -16.68 43.49 -22.30
C GLY C 747 -15.96 44.52 -21.45
N VAL C 748 -14.81 44.99 -21.94
CA VAL C 748 -14.01 45.97 -21.22
C VAL C 748 -14.85 47.17 -20.80
N CYS C 749 -15.70 47.66 -21.69
CA CYS C 749 -16.60 48.76 -21.39
C CYS C 749 -17.63 48.31 -20.36
N GLU C 750 -18.15 47.11 -20.55
CA GLU C 750 -19.14 46.54 -19.65
C GLU C 750 -18.54 46.40 -18.25
N VAL C 751 -17.24 46.15 -18.19
CA VAL C 751 -16.53 46.04 -16.92
C VAL C 751 -16.30 47.42 -16.31
N LEU C 752 -15.83 48.35 -17.14
CA LEU C 752 -15.57 49.72 -16.67
C LEU C 752 -16.85 50.38 -16.20
N MET C 753 -17.97 50.00 -16.82
CA MET C 753 -19.28 50.45 -16.36
C MET C 753 -19.48 50.02 -14.92
N GLU C 754 -19.33 48.71 -14.69
CA GLU C 754 -19.48 48.14 -13.36
C GLU C 754 -18.58 48.85 -12.34
N TYR C 755 -17.35 49.13 -12.74
CA TYR C 755 -16.36 49.71 -11.84
C TYR C 755 -16.69 51.15 -11.46
N ASN C 756 -16.94 51.99 -12.46
CA ASN C 756 -17.23 53.41 -12.22
C ASN C 756 -18.52 53.64 -11.43
N PHE C 757 -19.43 52.67 -11.48
CA PHE C 757 -20.63 52.74 -10.67
C PHE C 757 -20.21 52.53 -9.22
N SER C 758 -19.70 51.34 -8.93
CA SER C 758 -19.31 50.99 -7.56
C SER C 758 -18.20 51.89 -7.00
N ILE C 759 -17.45 52.55 -7.88
CA ILE C 759 -16.50 53.56 -7.44
C ILE C 759 -17.25 54.53 -6.53
N SER C 760 -18.18 55.26 -7.14
CA SER C 760 -19.06 56.15 -6.40
C SER C 760 -20.46 56.09 -6.98
N ASN C 761 -21.44 55.91 -6.11
CA ASN C 761 -22.83 55.78 -6.53
C ASN C 761 -23.47 57.16 -6.57
N PHE C 762 -22.64 58.18 -6.40
CA PHE C 762 -23.09 59.55 -6.17
C PHE C 762 -23.15 60.43 -7.42
N SER C 763 -21.98 60.79 -7.93
CA SER C 763 -21.84 61.91 -8.87
C SER C 763 -22.60 61.77 -10.20
N LYS C 764 -22.99 62.91 -10.75
CA LYS C 764 -23.57 62.98 -12.09
C LYS C 764 -22.45 62.84 -13.11
N SER C 765 -21.24 63.18 -12.68
CA SER C 765 -20.09 63.22 -13.58
C SER C 765 -19.64 61.84 -14.04
N LYS C 766 -19.75 60.85 -13.15
CA LYS C 766 -19.36 59.49 -13.47
C LYS C 766 -20.44 58.77 -14.27
N PHE C 767 -21.70 59.00 -13.93
CA PHE C 767 -22.81 58.42 -14.68
C PHE C 767 -22.77 58.92 -16.12
N GLU C 768 -22.22 60.12 -16.32
CA GLU C 768 -21.99 60.66 -17.65
C GLU C 768 -21.01 59.75 -18.38
N GLU C 769 -20.03 59.24 -17.64
CA GLU C 769 -19.06 58.30 -18.18
C GLU C 769 -19.71 56.92 -18.39
N ILE C 770 -20.47 56.48 -17.39
CA ILE C 770 -21.16 55.20 -17.46
C ILE C 770 -21.99 55.11 -18.74
N LEU C 771 -22.70 56.19 -19.05
CA LEU C 771 -23.50 56.25 -20.26
C LEU C 771 -22.57 56.21 -21.48
N SER C 772 -21.53 57.03 -21.45
CA SER C 772 -20.55 57.08 -22.53
C SER C 772 -19.85 55.73 -22.71
N LEU C 773 -19.71 54.99 -21.62
CA LEU C 773 -19.14 53.66 -21.68
C LEU C 773 -20.11 52.69 -22.35
N PHE C 774 -21.40 52.87 -22.07
CA PHE C 774 -22.42 52.09 -22.76
C PHE C 774 -22.50 52.51 -24.22
N THR C 775 -22.27 53.80 -24.46
CA THR C 775 -22.30 54.33 -25.82
C THR C 775 -21.22 53.69 -26.66
N CYS C 776 -20.11 53.32 -26.02
CA CYS C 776 -19.03 52.61 -26.70
C CYS C 776 -19.42 51.14 -26.87
N TYR C 777 -20.02 50.56 -25.84
CA TYR C 777 -20.48 49.18 -25.89
C TYR C 777 -21.54 48.99 -26.97
N LYS C 778 -22.62 49.75 -26.87
CA LYS C 778 -23.68 49.72 -27.87
C LYS C 778 -23.11 49.94 -29.26
N LYS C 779 -22.15 50.86 -29.35
CA LYS C 779 -21.51 51.20 -30.61
C LYS C 779 -21.04 49.95 -31.36
N PHE C 780 -20.30 49.10 -30.66
CA PHE C 780 -19.79 47.87 -31.26
C PHE C 780 -20.87 46.79 -31.34
N SER C 781 -21.81 46.82 -30.39
CA SER C 781 -22.89 45.83 -30.37
C SER C 781 -23.79 45.98 -31.59
N ASP C 782 -23.91 47.22 -32.07
CA ASP C 782 -24.63 47.48 -33.31
C ASP C 782 -23.79 47.08 -34.51
N ILE C 783 -22.48 47.29 -34.39
CA ILE C 783 -21.53 46.99 -35.47
C ILE C 783 -21.49 45.50 -35.80
N LEU C 784 -22.03 44.68 -34.90
CA LEU C 784 -22.12 43.24 -35.15
C LEU C 784 -23.57 42.83 -35.40
N LYS C 798 -22.96 37.07 -27.87
CA LYS C 798 -23.51 38.24 -27.21
C LYS C 798 -24.39 37.86 -26.02
N VAL C 799 -24.57 36.56 -25.78
CA VAL C 799 -25.59 36.12 -24.84
C VAL C 799 -25.13 36.07 -23.37
N SER C 800 -24.36 35.05 -23.02
CA SER C 800 -23.95 34.90 -21.62
C SER C 800 -22.79 35.83 -21.36
N ASP C 801 -22.44 36.58 -22.40
CA ASP C 801 -21.26 37.43 -22.42
C ASP C 801 -21.30 38.60 -21.44
N SER C 802 -22.46 38.84 -20.82
CA SER C 802 -22.55 39.95 -19.88
C SER C 802 -21.49 39.77 -18.80
N LEU C 803 -20.64 40.77 -18.64
CA LEU C 803 -19.53 40.70 -17.69
C LEU C 803 -19.90 41.33 -16.36
N LEU C 804 -21.11 41.89 -16.30
CA LEU C 804 -21.62 42.47 -15.07
C LEU C 804 -21.87 41.34 -14.08
N SER C 805 -21.32 41.47 -12.88
CA SER C 805 -21.62 40.51 -11.82
C SER C 805 -23.11 40.61 -11.54
N LEU C 806 -23.72 39.51 -11.12
CA LEU C 806 -25.17 39.49 -10.94
C LEU C 806 -25.61 40.37 -9.78
N LYS C 807 -24.77 40.48 -8.76
CA LYS C 807 -25.08 41.34 -7.61
C LYS C 807 -25.24 42.78 -8.10
N PHE C 808 -24.42 43.16 -9.06
CA PHE C 808 -24.48 44.49 -9.67
C PHE C 808 -25.75 44.65 -10.49
N VAL C 809 -26.04 43.65 -11.33
CA VAL C 809 -27.24 43.67 -12.17
C VAL C 809 -28.49 43.76 -11.29
N SER C 810 -28.37 43.31 -10.05
CA SER C 810 -29.44 43.46 -9.07
C SER C 810 -29.47 44.90 -8.57
N ASP C 811 -28.39 45.32 -7.94
CA ASP C 811 -28.31 46.63 -7.31
C ASP C 811 -28.77 47.77 -8.22
N LEU C 812 -28.26 47.81 -9.45
CA LEU C 812 -28.57 48.93 -10.34
C LEU C 812 -30.01 48.89 -10.84
N LEU C 813 -30.55 47.69 -11.07
CA LEU C 813 -31.96 47.57 -11.45
C LEU C 813 -32.85 47.95 -10.27
N THR C 814 -32.35 47.73 -9.05
CA THR C 814 -33.05 48.18 -7.85
C THR C 814 -32.83 49.68 -7.68
N ALA C 815 -31.68 50.15 -8.15
CA ALA C 815 -31.33 51.56 -8.04
C ALA C 815 -32.05 52.40 -9.10
N LEU C 816 -32.20 51.85 -10.29
CA LEU C 816 -32.85 52.58 -11.37
C LEU C 816 -34.35 52.74 -11.16
N PHE C 817 -35.04 51.63 -10.92
CA PHE C 817 -36.49 51.64 -10.80
C PHE C 817 -36.98 52.08 -9.42
N ARG C 818 -36.65 51.28 -8.40
CA ARG C 818 -37.12 51.55 -7.05
C ARG C 818 -36.45 52.76 -6.40
N ASP C 819 -35.17 52.99 -6.72
CA ASP C 819 -34.43 54.04 -6.02
C ASP C 819 -34.57 55.40 -6.67
N SER C 820 -35.25 56.27 -5.94
CA SER C 820 -35.52 57.66 -6.30
C SER C 820 -35.10 58.50 -5.10
N ILE C 821 -35.62 58.11 -3.93
CA ILE C 821 -35.52 58.86 -2.69
C ILE C 821 -34.12 59.43 -2.49
N GLN C 822 -33.11 58.79 -3.08
CA GLN C 822 -31.76 59.34 -3.06
C GLN C 822 -31.71 60.70 -3.76
N SER C 823 -30.79 61.56 -3.34
CA SER C 823 -30.76 62.95 -3.77
C SER C 823 -30.83 63.18 -5.28
N HIS C 824 -30.22 62.29 -6.05
CA HIS C 824 -30.06 62.52 -7.49
C HIS C 824 -31.13 61.90 -8.38
N GLU C 825 -31.89 62.75 -9.06
CA GLU C 825 -32.75 62.30 -10.14
C GLU C 825 -31.92 62.26 -11.42
N GLU C 826 -30.77 62.92 -11.40
CA GLU C 826 -29.86 62.95 -12.53
C GLU C 826 -29.17 61.59 -12.69
N SER C 827 -29.05 60.86 -11.59
CA SER C 827 -28.57 59.49 -11.65
C SER C 827 -29.45 58.74 -12.64
N LEU C 828 -30.74 58.61 -12.30
CA LEU C 828 -31.70 57.94 -13.16
C LEU C 828 -31.75 58.59 -14.55
N SER C 829 -31.84 59.91 -14.57
CA SER C 829 -32.07 60.64 -15.81
C SER C 829 -30.94 60.48 -16.83
N VAL C 830 -29.69 60.55 -16.37
CA VAL C 830 -28.55 60.34 -17.25
C VAL C 830 -28.70 58.99 -17.94
N LEU C 831 -29.44 58.10 -17.30
CA LEU C 831 -29.64 56.74 -17.79
C LEU C 831 -30.99 56.58 -18.49
N ARG C 832 -32.07 56.82 -17.76
CA ARG C 832 -33.42 56.72 -18.33
C ARG C 832 -33.52 57.42 -19.67
N SER C 833 -32.84 58.57 -19.80
CA SER C 833 -32.95 59.39 -21.00
C SER C 833 -32.30 58.75 -22.23
N SER C 834 -31.29 57.91 -22.02
CA SER C 834 -30.70 57.15 -23.12
C SER C 834 -31.71 56.10 -23.59
N GLY C 835 -32.19 55.31 -22.64
CA GLY C 835 -33.35 54.46 -22.84
C GLY C 835 -33.05 53.16 -23.54
N GLU C 836 -31.96 53.12 -24.29
CA GLU C 836 -31.45 51.87 -24.82
C GLU C 836 -30.61 51.21 -23.74
N PHE C 837 -29.92 52.04 -22.97
CA PHE C 837 -29.23 51.60 -21.77
C PHE C 837 -30.26 51.10 -20.78
N MET C 838 -31.44 51.72 -20.80
CA MET C 838 -32.51 51.34 -19.90
C MET C 838 -32.92 49.89 -20.08
N HIS C 839 -33.27 49.50 -21.31
CA HIS C 839 -33.63 48.11 -21.55
C HIS C 839 -32.44 47.20 -21.88
N TYR C 840 -31.25 47.78 -21.97
CA TYR C 840 -30.04 46.97 -22.01
C TYR C 840 -29.77 46.42 -20.61
N ALA C 841 -29.96 47.28 -19.61
CA ALA C 841 -29.76 46.89 -18.22
C ALA C 841 -30.84 45.90 -17.76
N VAL C 842 -32.01 45.97 -18.40
CA VAL C 842 -33.06 44.99 -18.15
C VAL C 842 -32.84 43.76 -19.03
N ASN C 843 -32.02 43.91 -20.07
CA ASN C 843 -31.72 42.81 -20.96
C ASN C 843 -30.67 41.88 -20.38
N VAL C 844 -29.71 42.44 -19.65
CA VAL C 844 -28.70 41.63 -18.97
C VAL C 844 -29.37 40.74 -17.94
N THR C 845 -30.19 41.35 -17.08
CA THR C 845 -30.89 40.61 -16.03
C THR C 845 -31.77 39.51 -16.59
N LEU C 846 -32.63 39.88 -17.54
CA LEU C 846 -33.52 38.93 -18.19
C LEU C 846 -32.70 37.84 -18.89
N GLN C 847 -31.53 38.22 -19.39
CA GLN C 847 -30.68 37.32 -20.15
C GLN C 847 -29.84 36.40 -19.25
N LYS C 848 -29.52 36.88 -18.04
CA LYS C 848 -28.79 36.06 -17.08
C LYS C 848 -29.70 35.05 -16.36
N ILE C 849 -30.92 35.48 -16.07
CA ILE C 849 -31.91 34.58 -15.50
C ILE C 849 -32.13 33.41 -16.45
N GLN C 850 -32.19 33.72 -17.74
CA GLN C 850 -32.34 32.70 -18.77
C GLN C 850 -31.13 31.79 -18.80
N GLN C 851 -29.94 32.39 -18.80
CA GLN C 851 -28.70 31.61 -18.76
C GLN C 851 -28.63 30.81 -17.47
N LEU C 852 -29.42 31.24 -16.48
CA LEU C 852 -29.45 30.56 -15.20
C LEU C 852 -30.32 29.31 -15.26
N ILE C 853 -31.19 29.22 -16.26
CA ILE C 853 -31.93 27.99 -16.50
C ILE C 853 -31.26 27.05 -17.51
N ARG C 854 -30.29 27.57 -18.26
CA ARG C 854 -29.56 26.72 -19.20
C ARG C 854 -28.56 25.88 -18.43
N THR C 855 -27.78 26.55 -17.60
CA THR C 855 -26.89 25.91 -16.65
C THR C 855 -27.33 26.38 -15.28
N GLY C 856 -26.63 25.97 -14.23
CA GLY C 856 -26.94 26.45 -12.90
C GLY C 856 -26.15 27.71 -12.59
N HIS C 857 -25.18 28.02 -13.44
CA HIS C 857 -24.21 29.07 -13.14
C HIS C 857 -24.60 30.45 -13.69
N VAL C 858 -23.74 31.41 -13.38
CA VAL C 858 -23.82 32.76 -13.92
C VAL C 858 -22.41 33.32 -13.95
N SER C 859 -22.16 34.28 -14.84
CA SER C 859 -20.81 34.69 -15.17
C SER C 859 -19.86 34.92 -13.99
N GLY C 860 -20.13 35.97 -13.20
CA GLY C 860 -19.15 36.44 -12.23
C GLY C 860 -19.25 35.90 -10.82
N PRO C 861 -18.67 36.64 -9.86
CA PRO C 861 -18.52 36.31 -8.44
C PRO C 861 -19.84 35.92 -7.78
N ASP C 862 -19.78 34.94 -6.89
CA ASP C 862 -20.98 34.39 -6.27
C ASP C 862 -21.95 33.92 -7.33
N GLY C 863 -21.39 33.54 -8.48
CA GLY C 863 -22.18 33.10 -9.62
C GLY C 863 -22.81 31.73 -9.39
N GLN C 864 -22.05 30.83 -8.76
CA GLN C 864 -22.56 29.51 -8.43
C GLN C 864 -23.02 29.35 -6.98
N ASN C 865 -22.98 30.43 -6.19
CA ASN C 865 -23.42 30.35 -4.82
C ASN C 865 -24.94 30.43 -4.76
N PRO C 866 -25.59 29.31 -4.41
CA PRO C 866 -27.05 29.17 -4.49
C PRO C 866 -27.80 30.05 -3.49
N ASP C 867 -27.15 30.45 -2.41
CA ASP C 867 -27.76 31.38 -1.46
C ASP C 867 -27.67 32.81 -1.98
N LYS C 868 -26.51 33.16 -2.52
CA LYS C 868 -26.31 34.48 -3.09
C LYS C 868 -27.14 34.64 -4.37
N ILE C 869 -27.40 33.52 -5.04
CA ILE C 869 -28.22 33.54 -6.24
C ILE C 869 -29.69 33.71 -5.89
N PHE C 870 -30.14 32.99 -4.88
CA PHE C 870 -31.52 33.11 -4.42
C PHE C 870 -31.78 34.54 -3.96
N GLN C 871 -30.86 35.07 -3.16
CA GLN C 871 -30.95 36.46 -2.70
C GLN C 871 -31.10 37.41 -3.88
N ASN C 872 -30.16 37.31 -4.82
CA ASN C 872 -30.19 38.17 -6.01
C ASN C 872 -31.45 38.00 -6.84
N LEU C 873 -32.05 36.81 -6.77
CA LEU C 873 -33.30 36.55 -7.46
C LEU C 873 -34.45 37.28 -6.78
N CYS C 874 -34.50 37.19 -5.46
CA CYS C 874 -35.51 37.92 -4.69
C CYS C 874 -35.38 39.41 -4.95
N ASP C 875 -34.16 39.92 -4.85
CA ASP C 875 -33.88 41.33 -5.10
C ASP C 875 -34.42 41.77 -6.46
N ILE C 876 -34.04 41.05 -7.50
CA ILE C 876 -34.41 41.42 -8.87
C ILE C 876 -35.90 41.28 -9.14
N THR C 877 -36.51 40.22 -8.62
CA THR C 877 -37.93 39.95 -8.89
C THR C 877 -38.84 41.11 -8.47
N ARG C 878 -38.89 41.41 -7.18
CA ARG C 878 -39.77 42.44 -6.66
C ARG C 878 -39.52 43.81 -7.28
N VAL C 879 -38.34 43.99 -7.85
CA VAL C 879 -38.02 45.23 -8.55
C VAL C 879 -38.65 45.24 -9.95
N LEU C 880 -38.70 44.07 -10.57
CA LEU C 880 -39.39 43.91 -11.85
C LEU C 880 -40.90 43.98 -11.64
N LEU C 881 -41.33 43.63 -10.42
CA LEU C 881 -42.74 43.68 -10.06
C LEU C 881 -43.19 45.13 -9.84
N TRP C 882 -42.30 45.94 -9.28
CA TRP C 882 -42.59 47.35 -9.08
C TRP C 882 -42.77 48.06 -10.42
N ARG C 883 -41.95 47.67 -11.40
CA ARG C 883 -42.03 48.28 -12.72
C ARG C 883 -43.24 47.76 -13.49
N TYR C 884 -43.62 46.51 -13.24
CA TYR C 884 -44.78 45.97 -13.93
C TYR C 884 -46.09 46.41 -13.28
N THR C 885 -46.02 46.85 -12.04
CA THR C 885 -47.17 47.52 -11.44
C THR C 885 -46.86 49.01 -11.49
N SER C 886 -47.54 49.71 -12.41
CA SER C 886 -47.16 51.07 -12.77
C SER C 886 -47.83 51.44 -14.09
N SER C 902 -41.19 48.97 -25.23
CA SER C 902 -41.62 49.27 -23.86
C SER C 902 -40.88 48.39 -22.86
N ILE C 903 -40.30 49.01 -21.84
CA ILE C 903 -39.54 48.29 -20.83
C ILE C 903 -40.45 47.44 -19.94
N SER C 904 -41.63 47.96 -19.63
CA SER C 904 -42.58 47.26 -18.76
C SER C 904 -42.96 45.89 -19.31
N LEU C 905 -42.75 45.69 -20.60
CA LEU C 905 -43.02 44.39 -21.22
C LEU C 905 -41.89 43.41 -20.88
N LEU C 906 -40.64 43.87 -21.01
CA LEU C 906 -39.49 43.06 -20.66
C LEU C 906 -39.59 42.56 -19.22
N CYS C 907 -39.88 43.49 -18.32
CA CYS C 907 -39.98 43.14 -16.90
C CYS C 907 -40.84 41.91 -16.68
N LEU C 908 -41.99 41.87 -17.36
CA LEU C 908 -42.87 40.72 -17.28
C LEU C 908 -42.15 39.47 -17.78
N GLU C 909 -41.50 39.60 -18.94
CA GLU C 909 -40.78 38.48 -19.53
C GLU C 909 -39.68 37.99 -18.60
N GLY C 910 -38.96 38.94 -18.01
CA GLY C 910 -37.94 38.61 -17.03
C GLY C 910 -38.59 38.10 -15.76
N LEU C 911 -39.66 38.77 -15.35
CA LEU C 911 -40.44 38.36 -14.18
C LEU C 911 -40.91 36.92 -14.35
N GLN C 912 -41.24 36.56 -15.57
CA GLN C 912 -41.73 35.23 -15.88
C GLN C 912 -40.62 34.19 -15.68
N LYS C 913 -39.47 34.44 -16.26
CA LYS C 913 -38.33 33.54 -16.14
C LYS C 913 -37.89 33.36 -14.69
N THR C 914 -38.03 34.42 -13.90
CA THR C 914 -37.72 34.36 -12.48
C THR C 914 -38.53 33.25 -11.80
N PHE C 915 -39.85 33.43 -11.78
CA PHE C 915 -40.74 32.47 -11.15
C PHE C 915 -40.46 31.04 -11.56
N SER C 916 -40.34 30.80 -12.86
CA SER C 916 -40.09 29.46 -13.37
C SER C 916 -38.80 28.86 -12.81
N VAL C 917 -37.79 29.71 -12.63
CA VAL C 917 -36.52 29.26 -12.06
C VAL C 917 -36.68 28.92 -10.58
N VAL C 918 -37.22 29.86 -9.83
CA VAL C 918 -37.41 29.69 -8.39
C VAL C 918 -38.14 28.40 -8.05
N LEU C 919 -39.09 28.02 -8.91
CA LEU C 919 -39.94 26.87 -8.65
C LEU C 919 -39.28 25.53 -8.99
N GLN C 920 -38.59 25.47 -10.13
CA GLN C 920 -38.00 24.22 -10.60
C GLN C 920 -36.53 24.01 -10.22
N PHE C 921 -36.01 24.93 -9.42
CA PHE C 921 -34.66 24.82 -8.88
C PHE C 921 -34.69 24.97 -7.36
N TYR C 922 -35.18 26.13 -6.92
CA TYR C 922 -35.15 26.57 -5.53
C TYR C 922 -36.35 26.16 -4.68
N GLN C 923 -37.13 25.21 -5.19
CA GLN C 923 -38.48 24.91 -4.69
C GLN C 923 -38.66 25.00 -3.17
N PRO C 924 -37.79 24.36 -2.38
CA PRO C 924 -37.98 24.46 -0.93
C PRO C 924 -37.92 25.90 -0.41
N LYS C 925 -37.31 26.79 -1.19
CA LYS C 925 -37.16 28.18 -0.81
C LYS C 925 -38.36 29.01 -1.27
N VAL C 926 -39.33 28.33 -1.88
CA VAL C 926 -40.53 29.00 -2.41
C VAL C 926 -41.18 29.93 -1.39
N GLN C 927 -41.28 29.47 -0.14
CA GLN C 927 -41.90 30.25 0.92
C GLN C 927 -41.10 31.54 1.16
N GLN C 928 -39.79 31.39 1.26
CA GLN C 928 -38.90 32.54 1.45
C GLN C 928 -39.08 33.52 0.29
N PHE C 929 -39.03 33.00 -0.93
CA PHE C 929 -39.10 33.80 -2.14
C PHE C 929 -40.30 34.74 -2.16
N LEU C 930 -41.49 34.17 -1.96
CA LEU C 930 -42.73 34.94 -2.03
C LEU C 930 -42.78 36.04 -0.97
N GLN C 931 -42.13 35.80 0.17
CA GLN C 931 -42.10 36.79 1.25
C GLN C 931 -41.35 38.06 0.84
N ALA C 932 -40.26 37.88 0.11
CA ALA C 932 -39.44 39.00 -0.32
C ALA C 932 -40.21 39.93 -1.25
N LEU C 933 -41.32 39.44 -1.79
CA LEU C 933 -42.10 40.17 -2.78
C LEU C 933 -43.14 41.09 -2.15
N ASP C 934 -43.36 40.94 -0.84
CA ASP C 934 -44.34 41.78 -0.14
C ASP C 934 -43.70 43.04 0.43
N VAL C 945 -50.90 26.95 3.27
CA VAL C 945 -52.02 27.89 3.34
C VAL C 945 -51.55 29.32 3.17
N THR C 946 -50.46 29.68 3.85
CA THR C 946 -49.85 30.99 3.65
C THR C 946 -49.03 30.95 2.37
N VAL C 947 -48.50 29.77 2.04
CA VAL C 947 -47.80 29.57 0.78
C VAL C 947 -48.79 29.65 -0.37
N THR C 948 -49.93 28.98 -0.17
CA THR C 948 -51.02 29.03 -1.14
C THR C 948 -51.63 30.43 -1.15
N GLN C 949 -51.46 31.13 -0.03
CA GLN C 949 -51.96 32.50 0.10
C GLN C 949 -51.15 33.46 -0.76
N ARG C 950 -49.83 33.39 -0.62
CA ARG C 950 -48.94 34.25 -1.40
C ARG C 950 -49.18 34.03 -2.89
N ALA C 951 -49.41 32.78 -3.26
CA ALA C 951 -49.63 32.42 -4.66
C ALA C 951 -50.86 33.12 -5.23
N SER C 952 -52.01 32.92 -4.58
CA SER C 952 -53.27 33.49 -5.04
C SER C 952 -53.27 35.02 -4.95
N PHE C 953 -52.35 35.56 -4.17
CA PHE C 953 -52.20 37.01 -4.06
C PHE C 953 -51.54 37.55 -5.33
N GLN C 954 -50.44 36.91 -5.72
CA GLN C 954 -49.73 37.30 -6.93
C GLN C 954 -50.55 36.96 -8.16
N ILE C 955 -51.24 35.82 -8.12
CA ILE C 955 -52.12 35.42 -9.21
C ILE C 955 -53.17 36.48 -9.48
N ARG C 956 -53.78 36.98 -8.40
CA ARG C 956 -54.79 38.03 -8.50
C ARG C 956 -54.27 39.24 -9.26
N GLN C 957 -53.07 39.70 -8.90
CA GLN C 957 -52.49 40.88 -9.51
C GLN C 957 -52.24 40.68 -11.01
N PHE C 958 -51.87 39.46 -11.39
CA PHE C 958 -51.64 39.14 -12.80
C PHE C 958 -52.92 38.89 -13.58
N GLN C 959 -53.81 38.07 -13.02
CA GLN C 959 -55.06 37.73 -13.70
C GLN C 959 -55.90 38.98 -13.91
N ARG C 960 -55.60 40.01 -13.11
CA ARG C 960 -56.30 41.28 -13.19
C ARG C 960 -55.75 42.14 -14.34
N SER C 961 -54.46 42.01 -14.61
CA SER C 961 -53.83 42.77 -15.68
C SER C 961 -53.88 42.03 -17.03
N LEU C 962 -54.27 40.76 -16.98
CA LEU C 962 -54.60 40.04 -18.20
C LEU C 962 -56.00 40.43 -18.64
N LEU C 963 -56.91 40.44 -17.67
CA LEU C 963 -58.29 40.85 -17.88
C LEU C 963 -58.31 42.28 -18.40
N ASN C 964 -57.46 43.12 -17.79
CA ASN C 964 -57.32 44.51 -18.19
C ASN C 964 -56.85 44.64 -19.64
N LEU C 965 -55.94 43.75 -20.04
CA LEU C 965 -55.44 43.74 -21.40
C LEU C 965 -56.56 43.36 -22.36
N LEU C 966 -57.44 42.47 -21.90
CA LEU C 966 -58.56 42.01 -22.71
C LEU C 966 -59.77 42.95 -22.72
N SER C 967 -60.12 43.50 -21.56
CA SER C 967 -61.32 44.32 -21.42
C SER C 967 -61.23 45.62 -22.22
N SER C 968 -60.08 46.28 -22.14
CA SER C 968 -59.83 47.52 -22.88
C SER C 968 -59.12 47.25 -24.20
N GLU C 969 -58.97 45.98 -24.54
CA GLU C 969 -58.20 45.57 -25.72
C GLU C 969 -58.60 46.34 -26.97
N GLU C 970 -57.59 46.88 -27.66
CA GLU C 970 -57.83 47.66 -28.87
C GLU C 970 -57.38 46.91 -30.12
N ASP C 971 -58.35 46.46 -30.92
CA ASP C 971 -58.05 45.77 -32.18
C ASP C 971 -56.97 44.71 -31.98
N ASP C 972 -55.87 44.86 -32.71
CA ASP C 972 -54.72 44.00 -32.52
C ASP C 972 -53.82 44.63 -31.47
N PHE C 973 -53.53 43.89 -30.39
CA PHE C 973 -52.70 44.45 -29.33
C PHE C 973 -51.43 43.65 -29.04
N ASN C 974 -51.56 42.57 -28.28
CA ASN C 974 -50.42 41.72 -27.98
C ASN C 974 -50.76 40.23 -27.96
N SER C 975 -50.15 39.45 -28.85
CA SER C 975 -50.18 38.01 -28.72
C SER C 975 -49.05 37.59 -27.78
N LYS C 976 -48.04 38.45 -27.69
CA LYS C 976 -46.84 38.15 -26.89
C LYS C 976 -46.99 38.41 -25.39
N GLU C 977 -47.64 39.52 -25.01
CA GLU C 977 -47.83 39.81 -23.61
C GLU C 977 -48.93 38.94 -23.00
N ALA C 978 -49.95 38.65 -23.80
CA ALA C 978 -51.04 37.79 -23.36
C ALA C 978 -50.54 36.37 -23.15
N LEU C 979 -49.60 35.95 -23.99
CA LEU C 979 -49.01 34.62 -23.91
C LEU C 979 -48.27 34.39 -22.59
N LEU C 980 -47.28 35.23 -22.31
CA LEU C 980 -46.42 35.01 -21.16
C LEU C 980 -47.03 35.50 -19.86
N LEU C 981 -48.14 36.23 -19.96
CA LEU C 981 -48.90 36.65 -18.78
C LEU C 981 -49.66 35.43 -18.26
N ILE C 982 -50.07 34.57 -19.20
CA ILE C 982 -50.71 33.32 -18.85
C ILE C 982 -49.68 32.35 -18.30
N ALA C 983 -48.46 32.43 -18.82
CA ALA C 983 -47.37 31.56 -18.38
C ALA C 983 -47.05 31.80 -16.91
N VAL C 984 -47.07 33.05 -16.49
CA VAL C 984 -46.82 33.40 -15.10
C VAL C 984 -47.90 32.80 -14.20
N LEU C 985 -49.14 32.85 -14.66
CA LEU C 985 -50.26 32.29 -13.92
C LEU C 985 -50.14 30.77 -13.81
N SER C 986 -49.85 30.12 -14.93
CA SER C 986 -49.71 28.66 -14.96
C SER C 986 -48.57 28.19 -14.06
N THR C 987 -47.51 28.98 -14.02
CA THR C 987 -46.37 28.69 -13.15
C THR C 987 -46.78 28.82 -11.69
N LEU C 988 -47.47 29.91 -11.38
CA LEU C 988 -47.91 30.18 -10.01
C LEU C 988 -48.99 29.22 -9.53
N SER C 989 -49.92 28.88 -10.42
CA SER C 989 -51.04 28.03 -10.08
C SER C 989 -50.61 26.64 -9.60
N ARG C 990 -49.36 26.29 -9.84
CA ARG C 990 -48.83 24.99 -9.43
C ARG C 990 -48.48 25.00 -7.94
N LEU C 991 -48.42 26.19 -7.36
CA LEU C 991 -48.18 26.35 -5.93
C LEU C 991 -49.48 26.18 -5.15
N LEU C 992 -50.61 26.35 -5.83
CA LEU C 992 -51.92 26.25 -5.21
C LEU C 992 -52.25 24.80 -4.83
N GLU C 993 -52.57 24.57 -3.57
CA GLU C 993 -52.99 23.25 -3.12
C GLU C 993 -54.19 22.79 -3.94
N PRO C 994 -54.19 21.53 -4.38
CA PRO C 994 -55.27 21.05 -5.24
C PRO C 994 -56.63 21.11 -4.55
N THR C 995 -56.66 21.14 -3.22
CA THR C 995 -57.96 21.23 -2.57
C THR C 995 -58.34 22.70 -2.56
N SER C 996 -57.85 23.43 -1.56
CA SER C 996 -57.76 24.90 -1.57
C SER C 996 -59.09 25.60 -1.83
N PRO C 997 -59.32 26.75 -1.17
CA PRO C 997 -60.25 27.77 -1.64
C PRO C 997 -59.66 28.62 -2.77
N GLN C 998 -58.34 28.79 -2.73
CA GLN C 998 -57.63 29.69 -3.64
C GLN C 998 -57.54 29.05 -5.03
N PHE C 999 -57.41 27.74 -5.03
CA PHE C 999 -57.30 26.97 -6.27
C PHE C 999 -58.55 27.13 -7.12
N VAL C 1000 -59.71 27.23 -6.45
CA VAL C 1000 -60.97 27.42 -7.15
C VAL C 1000 -61.01 28.79 -7.83
N GLN C 1001 -60.56 29.81 -7.10
CA GLN C 1001 -60.49 31.17 -7.63
C GLN C 1001 -59.74 31.20 -8.96
N MET C 1002 -58.72 30.35 -9.08
CA MET C 1002 -57.92 30.28 -10.29
C MET C 1002 -58.62 29.47 -11.38
N LEU C 1003 -59.22 28.36 -10.99
CA LEU C 1003 -59.89 27.48 -11.95
C LEU C 1003 -61.12 28.18 -12.53
N SER C 1004 -62.02 28.60 -11.65
CA SER C 1004 -63.27 29.25 -12.06
C SER C 1004 -62.99 30.51 -12.88
N TRP C 1005 -62.00 31.28 -12.46
CA TRP C 1005 -61.62 32.48 -13.20
C TRP C 1005 -61.20 32.14 -14.62
N THR C 1006 -60.43 31.06 -14.76
CA THR C 1006 -59.99 30.61 -16.07
C THR C 1006 -61.19 30.15 -16.90
N SER C 1007 -62.08 29.41 -16.26
CA SER C 1007 -63.30 28.94 -16.92
C SER C 1007 -64.13 30.13 -17.42
N LYS C 1008 -63.96 31.28 -16.76
CA LYS C 1008 -64.69 32.48 -17.14
C LYS C 1008 -64.14 33.05 -18.45
N ILE C 1009 -62.82 33.04 -18.60
CA ILE C 1009 -62.17 33.59 -19.78
C ILE C 1009 -62.38 32.70 -21.00
N CYS C 1010 -62.51 31.40 -20.76
CA CYS C 1010 -62.69 30.44 -21.85
C CYS C 1010 -64.06 30.58 -22.51
N LYS C 1011 -65.09 30.73 -21.69
CA LYS C 1011 -66.45 30.88 -22.19
C LYS C 1011 -66.69 32.27 -22.75
N GLU C 1012 -66.19 33.27 -22.04
CA GLU C 1012 -66.53 34.66 -22.31
C GLU C 1012 -65.61 35.35 -23.33
N TYR C 1013 -64.71 34.58 -23.93
CA TYR C 1013 -63.75 35.17 -24.86
C TYR C 1013 -63.44 34.32 -26.09
N SER C 1014 -62.77 34.96 -27.05
CA SER C 1014 -62.16 34.28 -28.18
C SER C 1014 -61.09 35.20 -28.76
N GLN C 1015 -60.39 34.71 -29.78
CA GLN C 1015 -59.44 35.52 -30.54
C GLN C 1015 -58.81 34.68 -31.64
N GLU C 1016 -58.28 35.34 -32.65
CA GLU C 1016 -57.87 34.65 -33.88
C GLU C 1016 -56.39 34.28 -33.99
N ASP C 1017 -55.63 34.51 -32.93
CA ASP C 1017 -54.24 34.07 -32.88
C ASP C 1017 -54.11 32.74 -32.12
N ALA C 1018 -53.74 31.69 -32.84
CA ALA C 1018 -53.67 30.34 -32.30
C ALA C 1018 -52.79 30.24 -31.06
N SER C 1019 -51.75 31.07 -31.00
CA SER C 1019 -50.83 31.06 -29.87
C SER C 1019 -51.56 31.21 -28.53
N PHE C 1020 -52.56 32.08 -28.49
CA PHE C 1020 -53.22 32.45 -27.25
C PHE C 1020 -54.16 31.38 -26.69
N CYS C 1021 -54.90 30.71 -27.56
CA CYS C 1021 -55.92 29.77 -27.11
C CYS C 1021 -55.31 28.48 -26.53
N LYS C 1022 -54.33 27.91 -27.24
CA LYS C 1022 -53.70 26.67 -26.79
C LYS C 1022 -53.13 26.84 -25.39
N SER C 1023 -52.67 28.04 -25.08
CA SER C 1023 -52.14 28.33 -23.75
C SER C 1023 -53.26 28.39 -22.72
N LEU C 1024 -54.29 29.17 -23.02
CA LEU C 1024 -55.41 29.34 -22.11
C LEU C 1024 -56.12 28.02 -21.86
N MET C 1025 -56.14 27.17 -22.89
CA MET C 1025 -56.75 25.84 -22.76
C MET C 1025 -55.90 24.94 -21.88
N ASN C 1026 -54.60 24.88 -22.15
CA ASN C 1026 -53.69 24.09 -21.34
C ASN C 1026 -53.76 24.47 -19.87
N LEU C 1027 -53.70 25.76 -19.60
CA LEU C 1027 -53.85 26.27 -18.23
C LEU C 1027 -55.20 25.86 -17.66
N PHE C 1028 -56.24 25.98 -18.48
CA PHE C 1028 -57.58 25.58 -18.08
C PHE C 1028 -57.61 24.10 -17.72
N PHE C 1029 -57.17 23.26 -18.66
CA PHE C 1029 -57.08 21.82 -18.43
C PHE C 1029 -56.18 21.50 -17.25
N SER C 1030 -55.00 22.13 -17.21
CA SER C 1030 -54.04 21.87 -16.15
C SER C 1030 -54.69 21.98 -14.78
N LEU C 1031 -55.37 23.09 -14.53
CA LEU C 1031 -56.07 23.31 -13.28
C LEU C 1031 -57.23 22.32 -13.13
N HIS C 1032 -57.92 22.06 -14.24
CA HIS C 1032 -59.17 21.30 -14.20
C HIS C 1032 -59.02 19.85 -13.76
N VAL C 1033 -58.12 19.12 -14.41
CA VAL C 1033 -58.02 17.68 -14.21
C VAL C 1033 -57.75 17.33 -12.74
N LEU C 1034 -57.38 18.33 -11.96
CA LEU C 1034 -57.24 18.19 -10.53
C LEU C 1034 -58.55 18.53 -9.80
N TYR C 1035 -59.61 18.73 -10.57
CA TYR C 1035 -60.93 19.00 -10.00
C TYR C 1035 -61.92 17.88 -10.32
N LYS C 1036 -62.36 17.82 -11.57
CA LYS C 1036 -63.24 16.75 -12.05
C LYS C 1036 -62.72 16.25 -13.38
N SER C 1037 -63.02 14.99 -13.70
CA SER C 1037 -62.65 14.48 -15.02
C SER C 1037 -63.23 15.38 -16.10
N PRO C 1038 -62.37 15.81 -17.04
CA PRO C 1038 -62.61 16.79 -18.10
C PRO C 1038 -63.75 16.43 -19.05
N VAL C 1039 -64.25 15.20 -18.97
CA VAL C 1039 -65.19 14.68 -19.97
C VAL C 1039 -66.44 15.55 -20.17
N THR C 1040 -66.65 16.52 -19.28
CA THR C 1040 -67.67 17.53 -19.52
C THR C 1040 -67.15 18.51 -20.56
N LEU C 1041 -66.07 19.21 -20.23
CA LEU C 1041 -65.42 20.14 -21.16
C LEU C 1041 -65.19 19.48 -22.51
N LEU C 1042 -64.66 18.27 -22.50
CA LEU C 1042 -64.34 17.54 -23.73
C LEU C 1042 -65.55 17.42 -24.63
N ARG C 1043 -66.62 16.81 -24.11
CA ARG C 1043 -67.84 16.61 -24.86
C ARG C 1043 -68.44 17.94 -25.31
N ASP C 1044 -68.26 18.97 -24.48
CA ASP C 1044 -68.80 20.29 -24.79
C ASP C 1044 -67.95 21.05 -25.80
N LEU C 1045 -66.64 20.92 -25.69
CA LEU C 1045 -65.72 21.58 -26.60
C LEU C 1045 -65.89 21.06 -28.03
N SER C 1046 -66.16 19.77 -28.16
CA SER C 1046 -66.36 19.16 -29.47
C SER C 1046 -67.63 19.70 -30.12
N GLN C 1047 -68.68 19.87 -29.33
CA GLN C 1047 -69.95 20.41 -29.81
C GLN C 1047 -69.75 21.76 -30.51
N ASP C 1048 -68.71 22.48 -30.10
CA ASP C 1048 -68.39 23.77 -30.70
C ASP C 1048 -67.68 23.61 -32.04
N ILE C 1049 -66.49 23.02 -32.01
CA ILE C 1049 -65.75 22.74 -33.23
C ILE C 1049 -66.65 22.01 -34.22
N HIS C 1050 -67.37 21.02 -33.72
CA HIS C 1050 -68.31 20.25 -34.53
C HIS C 1050 -69.33 21.15 -35.21
N GLY C 1051 -69.78 22.18 -34.50
CA GLY C 1051 -70.75 23.10 -35.04
C GLY C 1051 -70.20 24.18 -35.96
N GLN C 1052 -69.00 24.66 -35.64
CA GLN C 1052 -68.42 25.81 -36.33
C GLN C 1052 -67.51 25.44 -37.51
N LEU C 1053 -67.49 24.16 -37.84
CA LEU C 1053 -66.59 23.61 -38.86
C LEU C 1053 -67.28 22.91 -40.03
N GLY C 1054 -68.15 21.96 -39.71
CA GLY C 1054 -68.33 20.73 -40.46
C GLY C 1054 -69.64 20.04 -40.09
N ASP C 1055 -69.64 18.71 -40.14
CA ASP C 1055 -70.82 17.86 -40.27
C ASP C 1055 -71.03 17.45 -41.72
N ILE C 1056 -70.24 18.03 -42.61
CA ILE C 1056 -70.23 17.65 -44.02
C ILE C 1056 -71.50 16.94 -44.48
N VAL C 1070 -66.33 29.65 -26.08
CA VAL C 1070 -66.29 30.27 -27.40
C VAL C 1070 -64.91 30.20 -28.05
N VAL C 1071 -64.87 29.58 -29.22
CA VAL C 1071 -63.68 29.62 -30.09
C VAL C 1071 -64.14 29.68 -31.55
N ASN C 1072 -63.57 30.59 -32.32
CA ASN C 1072 -64.03 30.82 -33.70
C ASN C 1072 -63.34 29.93 -34.74
N LEU C 1073 -63.62 30.20 -36.00
CA LEU C 1073 -63.09 29.42 -37.12
C LEU C 1073 -61.58 29.26 -37.07
N ARG C 1074 -60.89 30.40 -37.03
CA ARG C 1074 -59.43 30.41 -37.05
C ARG C 1074 -58.87 29.80 -35.77
N THR C 1075 -59.69 29.81 -34.72
CA THR C 1075 -59.27 29.35 -33.41
C THR C 1075 -59.35 27.84 -33.27
N ALA C 1076 -60.58 27.34 -33.21
CA ALA C 1076 -60.83 25.95 -32.86
C ALA C 1076 -60.46 24.95 -33.95
N ALA C 1077 -60.39 25.39 -35.20
CA ALA C 1077 -60.16 24.44 -36.29
C ALA C 1077 -58.80 23.74 -36.26
N PRO C 1078 -57.69 24.48 -36.42
CA PRO C 1078 -56.37 23.84 -36.36
C PRO C 1078 -55.89 23.47 -34.95
N THR C 1079 -56.28 24.26 -33.96
CA THR C 1079 -55.64 24.23 -32.65
C THR C 1079 -56.46 23.54 -31.57
N VAL C 1080 -57.57 24.18 -31.20
CA VAL C 1080 -58.41 23.67 -30.12
C VAL C 1080 -58.98 22.31 -30.49
N CYS C 1081 -58.73 21.89 -31.72
CA CYS C 1081 -59.07 20.54 -32.14
C CYS C 1081 -58.08 19.57 -31.49
N LEU C 1082 -56.81 19.73 -31.82
CA LEU C 1082 -55.75 18.86 -31.30
C LEU C 1082 -55.69 18.78 -29.78
N LEU C 1083 -56.12 19.83 -29.08
CA LEU C 1083 -56.07 19.85 -27.63
C LEU C 1083 -57.05 18.89 -26.97
N VAL C 1084 -58.32 18.99 -27.34
CA VAL C 1084 -59.34 18.13 -26.77
C VAL C 1084 -59.04 16.68 -27.12
N LEU C 1085 -58.46 16.47 -28.30
CA LEU C 1085 -58.06 15.13 -28.72
C LEU C 1085 -56.98 14.59 -27.79
N SER C 1086 -55.93 15.38 -27.60
CA SER C 1086 -54.84 14.99 -26.72
C SER C 1086 -55.35 14.78 -25.29
N GLN C 1087 -56.12 15.75 -24.80
CA GLN C 1087 -56.65 15.70 -23.45
C GLN C 1087 -57.47 14.42 -23.23
N ALA C 1088 -58.35 14.12 -24.18
CA ALA C 1088 -59.19 12.94 -24.08
C ALA C 1088 -58.36 11.66 -24.15
N GLU C 1089 -57.33 11.67 -25.00
CA GLU C 1089 -56.45 10.53 -25.12
C GLU C 1089 -55.85 10.17 -23.77
N LYS C 1090 -55.49 11.18 -23.00
CA LYS C 1090 -54.95 10.97 -21.66
C LYS C 1090 -56.02 10.35 -20.77
N VAL C 1091 -57.23 10.88 -20.86
CA VAL C 1091 -58.34 10.39 -20.06
C VAL C 1091 -58.64 8.92 -20.41
N LEU C 1092 -58.22 8.51 -21.59
CA LEU C 1092 -58.34 7.11 -22.00
C LEU C 1092 -57.28 6.24 -21.34
N GLU C 1093 -56.05 6.76 -21.31
CA GLU C 1093 -54.94 6.06 -20.66
C GLU C 1093 -55.29 5.78 -19.20
N GLU C 1094 -56.00 6.73 -18.59
CA GLU C 1094 -56.53 6.56 -17.25
C GLU C 1094 -57.40 5.31 -17.20
N VAL C 1095 -58.50 5.35 -17.96
CA VAL C 1095 -59.43 4.24 -18.04
C VAL C 1095 -58.72 2.92 -18.32
N ASP C 1096 -57.81 2.93 -19.29
CA ASP C 1096 -57.04 1.74 -19.62
C ASP C 1096 -56.36 1.16 -18.38
N TRP C 1097 -55.78 2.02 -17.56
CA TRP C 1097 -55.10 1.58 -16.34
C TRP C 1097 -56.09 1.04 -15.32
N LEU C 1098 -57.23 1.71 -15.20
CA LEU C 1098 -58.31 1.22 -14.35
C LEU C 1098 -58.74 -0.16 -14.81
N ILE C 1099 -59.01 -0.27 -16.11
CA ILE C 1099 -59.46 -1.53 -16.70
C ILE C 1099 -58.48 -2.67 -16.46
N ALA C 1100 -57.19 -2.39 -16.61
CA ALA C 1100 -56.17 -3.40 -16.37
C ALA C 1100 -56.02 -3.69 -14.87
N LYS C 1101 -56.34 -2.70 -14.05
CA LYS C 1101 -56.22 -2.85 -12.61
C LYS C 1101 -57.20 -3.89 -12.07
N ILE C 1102 -58.46 -3.78 -12.47
CA ILE C 1102 -59.50 -4.67 -12.00
C ILE C 1102 -59.28 -6.10 -12.48
N LYS C 1103 -58.80 -6.24 -13.71
CA LYS C 1103 -58.47 -7.56 -14.26
C LYS C 1103 -57.48 -8.29 -13.37
N GLY C 1104 -56.57 -7.54 -12.76
CA GLY C 1104 -55.47 -8.12 -12.01
C GLY C 1104 -55.80 -8.66 -10.63
N SER C 1105 -57.03 -8.42 -10.18
CA SER C 1105 -57.46 -8.90 -8.88
C SER C 1105 -57.96 -10.34 -8.94
N ALA C 1106 -57.90 -10.92 -10.13
CA ALA C 1106 -58.29 -12.32 -10.33
C ALA C 1106 -59.74 -12.57 -9.94
N PRO C 1127 -65.90 -2.73 -3.27
CA PRO C 1127 -65.45 -1.44 -3.80
C PRO C 1127 -65.13 -1.52 -5.29
N THR C 1128 -65.03 -2.74 -5.80
CA THR C 1128 -64.67 -2.97 -7.20
C THR C 1128 -65.69 -2.38 -8.17
N LEU C 1129 -66.96 -2.68 -7.91
CA LEU C 1129 -68.05 -2.22 -8.77
C LEU C 1129 -68.11 -0.70 -8.86
N LEU C 1130 -67.90 -0.04 -7.73
CA LEU C 1130 -67.98 1.41 -7.64
C LEU C 1130 -67.09 2.06 -8.70
N ILE C 1131 -65.99 1.40 -9.01
CA ILE C 1131 -65.08 1.84 -10.06
C ILE C 1131 -65.65 1.53 -11.44
N GLU C 1132 -66.12 0.31 -11.61
CA GLU C 1132 -66.65 -0.15 -12.89
C GLU C 1132 -67.71 0.79 -13.46
N LYS C 1133 -68.59 1.30 -12.60
CA LYS C 1133 -69.64 2.21 -13.03
C LYS C 1133 -69.10 3.61 -13.31
N ALA C 1134 -67.96 3.93 -12.71
CA ALA C 1134 -67.28 5.19 -12.99
C ALA C 1134 -66.57 5.10 -14.33
N ILE C 1135 -66.07 3.91 -14.64
CA ILE C 1135 -65.42 3.64 -15.93
C ILE C 1135 -66.43 3.80 -17.05
N VAL C 1136 -67.64 3.30 -16.82
CA VAL C 1136 -68.72 3.41 -17.79
C VAL C 1136 -69.08 4.88 -18.04
N MET C 1137 -69.40 5.60 -16.98
CA MET C 1137 -69.76 7.01 -17.09
C MET C 1137 -68.65 7.81 -17.76
N GLN C 1138 -67.40 7.39 -17.52
CA GLN C 1138 -66.25 8.01 -18.16
C GLN C 1138 -66.26 7.75 -19.66
N LEU C 1139 -66.36 6.48 -20.04
CA LEU C 1139 -66.36 6.09 -21.44
C LEU C 1139 -67.62 6.57 -22.17
N GLY C 1140 -68.72 6.67 -21.44
CA GLY C 1140 -69.98 7.10 -22.01
C GLY C 1140 -69.94 8.55 -22.47
N THR C 1141 -69.41 9.41 -21.62
CA THR C 1141 -69.32 10.83 -21.93
C THR C 1141 -68.31 11.08 -23.05
N LEU C 1142 -67.41 10.12 -23.22
CA LEU C 1142 -66.35 10.21 -24.24
C LEU C 1142 -66.85 9.83 -25.64
N VAL C 1143 -67.76 8.86 -25.71
CA VAL C 1143 -68.36 8.48 -26.98
C VAL C 1143 -69.16 9.63 -27.56
N THR C 1144 -69.80 10.39 -26.67
CA THR C 1144 -70.55 11.57 -27.06
C THR C 1144 -69.60 12.62 -27.62
N PHE C 1145 -68.41 12.69 -27.02
CA PHE C 1145 -67.39 13.66 -27.42
C PHE C 1145 -66.90 13.41 -28.85
N PHE C 1146 -66.53 12.17 -29.15
CA PHE C 1146 -66.01 11.82 -30.47
C PHE C 1146 -67.06 11.94 -31.56
N HIS C 1147 -68.29 11.52 -31.26
CA HIS C 1147 -69.38 11.60 -32.23
C HIS C 1147 -69.47 12.99 -32.85
N GLU C 1148 -69.29 14.02 -32.03
CA GLU C 1148 -69.31 15.39 -32.49
C GLU C 1148 -68.23 15.63 -33.54
N LEU C 1149 -67.04 15.09 -33.28
CA LEU C 1149 -65.89 15.29 -34.14
C LEU C 1149 -65.91 14.41 -35.38
N VAL C 1150 -66.36 13.17 -35.21
CA VAL C 1150 -66.41 12.21 -36.32
C VAL C 1150 -67.43 12.65 -37.37
N GLN C 1151 -68.35 13.53 -36.97
CA GLN C 1151 -69.34 14.10 -37.88
C GLN C 1151 -68.72 15.22 -38.71
N THR C 1152 -67.80 15.95 -38.09
CA THR C 1152 -67.42 17.28 -38.55
C THR C 1152 -66.20 17.35 -39.47
N ALA C 1153 -66.26 18.25 -40.44
CA ALA C 1153 -65.15 18.50 -41.36
C ALA C 1153 -64.02 19.25 -40.67
N LEU C 1154 -62.79 18.77 -40.85
CA LEU C 1154 -61.61 19.41 -40.30
C LEU C 1154 -60.56 19.49 -41.39
N PRO C 1155 -59.68 20.51 -41.32
CA PRO C 1155 -58.62 20.64 -42.33
C PRO C 1155 -57.91 19.30 -42.51
N SER C 1156 -57.70 18.91 -43.76
CA SER C 1156 -57.23 17.57 -44.09
C SER C 1156 -55.81 17.25 -43.65
N GLY C 1157 -55.04 18.28 -43.30
CA GLY C 1157 -53.61 18.11 -43.07
C GLY C 1157 -53.20 17.20 -41.93
N SER C 1158 -53.64 17.51 -40.71
CA SER C 1158 -53.20 16.78 -39.53
C SER C 1158 -54.38 16.28 -38.69
N CYS C 1159 -55.22 17.22 -38.25
CA CYS C 1159 -56.30 16.93 -37.32
C CYS C 1159 -57.06 15.67 -37.75
N VAL C 1160 -57.14 15.44 -39.05
CA VAL C 1160 -57.74 14.22 -39.56
C VAL C 1160 -57.05 12.98 -38.98
N ASP C 1161 -55.73 12.95 -39.10
CA ASP C 1161 -54.94 11.80 -38.64
C ASP C 1161 -54.99 11.65 -37.12
N THR C 1162 -55.02 12.77 -36.41
CA THR C 1162 -55.05 12.76 -34.96
C THR C 1162 -56.39 12.26 -34.44
N LEU C 1163 -57.46 12.59 -35.16
CA LEU C 1163 -58.80 12.15 -34.80
C LEU C 1163 -58.93 10.66 -35.08
N LEU C 1164 -58.23 10.20 -36.11
CA LEU C 1164 -58.21 8.77 -36.43
C LEU C 1164 -57.54 7.98 -35.32
N LYS C 1165 -56.32 8.37 -34.96
CA LYS C 1165 -55.58 7.73 -33.89
C LYS C 1165 -56.38 7.72 -32.59
N GLY C 1166 -56.98 8.86 -32.27
CA GLY C 1166 -57.79 8.99 -31.06
C GLY C 1166 -58.99 8.07 -31.08
N LEU C 1167 -59.59 7.90 -32.26
CA LEU C 1167 -60.75 7.04 -32.42
C LEU C 1167 -60.42 5.57 -32.17
N SER C 1168 -59.42 5.07 -32.89
CA SER C 1168 -59.01 3.68 -32.75
C SER C 1168 -58.62 3.34 -31.33
N LYS C 1169 -58.28 4.36 -30.56
CA LYS C 1169 -57.91 4.17 -29.16
C LYS C 1169 -59.11 3.80 -28.30
N ILE C 1170 -60.23 4.49 -28.50
CA ILE C 1170 -61.46 4.17 -27.78
C ILE C 1170 -61.84 2.72 -28.02
N TYR C 1171 -61.76 2.30 -29.27
CA TYR C 1171 -62.12 0.95 -29.66
C TYR C 1171 -61.21 -0.10 -29.03
N SER C 1172 -59.96 0.29 -28.77
CA SER C 1172 -59.03 -0.58 -28.05
C SER C 1172 -59.36 -0.59 -26.57
N THR C 1173 -59.76 0.57 -26.06
CA THR C 1173 -60.15 0.70 -24.66
C THR C 1173 -61.42 -0.08 -24.36
N LEU C 1174 -62.42 0.07 -25.22
CA LEU C 1174 -63.68 -0.66 -25.07
C LEU C 1174 -63.43 -2.15 -25.20
N THR C 1175 -62.61 -2.54 -26.17
CA THR C 1175 -62.24 -3.95 -26.35
C THR C 1175 -61.60 -4.48 -25.07
N ALA C 1176 -60.76 -3.64 -24.44
CA ALA C 1176 -60.12 -3.99 -23.18
C ALA C 1176 -61.16 -4.10 -22.08
N PHE C 1177 -62.16 -3.22 -22.12
CA PHE C 1177 -63.26 -3.26 -21.16
C PHE C 1177 -64.11 -4.49 -21.42
N VAL C 1178 -64.16 -4.91 -22.68
CA VAL C 1178 -64.95 -6.06 -23.09
C VAL C 1178 -64.33 -7.36 -22.61
N LYS C 1179 -63.11 -7.63 -23.05
CA LYS C 1179 -62.42 -8.86 -22.66
C LYS C 1179 -62.14 -8.89 -21.16
N TYR C 1180 -62.42 -7.78 -20.47
CA TYR C 1180 -62.43 -7.78 -19.01
C TYR C 1180 -63.68 -8.47 -18.51
N TYR C 1181 -64.82 -8.18 -19.14
CA TYR C 1181 -66.09 -8.78 -18.75
C TYR C 1181 -66.21 -10.22 -19.26
N LEU C 1182 -65.44 -10.55 -20.29
CA LEU C 1182 -65.32 -11.93 -20.71
C LEU C 1182 -64.72 -12.73 -19.55
N GLN C 1183 -63.85 -12.06 -18.80
CA GLN C 1183 -63.22 -12.67 -17.63
C GLN C 1183 -64.11 -12.64 -16.39
N VAL C 1184 -64.76 -11.51 -16.15
CA VAL C 1184 -65.55 -11.31 -14.93
C VAL C 1184 -66.86 -12.09 -14.94
N CYS C 1185 -67.39 -12.34 -16.13
CA CYS C 1185 -68.65 -13.06 -16.26
C CYS C 1185 -68.45 -14.57 -16.45
N GLN C 1186 -67.21 -15.02 -16.40
CA GLN C 1186 -66.93 -16.45 -16.31
C GLN C 1186 -67.24 -16.90 -14.89
N SER C 1187 -67.12 -15.97 -13.95
CA SER C 1187 -67.43 -16.21 -12.55
C SER C 1187 -68.85 -15.77 -12.17
N SER C 1188 -69.61 -15.31 -13.17
CA SER C 1188 -70.98 -14.84 -12.93
C SER C 1188 -71.79 -15.86 -12.13
N GLY C 1190 -73.96 -11.88 -14.80
CA GLY C 1190 -74.76 -10.68 -14.95
C GLY C 1190 -73.93 -9.47 -15.37
N ILE C 1191 -74.35 -8.84 -16.46
CA ILE C 1191 -73.66 -7.67 -16.99
C ILE C 1191 -74.64 -6.50 -16.98
N PRO C 1192 -74.66 -5.74 -15.87
CA PRO C 1192 -75.71 -4.79 -15.49
C PRO C 1192 -75.96 -3.69 -16.52
N ASN C 1193 -77.10 -3.02 -16.37
CA ASN C 1193 -77.55 -2.00 -17.33
C ASN C 1193 -76.44 -1.04 -17.72
N THR C 1194 -75.63 -0.66 -16.75
CA THR C 1194 -74.52 0.25 -16.98
C THR C 1194 -73.73 -0.20 -18.21
N VAL C 1195 -73.13 -1.39 -18.11
CA VAL C 1195 -72.36 -1.95 -19.21
C VAL C 1195 -73.18 -2.02 -20.50
N GLU C 1196 -74.23 -2.84 -20.48
CA GLU C 1196 -75.07 -3.05 -21.66
C GLU C 1196 -75.44 -1.75 -22.35
N LYS C 1197 -76.18 -0.89 -21.64
CA LYS C 1197 -76.76 0.31 -22.23
C LYS C 1197 -75.74 1.07 -23.08
N LEU C 1198 -74.54 1.22 -22.56
CA LEU C 1198 -73.52 2.02 -23.24
C LEU C 1198 -72.71 1.23 -24.26
N VAL C 1199 -72.85 -0.09 -24.26
CA VAL C 1199 -72.16 -0.92 -25.24
C VAL C 1199 -72.73 -0.69 -26.64
N LYS C 1200 -74.05 -0.59 -26.72
CA LYS C 1200 -74.71 -0.33 -28.01
C LYS C 1200 -74.79 1.17 -28.29
N LEU C 1201 -74.42 1.98 -27.29
CA LEU C 1201 -74.33 3.41 -27.48
C LEU C 1201 -73.13 3.69 -28.37
N SER C 1202 -72.23 2.72 -28.43
CA SER C 1202 -71.08 2.77 -29.34
C SER C 1202 -71.47 2.35 -30.76
N GLY C 1203 -72.27 1.30 -30.86
CA GLY C 1203 -72.67 0.78 -32.15
C GLY C 1203 -73.77 1.59 -32.80
N SER C 1204 -74.08 2.73 -32.21
CA SER C 1204 -75.06 3.66 -32.76
C SER C 1204 -74.41 5.00 -33.07
N HIS C 1205 -73.88 5.64 -32.03
CA HIS C 1205 -73.25 6.95 -32.16
C HIS C 1205 -71.84 6.92 -32.77
N LEU C 1206 -71.15 5.80 -32.61
CA LEU C 1206 -69.75 5.72 -33.09
C LEU C 1206 -69.58 4.90 -34.37
N THR C 1207 -69.76 3.59 -34.27
CA THR C 1207 -69.40 2.68 -35.35
C THR C 1207 -69.82 3.16 -36.74
N PRO C 1208 -71.12 3.46 -36.92
CA PRO C 1208 -71.55 3.95 -38.24
C PRO C 1208 -71.00 5.32 -38.58
N VAL C 1209 -70.97 6.23 -37.60
CA VAL C 1209 -70.48 7.59 -37.83
C VAL C 1209 -68.99 7.58 -38.18
N CYS C 1210 -68.28 6.56 -37.70
CA CYS C 1210 -66.87 6.39 -38.01
C CYS C 1210 -66.68 5.98 -39.47
N TYR C 1211 -67.39 4.94 -39.90
CA TYR C 1211 -67.31 4.45 -41.27
C TYR C 1211 -67.58 5.59 -42.26
N SER C 1212 -68.42 6.54 -41.84
CA SER C 1212 -68.79 7.67 -42.68
C SER C 1212 -67.70 8.75 -42.68
N PHE C 1213 -66.88 8.77 -41.63
CA PHE C 1213 -65.82 9.76 -41.51
C PHE C 1213 -64.61 9.40 -42.38
N ILE C 1214 -64.43 8.09 -42.60
CA ILE C 1214 -63.30 7.62 -43.38
C ILE C 1214 -63.53 7.87 -44.87
N SER C 1215 -64.79 7.95 -45.27
CA SER C 1215 -65.14 8.26 -46.65
C SER C 1215 -64.98 9.75 -46.93
N TYR C 1216 -65.18 10.58 -45.91
CA TYR C 1216 -64.95 12.01 -46.02
C TYR C 1216 -63.52 12.28 -46.43
N VAL C 1217 -62.60 11.45 -45.92
CA VAL C 1217 -61.17 11.65 -46.13
C VAL C 1217 -60.73 11.35 -47.55
N GLN C 1218 -61.25 10.25 -48.11
CA GLN C 1218 -60.85 9.80 -49.44
C GLN C 1218 -61.51 10.60 -50.55
N ASN C 1219 -62.71 11.11 -50.30
CA ASN C 1219 -63.42 11.93 -51.28
C ASN C 1219 -62.84 13.34 -51.39
N LYS C 1220 -62.32 13.84 -50.27
CA LYS C 1220 -61.68 15.15 -50.24
C LYS C 1220 -60.23 15.13 -50.72
N SER C 1221 -59.49 14.09 -50.35
CA SER C 1221 -58.05 14.04 -50.58
C SER C 1221 -57.66 13.81 -52.03
N SER C 1222 -58.49 13.07 -52.77
CA SER C 1222 -58.20 12.79 -54.18
C SER C 1222 -59.35 13.23 -55.08
N PRO C 1248 -52.65 3.65 -40.38
CA PRO C 1248 -53.45 4.88 -40.19
C PRO C 1248 -54.90 4.66 -40.58
N ILE C 1249 -55.18 4.52 -41.87
CA ILE C 1249 -56.51 4.19 -42.35
C ILE C 1249 -56.92 2.77 -41.98
N PRO C 1250 -56.03 1.79 -42.22
CA PRO C 1250 -56.34 0.39 -41.89
C PRO C 1250 -56.36 0.16 -40.38
N ASN C 1251 -55.70 1.05 -39.65
CA ASN C 1251 -55.55 0.90 -38.20
C ASN C 1251 -56.86 1.15 -37.46
N LEU C 1252 -57.75 1.90 -38.09
CA LEU C 1252 -59.05 2.22 -37.51
C LEU C 1252 -60.00 1.03 -37.68
N VAL C 1253 -59.98 0.43 -38.86
CA VAL C 1253 -60.88 -0.66 -39.19
C VAL C 1253 -60.55 -1.93 -38.40
N PHE C 1254 -59.27 -2.29 -38.38
CA PHE C 1254 -58.82 -3.44 -37.61
C PHE C 1254 -59.25 -3.30 -36.15
N ALA C 1255 -59.15 -2.08 -35.64
CA ALA C 1255 -59.55 -1.80 -34.27
C ALA C 1255 -61.03 -2.05 -34.06
N ILE C 1256 -61.85 -1.53 -34.97
CA ILE C 1256 -63.30 -1.73 -34.91
C ILE C 1256 -63.64 -3.19 -35.14
N GLU C 1257 -62.88 -3.85 -36.01
CA GLU C 1257 -63.07 -5.27 -36.30
C GLU C 1257 -62.76 -6.13 -35.08
N GLN C 1258 -61.57 -5.93 -34.51
CA GLN C 1258 -61.19 -6.65 -33.30
C GLN C 1258 -62.13 -6.30 -32.15
N TYR C 1259 -62.58 -5.05 -32.12
CA TYR C 1259 -63.56 -4.62 -31.13
C TYR C 1259 -64.81 -5.48 -31.21
N GLU C 1260 -65.29 -5.70 -32.43
CA GLU C 1260 -66.48 -6.50 -32.64
C GLU C 1260 -66.20 -7.99 -32.45
N LYS C 1261 -65.00 -8.41 -32.84
CA LYS C 1261 -64.64 -9.83 -32.74
C LYS C 1261 -64.76 -10.33 -31.29
N PHE C 1262 -64.45 -9.46 -30.34
CA PHE C 1262 -64.55 -9.81 -28.93
C PHE C 1262 -65.92 -9.49 -28.32
N LEU C 1263 -66.72 -8.74 -29.06
CA LEU C 1263 -68.12 -8.53 -28.68
C LEU C 1263 -68.91 -9.75 -29.11
N ILE C 1264 -68.50 -10.34 -30.22
CA ILE C 1264 -69.08 -11.57 -30.73
C ILE C 1264 -68.81 -12.72 -29.77
N GLN C 1265 -67.58 -12.76 -29.26
CA GLN C 1265 -67.20 -13.78 -28.29
C GLN C 1265 -67.89 -13.53 -26.94
N LEU C 1266 -68.00 -12.26 -26.57
CA LEU C 1266 -68.66 -11.88 -25.32
C LEU C 1266 -70.14 -12.25 -25.30
N SER C 1267 -70.89 -11.74 -26.27
CA SER C 1267 -72.33 -11.92 -26.31
C SER C 1267 -72.72 -13.40 -26.37
N LYS C 1268 -71.95 -14.17 -27.14
CA LYS C 1268 -72.20 -15.60 -27.29
C LYS C 1268 -71.97 -16.36 -25.98
N LYS C 1269 -70.79 -16.16 -25.40
CA LYS C 1269 -70.38 -16.96 -24.25
C LYS C 1269 -70.92 -16.48 -22.92
N SER C 1270 -71.60 -15.34 -22.89
CA SER C 1270 -72.11 -14.88 -21.60
C SER C 1270 -73.63 -14.92 -21.48
N LYS C 1271 -74.29 -13.87 -21.96
CA LYS C 1271 -75.74 -13.79 -21.80
C LYS C 1271 -76.53 -13.24 -23.00
N VAL C 1272 -76.27 -11.97 -23.32
CA VAL C 1272 -77.20 -11.14 -24.09
C VAL C 1272 -76.80 -10.96 -25.56
N ASN C 1273 -77.82 -10.75 -26.40
CA ASN C 1273 -77.70 -10.66 -27.84
C ASN C 1273 -77.30 -9.26 -28.30
N LEU C 1274 -76.86 -8.46 -27.35
CA LEU C 1274 -76.55 -7.05 -27.55
C LEU C 1274 -75.79 -6.79 -28.84
N MET C 1275 -74.86 -7.68 -29.19
CA MET C 1275 -74.12 -7.54 -30.45
C MET C 1275 -75.07 -7.61 -31.65
N GLN C 1276 -76.14 -8.39 -31.51
CA GLN C 1276 -77.18 -8.45 -32.53
C GLN C 1276 -78.03 -7.19 -32.49
N HIS C 1277 -77.98 -6.48 -31.36
CA HIS C 1277 -78.71 -5.23 -31.22
C HIS C 1277 -77.84 -4.04 -31.59
N MET C 1278 -76.56 -4.30 -31.86
CA MET C 1278 -75.66 -3.26 -32.34
C MET C 1278 -75.80 -3.06 -33.85
N LYS C 1279 -76.30 -4.09 -34.53
CA LYS C 1279 -76.51 -4.04 -35.97
C LYS C 1279 -77.84 -3.39 -36.35
N LEU C 1280 -78.78 -3.37 -35.40
CA LEU C 1280 -80.11 -2.81 -35.65
C LEU C 1280 -80.04 -1.29 -35.72
N PRO D 101 15.60 74.97 22.85
CA PRO D 101 16.43 74.81 24.04
C PRO D 101 15.71 74.06 25.15
N GLY D 102 16.45 73.62 26.16
CA GLY D 102 15.93 72.75 27.20
C GLY D 102 14.59 73.17 27.79
N PRO D 103 14.46 74.46 28.14
CA PRO D 103 13.20 74.96 28.69
C PRO D 103 11.99 74.75 27.77
N LEU D 104 12.17 74.99 26.48
CA LEU D 104 11.05 74.89 25.54
C LEU D 104 10.60 73.47 25.27
N LEU D 105 11.54 72.55 25.10
CA LEU D 105 11.20 71.15 24.87
C LEU D 105 10.33 70.62 26.00
N VAL D 106 10.70 70.97 27.24
CA VAL D 106 9.92 70.56 28.41
C VAL D 106 8.49 71.07 28.33
N ASP D 107 8.33 72.29 27.85
CA ASP D 107 7.00 72.88 27.71
C ASP D 107 6.22 72.21 26.58
N LEU D 108 6.90 71.90 25.49
CA LEU D 108 6.28 71.19 24.37
C LEU D 108 5.76 69.83 24.81
N ALA D 109 6.64 69.05 25.43
CA ALA D 109 6.30 67.70 25.86
C ALA D 109 5.22 67.69 26.95
N SER D 110 5.22 68.72 27.79
CA SER D 110 4.21 68.83 28.84
C SER D 110 2.85 69.23 28.26
N ASP D 111 2.87 69.82 27.06
CA ASP D 111 1.63 70.12 26.36
C ASP D 111 1.00 68.83 25.83
N PHE D 112 1.85 67.87 25.47
CA PHE D 112 1.38 66.56 25.07
C PHE D 112 0.74 65.85 26.24
N VAL D 113 1.48 65.73 27.34
CA VAL D 113 0.96 65.12 28.55
C VAL D 113 -0.33 65.81 28.97
N GLY D 114 -0.43 67.10 28.67
CA GLY D 114 -1.64 67.87 28.93
C GLY D 114 -2.76 67.39 28.05
N ALA D 115 -2.45 67.15 26.78
CA ALA D 115 -3.43 66.63 25.84
C ALA D 115 -3.92 65.25 26.29
N VAL D 116 -2.98 64.46 26.79
CA VAL D 116 -3.25 63.08 27.19
C VAL D 116 -4.36 62.96 28.24
N ARG D 117 -4.51 63.97 29.08
CA ARG D 117 -5.52 63.92 30.14
C ARG D 117 -6.91 63.66 29.57
N GLU D 118 -7.46 64.63 28.85
CA GLU D 118 -8.63 64.35 28.00
C GLU D 118 -8.58 65.06 26.66
N ASP D 119 -8.63 64.27 25.59
CA ASP D 119 -8.59 64.81 24.24
C ASP D 119 -9.28 63.87 23.26
N ARG D 120 -9.92 64.42 22.25
CA ARG D 120 -10.12 63.66 21.04
C ARG D 120 -9.17 64.28 20.05
N LEU D 121 -8.03 63.62 19.85
CA LEU D 121 -7.08 64.01 18.82
C LEU D 121 -7.53 63.34 17.54
N VAL D 122 -7.98 62.09 17.69
CA VAL D 122 -8.22 61.20 16.56
C VAL D 122 -6.87 60.88 15.92
N ASN D 123 -5.85 61.61 16.35
CA ASN D 123 -4.50 61.47 15.81
C ASN D 123 -3.43 61.32 16.88
N GLY D 124 -2.64 60.27 16.76
CA GLY D 124 -1.43 60.14 17.57
C GLY D 124 -0.29 60.71 16.77
N LYS D 125 -0.55 61.04 15.51
CA LYS D 125 0.45 61.60 14.63
C LYS D 125 1.11 62.82 15.27
N SER D 126 0.38 63.47 16.17
CA SER D 126 0.94 64.53 16.99
C SER D 126 2.03 63.92 17.88
N LEU D 127 1.72 62.75 18.42
CA LEU D 127 2.58 62.08 19.40
C LEU D 127 3.91 61.60 18.83
N GLU D 128 4.01 61.53 17.51
CA GLU D 128 5.25 61.10 16.86
C GLU D 128 6.39 62.06 17.17
N LEU D 129 6.03 63.29 17.56
CA LEU D 129 7.01 64.30 17.95
C LEU D 129 7.65 63.96 19.28
N LEU D 130 6.85 63.44 20.20
CA LEU D 130 7.28 63.18 21.58
C LEU D 130 8.65 62.52 21.69
N PRO D 131 8.87 61.42 20.93
CA PRO D 131 10.16 60.73 20.99
C PRO D 131 11.34 61.63 20.68
N ILE D 132 11.23 62.45 19.65
CA ILE D 132 12.31 63.35 19.26
C ILE D 132 12.55 64.42 20.32
N ILE D 133 11.48 64.82 20.98
CA ILE D 133 11.55 65.83 22.03
C ILE D 133 12.26 65.29 23.27
N LEU D 134 11.90 64.07 23.66
CA LEU D 134 12.43 63.45 24.87
C LEU D 134 13.91 63.08 24.74
N THR D 135 14.33 62.71 23.53
CA THR D 135 15.73 62.34 23.30
C THR D 135 16.61 63.58 23.22
N ALA D 136 16.16 64.59 22.49
CA ALA D 136 16.88 65.85 22.38
C ALA D 136 17.12 66.43 23.78
N LEU D 137 16.20 66.14 24.69
CA LEU D 137 16.32 66.57 26.08
C LEU D 137 17.51 65.92 26.77
N ALA D 138 17.54 64.59 26.74
CA ALA D 138 18.55 63.82 27.46
C ALA D 138 19.98 64.12 26.97
N THR D 139 20.09 64.72 25.80
CA THR D 139 21.37 65.06 25.22
C THR D 139 22.12 66.05 26.10
N LYS D 140 21.36 66.94 26.72
CA LYS D 140 21.96 68.02 27.47
C LYS D 140 22.01 67.66 28.93
N LYS D 141 23.20 67.40 29.46
CA LYS D 141 23.32 67.31 30.88
C LYS D 141 23.88 68.65 31.27
N GLU D 142 22.96 69.54 31.60
CA GLU D 142 23.25 70.84 32.18
C GLU D 142 21.94 71.25 32.80
N VAL D 143 21.98 71.99 33.89
CA VAL D 143 20.74 72.49 34.44
C VAL D 143 20.11 73.46 33.44
N LEU D 144 18.78 73.46 33.38
CA LEU D 144 18.06 74.24 32.39
C LEU D 144 17.29 75.31 33.12
N ALA D 145 16.89 76.38 32.41
CA ALA D 145 16.13 77.39 33.11
C ALA D 145 14.66 77.04 32.99
N CYS D 146 14.13 76.48 34.07
CA CYS D 146 12.71 76.28 34.27
C CYS D 146 12.54 76.24 35.79
N GLY D 147 11.48 76.84 36.31
CA GLY D 147 11.10 76.58 37.69
C GLY D 147 12.33 76.63 38.59
N LYS D 148 12.48 75.59 39.40
CA LYS D 148 13.76 75.30 40.03
C LYS D 148 14.59 74.59 38.96
N GLY D 149 15.75 75.13 38.60
CA GLY D 149 16.42 74.53 37.47
C GLY D 149 16.91 73.12 37.76
N ASP D 150 17.92 72.96 38.61
CA ASP D 150 18.12 71.75 39.41
C ASP D 150 18.11 70.43 38.65
N LEU D 151 17.80 70.50 37.35
CA LEU D 151 17.52 69.30 36.57
C LEU D 151 18.22 69.28 35.22
N ASN D 152 18.83 68.16 34.89
CA ASN D 152 19.45 67.96 33.58
C ASN D 152 18.38 67.63 32.55
N GLY D 153 18.80 67.43 31.31
CA GLY D 153 17.87 67.05 30.26
C GLY D 153 17.32 65.65 30.48
N GLU D 154 18.13 64.81 31.13
CA GLU D 154 17.74 63.43 31.39
C GLU D 154 16.65 63.34 32.45
N GLU D 155 16.71 64.23 33.43
CA GLU D 155 15.79 64.19 34.57
C GLU D 155 14.41 64.77 34.24
N TYR D 156 14.38 65.80 33.40
CA TYR D 156 13.11 66.36 32.94
C TYR D 156 12.43 65.40 31.99
N LYS D 157 13.25 64.64 31.26
CA LYS D 157 12.74 63.61 30.36
C LYS D 157 12.23 62.41 31.16
N ARG D 158 12.82 62.21 32.33
CA ARG D 158 12.41 61.13 33.23
C ARG D 158 11.14 61.50 33.99
N GLN D 159 11.05 62.76 34.40
CA GLN D 159 9.88 63.25 35.12
C GLN D 159 8.70 63.47 34.18
N LEU D 160 8.99 63.81 32.93
CA LEU D 160 7.95 63.96 31.92
C LEU D 160 7.28 62.61 31.68
N ILE D 161 8.09 61.61 31.35
CA ILE D 161 7.62 60.25 31.18
C ILE D 161 6.93 59.79 32.45
N ASP D 162 7.55 60.06 33.59
CA ASP D 162 7.03 59.70 34.90
C ASP D 162 5.58 60.17 35.04
N THR D 163 5.30 61.38 34.55
CA THR D 163 3.96 61.93 34.62
C THR D 163 3.05 61.31 33.58
N LEU D 164 3.60 61.07 32.39
CA LEU D 164 2.85 60.42 31.31
C LEU D 164 2.28 59.09 31.80
N CYS D 165 3.00 58.44 32.70
CA CYS D 165 2.59 57.15 33.23
C CYS D 165 1.53 57.26 34.33
N SER D 166 1.55 58.35 35.09
CA SER D 166 0.58 58.56 36.15
C SER D 166 -0.76 59.12 35.65
N VAL D 167 -0.74 59.78 34.49
CA VAL D 167 -1.96 60.26 33.87
C VAL D 167 -2.64 59.11 33.13
N ARG D 168 -3.96 59.19 32.99
CA ARG D 168 -4.72 58.14 32.31
C ARG D 168 -4.61 58.25 30.79
N TRP D 169 -4.22 57.14 30.15
CA TRP D 169 -4.20 57.08 28.71
C TRP D 169 -5.60 56.71 28.22
N PRO D 170 -6.11 57.43 27.23
CA PRO D 170 -7.44 57.13 26.69
C PRO D 170 -7.43 55.81 25.92
N GLN D 171 -8.54 55.09 25.96
CA GLN D 171 -8.64 53.77 25.35
C GLN D 171 -8.29 53.80 23.86
N ARG D 172 -8.56 54.93 23.21
CA ARG D 172 -8.36 55.05 21.77
C ARG D 172 -6.90 55.02 21.34
N TYR D 173 -6.12 55.95 21.88
CA TYR D 173 -4.78 56.24 21.37
C TYR D 173 -3.68 55.42 22.04
N MET D 174 -4.04 54.67 23.07
CA MET D 174 -3.06 53.96 23.90
C MET D 174 -2.15 53.00 23.12
N ILE D 175 -2.61 52.52 21.97
CA ILE D 175 -1.75 51.70 21.11
C ILE D 175 -0.68 52.60 20.51
N GLN D 176 -1.11 53.74 19.97
CA GLN D 176 -0.22 54.72 19.40
C GLN D 176 0.69 55.31 20.47
N LEU D 177 0.16 55.42 21.67
CA LEU D 177 0.94 55.88 22.82
C LEU D 177 2.12 54.96 23.08
N THR D 178 1.87 53.65 23.01
CA THR D 178 2.89 52.66 23.32
C THR D 178 3.88 52.52 22.16
N SER D 179 3.43 52.83 20.95
CA SER D 179 4.32 52.80 19.78
C SER D 179 5.14 54.08 19.73
N VAL D 180 4.76 55.04 20.56
CA VAL D 180 5.53 56.28 20.70
C VAL D 180 6.81 56.02 21.49
N PHE D 181 6.68 55.24 22.56
CA PHE D 181 7.83 54.88 23.39
C PHE D 181 8.81 53.99 22.63
N LYS D 182 8.40 53.52 21.47
CA LYS D 182 9.22 52.64 20.63
C LYS D 182 10.54 53.30 20.23
N ASP D 183 10.47 54.60 19.94
CA ASP D 183 11.61 55.33 19.41
C ASP D 183 12.40 56.07 20.48
N VAL D 184 11.93 55.99 21.73
CA VAL D 184 12.55 56.73 22.82
C VAL D 184 13.45 55.85 23.68
N CYS D 185 14.74 56.18 23.72
CA CYS D 185 15.68 55.47 24.59
C CYS D 185 15.26 55.66 26.04
N LEU D 186 15.35 54.60 26.83
CA LEU D 186 14.87 54.63 28.20
C LEU D 186 15.85 54.05 29.22
N THR D 187 15.62 54.38 30.49
CA THR D 187 16.35 53.80 31.59
C THR D 187 15.61 52.51 31.96
N PRO D 188 16.29 51.59 32.68
CA PRO D 188 15.57 50.44 33.23
C PRO D 188 14.36 50.86 34.06
N GLU D 189 14.47 51.94 34.83
CA GLU D 189 13.35 52.44 35.61
C GLU D 189 12.26 53.01 34.71
N GLU D 190 12.68 53.69 33.65
CA GLU D 190 11.74 54.26 32.69
C GLU D 190 11.03 53.15 31.92
N MET D 191 11.77 52.10 31.59
CA MET D 191 11.19 50.91 30.97
C MET D 191 10.11 50.31 31.85
N ASN D 192 10.52 49.80 33.02
CA ASN D 192 9.57 49.19 33.95
C ASN D 192 8.42 50.13 34.30
N LEU D 193 8.66 51.42 34.15
CA LEU D 193 7.59 52.40 34.33
C LEU D 193 6.59 52.33 33.18
N VAL D 194 7.09 52.45 31.95
CA VAL D 194 6.23 52.41 30.78
C VAL D 194 5.54 51.04 30.68
N VAL D 195 6.33 49.99 30.85
CA VAL D 195 5.81 48.63 30.80
C VAL D 195 4.69 48.42 31.81
N ALA D 196 5.04 48.45 33.09
CA ALA D 196 4.09 48.14 34.15
C ALA D 196 2.85 49.03 34.09
N LYS D 197 2.97 50.18 33.45
CA LYS D 197 1.83 51.08 33.27
C LYS D 197 0.94 50.62 32.11
N VAL D 198 1.55 50.11 31.04
CA VAL D 198 0.80 49.54 29.93
C VAL D 198 0.02 48.33 30.41
N LEU D 199 0.63 47.57 31.32
CA LEU D 199 0.00 46.38 31.89
C LEU D 199 -1.24 46.72 32.72
N THR D 200 -1.16 47.82 33.47
CA THR D 200 -2.26 48.23 34.32
C THR D 200 -3.55 48.37 33.51
N MET D 201 -3.38 48.59 32.20
CA MET D 201 -4.52 48.78 31.31
C MET D 201 -5.21 47.50 30.86
N PHE D 202 -4.47 46.41 30.75
CA PHE D 202 -5.01 45.17 30.19
C PHE D 202 -6.39 44.87 30.77
N SER D 203 -6.47 44.91 32.09
CA SER D 203 -7.71 44.58 32.80
C SER D 203 -8.86 45.52 32.43
N LYS D 204 -8.54 46.63 31.78
CA LYS D 204 -9.57 47.62 31.41
C LYS D 204 -10.05 47.52 29.96
N LEU D 205 -9.48 46.62 29.17
CA LEU D 205 -9.83 46.52 27.75
C LEU D 205 -10.71 45.33 27.43
N ASN D 206 -11.59 45.50 26.45
CA ASN D 206 -12.31 44.38 25.88
C ASN D 206 -11.31 43.39 25.31
N LEU D 207 -11.49 42.11 25.61
CA LEU D 207 -10.48 41.09 25.34
C LEU D 207 -9.86 41.12 23.95
N GLN D 208 -10.66 41.34 22.92
CA GLN D 208 -10.17 41.28 21.55
C GLN D 208 -9.17 42.39 21.23
N GLU D 209 -9.02 43.35 22.13
CA GLU D 209 -8.10 44.46 21.91
C GLU D 209 -6.71 44.24 22.51
N ILE D 210 -6.56 43.18 23.30
CA ILE D 210 -5.27 42.88 23.94
C ILE D 210 -4.16 42.39 23.00
N PRO D 211 -4.47 41.45 22.09
CA PRO D 211 -3.44 40.93 21.19
C PRO D 211 -2.65 41.99 20.42
N PRO D 212 -3.32 43.02 19.86
CA PRO D 212 -2.54 44.06 19.18
C PRO D 212 -1.69 44.85 20.16
N LEU D 213 -2.20 45.06 21.37
CA LEU D 213 -1.49 45.80 22.40
C LEU D 213 -0.27 45.00 22.85
N VAL D 214 -0.47 43.71 23.10
CA VAL D 214 0.62 42.82 23.48
C VAL D 214 1.71 42.83 22.42
N TYR D 215 1.30 42.84 21.16
CA TYR D 215 2.25 42.95 20.07
C TYR D 215 3.05 44.23 20.21
N GLN D 216 2.34 45.32 20.44
CA GLN D 216 2.97 46.64 20.56
C GLN D 216 3.84 46.74 21.80
N LEU D 217 3.50 45.97 22.83
CA LEU D 217 4.29 45.94 24.05
C LEU D 217 5.58 45.17 23.81
N LEU D 218 5.48 44.07 23.07
CA LEU D 218 6.62 43.19 22.83
C LEU D 218 7.74 43.83 22.01
N VAL D 219 7.38 44.79 21.15
CA VAL D 219 8.38 45.48 20.35
C VAL D 219 9.24 46.38 21.25
N LEU D 220 8.71 46.76 22.40
CA LEU D 220 9.47 47.55 23.37
C LEU D 220 10.46 46.66 24.10
N SER D 221 10.05 45.45 24.43
CA SER D 221 10.92 44.51 25.14
C SER D 221 12.23 44.33 24.40
N SER D 222 12.16 44.34 23.06
CA SER D 222 13.35 44.13 22.22
C SER D 222 14.52 45.02 22.64
N LYS D 223 14.22 46.28 22.92
CA LYS D 223 15.22 47.20 23.48
C LYS D 223 15.33 46.91 24.97
N GLY D 224 14.19 46.47 25.51
CA GLY D 224 13.87 46.59 26.92
C GLY D 224 14.01 45.46 27.91
N SER D 225 13.00 45.46 28.78
CA SER D 225 12.88 44.79 30.07
C SER D 225 12.36 43.35 30.05
N ARG D 226 12.74 42.54 29.07
CA ARG D 226 12.03 41.32 28.71
C ARG D 226 11.29 40.66 29.88
N ARG D 227 12.02 40.22 30.91
CA ARG D 227 11.38 39.46 31.99
C ARG D 227 10.08 40.07 32.51
N SER D 228 10.08 41.38 32.72
CA SER D 228 8.91 42.07 33.27
C SER D 228 7.76 42.14 32.25
N VAL D 229 8.10 42.23 30.97
CA VAL D 229 7.10 42.21 29.91
C VAL D 229 6.40 40.87 29.89
N LEU D 230 7.18 39.80 29.83
CA LEU D 230 6.65 38.45 29.81
C LEU D 230 5.89 38.15 31.10
N ASP D 231 6.58 38.30 32.23
CA ASP D 231 5.97 38.01 33.52
C ASP D 231 4.62 38.70 33.63
N GLY D 232 4.53 39.90 33.05
CA GLY D 232 3.29 40.65 33.06
C GLY D 232 2.20 39.95 32.27
N ILE D 233 2.47 39.68 30.99
CA ILE D 233 1.50 39.04 30.14
C ILE D 233 1.06 37.70 30.74
N ILE D 234 2.05 36.89 31.13
CA ILE D 234 1.78 35.60 31.74
C ILE D 234 0.93 35.74 32.99
N ALA D 235 1.35 36.61 33.90
CA ALA D 235 0.65 36.81 35.16
C ALA D 235 -0.79 37.28 34.94
N PHE D 236 -0.99 38.12 33.94
CA PHE D 236 -2.31 38.63 33.62
C PHE D 236 -3.25 37.52 33.20
N PHE D 237 -2.80 36.69 32.26
CA PHE D 237 -3.63 35.60 31.77
C PHE D 237 -3.76 34.46 32.78
N ARG D 238 -2.71 34.20 33.55
CA ARG D 238 -2.80 33.20 34.60
C ARG D 238 -3.98 33.50 35.51
N GLU D 239 -4.03 34.74 36.00
CA GLU D 239 -5.11 35.18 36.86
C GLU D 239 -6.45 35.09 36.13
N LEU D 240 -6.48 35.55 34.89
CA LEU D 240 -7.69 35.49 34.08
C LEU D 240 -8.17 34.05 33.97
N ASP D 241 -7.23 33.13 33.73
CA ASP D 241 -7.54 31.71 33.68
C ASP D 241 -8.16 31.24 35.00
N LYS D 242 -7.52 31.61 36.10
CA LYS D 242 -7.96 31.19 37.43
C LYS D 242 -9.45 31.43 37.63
N GLN D 243 -9.91 32.61 37.25
CA GLN D 243 -11.32 32.98 37.40
C GLN D 243 -12.21 32.12 36.51
N HIS D 244 -11.83 32.01 35.24
CA HIS D 244 -12.59 31.22 34.29
C HIS D 244 -12.71 29.77 34.74
N ARG D 245 -11.65 29.25 35.35
CA ARG D 245 -11.65 27.87 35.83
C ARG D 245 -12.57 27.67 37.04
N GLU D 246 -12.84 28.76 37.77
CA GLU D 246 -13.76 28.71 38.88
C GLU D 246 -15.19 28.99 38.42
N GLU D 247 -15.31 29.44 37.18
CA GLU D 247 -16.60 29.55 36.50
C GLU D 247 -16.98 28.19 35.93
N GLN D 248 -15.98 27.35 35.74
CA GLN D 248 -16.16 26.03 35.16
C GLN D 248 -16.68 25.04 36.21
N SER D 249 -16.36 25.31 37.47
CA SER D 249 -16.79 24.47 38.57
C SER D 249 -18.19 24.83 39.03
N SER D 250 -18.76 25.85 38.38
CA SER D 250 -20.12 26.29 38.71
C SER D 250 -20.96 26.50 37.45
N THR D 258 -16.91 28.26 25.18
CA THR D 258 -18.36 28.15 25.34
C THR D 258 -18.96 29.52 25.64
N ALA D 259 -19.09 29.91 26.90
CA ALA D 259 -19.43 31.32 27.16
C ALA D 259 -18.29 32.35 26.90
N PRO D 260 -17.24 32.38 27.76
CA PRO D 260 -16.00 33.11 27.49
C PRO D 260 -15.00 32.34 26.62
N ALA D 261 -15.02 31.02 26.74
CA ALA D 261 -13.92 30.18 26.28
C ALA D 261 -13.48 30.52 24.88
N ASP D 262 -14.45 30.83 24.02
CA ASP D 262 -14.15 31.29 22.67
C ASP D 262 -13.13 32.42 22.75
N GLU D 263 -13.55 33.56 23.29
CA GLU D 263 -12.67 34.72 23.40
C GLU D 263 -11.38 34.46 24.18
N LEU D 264 -11.52 34.14 25.47
CA LEU D 264 -10.36 34.05 26.36
C LEU D 264 -9.24 33.23 25.75
N TYR D 265 -9.57 32.02 25.29
CA TYR D 265 -8.56 31.09 24.79
C TYR D 265 -8.10 31.40 23.37
N HIS D 266 -8.99 31.93 22.54
CA HIS D 266 -8.61 32.36 21.20
C HIS D 266 -7.62 33.51 21.31
N VAL D 267 -7.90 34.43 22.23
CA VAL D 267 -7.00 35.54 22.49
C VAL D 267 -5.67 35.03 23.03
N GLU D 268 -5.74 34.20 24.07
CA GLU D 268 -4.53 33.63 24.66
C GLU D 268 -3.66 32.96 23.61
N GLY D 269 -4.28 32.30 22.65
CA GLY D 269 -3.57 31.69 21.55
C GLY D 269 -2.86 32.73 20.71
N THR D 270 -3.59 33.78 20.35
CA THR D 270 -3.02 34.88 19.58
C THR D 270 -1.90 35.55 20.35
N VAL D 271 -2.11 35.78 21.64
CA VAL D 271 -1.10 36.37 22.50
C VAL D 271 0.14 35.48 22.56
N ILE D 272 -0.06 34.19 22.78
CA ILE D 272 1.04 33.23 22.78
C ILE D 272 1.72 33.24 21.41
N LEU D 273 0.89 33.24 20.37
CA LEU D 273 1.37 33.27 19.00
C LEU D 273 2.22 34.51 18.75
N HIS D 274 1.91 35.59 19.47
CA HIS D 274 2.63 36.85 19.34
C HIS D 274 4.00 36.83 20.00
N ILE D 275 4.07 36.27 21.22
CA ILE D 275 5.33 36.28 21.96
C ILE D 275 6.30 35.21 21.46
N VAL D 276 5.77 34.10 20.93
CA VAL D 276 6.62 33.12 20.27
C VAL D 276 7.25 33.79 19.07
N PHE D 277 6.46 34.62 18.39
CA PHE D 277 6.92 35.35 17.22
C PHE D 277 8.07 36.29 17.56
N ALA D 278 7.99 36.90 18.74
CA ALA D 278 9.05 37.79 19.20
C ALA D 278 10.30 36.97 19.54
N ILE D 279 10.10 35.86 20.24
CA ILE D 279 11.20 34.96 20.59
C ILE D 279 11.94 34.49 19.35
N LYS D 280 11.23 34.45 18.22
CA LYS D 280 11.85 34.09 16.95
C LYS D 280 12.83 35.16 16.52
N LEU D 281 12.42 36.42 16.61
CA LEU D 281 13.27 37.53 16.20
C LEU D 281 14.34 37.88 17.23
N ASP D 282 14.04 37.65 18.50
CA ASP D 282 15.01 37.93 19.56
C ASP D 282 15.15 36.75 20.51
N CYS D 283 16.34 36.17 20.56
CA CYS D 283 16.57 34.95 21.33
C CYS D 283 16.64 35.21 22.84
N GLU D 284 17.19 36.35 23.23
CA GLU D 284 17.23 36.72 24.64
C GLU D 284 15.84 36.61 25.23
N LEU D 285 14.87 37.16 24.51
CA LEU D 285 13.47 37.09 24.93
C LEU D 285 13.13 35.66 25.29
N GLY D 286 13.52 34.73 24.43
CA GLY D 286 13.32 33.32 24.68
C GLY D 286 14.14 32.85 25.87
N ARG D 287 15.44 33.10 25.83
CA ARG D 287 16.33 32.68 26.91
C ARG D 287 15.88 33.26 28.25
N GLU D 288 15.21 34.40 28.19
CA GLU D 288 14.68 35.03 29.39
C GLU D 288 13.42 34.32 29.88
N LEU D 289 12.53 34.02 28.94
CA LEU D 289 11.30 33.30 29.25
C LEU D 289 11.63 31.99 29.96
N LEU D 290 12.73 31.36 29.52
CA LEU D 290 13.18 30.12 30.16
C LEU D 290 13.81 30.39 31.52
N LYS D 291 14.77 31.31 31.57
CA LYS D 291 15.39 31.68 32.83
C LYS D 291 14.33 31.96 33.87
N HIS D 292 13.35 32.77 33.48
CA HIS D 292 12.25 33.12 34.35
C HIS D 292 11.53 31.88 34.86
N LEU D 293 10.88 31.16 33.96
CA LEU D 293 10.03 30.03 34.31
C LEU D 293 10.76 28.88 35.00
N LYS D 294 12.07 28.78 34.82
CA LYS D 294 12.82 27.63 35.32
C LYS D 294 12.67 27.40 36.83
N ALA D 295 12.32 26.17 37.18
CA ALA D 295 11.93 25.80 38.54
C ALA D 295 12.98 26.10 39.61
N GLY D 296 14.08 25.37 39.60
CA GLY D 296 15.06 25.48 40.65
C GLY D 296 14.48 25.00 41.97
N GLN D 297 14.50 25.87 42.97
CA GLN D 297 13.86 25.59 44.25
C GLN D 297 12.35 25.45 44.02
N GLN D 298 11.74 24.47 44.66
CA GLN D 298 10.40 23.99 44.29
C GLN D 298 9.20 24.85 44.71
N GLY D 299 9.38 25.76 45.66
CA GLY D 299 8.30 26.65 46.03
C GLY D 299 7.83 27.43 44.82
N ASP D 300 8.78 27.72 43.93
CA ASP D 300 8.52 28.47 42.70
C ASP D 300 7.74 27.76 41.57
N PRO D 301 8.19 26.56 41.13
CA PRO D 301 7.54 25.89 39.99
C PRO D 301 6.05 25.65 40.19
N SER D 302 5.59 25.70 41.44
CA SER D 302 4.16 25.64 41.73
C SER D 302 3.51 26.95 41.29
N LYS D 303 4.16 28.07 41.61
CA LYS D 303 3.68 29.38 41.19
C LYS D 303 4.26 29.79 39.84
N CYS D 304 5.27 29.06 39.37
CA CYS D 304 5.94 29.40 38.12
C CYS D 304 5.04 29.01 36.96
N LEU D 305 4.80 27.72 36.81
CA LEU D 305 4.01 27.23 35.70
C LEU D 305 2.51 27.33 35.96
N CYS D 306 1.80 27.80 34.96
CA CYS D 306 0.35 27.79 34.95
C CYS D 306 -0.07 27.28 33.58
N PRO D 307 -1.32 26.84 33.43
CA PRO D 307 -1.75 26.35 32.12
C PRO D 307 -1.36 27.29 30.98
N PHE D 308 -1.44 28.60 31.21
CA PHE D 308 -1.08 29.56 30.15
C PHE D 308 0.39 29.51 29.76
N SER D 309 1.27 29.62 30.75
CA SER D 309 2.70 29.64 30.49
C SER D 309 3.18 28.32 29.89
N ILE D 310 2.57 27.22 30.32
CA ILE D 310 2.90 25.90 29.79
C ILE D 310 2.50 25.80 28.32
N ALA D 311 1.32 26.31 27.99
CA ALA D 311 0.86 26.36 26.61
C ALA D 311 1.81 27.20 25.77
N LEU D 312 2.26 28.31 26.35
CA LEU D 312 3.25 29.17 25.72
C LEU D 312 4.51 28.35 25.40
N LEU D 313 5.08 27.74 26.43
CA LEU D 313 6.27 26.90 26.29
C LEU D 313 6.12 25.85 25.20
N LEU D 314 4.96 25.21 25.18
CA LEU D 314 4.70 24.14 24.23
C LEU D 314 4.58 24.67 22.81
N SER D 315 4.07 25.88 22.68
CA SER D 315 3.98 26.52 21.36
C SER D 315 5.35 27.05 20.96
N LEU D 316 6.16 27.38 21.96
CA LEU D 316 7.52 27.85 21.72
C LEU D 316 8.34 26.70 21.14
N THR D 317 7.87 25.48 21.35
CA THR D 317 8.53 24.29 20.85
C THR D 317 8.81 24.38 19.34
N ARG D 318 7.90 25.03 18.62
CA ARG D 318 8.00 25.16 17.17
C ARG D 318 9.28 25.82 16.70
N ILE D 319 9.90 26.62 17.56
CA ILE D 319 11.21 27.17 17.24
C ILE D 319 12.23 26.14 17.69
N GLN D 320 12.94 25.55 16.72
CA GLN D 320 13.78 24.40 16.95
C GLN D 320 14.65 24.56 18.21
N ARG D 321 15.49 25.59 18.19
CA ARG D 321 16.53 25.76 19.20
C ARG D 321 16.06 25.70 20.65
N PHE D 322 14.80 26.05 20.90
CA PHE D 322 14.30 26.08 22.28
C PHE D 322 13.66 24.77 22.72
N GLU D 323 13.50 23.83 21.79
CA GLU D 323 12.75 22.61 22.06
C GLU D 323 13.31 21.78 23.21
N GLU D 324 14.57 21.37 23.09
CA GLU D 324 15.19 20.52 24.11
C GLU D 324 14.99 21.12 25.48
N GLN D 325 15.13 22.44 25.57
CA GLN D 325 15.02 23.16 26.83
C GLN D 325 13.61 23.16 27.40
N VAL D 326 12.64 23.53 26.57
CA VAL D 326 11.24 23.57 26.99
C VAL D 326 10.81 22.23 27.58
N PHE D 327 11.32 21.15 26.98
CA PHE D 327 10.94 19.81 27.41
C PHE D 327 11.57 19.40 28.74
N ASP D 328 12.84 19.76 28.93
CA ASP D 328 13.47 19.53 30.23
C ASP D 328 12.69 20.25 31.33
N LEU D 329 12.43 21.54 31.11
CA LEU D 329 11.70 22.34 32.08
C LEU D 329 10.40 21.63 32.45
N LEU D 330 9.61 21.30 31.45
CA LEU D 330 8.35 20.60 31.68
C LEU D 330 8.58 19.23 32.30
N LYS D 331 9.42 18.42 31.68
CA LYS D 331 9.70 17.08 32.18
C LYS D 331 10.09 17.12 33.65
N THR D 332 11.05 17.97 33.99
CA THR D 332 11.57 18.02 35.35
C THR D 332 10.55 18.62 36.33
N SER D 333 9.67 19.47 35.82
CA SER D 333 8.65 20.10 36.66
C SER D 333 7.51 19.14 36.99
N VAL D 334 7.25 18.20 36.08
CA VAL D 334 6.21 17.21 36.30
C VAL D 334 6.61 16.28 37.45
N VAL D 335 7.90 15.96 37.50
CA VAL D 335 8.43 15.12 38.57
C VAL D 335 8.47 15.86 39.90
N LYS D 336 9.02 17.06 39.89
CA LYS D 336 9.07 17.89 41.09
C LYS D 336 7.66 18.10 41.64
N SER D 337 6.75 18.54 40.77
CA SER D 337 5.37 18.77 41.15
C SER D 337 4.79 17.56 41.90
N PHE D 338 4.99 16.38 41.34
CA PHE D 338 4.51 15.16 41.97
C PHE D 338 5.28 14.83 43.24
N LYS D 339 6.60 14.77 43.13
CA LYS D 339 7.42 14.33 44.25
C LYS D 339 7.20 15.19 45.50
N ASP D 340 6.85 16.45 45.29
CA ASP D 340 6.53 17.33 46.40
C ASP D 340 5.19 16.97 47.03
N LEU D 341 4.15 16.90 46.21
CA LEU D 341 2.82 16.55 46.71
C LEU D 341 2.84 15.16 47.32
N GLN D 342 3.76 14.33 46.85
CA GLN D 342 3.94 13.00 47.41
C GLN D 342 4.52 13.11 48.81
N LEU D 343 5.31 14.15 49.02
CA LEU D 343 5.90 14.43 50.33
C LEU D 343 4.88 15.05 51.28
N LEU D 344 4.12 16.02 50.77
CA LEU D 344 3.13 16.74 51.57
C LEU D 344 2.10 15.82 52.19
N GLN D 345 1.69 14.79 51.46
CA GLN D 345 0.72 13.84 51.96
C GLN D 345 1.31 12.96 53.06
N GLY D 346 2.64 12.97 53.15
CA GLY D 346 3.35 12.10 54.07
C GLY D 346 3.53 12.64 55.48
N SER D 347 3.50 13.96 55.60
CA SER D 347 3.75 14.59 56.90
C SER D 347 2.68 15.63 57.24
N LYS D 348 2.21 15.59 58.48
CA LYS D 348 1.19 16.54 58.92
C LYS D 348 1.77 17.93 59.06
N PHE D 349 2.98 18.01 59.62
CA PHE D 349 3.63 19.29 59.85
C PHE D 349 3.86 20.08 58.55
N LEU D 350 4.17 19.38 57.46
CA LEU D 350 4.33 20.05 56.17
C LEU D 350 3.00 20.62 55.70
N GLN D 351 1.92 19.91 56.00
CA GLN D 351 0.58 20.37 55.64
C GLN D 351 0.23 21.64 56.40
N THR D 352 0.63 21.70 57.66
CA THR D 352 0.36 22.85 58.50
C THR D 352 1.09 24.09 57.96
N LEU D 353 2.34 23.90 57.55
CA LEU D 353 3.15 24.99 57.03
C LEU D 353 2.84 25.31 55.56
N VAL D 354 2.71 24.27 54.74
CA VAL D 354 2.50 24.44 53.32
C VAL D 354 1.11 23.99 52.85
N PRO D 355 0.37 24.91 52.20
CA PRO D 355 -0.94 24.58 51.65
C PRO D 355 -0.81 23.71 50.40
N GLN D 356 -1.85 22.96 50.08
CA GLN D 356 -1.82 22.11 48.89
C GLN D 356 -1.71 22.96 47.65
N ARG D 357 -1.19 22.38 46.58
CA ARG D 357 -0.96 23.11 45.34
C ARG D 357 -1.45 22.29 44.15
N THR D 358 -2.09 22.97 43.20
CA THR D 358 -2.40 22.32 41.93
C THR D 358 -1.07 21.87 41.34
N CYS D 359 -0.99 20.61 40.95
CA CYS D 359 0.27 20.05 40.49
C CYS D 359 0.40 20.14 38.98
N VAL D 360 1.63 20.34 38.51
CA VAL D 360 1.90 20.59 37.10
C VAL D 360 1.20 19.56 36.21
N SER D 361 1.00 18.37 36.74
CA SER D 361 0.31 17.31 36.01
C SER D 361 -1.06 17.77 35.52
N THR D 362 -1.95 18.04 36.46
CA THR D 362 -3.30 18.48 36.12
C THR D 362 -3.33 19.82 35.39
N MET D 363 -2.22 20.55 35.45
CA MET D 363 -2.09 21.80 34.70
C MET D 363 -1.93 21.54 33.21
N ILE D 364 -0.97 20.66 32.88
CA ILE D 364 -0.70 20.33 31.49
C ILE D 364 -1.93 19.74 30.84
N LEU D 365 -2.67 18.93 31.60
CA LEU D 365 -3.90 18.33 31.10
C LEU D 365 -4.93 19.40 30.79
N GLU D 366 -4.94 20.47 31.58
CA GLU D 366 -5.86 21.57 31.33
C GLU D 366 -5.45 22.30 30.05
N VAL D 367 -4.17 22.26 29.73
CA VAL D 367 -3.67 22.84 28.48
C VAL D 367 -4.26 22.09 27.28
N VAL D 368 -4.23 20.76 27.36
CA VAL D 368 -4.84 19.93 26.34
C VAL D 368 -6.32 20.27 26.22
N ARG D 369 -7.00 20.31 27.36
CA ARG D 369 -8.40 20.65 27.42
C ARG D 369 -8.66 21.99 26.73
N ASN D 370 -7.92 23.02 27.15
CA ASN D 370 -8.09 24.36 26.61
C ASN D 370 -7.58 24.49 25.19
N SER D 371 -6.79 23.52 24.75
CA SER D 371 -6.21 23.54 23.42
C SER D 371 -7.26 23.40 22.33
N VAL D 372 -8.48 23.04 22.72
CA VAL D 372 -9.56 22.83 21.76
C VAL D 372 -9.74 24.04 20.87
N HIS D 373 -9.67 25.23 21.45
CA HIS D 373 -10.03 26.39 20.66
C HIS D 373 -8.78 26.87 19.96
N SER D 374 -8.72 26.54 18.67
CA SER D 374 -7.70 27.04 17.77
C SER D 374 -6.28 27.10 18.32
N TRP D 375 -5.83 26.08 19.06
CA TRP D 375 -4.39 26.02 19.29
C TRP D 375 -3.83 24.83 18.56
N ASP D 376 -3.35 25.06 17.34
CA ASP D 376 -2.60 24.06 16.60
C ASP D 376 -1.11 24.13 16.94
N HIS D 377 -0.62 25.36 17.02
CA HIS D 377 0.79 25.59 17.31
C HIS D 377 1.22 24.85 18.58
N VAL D 378 0.26 24.67 19.49
CA VAL D 378 0.53 23.99 20.75
C VAL D 378 0.51 22.46 20.68
N THR D 379 -0.20 21.89 19.72
CA THR D 379 -0.38 20.43 19.68
C THR D 379 0.89 19.63 19.39
N GLN D 380 1.65 20.02 18.37
CA GLN D 380 2.85 19.27 18.01
C GLN D 380 3.75 19.06 19.22
N GLY D 381 4.00 20.14 19.96
CA GLY D 381 4.81 20.05 21.16
C GLY D 381 4.11 19.25 22.25
N LEU D 382 2.79 19.24 22.22
CA LEU D 382 2.01 18.50 23.20
C LEU D 382 2.18 17.00 23.04
N ILE D 383 1.87 16.48 21.85
CA ILE D 383 1.96 15.04 21.64
C ILE D 383 3.40 14.62 21.83
N GLU D 384 4.33 15.45 21.36
CA GLU D 384 5.74 15.13 21.41
C GLU D 384 6.23 15.04 22.85
N PHE D 385 5.64 15.85 23.73
CA PHE D 385 6.03 15.83 25.13
C PHE D 385 5.47 14.57 25.78
N GLY D 386 4.20 14.30 25.51
CA GLY D 386 3.54 13.13 26.04
C GLY D 386 4.36 11.88 25.79
N PHE D 387 4.99 11.83 24.62
CA PHE D 387 5.82 10.68 24.27
C PHE D 387 7.12 10.64 25.06
N ILE D 388 7.73 11.80 25.27
CA ILE D 388 8.98 11.87 26.02
C ILE D 388 8.79 11.32 27.43
N LEU D 389 7.62 11.56 28.02
CA LEU D 389 7.29 10.98 29.31
C LEU D 389 7.21 9.47 29.23
N MET D 390 6.37 8.98 28.31
CA MET D 390 6.21 7.54 28.12
C MET D 390 7.52 6.88 27.78
N ASP D 391 8.35 7.59 27.01
CA ASP D 391 9.66 7.08 26.64
C ASP D 391 10.61 7.03 27.83
N SER D 392 10.73 8.15 28.52
CA SER D 392 11.69 8.27 29.61
C SER D 392 11.24 7.52 30.87
N TYR D 393 9.96 7.66 31.21
CA TYR D 393 9.45 7.11 32.47
C TYR D 393 8.74 5.76 32.38
N GLY D 394 8.71 5.17 31.20
CA GLY D 394 8.16 3.84 31.04
C GLY D 394 8.98 2.81 31.81
N PRO D 395 8.37 1.68 32.16
CA PRO D 395 9.04 0.59 32.89
C PRO D 395 10.16 0.00 32.06
N LYS D 396 11.25 -0.44 32.71
CA LYS D 396 12.40 -0.95 31.97
C LYS D 396 13.00 -2.28 32.46
N LYS D 397 13.61 -2.26 33.64
CA LYS D 397 14.40 -3.40 34.11
C LYS D 397 13.55 -4.56 34.61
N ILE D 398 12.24 -4.33 34.73
CA ILE D 398 11.34 -5.37 35.20
C ILE D 398 11.32 -6.53 34.22
N LEU D 399 11.59 -6.23 32.96
CA LEU D 399 11.65 -7.24 31.90
C LEU D 399 13.00 -7.96 31.88
N ASP D 400 14.05 -7.29 32.32
CA ASP D 400 15.40 -7.84 32.27
C ASP D 400 15.99 -8.11 33.66
N GLY D 401 16.29 -9.37 33.94
CA GLY D 401 16.87 -9.75 35.21
C GLY D 401 18.36 -9.49 35.29
N SER D 411 10.60 4.55 45.40
CA SER D 411 9.32 5.06 44.91
C SER D 411 9.32 5.22 43.40
N LYS D 412 8.78 4.23 42.71
CA LYS D 412 8.58 4.30 41.26
C LYS D 412 7.23 4.93 41.01
N MET D 413 6.59 5.36 42.10
CA MET D 413 5.32 6.08 42.03
C MET D 413 5.43 7.26 41.08
N THR D 414 6.53 8.00 41.18
CA THR D 414 6.79 9.13 40.31
C THR D 414 6.94 8.64 38.87
N ASN D 415 7.79 7.63 38.68
CA ASN D 415 7.97 7.01 37.37
C ASN D 415 6.64 6.63 36.72
N GLN D 416 5.76 6.00 37.50
CA GLN D 416 4.44 5.64 37.01
C GLN D 416 3.62 6.87 36.69
N HIS D 417 3.43 7.72 37.69
CA HIS D 417 2.57 8.89 37.56
C HIS D 417 3.00 9.76 36.39
N ALA D 418 4.30 9.85 36.17
CA ALA D 418 4.83 10.58 35.04
C ALA D 418 4.39 9.90 33.75
N CYS D 419 4.63 8.60 33.66
CA CYS D 419 4.32 7.84 32.46
C CYS D 419 2.84 7.90 32.10
N LYS D 420 1.98 7.80 33.10
CA LYS D 420 0.54 7.86 32.87
C LYS D 420 0.12 9.21 32.30
N LEU D 421 0.66 10.28 32.90
CA LEU D 421 0.38 11.63 32.41
C LEU D 421 0.83 11.76 30.97
N GLY D 422 1.89 11.04 30.62
CA GLY D 422 2.35 10.99 29.24
C GLY D 422 1.27 10.40 28.37
N ALA D 423 0.67 9.31 28.85
CA ALA D 423 -0.40 8.65 28.12
C ALA D 423 -1.65 9.51 28.05
N ASN D 424 -2.01 10.12 29.19
CA ASN D 424 -3.22 10.94 29.24
C ASN D 424 -3.16 12.14 28.32
N ILE D 425 -2.02 12.83 28.29
CA ILE D 425 -1.82 13.91 27.34
C ILE D 425 -2.09 13.37 25.94
N LEU D 426 -1.45 12.25 25.62
CA LEU D 426 -1.54 11.65 24.30
C LEU D 426 -2.95 11.24 23.92
N LEU D 427 -3.63 10.54 24.84
CA LEU D 427 -5.00 10.09 24.59
C LEU D 427 -5.92 11.28 24.40
N GLU D 428 -5.86 12.24 25.33
CA GLU D 428 -6.78 13.37 25.34
C GLU D 428 -6.56 14.34 24.18
N THR D 429 -5.31 14.48 23.76
CA THR D 429 -5.02 15.26 22.56
C THR D 429 -5.68 14.60 21.35
N PHE D 430 -5.52 13.28 21.26
CA PHE D 430 -6.10 12.50 20.18
C PHE D 430 -7.60 12.72 20.10
N LYS D 431 -8.27 12.67 21.24
CA LYS D 431 -9.71 12.87 21.29
C LYS D 431 -10.08 14.26 20.78
N ILE D 432 -9.32 15.26 21.20
CA ILE D 432 -9.67 16.65 20.95
C ILE D 432 -9.33 17.15 19.54
N HIS D 433 -8.19 16.70 19.01
CA HIS D 433 -7.69 17.22 17.73
C HIS D 433 -7.71 16.19 16.61
N GLU D 434 -8.62 16.38 15.66
CA GLU D 434 -8.75 15.45 14.54
C GLU D 434 -7.48 15.37 13.68
N MET D 435 -6.82 16.50 13.48
CA MET D 435 -5.75 16.57 12.49
C MET D 435 -4.49 15.74 12.84
N ILE D 436 -4.21 15.57 14.13
CA ILE D 436 -3.05 14.79 14.54
C ILE D 436 -3.39 13.34 14.87
N ARG D 437 -4.66 12.98 14.77
CA ARG D 437 -5.11 11.65 15.14
C ARG D 437 -4.23 10.56 14.54
N GLN D 438 -3.89 10.72 13.27
CA GLN D 438 -3.09 9.72 12.57
C GLN D 438 -1.67 9.64 13.11
N GLU D 439 -1.04 10.79 13.29
CA GLU D 439 0.35 10.85 13.74
C GLU D 439 0.55 10.27 15.14
N ILE D 440 -0.40 10.50 16.03
CA ILE D 440 -0.35 9.87 17.36
C ILE D 440 -0.32 8.36 17.22
N LEU D 441 -1.24 7.83 16.42
CA LEU D 441 -1.34 6.39 16.21
C LEU D 441 -0.07 5.81 15.60
N GLU D 442 0.34 6.36 14.45
CA GLU D 442 1.56 5.93 13.80
C GLU D 442 2.73 5.90 14.78
N GLN D 443 2.77 6.90 15.65
CA GLN D 443 3.88 7.04 16.60
C GLN D 443 3.86 5.92 17.63
N VAL D 444 2.67 5.55 18.09
CA VAL D 444 2.52 4.48 19.07
C VAL D 444 2.91 3.14 18.46
N LEU D 445 2.27 2.80 17.35
CA LEU D 445 2.53 1.55 16.66
C LEU D 445 4.01 1.39 16.37
N ASN D 446 4.60 2.37 15.71
CA ASN D 446 6.00 2.30 15.30
C ASN D 446 6.93 1.99 16.46
N ARG D 447 6.53 2.32 17.68
CA ARG D 447 7.32 1.95 18.84
C ARG D 447 7.07 0.48 19.17
N VAL D 448 5.80 0.10 19.12
CA VAL D 448 5.39 -1.26 19.41
C VAL D 448 6.11 -2.29 18.52
N VAL D 449 6.07 -2.06 17.21
CA VAL D 449 6.72 -2.98 16.28
C VAL D 449 8.24 -2.83 16.30
N THR D 450 8.71 -1.63 16.61
CA THR D 450 10.15 -1.36 16.54
C THR D 450 10.94 -1.50 17.83
N ARG D 451 10.29 -1.61 18.99
CA ARG D 451 11.07 -1.45 20.21
C ARG D 451 11.43 -2.76 20.92
N THR D 452 12.65 -3.19 20.63
CA THR D 452 13.50 -4.05 21.46
C THR D 452 12.87 -5.24 22.16
N SER D 453 13.42 -5.53 23.34
CA SER D 453 12.79 -6.32 24.38
C SER D 453 12.20 -5.36 25.40
N SER D 454 12.56 -4.08 25.27
CA SER D 454 12.17 -3.05 26.22
C SER D 454 10.64 -2.98 26.30
N PRO D 455 10.09 -3.15 27.51
CA PRO D 455 8.66 -3.42 27.67
C PRO D 455 7.78 -2.33 27.07
N ILE D 456 6.87 -2.76 26.20
CA ILE D 456 6.00 -1.86 25.47
C ILE D 456 4.58 -1.75 26.03
N ASN D 457 4.30 -2.53 27.07
CA ASN D 457 2.92 -2.70 27.53
C ASN D 457 2.13 -1.40 27.69
N HIS D 458 2.76 -0.37 28.27
CA HIS D 458 2.08 0.90 28.46
C HIS D 458 1.64 1.55 27.15
N PHE D 459 2.39 1.29 26.09
CA PHE D 459 2.05 1.81 24.77
C PHE D 459 0.85 1.08 24.16
N LEU D 460 0.79 -0.23 24.37
CA LEU D 460 -0.33 -1.02 23.87
C LEU D 460 -1.62 -0.59 24.56
N ASP D 461 -1.52 -0.25 25.84
CA ASP D 461 -2.69 0.20 26.59
C ASP D 461 -3.26 1.49 25.99
N LEU D 462 -2.39 2.42 25.62
CA LEU D 462 -2.82 3.66 24.97
C LEU D 462 -3.41 3.35 23.60
N PHE D 463 -2.76 2.46 22.87
CA PHE D 463 -3.27 2.01 21.58
C PHE D 463 -4.67 1.45 21.75
N SER D 464 -4.86 0.62 22.77
CA SER D 464 -6.16 0.07 23.09
C SER D 464 -7.18 1.17 23.34
N ASP D 465 -6.78 2.16 24.15
CA ASP D 465 -7.67 3.24 24.54
C ASP D 465 -8.07 4.13 23.37
N ILE D 466 -7.12 4.49 22.54
CA ILE D 466 -7.40 5.29 21.35
C ILE D 466 -8.47 4.62 20.48
N ILE D 467 -8.22 3.35 20.16
CA ILE D 467 -9.17 2.53 19.42
C ILE D 467 -10.53 2.47 20.13
N MET D 468 -10.52 1.95 21.35
CA MET D 468 -11.75 1.83 22.13
C MET D 468 -12.52 3.15 22.13
N TYR D 469 -11.80 4.27 22.14
CA TYR D 469 -12.41 5.58 22.17
C TYR D 469 -13.37 5.75 21.01
N ALA D 470 -12.85 5.64 19.80
CA ALA D 470 -13.67 5.70 18.59
C ALA D 470 -13.17 4.74 17.52
N PRO D 471 -13.60 3.47 17.60
CA PRO D 471 -13.13 2.48 16.60
C PRO D 471 -13.40 2.93 15.17
N LEU D 472 -14.43 3.75 14.97
CA LEU D 472 -14.84 4.19 13.63
C LEU D 472 -13.73 4.89 12.85
N ILE D 473 -12.85 5.60 13.54
CA ILE D 473 -11.78 6.34 12.85
C ILE D 473 -10.83 5.38 12.16
N LEU D 474 -10.42 4.36 12.91
CA LEU D 474 -9.35 3.46 12.48
C LEU D 474 -9.82 2.17 11.81
N GLN D 475 -11.12 2.02 11.58
CA GLN D 475 -11.61 0.76 11.05
C GLN D 475 -10.73 0.34 9.87
N ASN D 476 -10.56 1.23 8.90
CA ASN D 476 -9.64 0.98 7.80
C ASN D 476 -8.20 0.78 8.29
N CYS D 477 -7.56 1.88 8.65
CA CYS D 477 -6.23 1.87 9.27
C CYS D 477 -5.26 0.82 8.75
N SER D 478 -4.82 0.99 7.51
CA SER D 478 -3.82 0.10 6.94
C SER D 478 -2.63 0.03 7.89
N LYS D 479 -2.42 1.10 8.64
CA LYS D 479 -1.30 1.19 9.57
C LYS D 479 -1.42 0.15 10.69
N VAL D 480 -2.65 -0.22 11.04
CA VAL D 480 -2.87 -1.33 11.97
C VAL D 480 -2.62 -2.64 11.24
N THR D 481 -3.23 -2.77 10.07
CA THR D 481 -3.10 -3.99 9.27
C THR D 481 -1.65 -4.28 8.93
N GLU D 482 -0.93 -3.25 8.46
CA GLU D 482 0.48 -3.39 8.12
C GLU D 482 1.29 -3.87 9.32
N THR D 483 0.80 -3.59 10.52
CA THR D 483 1.47 -4.03 11.74
C THR D 483 1.54 -5.55 11.81
N PHE D 484 0.49 -6.20 11.32
CA PHE D 484 0.35 -7.65 11.44
C PHE D 484 1.45 -8.43 10.73
N ASP D 485 2.07 -7.83 9.72
CA ASP D 485 3.14 -8.51 8.99
C ASP D 485 4.30 -8.87 9.92
N TYR D 486 4.42 -8.14 11.02
CA TYR D 486 5.50 -8.37 11.99
C TYR D 486 5.05 -9.31 13.09
N LEU D 487 3.84 -9.84 12.97
CA LEU D 487 3.24 -10.65 14.01
C LEU D 487 4.14 -11.81 14.45
N THR D 488 4.84 -12.40 13.50
CA THR D 488 5.77 -13.48 13.81
C THR D 488 7.06 -12.93 14.40
N PHE D 489 7.46 -11.77 13.92
CA PHE D 489 8.72 -11.15 14.34
C PHE D 489 8.64 -10.48 15.71
N LEU D 490 7.45 -10.44 16.30
CA LEU D 490 7.27 -9.74 17.56
C LEU D 490 7.08 -10.74 18.69
N PRO D 491 7.48 -10.35 19.92
CA PRO D 491 7.31 -11.17 21.12
C PRO D 491 5.84 -11.49 21.38
N LEU D 492 5.55 -12.71 21.81
CA LEU D 492 4.17 -13.15 22.02
C LEU D 492 3.37 -12.17 22.87
N GLN D 493 3.97 -11.70 23.96
CA GLN D 493 3.31 -10.75 24.86
C GLN D 493 2.79 -9.54 24.10
N THR D 494 3.56 -9.08 23.12
CA THR D 494 3.17 -7.95 22.30
C THR D 494 2.00 -8.33 21.39
N VAL D 495 2.13 -9.47 20.71
CA VAL D 495 1.12 -9.92 19.76
C VAL D 495 -0.25 -10.07 20.40
N GLN D 496 -0.26 -10.58 21.63
CA GLN D 496 -1.52 -10.74 22.35
C GLN D 496 -2.12 -9.37 22.63
N GLY D 497 -1.32 -8.50 23.24
CA GLY D 497 -1.75 -7.14 23.52
C GLY D 497 -2.25 -6.44 22.28
N LEU D 498 -1.52 -6.60 21.18
CA LEU D 498 -1.88 -5.99 19.92
C LEU D 498 -3.24 -6.49 19.46
N LEU D 499 -3.38 -7.81 19.38
CA LEU D 499 -4.62 -8.42 18.95
C LEU D 499 -5.80 -8.07 19.86
N LYS D 500 -5.64 -8.28 21.17
CA LYS D 500 -6.71 -8.00 22.11
C LYS D 500 -7.25 -6.60 21.87
N ALA D 501 -6.36 -5.62 21.91
CA ALA D 501 -6.74 -4.23 21.78
C ALA D 501 -7.37 -3.91 20.43
N VAL D 502 -6.90 -4.59 19.39
CA VAL D 502 -7.31 -4.31 18.03
C VAL D 502 -8.71 -4.83 17.71
N GLN D 503 -9.27 -5.61 18.63
CA GLN D 503 -10.54 -6.31 18.41
C GLN D 503 -11.67 -5.47 17.82
N PRO D 504 -12.04 -4.37 18.48
CA PRO D 504 -13.17 -3.56 18.02
C PRO D 504 -13.06 -3.16 16.55
N LEU D 505 -11.84 -3.13 16.00
CA LEU D 505 -11.66 -2.83 14.59
C LEU D 505 -11.99 -4.05 13.72
N LEU D 506 -11.60 -5.23 14.19
CA LEU D 506 -11.85 -6.46 13.46
C LEU D 506 -13.34 -6.66 13.21
N LYS D 507 -14.15 -6.36 14.21
CA LYS D 507 -15.59 -6.51 14.09
C LYS D 507 -16.18 -5.55 13.08
N ILE D 508 -15.37 -4.62 12.62
CA ILE D 508 -15.83 -3.56 11.73
C ILE D 508 -15.24 -3.65 10.31
N SER D 509 -13.93 -3.59 10.18
CA SER D 509 -13.31 -3.68 8.86
C SER D 509 -13.13 -5.12 8.42
N MET D 510 -13.77 -5.48 7.31
CA MET D 510 -13.67 -6.82 6.75
C MET D 510 -12.26 -7.11 6.27
N SER D 511 -11.70 -6.15 5.53
CA SER D 511 -10.40 -6.31 4.91
C SER D 511 -9.26 -6.46 5.92
N MET D 512 -9.43 -5.86 7.10
CA MET D 512 -8.47 -6.04 8.18
C MET D 512 -8.57 -7.46 8.73
N ARG D 513 -9.80 -7.90 8.98
CA ARG D 513 -10.05 -9.25 9.45
C ARG D 513 -9.46 -10.28 8.48
N ASP D 514 -9.88 -10.21 7.22
CA ASP D 514 -9.40 -11.16 6.21
C ASP D 514 -7.89 -11.13 6.09
N SER D 515 -7.31 -9.95 6.25
CA SER D 515 -5.87 -9.81 6.13
C SER D 515 -5.17 -10.44 7.33
N LEU D 516 -5.83 -10.44 8.48
CA LEU D 516 -5.28 -11.05 9.68
C LEU D 516 -5.38 -12.56 9.57
N ILE D 517 -6.48 -13.04 9.01
CA ILE D 517 -6.63 -14.46 8.76
C ILE D 517 -5.47 -14.96 7.89
N LEU D 518 -5.30 -14.32 6.73
CA LEU D 518 -4.27 -14.72 5.79
C LEU D 518 -2.88 -14.69 6.43
N VAL D 519 -2.64 -13.70 7.28
CA VAL D 519 -1.36 -13.60 7.97
C VAL D 519 -1.21 -14.75 8.96
N LEU D 520 -2.26 -15.00 9.74
CA LEU D 520 -2.25 -16.07 10.74
C LEU D 520 -2.18 -17.42 10.05
N ARG D 521 -2.87 -17.56 8.91
CA ARG D 521 -2.91 -18.82 8.18
C ARG D 521 -1.51 -19.37 8.00
N LYS D 522 -0.60 -18.52 7.57
CA LYS D 522 0.76 -18.93 7.29
C LYS D 522 1.71 -18.70 8.46
N ALA D 523 1.21 -18.11 9.53
CA ALA D 523 2.01 -17.96 10.74
C ALA D 523 2.12 -19.32 11.40
N MET D 524 1.08 -20.12 11.22
CA MET D 524 1.02 -21.46 11.78
C MET D 524 2.14 -22.35 11.27
N PHE D 525 2.69 -21.99 10.12
CA PHE D 525 3.69 -22.84 9.47
C PHE D 525 5.13 -22.48 9.87
N ALA D 526 5.26 -21.48 10.73
CA ALA D 526 6.58 -21.04 11.16
C ALA D 526 7.24 -22.09 12.04
N SER D 527 8.46 -22.50 11.65
CA SER D 527 9.21 -23.47 12.43
C SER D 527 9.37 -23.00 13.86
N GLN D 528 9.79 -21.76 14.04
CA GLN D 528 10.00 -21.18 15.36
C GLN D 528 8.75 -21.36 16.22
N LEU D 529 8.95 -21.80 17.47
CA LEU D 529 7.85 -22.08 18.37
C LEU D 529 7.04 -20.82 18.66
N ASP D 530 7.70 -19.80 19.19
CA ASP D 530 7.02 -18.58 19.59
C ASP D 530 6.13 -18.00 18.50
N ALA D 531 6.55 -18.18 17.24
CA ALA D 531 5.74 -17.73 16.11
C ALA D 531 4.39 -18.43 16.10
N ARG D 532 4.41 -19.76 16.16
CA ARG D 532 3.18 -20.54 16.21
C ARG D 532 2.35 -20.19 17.43
N LYS D 533 3.00 -20.02 18.58
CA LYS D 533 2.32 -19.67 19.81
C LYS D 533 1.52 -18.39 19.63
N SER D 534 2.04 -17.48 18.80
CA SER D 534 1.33 -16.26 18.44
C SER D 534 0.16 -16.57 17.51
N ALA D 535 0.46 -17.27 16.42
CA ALA D 535 -0.56 -17.62 15.44
C ALA D 535 -1.78 -18.22 16.13
N VAL D 536 -1.55 -19.11 17.09
CA VAL D 536 -2.63 -19.71 17.85
C VAL D 536 -3.44 -18.64 18.60
N ALA D 537 -2.74 -17.80 19.35
CA ALA D 537 -3.41 -16.73 20.10
C ALA D 537 -4.30 -15.91 19.19
N GLY D 538 -3.85 -15.71 17.95
CA GLY D 538 -4.61 -14.94 16.98
C GLY D 538 -5.90 -15.64 16.57
N PHE D 539 -5.78 -16.87 16.10
CA PHE D 539 -6.95 -17.64 15.71
C PHE D 539 -7.91 -17.76 16.88
N LEU D 540 -7.39 -18.20 18.03
CA LEU D 540 -8.22 -18.31 19.23
C LEU D 540 -8.98 -17.01 19.47
N LEU D 541 -8.31 -15.88 19.24
CA LEU D 541 -8.95 -14.57 19.41
C LEU D 541 -10.01 -14.35 18.34
N LEU D 542 -9.68 -14.70 17.10
CA LEU D 542 -10.66 -14.63 16.02
C LEU D 542 -11.93 -15.41 16.36
N LEU D 543 -11.77 -16.65 16.82
CA LEU D 543 -12.90 -17.51 17.14
C LEU D 543 -13.81 -16.92 18.21
N LYS D 544 -13.21 -16.13 19.10
CA LYS D 544 -13.99 -15.48 20.15
C LYS D 544 -14.90 -14.40 19.57
N ASN D 545 -14.45 -13.74 18.51
CA ASN D 545 -15.24 -12.67 17.89
C ASN D 545 -16.07 -13.03 16.65
N PHE D 546 -15.95 -14.25 16.14
CA PHE D 546 -16.56 -14.52 14.84
C PHE D 546 -17.37 -15.80 14.68
N LYS D 547 -18.60 -15.61 14.20
CA LYS D 547 -19.57 -16.67 13.99
C LYS D 547 -19.66 -16.96 12.49
N VAL D 548 -20.58 -17.83 12.10
CA VAL D 548 -20.69 -18.25 10.70
C VAL D 548 -22.11 -18.11 10.13
N LEU D 549 -23.06 -18.76 10.80
CA LEU D 549 -24.44 -18.94 10.33
C LEU D 549 -24.54 -20.09 9.36
N GLY D 550 -23.43 -20.47 8.74
CA GLY D 550 -23.25 -21.81 8.20
C GLY D 550 -24.42 -22.41 7.45
N SER D 551 -24.58 -23.71 7.67
CA SER D 551 -25.72 -24.51 7.22
C SER D 551 -26.77 -24.71 8.32
N LEU D 552 -26.65 -23.93 9.40
CA LEU D 552 -27.27 -24.24 10.69
C LEU D 552 -28.79 -24.41 10.66
N PRO D 553 -29.38 -24.73 11.84
CA PRO D 553 -30.83 -24.79 11.99
C PRO D 553 -31.39 -23.48 12.55
N VAL D 563 -22.32 -12.16 23.94
CA VAL D 563 -21.56 -10.96 23.63
C VAL D 563 -21.75 -10.56 22.17
N THR D 564 -22.53 -11.36 21.44
CA THR D 564 -22.84 -11.06 20.04
C THR D 564 -21.63 -10.99 19.11
N GLN D 565 -21.07 -12.13 18.73
CA GLN D 565 -20.00 -12.14 17.75
C GLN D 565 -20.56 -11.77 16.38
N VAL D 566 -19.68 -11.67 15.38
CA VAL D 566 -20.08 -11.20 14.07
C VAL D 566 -20.08 -12.32 13.04
N ARG D 567 -21.04 -12.29 12.13
CA ARG D 567 -21.11 -13.31 11.10
C ARG D 567 -20.21 -12.93 9.94
N VAL D 568 -19.18 -13.75 9.71
CA VAL D 568 -18.20 -13.49 8.68
C VAL D 568 -18.75 -13.90 7.32
N ASP D 569 -19.76 -14.75 7.37
CA ASP D 569 -20.26 -15.46 6.20
C ASP D 569 -21.25 -14.74 5.26
N VAL D 570 -22.09 -13.86 5.81
CA VAL D 570 -23.24 -13.35 5.03
C VAL D 570 -22.92 -12.44 3.85
N HIS D 571 -21.81 -11.69 3.90
CA HIS D 571 -21.41 -10.93 2.72
C HIS D 571 -20.40 -11.75 1.94
N SER D 572 -20.82 -12.29 0.81
CA SER D 572 -19.92 -13.10 -0.03
C SER D 572 -19.28 -12.33 -1.18
N ARG D 573 -19.79 -11.13 -1.46
CA ARG D 573 -19.22 -10.30 -2.49
C ARG D 573 -18.03 -9.53 -1.94
N TYR D 574 -18.09 -9.22 -0.66
CA TYR D 574 -17.05 -8.41 -0.01
C TYR D 574 -15.97 -9.20 0.72
N SER D 575 -16.15 -10.50 0.92
CA SER D 575 -15.15 -11.30 1.60
C SER D 575 -14.67 -12.43 0.72
N ALA D 576 -13.39 -12.40 0.39
CA ALA D 576 -12.80 -13.43 -0.45
C ALA D 576 -12.23 -14.55 0.41
N VAL D 577 -12.15 -14.29 1.71
CA VAL D 577 -11.48 -15.20 2.63
C VAL D 577 -12.47 -16.03 3.47
N ALA D 578 -13.27 -15.35 4.27
CA ALA D 578 -14.21 -16.00 5.17
C ALA D 578 -15.40 -16.63 4.43
N ASN D 579 -15.65 -17.90 4.75
CA ASN D 579 -16.81 -18.63 4.21
C ASN D 579 -17.61 -19.25 5.34
N GLU D 580 -18.57 -20.08 4.97
CA GLU D 580 -19.35 -20.85 5.93
C GLU D 580 -18.46 -21.83 6.69
N THR D 581 -17.34 -22.19 6.08
CA THR D 581 -16.39 -23.10 6.70
C THR D 581 -15.52 -22.41 7.76
N PHE D 582 -15.70 -21.10 7.89
CA PHE D 582 -14.78 -20.26 8.67
C PHE D 582 -14.41 -20.82 10.04
N CYS D 583 -15.42 -21.21 10.82
CA CYS D 583 -15.17 -21.69 12.18
C CYS D 583 -14.45 -23.05 12.22
N LEU D 584 -14.93 -23.99 11.43
CA LEU D 584 -14.34 -25.32 11.39
C LEU D 584 -12.95 -25.27 10.76
N GLU D 585 -12.80 -24.45 9.72
CA GLU D 585 -11.51 -24.26 9.06
C GLU D 585 -10.43 -23.92 10.07
N ILE D 586 -10.77 -23.09 11.06
CA ILE D 586 -9.82 -22.69 12.08
C ILE D 586 -9.53 -23.80 13.07
N ILE D 587 -10.58 -24.45 13.56
CA ILE D 587 -10.40 -25.54 14.51
C ILE D 587 -9.48 -26.62 13.96
N ASP D 588 -9.67 -26.97 12.69
CA ASP D 588 -8.80 -27.95 12.04
C ASP D 588 -7.36 -27.43 12.01
N SER D 589 -7.20 -26.20 11.56
CA SER D 589 -5.89 -25.56 11.55
C SER D 589 -5.27 -25.63 12.93
N LEU D 590 -6.09 -25.41 13.96
CA LEU D 590 -5.62 -25.42 15.33
C LEU D 590 -5.30 -26.83 15.82
N LYS D 591 -6.06 -27.80 15.34
CA LYS D 591 -5.87 -29.20 15.75
C LYS D 591 -4.41 -29.62 15.64
N ARG D 592 -3.74 -29.17 14.59
CA ARG D 592 -2.37 -29.60 14.32
C ARG D 592 -1.41 -29.22 15.45
N SER D 593 -1.76 -28.19 16.21
CA SER D 593 -0.90 -27.73 17.29
C SER D 593 -0.92 -28.67 18.49
N LEU D 594 -1.91 -29.54 18.55
CA LEU D 594 -2.01 -30.51 19.63
C LEU D 594 -0.94 -31.59 19.52
N GLY D 595 -0.33 -31.68 18.35
CA GLY D 595 0.77 -32.60 18.13
C GLY D 595 2.11 -31.88 18.25
N GLN D 596 2.04 -30.60 18.56
CA GLN D 596 3.23 -29.78 18.74
C GLN D 596 3.68 -29.73 20.19
N GLN D 597 4.61 -28.83 20.48
CA GLN D 597 5.22 -28.74 21.81
C GLN D 597 4.17 -28.61 22.90
N ALA D 598 4.47 -29.17 24.07
CA ALA D 598 3.55 -29.17 25.20
C ALA D 598 3.07 -27.76 25.53
N ASP D 599 3.99 -26.81 25.46
CA ASP D 599 3.69 -25.43 25.81
C ASP D 599 2.50 -24.90 25.00
N ILE D 600 2.45 -25.26 23.72
CA ILE D 600 1.36 -24.83 22.85
C ILE D 600 0.05 -25.51 23.21
N ARG D 601 0.09 -26.85 23.32
CA ARG D 601 -1.10 -27.62 23.61
C ARG D 601 -1.83 -27.02 24.81
N LEU D 602 -1.07 -26.67 25.85
CA LEU D 602 -1.61 -26.04 27.05
C LEU D 602 -2.40 -24.80 26.69
N MET D 603 -1.81 -23.97 25.83
CA MET D 603 -2.43 -22.71 25.41
C MET D 603 -3.69 -22.97 24.59
N LEU D 604 -3.71 -24.09 23.88
CA LEU D 604 -4.85 -24.43 23.04
C LEU D 604 -5.98 -24.98 23.91
N TYR D 605 -5.61 -25.67 24.98
CA TYR D 605 -6.61 -26.18 25.93
C TYR D 605 -7.32 -25.01 26.60
N ASP D 606 -6.54 -24.03 27.06
CA ASP D 606 -7.10 -22.84 27.69
C ASP D 606 -8.06 -22.13 26.75
N GLY D 607 -7.66 -21.97 25.50
CA GLY D 607 -8.45 -21.25 24.53
C GLY D 607 -9.78 -21.93 24.23
N PHE D 608 -9.73 -23.24 24.01
CA PHE D 608 -10.91 -24.01 23.66
C PHE D 608 -12.08 -23.74 24.60
N TYR D 609 -11.79 -23.62 25.89
CA TYR D 609 -12.83 -23.38 26.87
C TYR D 609 -13.44 -21.98 26.71
N ASP D 610 -12.57 -20.97 26.70
CA ASP D 610 -13.03 -19.60 26.48
C ASP D 610 -13.89 -19.52 25.23
N VAL D 611 -13.40 -20.11 24.16
CA VAL D 611 -14.09 -20.11 22.87
C VAL D 611 -15.44 -20.80 22.94
N LEU D 612 -15.46 -22.00 23.52
CA LEU D 612 -16.68 -22.78 23.67
C LEU D 612 -17.76 -21.96 24.36
N ARG D 613 -17.38 -21.29 25.45
CA ARG D 613 -18.31 -20.48 26.22
C ARG D 613 -18.97 -19.39 25.37
N ARG D 614 -18.19 -18.78 24.48
CA ARG D 614 -18.72 -17.73 23.62
C ARG D 614 -19.45 -18.24 22.38
N ASN D 615 -19.00 -19.36 21.83
CA ASN D 615 -19.64 -19.92 20.64
C ASN D 615 -20.23 -21.31 20.87
N SER D 616 -21.55 -21.39 20.81
CA SER D 616 -22.26 -22.64 21.10
C SER D 616 -22.05 -23.70 20.02
N GLN D 617 -21.97 -23.26 18.78
CA GLN D 617 -21.88 -24.17 17.64
C GLN D 617 -20.59 -24.98 17.61
N LEU D 618 -19.57 -24.50 18.32
CA LEU D 618 -18.26 -25.13 18.30
C LEU D 618 -18.15 -26.30 19.29
N ALA D 619 -19.18 -26.46 20.12
CA ALA D 619 -19.17 -27.49 21.15
C ALA D 619 -18.75 -28.85 20.59
N SER D 620 -19.38 -29.25 19.49
CA SER D 620 -19.10 -30.53 18.87
C SER D 620 -17.66 -30.61 18.36
N SER D 621 -17.24 -29.60 17.63
CA SER D 621 -15.91 -29.58 17.01
C SER D 621 -14.78 -29.57 18.03
N ILE D 622 -14.92 -28.73 19.05
CA ILE D 622 -13.93 -28.67 20.11
C ILE D 622 -13.90 -29.98 20.87
N MET D 623 -15.07 -30.43 21.30
CA MET D 623 -15.19 -31.65 22.08
C MET D 623 -14.58 -32.84 21.35
N GLN D 624 -14.93 -32.98 20.08
CA GLN D 624 -14.38 -34.03 19.23
C GLN D 624 -12.86 -34.05 19.35
N THR D 625 -12.26 -32.89 19.19
CA THR D 625 -10.80 -32.74 19.23
C THR D 625 -10.25 -33.14 20.59
N LEU D 626 -10.85 -32.63 21.66
CA LEU D 626 -10.45 -33.00 23.01
C LEU D 626 -10.62 -34.50 23.24
N PHE D 627 -11.76 -35.02 22.81
CA PHE D 627 -12.06 -36.44 22.98
C PHE D 627 -10.99 -37.31 22.35
N SER D 628 -10.75 -37.13 21.05
CA SER D 628 -9.78 -37.96 20.33
C SER D 628 -8.36 -37.78 20.85
N GLN D 629 -8.13 -36.73 21.64
CA GLN D 629 -6.83 -36.50 22.26
C GLN D 629 -6.65 -37.43 23.46
N LEU D 630 -7.68 -37.52 24.29
CA LEU D 630 -7.68 -38.42 25.45
C LEU D 630 -7.51 -39.86 24.98
N LYS D 631 -8.16 -40.18 23.86
CA LYS D 631 -8.14 -41.54 23.32
C LYS D 631 -6.73 -42.08 23.18
N GLN D 632 -5.77 -41.18 23.01
CA GLN D 632 -4.38 -41.58 22.85
C GLN D 632 -3.78 -42.01 24.18
N PHE D 633 -4.17 -41.31 25.25
CA PHE D 633 -3.60 -41.54 26.58
C PHE D 633 -4.43 -42.40 27.54
N TYR D 634 -5.55 -42.91 27.05
CA TYR D 634 -6.50 -43.63 27.89
C TYR D 634 -6.59 -45.11 27.51
N GLU D 635 -6.33 -46.00 28.48
CA GLU D 635 -6.45 -47.44 28.24
C GLU D 635 -7.88 -47.90 28.38
N PRO D 636 -8.50 -48.27 27.24
CA PRO D 636 -9.92 -48.63 27.12
C PRO D 636 -10.24 -49.97 27.77
N GLU D 637 -9.25 -50.86 27.84
CA GLU D 637 -9.47 -52.16 28.42
C GLU D 637 -9.84 -51.95 29.88
N PRO D 638 -11.08 -52.32 30.25
CA PRO D 638 -11.51 -52.00 31.61
C PRO D 638 -10.58 -52.63 32.63
N ASP D 639 -10.10 -51.81 33.55
CA ASP D 639 -9.20 -52.25 34.61
C ASP D 639 -7.88 -52.86 34.15
N LEU D 640 -7.06 -52.03 33.51
CA LEU D 640 -5.62 -52.25 33.51
C LEU D 640 -5.16 -51.05 34.31
N LEU D 641 -4.76 -51.28 35.56
CA LEU D 641 -4.88 -50.25 36.59
C LEU D 641 -4.32 -48.84 36.34
N PRO D 642 -3.24 -48.71 35.54
CA PRO D 642 -2.84 -47.38 35.06
C PRO D 642 -3.80 -46.87 33.98
N PRO D 643 -4.91 -46.23 34.40
CA PRO D 643 -6.04 -45.87 33.52
C PRO D 643 -5.67 -44.87 32.43
N LEU D 644 -4.62 -44.10 32.67
CA LEU D 644 -4.09 -43.18 31.67
C LEU D 644 -2.66 -43.59 31.36
N LYS D 645 -2.25 -43.51 30.10
CA LYS D 645 -0.91 -43.93 29.75
C LYS D 645 -0.03 -42.71 29.92
N LEU D 646 0.80 -42.75 30.96
CA LEU D 646 1.60 -41.58 31.33
C LEU D 646 3.00 -41.65 30.72
N GLY D 647 3.28 -42.76 30.04
CA GLY D 647 4.55 -42.91 29.36
C GLY D 647 4.59 -42.05 28.11
N ALA D 648 3.45 -41.98 27.43
CA ALA D 648 3.34 -41.25 26.17
C ALA D 648 3.36 -39.74 26.38
N CYS D 649 3.20 -39.31 27.63
CA CYS D 649 3.24 -37.88 27.96
C CYS D 649 4.66 -37.36 27.95
N VAL D 650 5.62 -38.27 27.90
CA VAL D 650 7.03 -37.89 27.86
C VAL D 650 7.68 -38.25 26.53
N LEU D 651 8.37 -37.27 25.95
CA LEU D 651 9.15 -37.50 24.74
C LEU D 651 10.63 -37.41 25.06
N THR D 652 11.44 -38.19 24.36
CA THR D 652 12.88 -38.13 24.52
C THR D 652 13.58 -38.12 23.17
N GLN D 653 14.33 -37.05 22.91
CA GLN D 653 15.17 -37.01 21.72
C GLN D 653 16.59 -36.57 22.08
N GLY D 654 17.54 -37.50 21.94
CA GLY D 654 18.93 -37.17 22.10
C GLY D 654 19.37 -36.62 23.44
N SER D 655 19.15 -37.39 24.51
CA SER D 655 19.68 -37.08 25.84
C SER D 655 18.82 -36.10 26.65
N GLN D 656 17.76 -35.59 26.04
CA GLN D 656 16.88 -34.67 26.73
C GLN D 656 15.46 -35.21 26.81
N ILE D 657 14.87 -35.13 28.00
CA ILE D 657 13.51 -35.60 28.19
C ILE D 657 12.54 -34.46 28.49
N PHE D 658 11.64 -34.21 27.54
CA PHE D 658 10.65 -33.16 27.67
C PHE D 658 9.29 -33.79 27.91
N LEU D 659 8.41 -33.08 28.58
CA LEU D 659 7.02 -33.49 28.61
C LEU D 659 6.29 -32.84 27.44
N GLN D 660 5.56 -33.64 26.68
CA GLN D 660 4.63 -33.13 25.70
C GLN D 660 3.22 -33.49 26.17
N GLU D 661 2.22 -32.71 25.80
CA GLU D 661 0.86 -32.97 26.27
C GLU D 661 0.67 -33.02 27.79
N PRO D 662 0.51 -31.84 28.41
CA PRO D 662 0.21 -31.73 29.84
C PRO D 662 -1.17 -32.33 30.12
N LEU D 663 -1.21 -33.66 30.19
CA LEU D 663 -2.45 -34.43 30.34
C LEU D 663 -3.39 -33.87 31.40
N ASP D 664 -2.83 -33.44 32.53
CA ASP D 664 -3.66 -32.93 33.62
C ASP D 664 -4.50 -31.73 33.22
N HIS D 665 -4.03 -30.95 32.26
CA HIS D 665 -4.80 -29.83 31.70
C HIS D 665 -5.82 -30.31 30.67
N LEU D 666 -5.40 -31.26 29.84
CA LEU D 666 -6.32 -31.88 28.89
C LEU D 666 -7.55 -32.34 29.66
N LEU D 667 -7.34 -32.93 30.82
CA LEU D 667 -8.43 -33.39 31.67
C LEU D 667 -9.24 -32.23 32.23
N SER D 668 -8.54 -31.23 32.76
CA SER D 668 -9.21 -30.06 33.30
C SER D 668 -10.10 -29.42 32.25
N CYS D 669 -9.58 -29.33 31.02
CA CYS D 669 -10.32 -28.70 29.93
C CYS D 669 -11.59 -29.48 29.62
N ILE D 670 -11.44 -30.78 29.40
CA ILE D 670 -12.59 -31.65 29.12
C ILE D 670 -13.58 -31.58 30.27
N GLN D 671 -13.06 -31.44 31.49
CA GLN D 671 -13.90 -31.31 32.67
C GLN D 671 -14.74 -30.05 32.57
N HIS D 672 -14.08 -28.91 32.34
CA HIS D 672 -14.75 -27.62 32.35
C HIS D 672 -15.70 -27.44 31.16
N CYS D 673 -15.41 -28.15 30.07
CA CYS D 673 -16.30 -28.15 28.92
C CYS D 673 -17.56 -28.95 29.22
N LEU D 674 -17.38 -30.18 29.68
CA LEU D 674 -18.49 -31.03 30.08
C LEU D 674 -19.36 -30.31 31.09
N ALA D 675 -18.73 -29.82 32.16
CA ALA D 675 -19.44 -29.05 33.18
C ALA D 675 -20.26 -27.94 32.55
N TRP D 676 -19.69 -27.30 31.52
CA TRP D 676 -20.38 -26.24 30.81
C TRP D 676 -21.54 -26.76 29.96
N TYR D 677 -21.26 -27.76 29.13
CA TYR D 677 -22.28 -28.33 28.25
C TYR D 677 -23.50 -28.79 29.03
N LYS D 678 -23.26 -29.48 30.14
CA LYS D 678 -24.34 -29.90 31.02
C LYS D 678 -24.99 -28.66 31.64
N SER D 679 -24.17 -27.83 32.27
CA SER D 679 -24.65 -26.60 32.88
C SER D 679 -25.49 -25.77 31.92
N ARG D 680 -24.85 -25.29 30.86
CA ARG D 680 -25.48 -24.30 30.00
C ARG D 680 -26.42 -24.84 28.94
N VAL D 681 -25.90 -25.58 27.97
CA VAL D 681 -26.69 -25.79 26.77
C VAL D 681 -27.79 -26.79 27.08
N VAL D 682 -29.01 -26.26 27.18
CA VAL D 682 -30.22 -27.04 27.38
C VAL D 682 -31.38 -26.32 26.71
N PRO D 683 -31.37 -26.20 25.37
CA PRO D 683 -32.44 -25.47 24.70
C PRO D 683 -33.50 -26.40 24.13
N GLU D 692 -27.36 -33.97 18.54
CA GLU D 692 -27.53 -35.28 19.14
C GLU D 692 -26.20 -36.00 19.28
N GLU D 693 -25.39 -35.96 18.23
CA GLU D 693 -24.09 -36.61 18.24
C GLU D 693 -23.18 -35.99 19.29
N GLU D 694 -23.61 -34.85 19.84
CA GLU D 694 -22.93 -34.24 20.98
C GLU D 694 -23.26 -35.00 22.25
N GLU D 695 -24.55 -35.29 22.45
CA GLU D 695 -25.01 -36.00 23.63
C GLU D 695 -24.38 -37.38 23.74
N GLU D 696 -23.94 -37.91 22.59
CA GLU D 696 -23.19 -39.16 22.57
C GLU D 696 -21.72 -38.91 22.94
N LEU D 697 -21.21 -37.74 22.56
CA LEU D 697 -19.87 -37.33 22.94
C LEU D 697 -19.78 -37.10 24.44
N TYR D 698 -20.72 -36.31 24.96
CA TYR D 698 -20.67 -35.89 26.35
C TYR D 698 -21.02 -37.00 27.34
N SER D 699 -21.66 -38.05 26.85
CA SER D 699 -21.88 -39.23 27.67
C SER D 699 -20.60 -40.06 27.73
N GLU D 700 -19.99 -40.28 26.57
CA GLU D 700 -18.81 -41.13 26.47
C GLU D 700 -17.61 -40.55 27.21
N LEU D 701 -17.58 -39.23 27.32
CA LEU D 701 -16.54 -38.57 28.10
C LEU D 701 -16.85 -38.65 29.58
N ASP D 702 -18.13 -38.51 29.92
CA ASP D 702 -18.59 -38.71 31.29
C ASP D 702 -18.26 -40.13 31.74
N ASP D 703 -18.47 -41.09 30.85
CA ASP D 703 -18.11 -42.47 31.11
C ASP D 703 -16.62 -42.58 31.38
N MET D 704 -15.83 -41.94 30.53
CA MET D 704 -14.37 -42.01 30.63
C MET D 704 -13.83 -41.38 31.90
N LEU D 705 -14.41 -40.25 32.30
CA LEU D 705 -13.96 -39.56 33.50
C LEU D 705 -14.21 -40.40 34.75
N GLU D 706 -15.40 -40.99 34.84
CA GLU D 706 -15.71 -41.88 35.95
C GLU D 706 -14.79 -43.10 35.92
N SER D 707 -14.65 -43.71 34.75
CA SER D 707 -13.76 -44.85 34.59
C SER D 707 -12.37 -44.51 35.13
N ILE D 708 -11.87 -43.34 34.75
CA ILE D 708 -10.57 -42.88 35.23
C ILE D 708 -10.65 -42.62 36.74
N THR D 709 -11.79 -42.14 37.20
CA THR D 709 -11.99 -41.85 38.61
C THR D 709 -11.72 -43.09 39.47
N VAL D 710 -12.41 -44.19 39.14
CA VAL D 710 -12.29 -45.41 39.92
C VAL D 710 -10.93 -46.07 39.74
N ARG D 711 -10.55 -46.31 38.48
CA ARG D 711 -9.27 -46.93 38.17
C ARG D 711 -8.10 -46.14 38.75
N MET D 712 -8.27 -44.83 38.89
CA MET D 712 -7.20 -43.98 39.41
C MET D 712 -6.93 -44.25 40.89
N ILE D 713 -7.97 -44.59 41.64
CA ILE D 713 -7.73 -44.91 43.04
C ILE D 713 -7.48 -46.40 43.06
N LYS D 714 -6.22 -46.77 43.20
CA LYS D 714 -5.73 -48.12 42.98
C LYS D 714 -4.21 -48.09 43.07
N ASN D 731 17.67 -34.28 36.84
CA ASN D 731 18.67 -35.06 37.57
C ASN D 731 19.32 -36.11 36.67
N THR D 732 18.52 -37.10 36.26
CA THR D 732 18.93 -38.06 35.24
C THR D 732 17.69 -38.55 34.48
N ASN D 733 17.85 -38.79 33.18
CA ASN D 733 16.72 -39.01 32.29
C ASN D 733 15.66 -39.97 32.81
N VAL D 734 16.09 -41.06 33.45
CA VAL D 734 15.14 -42.01 34.00
C VAL D 734 14.23 -41.33 35.03
N GLY D 735 14.82 -40.53 35.90
CA GLY D 735 14.09 -39.87 36.97
C GLY D 735 13.41 -38.57 36.57
N ILE D 736 14.00 -37.85 35.61
CA ILE D 736 13.43 -36.61 35.14
C ILE D 736 12.02 -36.88 34.60
N LYS D 737 11.87 -38.02 33.93
CA LYS D 737 10.58 -38.45 33.42
C LYS D 737 9.63 -38.74 34.56
N ASN D 738 10.12 -39.43 35.58
CA ASN D 738 9.30 -39.81 36.71
C ASN D 738 8.73 -38.60 37.46
N ASN D 739 9.56 -37.60 37.71
CA ASN D 739 9.11 -36.42 38.42
C ASN D 739 7.96 -35.74 37.69
N ILE D 740 8.08 -35.65 36.37
CA ILE D 740 7.01 -35.12 35.54
C ILE D 740 5.72 -35.91 35.77
N CYS D 741 5.81 -37.23 35.58
CA CYS D 741 4.66 -38.11 35.77
C CYS D 741 4.05 -37.91 37.15
N ALA D 742 4.89 -37.74 38.16
CA ALA D 742 4.43 -37.51 39.52
C ALA D 742 3.42 -36.36 39.57
N CYS D 743 3.88 -35.15 39.25
CA CYS D 743 3.02 -33.97 39.28
C CYS D 743 1.98 -33.98 38.15
N LEU D 744 2.17 -34.86 37.17
CA LEU D 744 1.13 -35.10 36.18
C LEU D 744 -0.07 -35.71 36.89
N ILE D 745 0.18 -36.81 37.59
CA ILE D 745 -0.85 -37.49 38.36
C ILE D 745 -1.41 -36.55 39.43
N MET D 746 -0.53 -35.92 40.17
CA MET D 746 -0.94 -34.97 41.20
C MET D 746 -1.98 -34.02 40.63
N GLY D 747 -1.74 -33.56 39.40
CA GLY D 747 -2.70 -32.74 38.70
C GLY D 747 -3.94 -33.54 38.31
N VAL D 748 -3.72 -34.67 37.66
CA VAL D 748 -4.83 -35.53 37.21
C VAL D 748 -5.79 -35.82 38.37
N CYS D 749 -5.24 -36.14 39.53
CA CYS D 749 -6.06 -36.37 40.71
C CYS D 749 -6.75 -35.08 41.15
N GLU D 750 -6.00 -33.99 41.11
CA GLU D 750 -6.53 -32.69 41.48
C GLU D 750 -7.67 -32.31 40.55
N VAL D 751 -7.58 -32.76 39.30
CA VAL D 751 -8.63 -32.51 38.32
C VAL D 751 -9.84 -33.42 38.57
N LEU D 752 -9.57 -34.71 38.78
CA LEU D 752 -10.63 -35.68 39.05
C LEU D 752 -11.38 -35.32 40.33
N MET D 753 -10.67 -34.72 41.28
CA MET D 753 -11.29 -34.19 42.49
C MET D 753 -12.35 -33.16 42.10
N GLU D 754 -11.91 -32.15 41.34
CA GLU D 754 -12.80 -31.11 40.86
C GLU D 754 -14.02 -31.67 40.15
N TYR D 755 -13.79 -32.67 39.31
CA TYR D 755 -14.86 -33.26 38.50
C TYR D 755 -15.89 -34.01 39.32
N ASN D 756 -15.43 -34.92 40.16
CA ASN D 756 -16.34 -35.74 40.96
C ASN D 756 -17.14 -34.94 41.97
N PHE D 757 -16.60 -33.81 42.41
CA PHE D 757 -17.38 -32.85 43.20
C PHE D 757 -18.55 -32.32 42.39
N SER D 758 -18.24 -31.57 41.34
CA SER D 758 -19.25 -30.95 40.50
C SER D 758 -20.16 -31.95 39.80
N ILE D 759 -19.71 -33.20 39.68
CA ILE D 759 -20.58 -34.27 39.19
C ILE D 759 -21.85 -34.23 40.03
N SER D 760 -21.68 -34.55 41.31
CA SER D 760 -22.78 -34.47 42.27
C SER D 760 -22.25 -33.96 43.60
N ASN D 761 -22.92 -32.95 44.14
CA ASN D 761 -22.52 -32.31 45.39
C ASN D 761 -23.15 -33.04 46.56
N PHE D 762 -23.80 -34.16 46.24
CA PHE D 762 -24.66 -34.87 47.19
C PHE D 762 -24.00 -36.02 47.95
N SER D 763 -23.72 -37.10 47.23
CA SER D 763 -23.44 -38.41 47.85
C SER D 763 -22.23 -38.46 48.78
N LYS D 764 -22.30 -39.35 49.76
CA LYS D 764 -21.17 -39.66 50.63
C LYS D 764 -20.20 -40.55 49.88
N SER D 765 -20.72 -41.25 48.86
CA SER D 765 -19.96 -42.24 48.13
C SER D 765 -18.87 -41.62 47.25
N LYS D 766 -19.18 -40.46 46.67
CA LYS D 766 -18.21 -39.76 45.83
C LYS D 766 -17.18 -39.00 46.63
N PHE D 767 -17.61 -38.39 47.73
CA PHE D 767 -16.68 -37.70 48.62
C PHE D 767 -15.66 -38.69 49.17
N GLU D 768 -16.08 -39.95 49.28
CA GLU D 768 -15.18 -41.03 49.66
C GLU D 768 -14.08 -41.14 48.61
N GLU D 769 -14.46 -40.96 47.35
CA GLU D 769 -13.52 -40.96 46.24
C GLU D 769 -12.68 -39.69 46.24
N ILE D 770 -13.34 -38.56 46.44
CA ILE D 770 -12.66 -37.27 46.49
C ILE D 770 -11.52 -37.30 47.49
N LEU D 771 -11.78 -37.88 48.66
CA LEU D 771 -10.75 -38.03 49.69
C LEU D 771 -9.66 -38.97 49.18
N SER D 772 -10.08 -40.11 48.64
CA SER D 772 -9.15 -41.09 48.10
C SER D 772 -8.33 -40.51 46.94
N LEU D 773 -8.92 -39.57 46.22
CA LEU D 773 -8.21 -38.88 45.15
C LEU D 773 -7.16 -37.94 45.73
N PHE D 774 -7.50 -37.30 46.84
CA PHE D 774 -6.53 -36.48 47.55
C PHE D 774 -5.46 -37.36 48.18
N THR D 775 -5.87 -38.55 48.62
CA THR D 775 -4.95 -39.49 49.22
C THR D 775 -3.89 -39.91 48.21
N CYS D 776 -4.27 -39.93 46.94
CA CYS D 776 -3.31 -40.22 45.88
C CYS D 776 -2.45 -39.00 45.60
N TYR D 777 -3.09 -37.83 45.59
CA TYR D 777 -2.37 -36.58 45.39
C TYR D 777 -1.34 -36.34 46.49
N LYS D 778 -1.81 -36.32 47.74
CA LYS D 778 -0.93 -36.17 48.89
C LYS D 778 0.18 -37.20 48.85
N LYS D 779 -0.18 -38.42 48.45
CA LYS D 779 0.77 -39.53 48.38
C LYS D 779 2.02 -39.13 47.62
N PHE D 780 1.83 -38.57 46.43
CA PHE D 780 2.96 -38.16 45.60
C PHE D 780 3.55 -36.83 46.07
N SER D 781 2.71 -35.98 46.64
CA SER D 781 3.14 -34.68 47.12
C SER D 781 4.13 -34.84 48.28
N ASP D 782 3.96 -35.91 49.05
CA ASP D 782 4.90 -36.25 50.11
C ASP D 782 6.15 -36.88 49.50
N ILE D 783 5.96 -37.66 48.44
CA ILE D 783 7.05 -38.36 47.77
C ILE D 783 8.07 -37.39 47.17
N LEU D 784 7.68 -36.13 47.04
CA LEU D 784 8.59 -35.10 46.55
C LEU D 784 9.01 -34.16 47.67
N LYS D 798 5.45 -27.26 42.91
CA LYS D 798 4.27 -27.57 43.72
C LYS D 798 3.42 -26.34 44.00
N VAL D 799 3.85 -25.17 43.53
CA VAL D 799 3.25 -23.92 43.98
C VAL D 799 2.01 -23.50 43.17
N SER D 800 2.22 -22.97 41.96
CA SER D 800 1.09 -22.46 41.18
C SER D 800 0.42 -23.64 40.51
N ASP D 801 0.95 -24.83 40.80
CA ASP D 801 0.56 -26.08 40.16
C ASP D 801 -0.87 -26.50 40.45
N SER D 802 -1.55 -25.83 41.38
CA SER D 802 -2.92 -26.21 41.69
C SER D 802 -3.75 -26.16 40.41
N LEU D 803 -4.37 -27.29 40.06
CA LEU D 803 -5.14 -27.38 38.82
C LEU D 803 -6.61 -27.10 39.07
N LEU D 804 -6.96 -26.89 40.34
CA LEU D 804 -8.32 -26.55 40.69
C LEU D 804 -8.63 -25.15 40.18
N SER D 805 -9.72 -25.01 39.43
CA SER D 805 -10.15 -23.70 38.99
C SER D 805 -10.47 -22.89 40.24
N LEU D 806 -10.29 -21.58 40.19
CA LEU D 806 -10.45 -20.77 41.38
C LEU D 806 -11.92 -20.70 41.83
N LYS D 807 -12.84 -20.78 40.89
CA LYS D 807 -14.27 -20.79 41.22
C LYS D 807 -14.57 -21.99 42.12
N PHE D 808 -13.92 -23.10 41.82
CA PHE D 808 -14.06 -24.33 42.61
C PHE D 808 -13.44 -24.15 43.99
N VAL D 809 -12.23 -23.61 44.04
CA VAL D 809 -11.54 -23.37 45.30
C VAL D 809 -12.35 -22.43 46.18
N SER D 810 -13.19 -21.63 45.55
CA SER D 810 -14.14 -20.79 46.28
C SER D 810 -15.29 -21.64 46.80
N ASP D 811 -16.04 -22.23 45.87
CA ASP D 811 -17.22 -23.00 46.21
C ASP D 811 -17.01 -24.00 47.34
N LEU D 812 -15.96 -24.81 47.24
CA LEU D 812 -15.75 -25.87 48.23
C LEU D 812 -15.32 -25.33 49.58
N LEU D 813 -14.54 -24.26 49.59
CA LEU D 813 -14.18 -23.61 50.85
C LEU D 813 -15.39 -22.93 51.48
N THR D 814 -16.33 -22.52 50.63
CA THR D 814 -17.61 -21.99 51.11
C THR D 814 -18.50 -23.15 51.52
N ALA D 815 -18.31 -24.28 50.85
CA ALA D 815 -19.11 -25.48 51.14
C ALA D 815 -18.63 -26.19 52.40
N LEU D 816 -17.32 -26.21 52.62
CA LEU D 816 -16.76 -26.88 53.78
C LEU D 816 -17.05 -26.16 55.08
N PHE D 817 -16.71 -24.87 55.12
CA PHE D 817 -16.84 -24.09 56.35
C PHE D 817 -18.26 -23.59 56.59
N ARG D 818 -18.74 -22.73 55.70
CA ARG D 818 -20.05 -22.12 55.86
C ARG D 818 -21.21 -23.09 55.63
N ASP D 819 -21.03 -24.04 54.71
CA ASP D 819 -22.14 -24.90 54.35
C ASP D 819 -22.27 -26.13 55.23
N SER D 820 -23.35 -26.13 56.00
CA SER D 820 -23.74 -27.19 56.92
C SER D 820 -25.18 -27.52 56.61
N ILE D 821 -26.00 -26.47 56.57
CA ILE D 821 -27.45 -26.56 56.48
C ILE D 821 -27.89 -27.61 55.46
N GLN D 822 -27.04 -27.89 54.48
CA GLN D 822 -27.33 -28.99 53.55
C GLN D 822 -27.38 -30.33 54.28
N SER D 823 -28.17 -31.25 53.74
CA SER D 823 -28.50 -32.50 54.44
C SER D 823 -27.30 -33.28 54.99
N HIS D 824 -26.17 -33.24 54.29
CA HIS D 824 -25.05 -34.12 54.63
C HIS D 824 -23.98 -33.49 55.51
N GLU D 825 -23.83 -34.03 56.71
CA GLU D 825 -22.68 -33.72 57.55
C GLU D 825 -21.54 -34.65 57.16
N GLU D 826 -21.88 -35.71 56.44
CA GLU D 826 -20.88 -36.67 55.98
C GLU D 826 -20.06 -36.07 54.84
N SER D 827 -20.65 -35.12 54.13
CA SER D 827 -19.90 -34.36 53.15
C SER D 827 -18.69 -33.75 53.84
N LEU D 828 -18.94 -32.87 54.80
CA LEU D 828 -17.87 -32.25 55.56
C LEU D 828 -17.00 -33.29 56.26
N SER D 829 -17.64 -34.25 56.92
CA SER D 829 -16.93 -35.22 57.76
C SER D 829 -15.95 -36.10 56.98
N VAL D 830 -16.37 -36.58 55.82
CA VAL D 830 -15.48 -37.38 54.97
C VAL D 830 -14.21 -36.59 54.70
N LEU D 831 -14.33 -35.27 54.78
CA LEU D 831 -13.23 -34.36 54.50
C LEU D 831 -12.57 -33.84 55.78
N ARG D 832 -13.35 -33.17 56.63
CA ARG D 832 -12.81 -32.65 57.90
C ARG D 832 -12.02 -33.70 58.64
N SER D 833 -12.46 -34.96 58.57
CA SER D 833 -11.82 -36.03 59.34
C SER D 833 -10.43 -36.41 58.83
N SER D 834 -10.18 -36.19 57.55
CA SER D 834 -8.84 -36.39 57.00
C SER D 834 -7.93 -35.29 57.54
N GLY D 835 -8.36 -34.06 57.36
CA GLY D 835 -7.78 -32.91 58.05
C GLY D 835 -6.51 -32.38 57.42
N GLU D 836 -5.82 -33.22 56.66
CA GLU D 836 -4.73 -32.76 55.81
C GLU D 836 -5.33 -32.23 54.52
N PHE D 837 -6.39 -32.89 54.08
CA PHE D 837 -7.20 -32.40 52.98
C PHE D 837 -7.82 -31.07 53.40
N MET D 838 -8.15 -30.96 54.67
CA MET D 838 -8.75 -29.75 55.20
C MET D 838 -7.87 -28.52 54.98
N HIS D 839 -6.62 -28.58 55.43
CA HIS D 839 -5.72 -27.45 55.21
C HIS D 839 -4.97 -27.51 53.88
N TYR D 840 -5.16 -28.59 53.12
CA TYR D 840 -4.71 -28.61 51.74
C TYR D 840 -5.63 -27.74 50.90
N ALA D 841 -6.93 -27.86 51.18
CA ALA D 841 -7.93 -27.08 50.46
C ALA D 841 -7.86 -25.61 50.85
N VAL D 842 -7.35 -25.33 52.05
CA VAL D 842 -7.10 -23.96 52.46
C VAL D 842 -5.72 -23.52 51.98
N ASN D 843 -4.88 -24.49 51.61
CA ASN D 843 -3.55 -24.18 51.11
C ASN D 843 -3.57 -23.78 49.64
N VAL D 844 -4.46 -24.38 48.87
CA VAL D 844 -4.64 -23.99 47.48
C VAL D 844 -5.10 -22.54 47.39
N THR D 845 -6.16 -22.23 48.13
CA THR D 845 -6.72 -20.87 48.14
C THR D 845 -5.69 -19.84 48.58
N LEU D 846 -5.06 -20.09 49.73
CA LEU D 846 -4.03 -19.20 50.25
C LEU D 846 -2.87 -19.09 49.27
N GLN D 847 -2.61 -20.17 48.56
CA GLN D 847 -1.50 -20.26 47.62
C GLN D 847 -1.81 -19.60 46.28
N LYS D 848 -3.08 -19.61 45.88
CA LYS D 848 -3.49 -18.96 44.64
C LYS D 848 -3.62 -17.45 44.80
N ILE D 849 -4.10 -17.01 45.96
CA ILE D 849 -4.17 -15.59 46.28
C ILE D 849 -2.77 -15.02 46.22
N GLN D 850 -1.80 -15.76 46.75
CA GLN D 850 -0.40 -15.37 46.71
C GLN D 850 0.10 -15.30 45.27
N GLN D 851 -0.18 -16.35 44.51
CA GLN D 851 0.20 -16.39 43.10
C GLN D 851 -0.53 -15.28 42.35
N LEU D 852 -1.60 -14.78 42.95
CA LEU D 852 -2.39 -13.70 42.35
C LEU D 852 -1.71 -12.35 42.56
N ILE D 853 -0.82 -12.27 43.55
CA ILE D 853 0.00 -11.06 43.72
C ILE D 853 1.34 -11.13 43.00
N ARG D 854 1.76 -12.32 42.58
CA ARG D 854 3.01 -12.46 41.83
C ARG D 854 2.77 -12.01 40.40
N THR D 855 1.73 -12.57 39.81
CA THR D 855 1.24 -12.11 38.51
C THR D 855 -0.19 -11.66 38.73
N GLY D 856 -0.88 -11.27 37.67
CA GLY D 856 -2.27 -10.91 37.80
C GLY D 856 -3.16 -12.12 37.58
N HIS D 857 -2.56 -13.20 37.10
CA HIS D 857 -3.33 -14.36 36.65
C HIS D 857 -3.55 -15.43 37.70
N VAL D 858 -4.29 -16.46 37.31
CA VAL D 858 -4.50 -17.65 38.11
C VAL D 858 -4.73 -18.80 37.13
N SER D 859 -4.43 -20.02 37.57
CA SER D 859 -4.34 -21.17 36.66
C SER D 859 -5.46 -21.32 35.64
N GLY D 860 -6.67 -21.63 36.11
CA GLY D 860 -7.73 -22.07 35.22
C GLY D 860 -8.69 -21.01 34.69
N PRO D 861 -9.87 -21.46 34.25
CA PRO D 861 -10.94 -20.68 33.61
C PRO D 861 -11.33 -19.44 34.40
N ASP D 862 -11.62 -18.35 33.69
CA ASP D 862 -11.90 -17.07 34.33
C ASP D 862 -10.75 -16.68 35.24
N GLY D 863 -9.56 -17.17 34.90
CA GLY D 863 -8.38 -16.91 35.69
C GLY D 863 -7.90 -15.48 35.58
N GLN D 864 -7.97 -14.93 34.37
CA GLN D 864 -7.61 -13.53 34.15
C GLN D 864 -8.80 -12.57 34.10
N ASN D 865 -10.00 -13.06 34.32
CA ASN D 865 -11.18 -12.19 34.30
C ASN D 865 -11.28 -11.46 35.63
N PRO D 866 -11.04 -10.13 35.61
CA PRO D 866 -10.93 -9.33 36.84
C PRO D 866 -12.24 -9.18 37.59
N ASP D 867 -13.36 -9.35 36.92
CA ASP D 867 -14.65 -9.33 37.59
C ASP D 867 -14.92 -10.67 38.28
N LYS D 868 -14.61 -11.76 37.57
CA LYS D 868 -14.77 -13.10 38.12
C LYS D 868 -13.76 -13.34 39.24
N ILE D 869 -12.63 -12.65 39.17
CA ILE D 869 -11.60 -12.75 40.19
C ILE D 869 -12.01 -11.99 41.45
N PHE D 870 -12.54 -10.79 41.26
CA PHE D 870 -13.02 -9.99 42.37
C PHE D 870 -14.13 -10.74 43.10
N GLN D 871 -15.08 -11.26 42.32
CA GLN D 871 -16.17 -12.06 42.86
C GLN D 871 -15.63 -13.20 43.72
N ASN D 872 -14.75 -14.00 43.12
CA ASN D 872 -14.16 -15.14 43.83
C ASN D 872 -13.37 -14.72 45.06
N LEU D 873 -12.85 -13.51 45.04
CA LEU D 873 -12.13 -12.96 46.20
C LEU D 873 -13.11 -12.65 47.33
N CYS D 874 -14.21 -11.98 46.99
CA CYS D 874 -15.25 -11.70 47.96
C CYS D 874 -15.77 -12.99 48.56
N ASP D 875 -16.09 -13.94 47.70
CA ASP D 875 -16.57 -15.25 48.13
C ASP D 875 -15.63 -15.88 49.15
N ILE D 876 -14.36 -15.98 48.78
CA ILE D 876 -13.37 -16.65 49.62
C ILE D 876 -13.09 -15.91 50.94
N THR D 877 -13.01 -14.58 50.86
CA THR D 877 -12.68 -13.78 52.04
C THR D 877 -13.63 -14.01 53.21
N ARG D 878 -14.90 -13.66 53.03
CA ARG D 878 -15.88 -13.76 54.11
C ARG D 878 -16.02 -15.19 54.65
N VAL D 879 -15.60 -16.16 53.86
CA VAL D 879 -15.61 -17.56 54.31
C VAL D 879 -14.42 -17.83 55.22
N LEU D 880 -13.29 -17.19 54.93
CA LEU D 880 -12.11 -17.27 55.80
C LEU D 880 -12.35 -16.46 57.06
N LEU D 881 -13.22 -15.46 56.96
CA LEU D 881 -13.59 -14.64 58.10
C LEU D 881 -14.51 -15.39 59.06
N TRP D 882 -15.39 -16.22 58.49
CA TRP D 882 -16.27 -17.05 59.30
C TRP D 882 -15.47 -18.06 60.10
N ARG D 883 -14.42 -18.61 59.51
CA ARG D 883 -13.58 -19.58 60.18
C ARG D 883 -12.67 -18.91 61.20
N TYR D 884 -12.27 -17.67 60.92
CA TYR D 884 -11.43 -16.96 61.87
C TYR D 884 -12.22 -16.37 63.02
N THR D 885 -13.52 -16.20 62.83
CA THR D 885 -14.40 -15.87 63.94
C THR D 885 -15.08 -17.16 64.34
N SER D 886 -14.65 -17.73 65.47
CA SER D 886 -15.00 -19.10 65.82
C SER D 886 -14.06 -19.60 66.91
N SER D 902 -3.08 -25.83 63.07
CA SER D 902 -4.42 -25.25 63.21
C SER D 902 -4.84 -24.54 61.92
N ILE D 903 -6.02 -24.88 61.41
CA ILE D 903 -6.53 -24.29 60.19
C ILE D 903 -6.89 -22.81 60.37
N SER D 904 -7.44 -22.47 61.53
CA SER D 904 -7.85 -21.10 61.81
C SER D 904 -6.70 -20.11 61.70
N LEU D 905 -5.47 -20.61 61.77
CA LEU D 905 -4.29 -19.77 61.60
C LEU D 905 -4.08 -19.46 60.12
N LEU D 906 -4.18 -20.49 59.28
CA LEU D 906 -4.06 -20.31 57.84
C LEU D 906 -5.06 -19.29 57.33
N CYS D 907 -6.31 -19.44 57.74
CA CYS D 907 -7.37 -18.53 57.31
C CYS D 907 -6.95 -17.08 57.47
N LEU D 908 -6.36 -16.76 58.61
CA LEU D 908 -5.87 -15.41 58.86
C LEU D 908 -4.79 -15.06 57.83
N GLU D 909 -3.85 -15.97 57.63
CA GLU D 909 -2.77 -15.74 56.68
C GLU D 909 -3.31 -15.55 55.27
N GLY D 910 -4.29 -16.37 54.89
CA GLY D 910 -4.96 -16.22 53.62
C GLY D 910 -5.81 -14.97 53.62
N LEU D 911 -6.52 -14.75 54.72
CA LEU D 911 -7.34 -13.56 54.90
C LEU D 911 -6.48 -12.31 54.74
N GLN D 912 -5.24 -12.40 55.20
CA GLN D 912 -4.31 -11.27 55.13
C GLN D 912 -3.96 -10.96 53.67
N LYS D 913 -3.56 -11.99 52.93
CA LYS D 913 -3.19 -11.83 51.53
C LYS D 913 -4.36 -11.32 50.69
N THR D 914 -5.56 -11.71 51.06
CA THR D 914 -6.76 -11.21 50.39
C THR D 914 -6.81 -9.68 50.43
N PHE D 915 -6.93 -9.14 51.64
CA PHE D 915 -7.02 -7.70 51.83
C PHE D 915 -5.95 -6.94 51.08
N SER D 916 -4.70 -7.37 51.21
CA SER D 916 -3.58 -6.71 50.56
C SER D 916 -3.75 -6.68 49.04
N VAL D 917 -4.31 -7.75 48.48
CA VAL D 917 -4.56 -7.82 47.04
C VAL D 917 -5.67 -6.85 46.64
N VAL D 918 -6.80 -6.96 47.32
CA VAL D 918 -7.96 -6.13 47.02
C VAL D 918 -7.62 -4.64 47.00
N LEU D 919 -6.70 -4.25 47.88
CA LEU D 919 -6.37 -2.83 48.06
C LEU D 919 -5.39 -2.30 47.00
N GLN D 920 -4.37 -3.09 46.67
CA GLN D 920 -3.33 -2.65 45.76
C GLN D 920 -3.53 -3.08 44.30
N PHE D 921 -4.68 -3.69 44.04
CA PHE D 921 -5.06 -4.07 42.68
C PHE D 921 -6.46 -3.52 42.38
N TYR D 922 -7.42 -3.95 43.17
CA TYR D 922 -8.85 -3.72 42.97
C TYR D 922 -9.39 -2.44 43.61
N GLN D 923 -8.49 -1.55 44.00
CA GLN D 923 -8.80 -0.43 44.89
C GLN D 923 -10.16 0.24 44.70
N PRO D 924 -10.51 0.62 43.45
CA PRO D 924 -11.82 1.26 43.28
C PRO D 924 -12.99 0.36 43.72
N LYS D 925 -12.75 -0.95 43.76
CA LYS D 925 -13.77 -1.90 44.16
C LYS D 925 -13.80 -2.12 45.66
N VAL D 926 -12.96 -1.37 46.38
CA VAL D 926 -12.85 -1.49 47.83
C VAL D 926 -14.21 -1.42 48.53
N GLN D 927 -15.05 -0.50 48.08
CA GLN D 927 -16.38 -0.32 48.67
C GLN D 927 -17.21 -1.59 48.48
N GLN D 928 -17.22 -2.11 47.25
CA GLN D 928 -17.93 -3.34 46.94
C GLN D 928 -17.43 -4.48 47.82
N PHE D 929 -16.11 -4.62 47.87
CA PHE D 929 -15.46 -5.71 48.60
C PHE D 929 -15.93 -5.82 50.05
N LEU D 930 -15.83 -4.70 50.77
CA LEU D 930 -16.18 -4.68 52.19
C LEU D 930 -17.65 -5.03 52.44
N GLN D 931 -18.51 -4.70 51.47
CA GLN D 931 -19.93 -4.99 51.59
C GLN D 931 -20.19 -6.49 51.60
N ALA D 932 -19.47 -7.22 50.77
CA ALA D 932 -19.63 -8.66 50.66
C ALA D 932 -19.31 -9.37 51.97
N LEU D 933 -18.61 -8.66 52.85
CA LEU D 933 -18.13 -9.24 54.11
C LEU D 933 -19.16 -9.13 55.24
N ASP D 934 -20.21 -8.36 55.03
CA ASP D 934 -21.26 -8.19 56.04
C ASP D 934 -22.37 -9.22 55.87
N VAL D 945 -16.91 7.80 54.21
CA VAL D 945 -17.45 7.69 55.57
C VAL D 945 -18.02 6.31 55.84
N THR D 946 -18.78 5.78 54.88
CA THR D 946 -19.27 4.41 54.98
C THR D 946 -18.14 3.46 54.58
N VAL D 947 -17.26 3.94 53.71
CA VAL D 947 -16.06 3.18 53.33
C VAL D 947 -15.11 3.15 54.53
N THR D 948 -14.95 4.30 55.17
CA THR D 948 -14.14 4.40 56.38
C THR D 948 -14.85 3.68 57.52
N GLN D 949 -16.16 3.54 57.39
CA GLN D 949 -16.96 2.84 58.38
C GLN D 949 -16.70 1.34 58.33
N ARG D 950 -16.76 0.77 57.13
CA ARG D 950 -16.51 -0.66 56.94
C ARG D 950 -15.13 -1.00 57.45
N ALA D 951 -14.17 -0.12 57.19
CA ALA D 951 -12.79 -0.33 57.59
C ALA D 951 -12.65 -0.47 59.10
N SER D 952 -13.13 0.54 59.82
CA SER D 952 -13.02 0.56 61.29
C SER D 952 -13.87 -0.54 61.93
N PHE D 953 -14.81 -1.08 61.17
CA PHE D 953 -15.63 -2.19 61.64
C PHE D 953 -14.80 -3.47 61.65
N GLN D 954 -14.13 -3.72 60.53
CA GLN D 954 -13.27 -4.90 60.40
C GLN D 954 -12.04 -4.76 61.28
N ILE D 955 -11.51 -3.54 61.37
CA ILE D 955 -10.37 -3.26 62.23
C ILE D 955 -10.69 -3.63 63.68
N ARG D 956 -11.87 -3.24 64.13
CA ARG D 956 -12.32 -3.53 65.49
C ARG D 956 -12.27 -5.03 65.78
N GLN D 957 -12.81 -5.82 64.84
CA GLN D 957 -12.87 -7.27 65.02
C GLN D 957 -11.47 -7.87 65.12
N PHE D 958 -10.52 -7.33 64.36
CA PHE D 958 -9.15 -7.81 64.38
C PHE D 958 -8.36 -7.31 65.59
N GLN D 959 -8.42 -6.01 65.84
CA GLN D 959 -7.67 -5.41 66.95
C GLN D 959 -8.13 -6.00 68.28
N ARG D 960 -9.34 -6.57 68.27
CA ARG D 960 -9.91 -7.20 69.44
C ARG D 960 -9.34 -8.60 69.65
N SER D 961 -9.04 -9.30 68.55
CA SER D 961 -8.49 -10.64 68.62
C SER D 961 -6.96 -10.65 68.68
N LEU D 962 -6.36 -9.48 68.46
CA LEU D 962 -4.94 -9.29 68.74
C LEU D 962 -4.78 -9.05 70.24
N LEU D 963 -5.62 -8.18 70.77
CA LEU D 963 -5.65 -7.87 72.19
C LEU D 963 -5.92 -9.16 72.96
N ASN D 964 -6.86 -9.95 72.44
CA ASN D 964 -7.22 -11.23 73.03
C ASN D 964 -6.03 -12.18 73.06
N LEU D 965 -5.23 -12.16 72.01
CA LEU D 965 -4.04 -12.99 71.93
C LEU D 965 -3.02 -12.54 72.97
N LEU D 966 -2.98 -11.24 73.22
CA LEU D 966 -2.06 -10.67 74.20
C LEU D 966 -2.53 -10.76 75.65
N SER D 967 -3.81 -10.48 75.88
CA SER D 967 -4.35 -10.43 77.24
C SER D 967 -4.31 -11.79 77.94
N SER D 968 -4.71 -12.83 77.22
CA SER D 968 -4.70 -14.19 77.74
C SER D 968 -3.41 -14.93 77.37
N GLU D 969 -2.47 -14.20 76.77
CA GLU D 969 -1.25 -14.81 76.22
C GLU D 969 -0.55 -15.70 77.23
N GLU D 970 -0.21 -16.91 76.79
CA GLU D 970 0.43 -17.89 77.65
C GLU D 970 1.89 -18.10 77.26
N ASP D 971 2.80 -17.61 78.10
CA ASP D 971 4.23 -17.80 77.88
C ASP D 971 4.61 -17.47 76.44
N ASP D 972 5.18 -18.45 75.75
CA ASP D 972 5.45 -18.33 74.32
C ASP D 972 4.22 -18.80 73.55
N PHE D 973 3.67 -17.93 72.70
CA PHE D 973 2.47 -18.32 71.95
C PHE D 973 2.64 -18.25 70.43
N ASN D 974 2.52 -17.05 69.87
CA ASN D 974 2.70 -16.87 68.44
C ASN D 974 3.43 -15.58 68.07
N SER D 975 4.60 -15.69 67.45
CA SER D 975 5.20 -14.54 66.80
C SER D 975 4.61 -14.40 65.40
N LYS D 976 4.10 -15.52 64.88
CA LYS D 976 3.57 -15.57 63.52
C LYS D 976 2.14 -15.04 63.37
N GLU D 977 1.27 -15.37 64.31
CA GLU D 977 -0.11 -14.89 64.23
C GLU D 977 -0.19 -13.41 64.64
N ALA D 978 0.64 -13.03 65.61
CA ALA D 978 0.67 -11.64 66.05
C ALA D 978 1.21 -10.74 64.93
N LEU D 979 2.15 -11.27 64.16
CA LEU D 979 2.75 -10.55 63.05
C LEU D 979 1.74 -10.19 61.98
N LEU D 980 1.08 -11.21 61.42
CA LEU D 980 0.20 -10.99 60.27
C LEU D 980 -1.19 -10.49 60.68
N LEU D 981 -1.47 -10.51 61.99
CA LEU D 981 -2.70 -9.92 62.50
C LEU D 981 -2.54 -8.41 62.49
N ILE D 982 -1.31 -7.95 62.71
CA ILE D 982 -0.98 -6.54 62.63
C ILE D 982 -0.97 -6.10 61.16
N ALA D 983 -0.54 -7.01 60.29
CA ALA D 983 -0.47 -6.73 58.86
C ALA D 983 -1.86 -6.45 58.29
N VAL D 984 -2.86 -7.20 58.76
CA VAL D 984 -4.23 -6.99 58.33
C VAL D 984 -4.72 -5.60 58.75
N LEU D 985 -4.35 -5.20 59.97
CA LEU D 985 -4.72 -3.89 60.49
C LEU D 985 -4.05 -2.77 59.70
N SER D 986 -2.76 -2.91 59.45
CA SER D 986 -2.00 -1.91 58.70
C SER D 986 -2.53 -1.76 57.29
N THR D 987 -2.96 -2.88 56.70
CA THR D 987 -3.55 -2.86 55.37
C THR D 987 -4.88 -2.12 55.39
N LEU D 988 -5.71 -2.45 56.39
CA LEU D 988 -7.03 -1.84 56.53
C LEU D 988 -6.96 -0.37 56.91
N SER D 989 -6.03 -0.03 57.78
CA SER D 989 -5.92 1.34 58.29
C SER D 989 -5.63 2.35 57.20
N ARG D 990 -5.23 1.86 56.03
CA ARG D 990 -4.93 2.74 54.90
C ARG D 990 -6.22 3.21 54.21
N LEU D 991 -7.32 2.52 54.53
CA LEU D 991 -8.63 2.91 54.01
C LEU D 991 -9.23 4.03 54.85
N LEU D 992 -8.73 4.18 56.08
CA LEU D 992 -9.23 5.20 56.99
C LEU D 992 -8.83 6.60 56.55
N GLU D 993 -9.81 7.49 56.40
CA GLU D 993 -9.54 8.87 56.06
C GLU D 993 -8.61 9.46 57.11
N PRO D 994 -7.60 10.22 56.66
CA PRO D 994 -6.62 10.77 57.61
C PRO D 994 -7.26 11.72 58.62
N THR D 995 -8.42 12.27 58.31
CA THR D 995 -9.05 13.14 59.29
C THR D 995 -9.79 12.26 60.27
N SER D 996 -11.01 11.89 59.91
CA SER D 996 -11.74 10.75 60.47
C SER D 996 -11.88 10.78 62.00
N PRO D 997 -13.03 10.34 62.52
CA PRO D 997 -13.14 9.84 63.90
C PRO D 997 -12.60 8.43 64.05
N GLN D 998 -12.70 7.64 62.98
CA GLN D 998 -12.35 6.22 63.01
C GLN D 998 -10.84 6.05 63.02
N PHE D 999 -10.17 6.96 62.33
CA PHE D 999 -8.72 6.96 62.21
C PHE D 999 -8.06 7.11 63.59
N VAL D 1000 -8.70 7.90 64.45
CA VAL D 1000 -8.22 8.11 65.81
C VAL D 1000 -8.31 6.82 66.61
N GLN D 1001 -9.45 6.14 66.48
CA GLN D 1001 -9.67 4.87 67.16
C GLN D 1001 -8.53 3.89 66.88
N MET D 1002 -8.00 3.95 65.66
CA MET D 1002 -6.92 3.08 65.25
C MET D 1002 -5.56 3.56 65.79
N LEU D 1003 -5.33 4.87 65.70
CA LEU D 1003 -4.08 5.46 66.16
C LEU D 1003 -3.93 5.32 67.68
N SER D 1004 -4.92 5.83 68.40
CA SER D 1004 -4.89 5.81 69.85
C SER D 1004 -4.81 4.39 70.39
N TRP D 1005 -5.56 3.48 69.77
CA TRP D 1005 -5.52 2.08 70.15
C TRP D 1005 -4.11 1.51 70.01
N THR D 1006 -3.45 1.86 68.93
CA THR D 1006 -2.08 1.41 68.69
C THR D 1006 -1.15 2.00 69.74
N SER D 1007 -1.33 3.28 70.02
CA SER D 1007 -0.55 3.97 71.03
C SER D 1007 -0.71 3.29 72.39
N LYS D 1008 -1.85 2.64 72.58
CA LYS D 1008 -2.13 1.94 73.82
C LYS D 1008 -1.28 0.69 73.95
N ILE D 1009 -1.14 -0.04 72.85
CA ILE D 1009 -0.37 -1.29 72.84
C ILE D 1009 1.13 -1.03 72.97
N CYS D 1010 1.58 0.14 72.54
CA CYS D 1010 3.01 0.49 72.57
C CYS D 1010 3.50 0.81 73.97
N LYS D 1011 2.71 1.58 74.71
CA LYS D 1011 3.06 1.96 76.08
C LYS D 1011 2.84 0.80 77.04
N GLU D 1012 1.72 0.10 76.86
CA GLU D 1012 1.24 -0.86 77.84
C GLU D 1012 1.77 -2.28 77.61
N TYR D 1013 2.69 -2.44 76.67
CA TYR D 1013 3.20 -3.76 76.35
C TYR D 1013 4.69 -3.84 76.03
N SER D 1014 5.19 -5.07 76.00
CA SER D 1014 6.52 -5.37 75.49
C SER D 1014 6.57 -6.85 75.12
N GLN D 1015 7.70 -7.29 74.58
CA GLN D 1015 7.95 -8.70 74.32
C GLN D 1015 9.33 -8.88 73.70
N GLU D 1016 9.86 -10.09 73.80
CA GLU D 1016 11.27 -10.31 73.48
C GLU D 1016 11.57 -10.84 72.07
N ASP D 1017 10.53 -10.95 71.24
CA ASP D 1017 10.73 -11.31 69.84
C ASP D 1017 10.76 -10.06 68.95
N ALA D 1018 11.92 -9.80 68.35
CA ALA D 1018 12.14 -8.60 67.56
C ALA D 1018 11.12 -8.43 66.44
N SER D 1019 10.66 -9.54 65.89
CA SER D 1019 9.70 -9.53 64.79
C SER D 1019 8.46 -8.68 65.12
N PHE D 1020 7.99 -8.79 66.35
CA PHE D 1020 6.72 -8.19 66.75
C PHE D 1020 6.77 -6.67 66.94
N CYS D 1021 7.86 -6.18 67.53
CA CYS D 1021 7.95 -4.75 67.86
C CYS D 1021 8.11 -3.87 66.63
N LYS D 1022 9.01 -4.25 65.72
CA LYS D 1022 9.27 -3.47 64.51
C LYS D 1022 7.97 -3.26 63.72
N SER D 1023 7.10 -4.26 63.76
CA SER D 1023 5.81 -4.17 63.08
C SER D 1023 4.89 -3.19 63.79
N LEU D 1024 4.73 -3.38 65.10
CA LEU D 1024 3.86 -2.53 65.91
C LEU D 1024 4.32 -1.08 65.87
N MET D 1025 5.63 -0.88 65.78
CA MET D 1025 6.20 0.46 65.69
C MET D 1025 5.91 1.09 64.34
N ASN D 1026 6.18 0.34 63.27
CA ASN D 1026 5.90 0.81 61.92
C ASN D 1026 4.43 1.20 61.76
N LEU D 1027 3.53 0.32 62.20
CA LEU D 1027 2.11 0.63 62.18
C LEU D 1027 1.81 1.87 63.01
N PHE D 1028 2.44 1.95 64.17
CA PHE D 1028 2.30 3.11 65.05
C PHE D 1028 2.74 4.38 64.32
N PHE D 1029 3.98 4.36 63.82
CA PHE D 1029 4.51 5.48 63.06
C PHE D 1029 3.66 5.77 61.83
N SER D 1030 3.32 4.73 61.09
CA SER D 1030 2.55 4.88 59.86
C SER D 1030 1.31 5.74 60.10
N LEU D 1031 0.53 5.37 61.11
CA LEU D 1031 -0.66 6.12 61.47
C LEU D 1031 -0.30 7.50 62.00
N HIS D 1032 0.78 7.57 62.77
CA HIS D 1032 1.12 8.78 63.51
C HIS D 1032 1.48 9.96 62.63
N VAL D 1033 2.42 9.77 61.70
CA VAL D 1033 2.98 10.87 60.93
C VAL D 1033 1.90 11.62 60.15
N LEU D 1034 0.73 11.03 60.06
CA LEU D 1034 -0.44 11.70 59.50
C LEU D 1034 -1.24 12.43 60.58
N TYR D 1035 -0.70 12.49 61.78
CA TYR D 1035 -1.33 13.21 62.88
C TYR D 1035 -0.50 14.42 63.32
N LYS D 1036 0.61 14.14 64.00
CA LYS D 1036 1.55 15.17 64.42
C LYS D 1036 2.96 14.71 64.11
N SER D 1037 3.88 15.65 63.90
CA SER D 1037 5.28 15.28 63.72
C SER D 1037 5.74 14.43 64.90
N PRO D 1038 6.33 13.27 64.60
CA PRO D 1038 6.75 12.20 65.52
C PRO D 1038 7.74 12.63 66.60
N VAL D 1039 8.30 13.84 66.48
CA VAL D 1039 9.42 14.28 67.31
C VAL D 1039 9.14 14.17 68.81
N THR D 1040 7.88 13.95 69.18
CA THR D 1040 7.56 13.63 70.57
C THR D 1040 7.96 12.18 70.83
N LEU D 1041 7.33 11.26 70.11
CA LEU D 1041 7.66 9.83 70.22
C LEU D 1041 9.16 9.61 70.09
N LEU D 1042 9.77 10.24 69.09
CA LEU D 1042 11.19 10.08 68.84
C LEU D 1042 12.03 10.41 70.07
N ARG D 1043 11.88 11.63 70.57
CA ARG D 1043 12.63 12.08 71.74
C ARG D 1043 12.33 11.20 72.95
N ASP D 1044 11.10 10.70 73.03
CA ASP D 1044 10.67 9.87 74.16
C ASP D 1044 11.17 8.43 74.02
N LEU D 1045 11.14 7.91 72.80
CA LEU D 1045 11.61 6.54 72.56
C LEU D 1045 13.10 6.40 72.86
N SER D 1046 13.86 7.44 72.55
CA SER D 1046 15.30 7.43 72.81
C SER D 1046 15.58 7.39 74.31
N GLN D 1047 14.80 8.16 75.08
CA GLN D 1047 14.93 8.19 76.53
C GLN D 1047 14.85 6.80 77.13
N ASP D 1048 14.14 5.90 76.44
CA ASP D 1048 13.99 4.52 76.90
C ASP D 1048 15.23 3.69 76.57
N ILE D 1049 15.52 3.54 75.29
CA ILE D 1049 16.71 2.82 74.85
C ILE D 1049 17.94 3.40 75.57
N HIS D 1050 17.99 4.73 75.63
CA HIS D 1050 19.08 5.42 76.30
C HIS D 1050 19.21 4.98 77.76
N GLY D 1051 18.07 4.76 78.42
CA GLY D 1051 18.05 4.34 79.81
C GLY D 1051 18.29 2.86 80.03
N GLN D 1052 17.79 2.03 79.13
CA GLN D 1052 17.80 0.58 79.31
C GLN D 1052 19.01 -0.12 78.70
N LEU D 1053 19.95 0.67 78.20
CA LEU D 1053 21.11 0.17 77.46
C LEU D 1053 22.47 0.54 78.06
N GLY D 1054 22.67 1.83 78.30
CA GLY D 1054 23.95 2.51 78.12
C GLY D 1054 23.96 3.85 78.84
N ASP D 1055 24.68 4.80 78.27
CA ASP D 1055 25.22 5.99 78.95
C ASP D 1055 26.68 5.78 79.34
N ILE D 1056 27.16 4.55 79.15
CA ILE D 1056 28.57 4.21 79.34
C ILE D 1056 29.31 5.20 80.25
N VAL D 1070 7.04 1.12 76.46
CA VAL D 1070 7.85 0.07 77.06
C VAL D 1070 8.46 -0.87 76.02
N VAL D 1071 9.80 -0.95 76.02
CA VAL D 1071 10.52 -1.97 75.27
C VAL D 1071 11.74 -2.40 76.07
N ASN D 1072 11.95 -3.71 76.18
CA ASN D 1072 13.01 -4.23 77.05
C ASN D 1072 14.36 -4.39 76.34
N LEU D 1073 15.32 -5.00 77.04
CA LEU D 1073 16.68 -5.16 76.54
C LEU D 1073 16.73 -5.82 75.16
N ARG D 1074 16.12 -6.99 75.05
CA ARG D 1074 16.15 -7.76 73.81
C ARG D 1074 15.36 -7.03 72.72
N THR D 1075 14.45 -6.17 73.15
CA THR D 1075 13.55 -5.47 72.24
C THR D 1075 14.20 -4.24 71.62
N ALA D 1076 14.40 -3.21 72.43
CA ALA D 1076 14.81 -1.90 71.94
C ALA D 1076 16.26 -1.82 71.47
N ALA D 1077 17.10 -2.73 71.94
CA ALA D 1077 18.52 -2.62 71.62
C ALA D 1077 18.87 -2.78 70.13
N PRO D 1078 18.63 -3.98 69.55
CA PRO D 1078 18.92 -4.15 68.12
C PRO D 1078 17.90 -3.51 67.16
N THR D 1079 16.65 -3.45 67.59
CA THR D 1079 15.54 -3.20 66.67
C THR D 1079 14.95 -1.80 66.79
N VAL D 1080 14.30 -1.53 67.92
CA VAL D 1080 13.62 -0.26 68.14
C VAL D 1080 14.63 0.88 68.13
N CYS D 1081 15.90 0.52 68.06
CA CYS D 1081 16.95 1.51 67.86
C CYS D 1081 16.89 2.01 66.42
N LEU D 1082 17.10 1.09 65.48
CA LEU D 1082 17.11 1.41 64.06
C LEU D 1082 15.85 2.11 63.57
N LEU D 1083 14.71 1.85 64.22
CA LEU D 1083 13.44 2.43 63.79
C LEU D 1083 13.37 3.94 64.03
N VAL D 1084 13.61 4.36 65.27
CA VAL D 1084 13.56 5.78 65.62
C VAL D 1084 14.60 6.55 64.83
N LEU D 1085 15.72 5.89 64.53
CA LEU D 1085 16.77 6.49 63.72
C LEU D 1085 16.25 6.74 62.30
N SER D 1086 15.70 5.70 61.68
CA SER D 1086 15.14 5.80 60.35
C SER D 1086 14.03 6.84 60.33
N GLN D 1087 13.10 6.73 61.27
CA GLN D 1087 11.96 7.64 61.35
C GLN D 1087 12.40 9.09 61.45
N ALA D 1088 13.38 9.36 62.32
CA ALA D 1088 13.89 10.71 62.50
C ALA D 1088 14.61 11.20 61.24
N GLU D 1089 15.34 10.30 60.60
CA GLU D 1089 16.04 10.62 59.36
C GLU D 1089 15.06 11.18 58.33
N LYS D 1090 13.88 10.58 58.26
CA LYS D 1090 12.84 11.04 57.35
C LYS D 1090 12.39 12.43 57.75
N VAL D 1091 12.18 12.62 59.06
CA VAL D 1091 11.74 13.90 59.58
C VAL D 1091 12.77 14.99 59.29
N LEU D 1092 14.02 14.57 59.05
CA LEU D 1092 15.08 15.50 58.66
C LEU D 1092 14.95 15.87 57.18
N GLU D 1093 14.68 14.88 56.35
CA GLU D 1093 14.48 15.10 54.92
C GLU D 1093 13.36 16.12 54.71
N GLU D 1094 12.35 16.05 55.57
CA GLU D 1094 11.29 17.03 55.59
C GLU D 1094 11.87 18.42 55.78
N VAL D 1095 12.50 18.62 56.95
CA VAL D 1095 13.12 19.89 57.29
C VAL D 1095 14.04 20.39 56.15
N ASP D 1096 14.87 19.48 55.64
CA ASP D 1096 15.77 19.82 54.54
C ASP D 1096 15.01 20.46 53.38
N TRP D 1097 13.86 19.87 53.04
CA TRP D 1097 13.05 20.37 51.94
C TRP D 1097 12.43 21.73 52.29
N LEU D 1098 11.98 21.87 53.52
CA LEU D 1098 11.49 23.15 54.01
C LEU D 1098 12.59 24.20 53.91
N ILE D 1099 13.76 23.85 54.43
CA ILE D 1099 14.91 24.75 54.43
C ILE D 1099 15.28 25.20 53.02
N ALA D 1100 15.28 24.27 52.08
CA ALA D 1100 15.60 24.60 50.69
C ALA D 1100 14.46 25.39 50.04
N LYS D 1101 13.24 25.18 50.52
CA LYS D 1101 12.08 25.86 49.98
C LYS D 1101 12.14 27.36 50.21
N ILE D 1102 12.43 27.75 51.45
CA ILE D 1102 12.47 29.15 51.83
C ILE D 1102 13.62 29.89 51.14
N LYS D 1103 14.75 29.21 50.99
CA LYS D 1103 15.88 29.77 50.28
C LYS D 1103 15.51 30.21 48.87
N GLY D 1104 14.60 29.45 48.26
CA GLY D 1104 14.26 29.64 46.86
C GLY D 1104 13.35 30.81 46.55
N SER D 1105 12.83 31.46 47.58
CA SER D 1105 11.93 32.59 47.40
C SER D 1105 12.73 33.89 47.22
N ALA D 1106 14.04 33.78 47.22
CA ALA D 1106 14.93 34.92 47.00
C ALA D 1106 14.71 36.02 48.03
N PRO D 1127 4.10 34.87 55.75
CA PRO D 1127 3.90 33.46 56.08
C PRO D 1127 5.21 32.70 56.16
N THR D 1128 6.28 33.32 55.69
CA THR D 1128 7.60 32.70 55.64
C THR D 1128 8.12 32.36 57.03
N LEU D 1129 8.05 33.34 57.94
CA LEU D 1129 8.54 33.18 59.30
C LEU D 1129 7.83 32.05 60.04
N LEU D 1130 6.52 31.97 59.85
CA LEU D 1130 5.70 30.96 60.52
C LEU D 1130 6.29 29.56 60.33
N ILE D 1131 6.90 29.35 59.17
CA ILE D 1131 7.58 28.10 58.86
C ILE D 1131 8.92 28.01 59.59
N GLU D 1132 9.69 29.09 59.52
CA GLU D 1132 11.02 29.13 60.12
C GLU D 1132 11.02 28.72 61.58
N LYS D 1133 10.01 29.19 62.33
CA LYS D 1133 9.91 28.87 63.75
C LYS D 1133 9.43 27.44 63.97
N ALA D 1134 8.77 26.89 62.97
CA ALA D 1134 8.36 25.48 63.02
C ALA D 1134 9.56 24.59 62.72
N ILE D 1135 10.44 25.08 61.86
CA ILE D 1135 11.68 24.39 61.53
C ILE D 1135 12.56 24.29 62.77
N VAL D 1136 12.61 25.38 63.52
CA VAL D 1136 13.39 25.42 64.76
C VAL D 1136 12.84 24.41 65.77
N MET D 1137 11.55 24.52 66.09
CA MET D 1137 10.93 23.61 67.03
C MET D 1137 11.10 22.15 66.60
N GLN D 1138 11.11 21.93 65.29
CA GLN D 1138 11.35 20.60 64.74
C GLN D 1138 12.77 20.14 65.05
N LEU D 1139 13.75 20.96 64.67
CA LEU D 1139 15.16 20.64 64.88
C LEU D 1139 15.52 20.60 66.36
N GLY D 1140 14.84 21.42 67.15
CA GLY D 1140 15.10 21.50 68.58
C GLY D 1140 14.76 20.21 69.30
N THR D 1141 13.58 19.67 69.00
CA THR D 1141 13.11 18.43 69.63
C THR D 1141 13.96 17.25 69.16
N LEU D 1142 14.60 17.41 68.01
CA LEU D 1142 15.43 16.37 67.42
C LEU D 1142 16.82 16.29 68.05
N VAL D 1143 17.37 17.44 68.43
CA VAL D 1143 18.66 17.48 69.12
C VAL D 1143 18.55 16.77 70.47
N THR D 1144 17.41 16.93 71.12
CA THR D 1144 17.14 16.26 72.38
C THR D 1144 17.07 14.76 72.17
N PHE D 1145 16.53 14.36 71.02
CA PHE D 1145 16.39 12.95 70.67
C PHE D 1145 17.74 12.26 70.53
N PHE D 1146 18.64 12.85 69.75
CA PHE D 1146 19.95 12.26 69.51
C PHE D 1146 20.83 12.25 70.75
N HIS D 1147 20.77 13.31 71.55
CA HIS D 1147 21.55 13.38 72.77
C HIS D 1147 21.38 12.14 73.63
N GLU D 1148 20.14 11.64 73.69
CA GLU D 1148 19.83 10.43 74.45
C GLU D 1148 20.61 9.24 73.90
N LEU D 1149 20.67 9.15 72.58
CA LEU D 1149 21.31 8.03 71.90
C LEU D 1149 22.84 8.15 71.87
N VAL D 1150 23.33 9.37 71.67
CA VAL D 1150 24.77 9.62 71.58
C VAL D 1150 25.45 9.37 72.94
N GLN D 1151 24.65 9.36 74.00
CA GLN D 1151 25.12 9.05 75.34
C GLN D 1151 25.26 7.54 75.53
N THR D 1152 24.36 6.79 74.90
CA THR D 1152 24.08 5.41 75.27
C THR D 1152 24.83 4.34 74.49
N ALA D 1153 25.20 3.27 75.21
CA ALA D 1153 25.86 2.12 74.60
C ALA D 1153 24.89 1.30 73.78
N LEU D 1154 25.31 0.94 72.56
CA LEU D 1154 24.51 0.10 71.69
C LEU D 1154 25.41 -0.99 71.11
N PRO D 1155 24.83 -2.16 70.79
CA PRO D 1155 25.63 -3.23 70.21
C PRO D 1155 26.48 -2.69 69.06
N SER D 1156 27.76 -3.06 69.04
CA SER D 1156 28.73 -2.45 68.14
C SER D 1156 28.52 -2.76 66.66
N GLY D 1157 27.71 -3.76 66.35
CA GLY D 1157 27.60 -4.27 65.00
C GLY D 1157 27.10 -3.31 63.93
N SER D 1158 25.89 -2.77 64.12
CA SER D 1158 25.24 -1.94 63.11
C SER D 1158 24.78 -0.60 63.69
N CYS D 1159 23.92 -0.67 64.70
CA CYS D 1159 23.27 0.51 65.24
C CYS D 1159 24.26 1.64 65.46
N VAL D 1160 25.51 1.28 65.78
CA VAL D 1160 26.58 2.26 65.89
C VAL D 1160 26.70 3.07 64.61
N ASP D 1161 26.83 2.37 63.48
CA ASP D 1161 27.04 3.02 62.18
C ASP D 1161 25.81 3.82 61.74
N THR D 1162 24.63 3.31 62.09
CA THR D 1162 23.38 3.98 61.71
C THR D 1162 23.19 5.26 62.51
N LEU D 1163 23.62 5.25 63.77
CA LEU D 1163 23.54 6.43 64.62
C LEU D 1163 24.55 7.47 64.17
N LEU D 1164 25.67 7.00 63.62
CA LEU D 1164 26.68 7.90 63.08
C LEU D 1164 26.14 8.63 61.86
N LYS D 1165 25.64 7.86 60.89
CA LYS D 1165 25.05 8.44 59.68
C LYS D 1165 23.94 9.42 60.02
N GLY D 1166 23.07 9.03 60.94
CA GLY D 1166 21.97 9.87 61.37
C GLY D 1166 22.44 11.17 62.01
N LEU D 1167 23.54 11.08 62.75
CA LEU D 1167 24.11 12.24 63.42
C LEU D 1167 24.65 13.26 62.42
N SER D 1168 25.54 12.80 61.54
CA SER D 1168 26.14 13.68 60.54
C SER D 1168 25.08 14.36 59.68
N LYS D 1169 23.90 13.76 59.63
CA LYS D 1169 22.81 14.33 58.84
C LYS D 1169 22.25 15.60 59.49
N ILE D 1170 22.07 15.57 60.81
CA ILE D 1170 21.61 16.75 61.52
C ILE D 1170 22.55 17.91 61.28
N TYR D 1171 23.85 17.63 61.37
CA TYR D 1171 24.88 18.64 61.19
C TYR D 1171 24.86 19.22 59.79
N SER D 1172 24.45 18.41 58.81
CA SER D 1172 24.30 18.89 57.44
C SER D 1172 23.03 19.71 57.32
N THR D 1173 21.98 19.30 58.04
CA THR D 1173 20.72 20.01 58.05
C THR D 1173 20.86 21.37 58.72
N LEU D 1174 21.51 21.39 59.88
CA LEU D 1174 21.75 22.64 60.59
C LEU D 1174 22.62 23.57 59.76
N THR D 1175 23.66 23.01 59.14
CA THR D 1175 24.53 23.76 58.26
C THR D 1175 23.71 24.40 57.14
N ALA D 1176 22.76 23.62 56.61
CA ALA D 1176 21.86 24.11 55.58
C ALA D 1176 20.96 25.21 56.13
N PHE D 1177 20.54 25.05 57.38
CA PHE D 1177 19.73 26.06 58.05
C PHE D 1177 20.58 27.30 58.32
N VAL D 1178 21.88 27.08 58.51
CA VAL D 1178 22.82 28.15 58.80
C VAL D 1178 23.07 29.00 57.55
N LYS D 1179 23.60 28.38 56.51
CA LYS D 1179 23.90 29.10 55.28
C LYS D 1179 22.62 29.65 54.62
N TYR D 1180 21.47 29.27 55.17
CA TYR D 1180 20.22 29.91 54.79
C TYR D 1180 20.13 31.29 55.41
N TYR D 1181 20.51 31.38 56.69
CA TYR D 1181 20.48 32.65 57.42
C TYR D 1181 21.66 33.54 57.03
N LEU D 1182 22.72 32.94 56.50
CA LEU D 1182 23.79 33.72 55.90
C LEU D 1182 23.21 34.50 54.73
N GLN D 1183 22.23 33.90 54.07
CA GLN D 1183 21.53 34.53 52.95
C GLN D 1183 20.46 35.52 53.40
N VAL D 1184 19.67 35.12 54.38
CA VAL D 1184 18.51 35.90 54.81
C VAL D 1184 18.91 37.15 55.61
N CYS D 1185 20.06 37.08 56.27
CA CYS D 1185 20.53 38.21 57.07
C CYS D 1185 21.48 39.14 56.29
N GLN D 1186 21.66 38.85 55.01
CA GLN D 1186 22.33 39.80 54.12
C GLN D 1186 21.34 40.92 53.82
N SER D 1187 20.06 40.58 53.87
CA SER D 1187 18.98 41.53 53.65
C SER D 1187 18.42 42.10 54.96
N SER D 1188 19.03 41.72 56.09
CA SER D 1188 18.58 42.18 57.39
C SER D 1188 18.41 43.69 57.44
N GLY D 1190 18.83 40.72 61.87
CA GLY D 1190 18.33 40.19 63.11
C GLY D 1190 18.08 38.68 63.03
N ILE D 1191 18.69 37.95 63.97
CA ILE D 1191 18.53 36.51 64.03
C ILE D 1191 17.91 36.15 65.37
N PRO D 1192 16.58 36.08 65.41
CA PRO D 1192 15.75 36.08 66.63
C PRO D 1192 16.06 34.95 67.60
N ASN D 1193 15.58 35.09 68.83
CA ASN D 1193 15.87 34.16 69.92
C ASN D 1193 15.71 32.71 69.48
N THR D 1194 14.68 32.44 68.69
CA THR D 1194 14.43 31.09 68.18
C THR D 1194 15.72 30.49 67.64
N VAL D 1195 16.25 31.10 66.58
CA VAL D 1195 17.49 30.63 65.97
C VAL D 1195 18.62 30.54 67.00
N GLU D 1196 19.02 31.68 67.54
CA GLU D 1196 20.13 31.75 68.49
C GLU D 1196 20.04 30.67 69.56
N LYS D 1197 19.00 30.73 70.37
CA LYS D 1197 18.87 29.88 71.55
C LYS D 1197 19.21 28.43 71.23
N LEU D 1198 18.70 27.93 70.12
CA LEU D 1198 18.87 26.51 69.78
C LEU D 1198 20.16 26.23 69.01
N VAL D 1199 20.84 27.28 68.56
CA VAL D 1199 22.11 27.11 67.87
C VAL D 1199 23.18 26.61 68.84
N LYS D 1200 23.19 27.17 70.04
CA LYS D 1200 24.15 26.76 71.06
C LYS D 1200 23.62 25.57 71.86
N LEU D 1201 22.36 25.22 71.62
CA LEU D 1201 21.77 24.03 72.22
C LEU D 1201 22.39 22.81 71.54
N SER D 1202 22.97 23.04 70.36
CA SER D 1202 23.71 22.02 69.64
C SER D 1202 25.15 21.90 70.17
N GLY D 1203 25.77 23.04 70.44
CA GLY D 1203 27.14 23.07 70.91
C GLY D 1203 27.28 22.74 72.39
N SER D 1204 26.17 22.31 72.98
CA SER D 1204 26.16 21.89 74.37
C SER D 1204 25.73 20.42 74.48
N HIS D 1205 24.51 20.14 74.02
CA HIS D 1205 23.96 18.80 74.08
C HIS D 1205 24.51 17.83 73.02
N LEU D 1206 24.96 18.37 71.89
CA LEU D 1206 25.41 17.52 70.79
C LEU D 1206 26.93 17.46 70.62
N THR D 1207 27.52 18.57 70.19
CA THR D 1207 28.92 18.58 69.76
C THR D 1207 29.86 17.82 70.73
N PRO D 1208 29.86 18.18 72.02
CA PRO D 1208 30.72 17.47 72.96
C PRO D 1208 30.30 16.01 73.16
N VAL D 1209 29.00 15.77 73.27
CA VAL D 1209 28.50 14.41 73.49
C VAL D 1209 28.82 13.51 72.30
N CYS D 1210 28.94 14.11 71.12
CA CYS D 1210 29.32 13.38 69.92
C CYS D 1210 30.77 12.93 69.97
N TYR D 1211 31.67 13.88 70.24
CA TYR D 1211 33.09 13.59 70.34
C TYR D 1211 33.34 12.46 71.33
N SER D 1212 32.49 12.37 72.35
CA SER D 1212 32.62 11.35 73.37
C SER D 1212 32.07 9.99 72.92
N PHE D 1213 31.17 10.03 71.94
CA PHE D 1213 30.57 8.80 71.42
C PHE D 1213 31.50 8.08 70.46
N ILE D 1214 32.36 8.85 69.79
CA ILE D 1214 33.30 8.28 68.83
C ILE D 1214 34.44 7.55 69.53
N SER D 1215 34.71 7.96 70.76
CA SER D 1215 35.74 7.30 71.57
C SER D 1215 35.22 5.98 72.15
N TYR D 1216 33.91 5.93 72.40
CA TYR D 1216 33.27 4.71 72.86
C TYR D 1216 33.49 3.59 71.85
N VAL D 1217 33.50 3.97 70.57
CA VAL D 1217 33.58 3.00 69.48
C VAL D 1217 34.96 2.37 69.36
N GLN D 1218 35.99 3.20 69.48
CA GLN D 1218 37.36 2.74 69.29
C GLN D 1218 37.90 2.00 70.51
N ASN D 1219 37.40 2.34 71.69
CA ASN D 1219 37.82 1.67 72.92
C ASN D 1219 37.19 0.29 73.06
N LYS D 1220 35.98 0.14 72.53
CA LYS D 1220 35.28 -1.13 72.54
C LYS D 1220 35.71 -2.08 71.40
N SER D 1221 35.94 -1.52 70.22
CA SER D 1221 36.17 -2.32 69.02
C SER D 1221 37.55 -2.99 68.98
N SER D 1222 38.55 -2.36 69.57
CA SER D 1222 39.90 -2.91 69.59
C SER D 1222 40.43 -3.05 71.00
N PRO D 1248 32.55 7.20 56.87
CA PRO D 1248 31.79 6.77 58.04
C PRO D 1248 32.24 7.49 59.32
N ILE D 1249 33.43 7.15 59.80
CA ILE D 1249 34.02 7.86 60.94
C ILE D 1249 34.42 9.29 60.58
N PRO D 1250 35.12 9.46 59.44
CA PRO D 1250 35.54 10.81 59.02
C PRO D 1250 34.36 11.66 58.55
N ASN D 1251 33.28 11.00 58.19
CA ASN D 1251 32.11 11.68 57.64
C ASN D 1251 31.35 12.47 58.70
N LEU D 1252 31.52 12.07 59.96
CA LEU D 1252 30.87 12.76 61.07
C LEU D 1252 31.62 14.03 61.41
N VAL D 1253 32.94 13.94 61.42
CA VAL D 1253 33.79 15.06 61.81
C VAL D 1253 33.75 16.18 60.77
N PHE D 1254 33.90 15.82 59.51
CA PHE D 1254 33.83 16.79 58.42
C PHE D 1254 32.51 17.54 58.49
N ALA D 1255 31.44 16.82 58.81
CA ALA D 1255 30.12 17.42 58.94
C ALA D 1255 30.08 18.44 60.06
N ILE D 1256 30.61 18.06 61.23
CA ILE D 1256 30.66 18.96 62.37
C ILE D 1256 31.61 20.12 62.09
N GLU D 1257 32.68 19.84 61.35
CA GLU D 1257 33.66 20.86 60.99
C GLU D 1257 33.05 21.88 60.02
N GLN D 1258 32.44 21.40 58.95
CA GLN D 1258 31.76 22.27 58.00
C GLN D 1258 30.61 23.00 58.69
N TYR D 1259 29.96 22.31 59.62
CA TYR D 1259 28.88 22.91 60.39
C TYR D 1259 29.40 24.15 61.13
N GLU D 1260 30.56 24.01 61.74
CA GLU D 1260 31.16 25.12 62.48
C GLU D 1260 31.76 26.16 61.55
N LYS D 1261 32.30 25.70 60.42
CA LYS D 1261 32.91 26.61 59.47
C LYS D 1261 31.93 27.69 58.99
N PHE D 1262 30.67 27.30 58.86
CA PHE D 1262 29.63 28.24 58.45
C PHE D 1262 28.97 28.96 59.62
N LEU D 1263 29.22 28.48 60.83
CA LEU D 1263 28.80 29.19 62.03
C LEU D 1263 29.80 30.30 62.30
N ILE D 1264 31.06 30.04 61.95
CA ILE D 1264 32.12 31.02 62.05
C ILE D 1264 31.87 32.16 61.06
N GLN D 1265 31.44 31.82 59.86
CA GLN D 1265 31.12 32.81 58.85
C GLN D 1265 29.84 33.56 59.21
N LEU D 1266 28.88 32.84 59.77
CA LEU D 1266 27.61 33.44 60.20
C LEU D 1266 27.79 34.47 61.32
N SER D 1267 28.37 34.03 62.43
CA SER D 1267 28.51 34.88 63.61
C SER D 1267 29.32 36.14 63.30
N LYS D 1268 30.37 35.99 62.50
CA LYS D 1268 31.22 37.11 62.13
C LYS D 1268 30.48 38.13 61.28
N LYS D 1269 29.87 37.66 60.20
CA LYS D 1269 29.29 38.55 59.20
C LYS D 1269 27.89 39.06 59.55
N SER D 1270 27.30 38.57 60.63
CA SER D 1270 25.96 39.05 60.95
C SER D 1270 25.88 39.89 62.22
N LYS D 1271 25.77 39.24 63.37
CA LYS D 1271 25.61 39.97 64.62
C LYS D 1271 26.37 39.44 65.84
N VAL D 1272 26.00 38.22 66.25
CA VAL D 1272 26.25 37.72 67.59
C VAL D 1272 27.42 36.74 67.70
N ASN D 1273 28.03 36.72 68.88
CA ASN D 1273 29.24 35.96 69.17
C ASN D 1273 28.91 34.51 69.55
N LEU D 1274 27.68 34.11 69.29
CA LEU D 1274 27.14 32.83 69.69
C LEU D 1274 28.11 31.67 69.45
N MET D 1275 28.86 31.72 68.36
CA MET D 1275 29.86 30.68 68.09
C MET D 1275 30.93 30.68 69.19
N GLN D 1276 31.23 31.86 69.73
CA GLN D 1276 32.15 31.97 70.86
C GLN D 1276 31.47 31.48 72.14
N HIS D 1277 30.15 31.42 72.12
CA HIS D 1277 29.39 30.93 73.27
C HIS D 1277 29.10 29.44 73.12
N MET D 1278 29.47 28.88 71.97
CA MET D 1278 29.33 27.44 71.76
C MET D 1278 30.53 26.70 72.36
N LYS D 1279 31.63 27.41 72.50
CA LYS D 1279 32.86 26.83 73.06
C LYS D 1279 32.87 26.87 74.59
N LEU D 1280 32.04 27.72 75.17
CA LEU D 1280 31.99 27.87 76.62
C LEU D 1280 31.28 26.68 77.26
#